data_2L8J
#
_entry.id   2L8J
#
loop_
_entity.id
_entity.type
_entity.pdbx_description
1 polymer 'Gamma-aminobutyric acid receptor-associated protein-like 1'
2 polymer 'NBR1-LIR peptide'
#
loop_
_entity_poly.entity_id
_entity_poly.type
_entity_poly.pdbx_seq_one_letter_code
_entity_poly.pdbx_strand_id
1 'polypeptide(L)'
;GSPEFKFQYKEDHPFEYRKKEGEKIRKKYPDRVPVIVEKAPKARVPDLDKRKYLVPSDLTVGQFYFLIRKRIHLRPEDAL
FFFVNNTIPPTSATMGQLYEDNHEEDYFLYVAYSDESVY
;
A
2 'polypeptide(L)' GAMGSASSEDYIIILPES B
#
# COMPACT_ATOMS: atom_id res chain seq x y z
N GLY A 1 -4.80 -19.59 -2.02
CA GLY A 1 -3.35 -19.47 -2.27
C GLY A 1 -2.57 -19.67 -0.98
N SER A 2 -1.42 -19.02 -0.82
CA SER A 2 -0.59 -19.11 0.38
C SER A 2 0.05 -17.74 0.69
N PRO A 3 0.36 -17.44 1.96
CA PRO A 3 0.99 -16.17 2.33
C PRO A 3 2.47 -16.22 1.94
N GLU A 4 3.05 -15.08 1.57
CA GLU A 4 4.46 -14.96 1.19
C GLU A 4 4.98 -13.60 1.65
N PHE A 5 6.30 -13.49 1.86
CA PHE A 5 6.98 -12.28 2.32
C PHE A 5 8.17 -12.02 1.41
N LYS A 6 7.94 -11.42 0.24
CA LYS A 6 8.99 -11.09 -0.73
C LYS A 6 8.70 -9.71 -1.33
N PHE A 7 9.73 -9.05 -1.83
CA PHE A 7 9.68 -7.74 -2.45
C PHE A 7 8.82 -7.72 -3.72
N GLN A 8 8.51 -6.52 -4.21
CA GLN A 8 7.71 -6.27 -5.41
C GLN A 8 8.32 -6.97 -6.62
N TYR A 9 9.63 -7.19 -6.65
CA TYR A 9 10.32 -7.84 -7.77
C TYR A 9 9.63 -9.16 -8.16
N LYS A 10 8.94 -9.84 -7.23
CA LYS A 10 8.23 -11.07 -7.51
C LYS A 10 7.11 -10.78 -8.51
N GLU A 11 6.20 -9.84 -8.20
CA GLU A 11 5.07 -9.42 -9.03
C GLU A 11 5.46 -8.40 -10.11
N ASP A 12 6.72 -7.97 -10.15
CA ASP A 12 7.25 -7.02 -11.13
C ASP A 12 7.42 -7.71 -12.49
N HIS A 13 7.64 -9.03 -12.47
CA HIS A 13 7.83 -9.89 -13.63
C HIS A 13 6.51 -10.32 -14.29
N PRO A 14 5.52 -10.92 -13.59
CA PRO A 14 4.25 -11.34 -14.18
C PRO A 14 3.36 -10.12 -14.46
N PHE A 15 3.73 -9.31 -15.46
CA PHE A 15 2.98 -8.12 -15.83
C PHE A 15 1.53 -8.48 -16.15
N GLU A 16 1.30 -9.66 -16.74
CA GLU A 16 -0.05 -10.12 -17.07
C GLU A 16 -0.89 -10.37 -15.81
N TYR A 17 -0.26 -10.90 -14.75
CA TYR A 17 -0.95 -11.19 -13.50
C TYR A 17 -1.16 -9.89 -12.74
N ARG A 18 -0.14 -9.04 -12.68
CA ARG A 18 -0.22 -7.75 -12.00
C ARG A 18 -1.38 -6.95 -12.60
N LYS A 19 -1.55 -6.97 -13.92
CA LYS A 19 -2.62 -6.25 -14.57
C LYS A 19 -3.95 -6.91 -14.21
N LYS A 20 -4.08 -8.23 -14.36
CA LYS A 20 -5.32 -8.96 -14.04
C LYS A 20 -5.77 -8.66 -12.61
N GLU A 21 -4.85 -8.68 -11.65
CA GLU A 21 -5.14 -8.43 -10.25
C GLU A 21 -5.65 -6.99 -10.11
N GLY A 22 -4.96 -6.01 -10.70
CA GLY A 22 -5.33 -4.61 -10.65
C GLY A 22 -6.71 -4.39 -11.27
N GLU A 23 -6.97 -5.03 -12.40
CA GLU A 23 -8.23 -4.98 -13.14
C GLU A 23 -9.37 -5.55 -12.30
N LYS A 24 -9.17 -6.73 -11.69
CA LYS A 24 -10.20 -7.37 -10.89
C LYS A 24 -10.47 -6.54 -9.64
N ILE A 25 -9.43 -6.12 -8.92
CA ILE A 25 -9.62 -5.34 -7.71
C ILE A 25 -10.14 -3.95 -8.04
N ARG A 26 -9.82 -3.37 -9.20
CA ARG A 26 -10.33 -2.04 -9.56
C ARG A 26 -11.82 -2.16 -9.72
N LYS A 27 -12.31 -3.20 -10.41
CA LYS A 27 -13.74 -3.34 -10.58
C LYS A 27 -14.41 -3.78 -9.27
N LYS A 28 -13.79 -4.64 -8.47
CA LYS A 28 -14.36 -5.11 -7.20
C LYS A 28 -14.52 -3.98 -6.22
N TYR A 29 -13.50 -3.13 -6.09
CA TYR A 29 -13.45 -2.02 -5.16
C TYR A 29 -12.92 -0.73 -5.80
N PRO A 30 -13.64 -0.05 -6.72
CA PRO A 30 -13.14 1.17 -7.36
C PRO A 30 -12.97 2.35 -6.38
N ASP A 31 -13.68 2.34 -5.24
CA ASP A 31 -13.58 3.40 -4.24
C ASP A 31 -12.37 3.14 -3.33
N ARG A 32 -11.57 2.09 -3.60
CA ARG A 32 -10.39 1.71 -2.85
C ARG A 32 -9.24 1.53 -3.83
N VAL A 33 -8.00 1.55 -3.33
CA VAL A 33 -6.79 1.42 -4.15
C VAL A 33 -5.88 0.35 -3.53
N PRO A 34 -5.24 -0.54 -4.33
CA PRO A 34 -4.35 -1.56 -3.80
C PRO A 34 -2.99 -0.94 -3.50
N VAL A 35 -2.53 -1.14 -2.26
CA VAL A 35 -1.27 -0.61 -1.75
C VAL A 35 -0.32 -1.71 -1.30
N ILE A 36 0.96 -1.58 -1.63
CA ILE A 36 2.03 -2.51 -1.26
C ILE A 36 2.62 -1.85 -0.02
N VAL A 37 2.86 -2.64 1.02
CA VAL A 37 3.41 -2.18 2.28
C VAL A 37 4.82 -2.75 2.38
N GLU A 38 5.84 -1.88 2.46
CA GLU A 38 7.22 -2.31 2.55
C GLU A 38 8.02 -1.40 3.49
N LYS A 39 8.91 -1.98 4.30
CA LYS A 39 9.75 -1.25 5.23
C LYS A 39 11.08 -1.00 4.52
N ALA A 40 11.64 0.19 4.68
CA ALA A 40 12.91 0.58 4.08
C ALA A 40 14.06 0.25 5.07
N PRO A 41 15.32 0.26 4.61
CA PRO A 41 16.46 -0.03 5.47
C PRO A 41 16.66 1.12 6.46
N LYS A 42 17.52 0.90 7.46
CA LYS A 42 17.86 1.84 8.54
C LYS A 42 16.71 2.16 9.50
N ALA A 43 15.48 1.76 9.17
CA ALA A 43 14.33 1.99 10.01
C ALA A 43 14.49 1.24 11.34
N ARG A 44 13.71 1.64 12.35
CA ARG A 44 13.67 1.03 13.68
C ARG A 44 12.20 1.01 14.01
N VAL A 45 11.49 0.13 13.32
CA VAL A 45 10.06 -0.06 13.45
C VAL A 45 9.74 -1.56 13.54
N PRO A 46 8.71 -1.96 14.29
CA PRO A 46 8.33 -3.36 14.42
C PRO A 46 7.69 -3.86 13.13
N ASP A 47 7.71 -5.18 12.95
CA ASP A 47 7.13 -5.84 11.79
C ASP A 47 5.73 -6.33 12.15
N LEU A 48 4.84 -6.30 11.17
CA LEU A 48 3.47 -6.76 11.26
C LEU A 48 3.23 -7.59 10.00
N ASP A 49 2.27 -8.50 10.03
CA ASP A 49 1.97 -9.36 8.90
C ASP A 49 1.06 -8.63 7.90
N LYS A 50 1.61 -7.61 7.24
CA LYS A 50 0.97 -6.76 6.25
C LYS A 50 1.91 -6.60 5.05
N ARG A 51 1.47 -7.05 3.88
CA ARG A 51 2.25 -6.94 2.64
C ARG A 51 1.38 -6.27 1.58
N LYS A 52 0.17 -6.78 1.36
CA LYS A 52 -0.77 -6.23 0.37
C LYS A 52 -2.01 -5.79 1.12
N TYR A 53 -2.37 -4.52 0.96
CA TYR A 53 -3.51 -3.88 1.60
C TYR A 53 -4.38 -3.15 0.59
N LEU A 54 -5.57 -2.74 1.00
CA LEU A 54 -6.54 -2.00 0.20
C LEU A 54 -7.05 -0.86 1.06
N VAL A 55 -6.89 0.39 0.62
CA VAL A 55 -7.32 1.58 1.38
C VAL A 55 -8.30 2.41 0.55
N PRO A 56 -9.19 3.21 1.17
CA PRO A 56 -10.14 4.06 0.43
C PRO A 56 -9.38 5.23 -0.21
N SER A 57 -9.85 5.72 -1.35
CA SER A 57 -9.19 6.83 -2.05
C SER A 57 -9.35 8.18 -1.32
N ASP A 58 -10.47 8.39 -0.65
CA ASP A 58 -10.83 9.62 0.05
C ASP A 58 -10.09 9.85 1.38
N LEU A 59 -9.27 8.90 1.84
CA LEU A 59 -8.54 9.05 3.11
C LEU A 59 -7.39 10.05 2.98
N THR A 60 -7.36 11.04 3.86
CA THR A 60 -6.33 12.07 3.90
C THR A 60 -5.02 11.42 4.35
N VAL A 61 -3.90 11.79 3.73
CA VAL A 61 -2.56 11.27 4.01
C VAL A 61 -2.22 11.41 5.49
N GLY A 62 -2.53 12.54 6.14
CA GLY A 62 -2.24 12.73 7.56
C GLY A 62 -2.95 11.69 8.43
N GLN A 63 -4.23 11.41 8.13
CA GLN A 63 -5.04 10.43 8.84
C GLN A 63 -4.44 9.05 8.61
N PHE A 64 -4.10 8.70 7.37
CA PHE A 64 -3.52 7.41 7.01
C PHE A 64 -2.23 7.20 7.80
N TYR A 65 -1.36 8.21 7.84
CA TYR A 65 -0.10 8.14 8.57
C TYR A 65 -0.39 7.89 10.05
N PHE A 66 -1.39 8.56 10.62
CA PHE A 66 -1.73 8.39 12.03
C PHE A 66 -2.17 6.96 12.31
N LEU A 67 -3.06 6.39 11.48
CA LEU A 67 -3.53 5.04 11.69
C LEU A 67 -2.34 4.09 11.74
N ILE A 68 -1.41 4.17 10.78
CA ILE A 68 -0.24 3.31 10.78
C ILE A 68 0.67 3.62 11.98
N ARG A 69 0.86 4.89 12.39
CA ARG A 69 1.69 5.24 13.55
C ARG A 69 1.15 4.50 14.77
N LYS A 70 -0.15 4.62 15.02
CA LYS A 70 -0.81 3.96 16.14
C LYS A 70 -0.70 2.44 15.98
N ARG A 71 -0.80 1.92 14.74
CA ARG A 71 -0.71 0.49 14.47
C ARG A 71 0.66 -0.07 14.89
N ILE A 72 1.75 0.65 14.63
CA ILE A 72 3.10 0.21 14.99
C ILE A 72 3.46 0.57 16.45
N HIS A 73 2.58 1.27 17.18
CA HIS A 73 2.75 1.69 18.56
C HIS A 73 4.09 2.39 18.86
N LEU A 74 4.56 3.24 17.94
CA LEU A 74 5.81 3.97 18.12
C LEU A 74 5.69 5.04 19.21
N ARG A 75 6.81 5.44 19.81
CA ARG A 75 6.80 6.49 20.84
C ARG A 75 6.45 7.80 20.11
N PRO A 76 5.93 8.83 20.80
CA PRO A 76 5.57 10.07 20.14
C PRO A 76 6.80 10.80 19.60
N GLU A 77 7.97 10.63 20.22
CA GLU A 77 9.21 11.26 19.78
C GLU A 77 9.83 10.48 18.62
N ASP A 78 9.42 9.24 18.37
CA ASP A 78 9.96 8.38 17.32
C ASP A 78 9.63 8.96 15.95
N ALA A 79 10.68 9.20 15.18
CA ALA A 79 10.58 9.73 13.83
C ALA A 79 9.92 8.66 12.95
N LEU A 80 9.26 9.07 11.88
CA LEU A 80 8.60 8.17 10.95
C LEU A 80 8.39 8.95 9.66
N PHE A 81 8.78 8.36 8.54
CA PHE A 81 8.69 8.94 7.21
C PHE A 81 8.08 7.87 6.29
N PHE A 82 7.19 8.30 5.41
CA PHE A 82 6.50 7.46 4.44
C PHE A 82 6.86 8.00 3.06
N PHE A 83 7.01 7.13 2.09
CA PHE A 83 7.36 7.47 0.73
C PHE A 83 6.47 6.65 -0.19
N VAL A 84 5.65 7.30 -1.01
CA VAL A 84 4.79 6.61 -1.95
C VAL A 84 5.58 6.71 -3.25
N ASN A 85 5.91 5.58 -3.85
CA ASN A 85 6.70 5.45 -5.08
C ASN A 85 7.73 6.57 -5.25
N ASN A 86 8.76 6.54 -4.41
CA ASN A 86 9.90 7.46 -4.36
C ASN A 86 9.56 8.95 -4.18
N THR A 87 8.31 9.32 -3.90
CA THR A 87 7.84 10.69 -3.74
C THR A 87 7.27 10.92 -2.33
N ILE A 88 7.31 12.16 -1.84
CA ILE A 88 6.84 12.55 -0.51
C ILE A 88 5.72 13.60 -0.67
N PRO A 89 4.43 13.19 -0.66
CA PRO A 89 3.28 14.09 -0.79
C PRO A 89 2.99 14.82 0.54
N PRO A 90 2.18 15.89 0.53
CA PRO A 90 1.84 16.60 1.76
C PRO A 90 0.79 15.84 2.56
N THR A 91 0.74 16.03 3.89
CA THR A 91 -0.24 15.34 4.72
C THR A 91 -1.68 15.82 4.43
N SER A 92 -1.87 16.94 3.73
CA SER A 92 -3.18 17.48 3.37
C SER A 92 -3.72 16.76 2.12
N ALA A 93 -2.90 16.01 1.37
CA ALA A 93 -3.36 15.28 0.19
C ALA A 93 -4.18 14.08 0.64
N THR A 94 -4.71 13.29 -0.29
CA THR A 94 -5.52 12.11 -0.04
C THR A 94 -4.94 10.94 -0.84
N MET A 95 -5.34 9.71 -0.49
CA MET A 95 -4.88 8.50 -1.17
C MET A 95 -5.22 8.58 -2.67
N GLY A 96 -6.32 9.24 -3.06
CA GLY A 96 -6.75 9.40 -4.44
C GLY A 96 -5.82 10.34 -5.21
N GLN A 97 -5.25 11.35 -4.55
CA GLN A 97 -4.34 12.31 -5.18
C GLN A 97 -3.06 11.60 -5.63
N LEU A 98 -2.43 10.85 -4.72
CA LEU A 98 -1.21 10.11 -4.99
C LEU A 98 -1.52 8.94 -5.93
N TYR A 99 -2.70 8.33 -5.81
CA TYR A 99 -3.08 7.23 -6.69
C TYR A 99 -3.14 7.72 -8.15
N GLU A 100 -3.61 8.96 -8.35
CA GLU A 100 -3.71 9.59 -9.66
C GLU A 100 -2.32 9.90 -10.20
N ASP A 101 -1.45 10.42 -9.32
CA ASP A 101 -0.08 10.79 -9.69
C ASP A 101 0.72 9.55 -10.05
N ASN A 102 0.40 8.41 -9.42
CA ASN A 102 1.04 7.11 -9.62
C ASN A 102 0.31 6.20 -10.61
N HIS A 103 -0.78 6.62 -11.25
CA HIS A 103 -1.52 5.79 -12.20
C HIS A 103 -0.56 5.11 -13.20
N GLU A 104 -0.55 3.78 -13.22
CA GLU A 104 0.30 2.93 -14.05
C GLU A 104 -0.53 1.96 -14.89
N GLU A 105 0.12 1.18 -15.76
CA GLU A 105 -0.56 0.19 -16.60
C GLU A 105 -0.95 -1.05 -15.79
N ASP A 106 -0.40 -1.20 -14.58
CA ASP A 106 -0.64 -2.29 -13.62
C ASP A 106 -1.71 -1.91 -12.60
N TYR A 107 -1.87 -0.61 -12.32
CA TYR A 107 -2.83 -0.02 -11.38
C TYR A 107 -2.51 -0.29 -9.90
N PHE A 108 -1.25 -0.57 -9.56
CA PHE A 108 -0.81 -0.84 -8.18
C PHE A 108 -0.16 0.43 -7.63
N LEU A 109 -0.18 0.59 -6.29
CA LEU A 109 0.40 1.73 -5.60
C LEU A 109 1.42 1.18 -4.60
N TYR A 110 2.65 1.71 -4.61
CA TYR A 110 3.74 1.28 -3.74
C TYR A 110 3.96 2.27 -2.59
N VAL A 111 4.02 1.79 -1.34
CA VAL A 111 4.25 2.63 -0.17
C VAL A 111 5.34 2.00 0.72
N ALA A 112 6.34 2.83 1.03
CA ALA A 112 7.49 2.49 1.85
C ALA A 112 7.44 3.30 3.14
N TYR A 113 7.99 2.76 4.22
CA TYR A 113 8.05 3.45 5.51
C TYR A 113 9.41 3.25 6.18
N SER A 114 9.92 4.27 6.89
CA SER A 114 11.20 4.23 7.57
C SER A 114 11.24 5.21 8.76
N ASP A 115 12.20 4.98 9.65
CA ASP A 115 12.47 5.80 10.84
C ASP A 115 13.27 7.02 10.38
N GLU A 116 14.14 6.83 9.39
CA GLU A 116 14.99 7.85 8.79
C GLU A 116 15.10 7.62 7.29
N SER A 117 15.11 8.69 6.50
CA SER A 117 15.23 8.64 5.06
C SER A 117 16.69 8.34 4.68
N VAL A 118 17.05 7.10 4.35
CA VAL A 118 18.43 6.74 3.97
C VAL A 118 18.34 5.70 2.85
N TYR A 119 18.77 6.06 1.65
CA TYR A 119 18.76 5.16 0.50
C TYR A 119 19.83 4.10 0.70
N GLY B 1 -2.22 -16.72 -18.79
CA GLY B 1 -3.19 -17.62 -18.18
C GLY B 1 -4.57 -16.99 -18.12
N ALA B 2 -5.55 -17.78 -17.65
CA ALA B 2 -6.95 -17.38 -17.50
C ALA B 2 -7.44 -17.85 -16.14
N MET B 3 -7.57 -16.91 -15.21
CA MET B 3 -8.03 -17.14 -13.85
C MET B 3 -9.52 -17.46 -13.88
N GLY B 4 -9.97 -18.29 -12.92
CA GLY B 4 -11.34 -18.73 -12.74
C GLY B 4 -11.66 -18.79 -11.24
N SER B 5 -11.56 -17.67 -10.53
CA SER B 5 -11.86 -17.60 -9.10
C SER B 5 -13.33 -17.25 -8.89
N ALA B 6 -13.80 -17.30 -7.64
CA ALA B 6 -15.15 -16.95 -7.22
C ALA B 6 -15.00 -15.92 -6.10
N SER B 7 -14.11 -16.20 -5.15
CA SER B 7 -13.79 -15.30 -4.06
C SER B 7 -12.86 -14.23 -4.63
N SER B 8 -12.88 -13.03 -4.04
CA SER B 8 -12.04 -11.94 -4.48
C SER B 8 -10.57 -12.30 -4.27
N GLU B 9 -9.68 -11.59 -4.95
CA GLU B 9 -8.25 -11.84 -4.87
C GLU B 9 -7.74 -11.44 -3.48
N ASP B 10 -6.65 -12.05 -3.01
CA ASP B 10 -6.05 -11.81 -1.70
C ASP B 10 -5.50 -10.40 -1.53
N TYR B 11 -6.19 -9.55 -0.75
CA TYR B 11 -5.83 -8.17 -0.46
C TYR B 11 -6.49 -7.82 0.88
N ILE B 12 -5.73 -7.30 1.84
CA ILE B 12 -6.26 -6.96 3.17
C ILE B 12 -6.86 -5.56 3.14
N ILE B 13 -8.18 -5.47 3.08
CA ILE B 13 -8.92 -4.21 3.06
C ILE B 13 -8.95 -3.66 4.48
N ILE B 14 -8.82 -2.35 4.65
CA ILE B 14 -8.87 -1.68 5.94
C ILE B 14 -9.94 -0.61 5.76
N LEU B 15 -11.21 -1.00 5.89
CA LEU B 15 -12.35 -0.10 5.73
C LEU B 15 -13.50 -0.62 6.62
N PRO B 16 -13.61 -0.18 7.88
CA PRO B 16 -14.67 -0.58 8.80
C PRO B 16 -15.97 0.15 8.43
N GLU B 17 -17.07 -0.07 9.16
CA GLU B 17 -18.33 0.61 8.86
C GLU B 17 -18.30 2.10 9.25
N SER B 18 -17.24 2.52 9.95
CA SER B 18 -17.05 3.88 10.39
C SER B 18 -16.38 4.64 9.25
N GLY A 1 4.97 -15.34 12.81
CA GLY A 1 5.15 -16.53 11.96
C GLY A 1 6.34 -16.32 11.06
N SER A 2 6.30 -16.89 9.86
CA SER A 2 7.38 -16.70 8.90
C SER A 2 7.24 -15.22 8.49
N PRO A 3 8.33 -14.42 8.46
CA PRO A 3 8.26 -13.00 8.14
C PRO A 3 7.61 -12.59 6.81
N GLU A 4 7.47 -13.51 5.85
CA GLU A 4 6.87 -13.33 4.53
C GLU A 4 7.69 -12.37 3.64
N PHE A 5 7.61 -12.54 2.33
CA PHE A 5 8.30 -11.71 1.35
C PHE A 5 7.38 -11.61 0.15
N LYS A 6 6.90 -10.39 -0.14
CA LYS A 6 6.00 -10.12 -1.26
C LYS A 6 6.43 -8.82 -1.96
N PHE A 7 7.72 -8.48 -1.88
CA PHE A 7 8.29 -7.28 -2.47
C PHE A 7 7.99 -7.24 -3.96
N GLN A 8 7.88 -6.02 -4.49
CA GLN A 8 7.58 -5.68 -5.87
C GLN A 8 8.56 -6.36 -6.81
N TYR A 9 9.80 -6.59 -6.37
CA TYR A 9 10.85 -7.26 -7.13
C TYR A 9 10.35 -8.59 -7.71
N LYS A 10 9.48 -9.31 -6.98
CA LYS A 10 8.91 -10.57 -7.42
C LYS A 10 7.61 -10.34 -8.18
N GLU A 11 6.76 -9.45 -7.67
CA GLU A 11 5.46 -9.12 -8.27
C GLU A 11 5.60 -8.51 -9.67
N ASP A 12 6.80 -8.04 -10.06
CA ASP A 12 7.08 -7.45 -11.36
C ASP A 12 7.11 -8.52 -12.47
N HIS A 13 7.58 -9.74 -12.18
CA HIS A 13 7.63 -10.83 -13.16
C HIS A 13 6.25 -11.19 -13.72
N PRO A 14 5.21 -11.49 -12.91
CA PRO A 14 3.87 -11.83 -13.40
C PRO A 14 3.11 -10.61 -13.97
N PHE A 15 3.66 -9.89 -14.95
CA PHE A 15 3.09 -8.71 -15.61
C PHE A 15 1.66 -9.01 -16.08
N GLU A 16 1.43 -10.14 -16.75
CA GLU A 16 0.09 -10.51 -17.24
C GLU A 16 -0.89 -10.66 -16.06
N TYR A 17 -0.45 -11.32 -14.98
CA TYR A 17 -1.28 -11.58 -13.81
C TYR A 17 -1.55 -10.32 -13.01
N ARG A 18 -0.52 -9.56 -12.67
CA ARG A 18 -0.62 -8.32 -11.91
C ARG A 18 -1.61 -7.38 -12.60
N LYS A 19 -1.55 -7.29 -13.95
CA LYS A 19 -2.48 -6.43 -14.68
C LYS A 19 -3.89 -7.01 -14.53
N LYS A 20 -4.07 -8.29 -14.81
CA LYS A 20 -5.36 -8.96 -14.72
C LYS A 20 -6.03 -8.74 -13.38
N GLU A 21 -5.36 -9.05 -12.26
CA GLU A 21 -5.91 -8.91 -10.92
C GLU A 21 -6.16 -7.46 -10.54
N GLY A 22 -5.18 -6.57 -10.78
CA GLY A 22 -5.30 -5.15 -10.46
C GLY A 22 -6.46 -4.52 -11.22
N GLU A 23 -6.60 -4.85 -12.50
CA GLU A 23 -7.67 -4.35 -13.34
C GLU A 23 -9.01 -4.88 -12.81
N LYS A 24 -9.07 -6.14 -12.37
CA LYS A 24 -10.31 -6.71 -11.88
C LYS A 24 -10.71 -6.01 -10.59
N ILE A 25 -9.78 -5.74 -9.70
CA ILE A 25 -10.08 -5.08 -8.45
C ILE A 25 -10.46 -3.62 -8.67
N ARG A 26 -9.91 -2.92 -9.67
CA ARG A 26 -10.28 -1.51 -9.89
C ARG A 26 -11.61 -1.41 -10.62
N LYS A 27 -11.85 -2.28 -11.60
CA LYS A 27 -13.11 -2.24 -12.33
C LYS A 27 -14.23 -2.65 -11.37
N LYS A 28 -13.96 -3.48 -10.33
CA LYS A 28 -14.96 -3.89 -9.36
C LYS A 28 -15.15 -2.82 -8.27
N TYR A 29 -14.06 -2.27 -7.72
CA TYR A 29 -14.06 -1.27 -6.67
C TYR A 29 -13.31 -0.03 -7.17
N PRO A 30 -13.93 0.82 -8.00
CA PRO A 30 -13.25 2.01 -8.49
C PRO A 30 -13.00 3.05 -7.40
N ASP A 31 -13.73 2.94 -6.28
CA ASP A 31 -13.74 3.78 -5.08
C ASP A 31 -12.63 3.44 -4.08
N ARG A 32 -11.97 2.30 -4.24
CA ARG A 32 -10.91 1.79 -3.38
C ARG A 32 -9.68 1.54 -4.23
N VAL A 33 -8.50 1.43 -3.61
CA VAL A 33 -7.26 1.19 -4.32
C VAL A 33 -6.34 0.25 -3.53
N PRO A 34 -5.73 -0.77 -4.18
CA PRO A 34 -4.82 -1.70 -3.54
C PRO A 34 -3.42 -1.07 -3.47
N VAL A 35 -2.80 -1.12 -2.30
CA VAL A 35 -1.48 -0.55 -2.05
C VAL A 35 -0.53 -1.65 -1.58
N ILE A 36 0.70 -1.58 -2.07
CA ILE A 36 1.81 -2.47 -1.75
C ILE A 36 2.55 -1.67 -0.68
N VAL A 37 2.81 -2.24 0.49
CA VAL A 37 3.49 -1.53 1.58
C VAL A 37 4.78 -2.30 1.91
N GLU A 38 5.95 -1.68 1.74
CA GLU A 38 7.26 -2.30 1.99
C GLU A 38 8.10 -1.53 3.00
N LYS A 39 8.90 -2.25 3.80
CA LYS A 39 9.75 -1.65 4.81
C LYS A 39 11.07 -1.24 4.20
N ALA A 40 11.60 -0.08 4.59
CA ALA A 40 12.86 0.46 4.10
C ALA A 40 14.02 0.00 5.00
N PRO A 41 15.26 0.01 4.49
CA PRO A 41 16.43 -0.35 5.27
C PRO A 41 16.66 0.78 6.30
N LYS A 42 17.49 0.54 7.31
CA LYS A 42 17.79 1.52 8.38
C LYS A 42 16.53 1.93 9.18
N ALA A 43 15.40 1.24 9.03
CA ALA A 43 14.15 1.53 9.74
C ALA A 43 13.95 0.54 10.89
N ARG A 44 13.79 1.06 12.12
CA ARG A 44 13.59 0.28 13.33
C ARG A 44 12.08 0.23 13.62
N VAL A 45 11.37 -0.66 12.95
CA VAL A 45 9.92 -0.86 13.11
C VAL A 45 9.69 -2.38 13.20
N PRO A 46 8.59 -2.87 13.81
CA PRO A 46 8.37 -4.31 13.87
C PRO A 46 8.05 -4.79 12.44
N ASP A 47 8.31 -6.06 12.16
CA ASP A 47 8.08 -6.64 10.85
C ASP A 47 6.63 -7.10 10.71
N LEU A 48 6.16 -7.28 9.47
CA LEU A 48 4.80 -7.70 9.14
C LEU A 48 4.75 -8.77 8.08
N ASP A 49 3.71 -9.60 8.16
CA ASP A 49 3.44 -10.67 7.19
C ASP A 49 2.59 -10.06 6.07
N LYS A 50 1.75 -9.08 6.40
CA LYS A 50 0.84 -8.38 5.49
C LYS A 50 1.62 -7.37 4.68
N ARG A 51 1.50 -7.47 3.34
CA ARG A 51 2.18 -6.57 2.40
C ARG A 51 1.24 -5.90 1.40
N LYS A 52 -0.01 -6.35 1.27
CA LYS A 52 -1.00 -5.84 0.35
C LYS A 52 -2.23 -5.40 1.12
N TYR A 53 -2.63 -4.15 0.95
CA TYR A 53 -3.77 -3.54 1.61
C TYR A 53 -4.72 -2.97 0.58
N LEU A 54 -5.92 -2.59 1.01
CA LEU A 54 -7.00 -2.01 0.20
C LEU A 54 -7.58 -0.86 1.03
N VAL A 55 -7.60 0.37 0.49
CA VAL A 55 -8.12 1.56 1.19
C VAL A 55 -8.98 2.43 0.26
N PRO A 56 -9.92 3.26 0.78
CA PRO A 56 -10.74 4.14 -0.04
C PRO A 56 -9.91 5.34 -0.51
N SER A 57 -10.24 5.91 -1.68
CA SER A 57 -9.48 7.05 -2.21
C SER A 57 -9.64 8.35 -1.40
N ASP A 58 -10.80 8.60 -0.80
CA ASP A 58 -11.07 9.81 -0.03
C ASP A 58 -10.27 9.95 1.28
N LEU A 59 -9.53 8.92 1.71
CA LEU A 59 -8.76 8.96 2.96
C LEU A 59 -7.47 9.78 2.85
N THR A 60 -7.29 10.80 3.69
CA THR A 60 -6.12 11.68 3.74
C THR A 60 -4.86 10.90 4.14
N VAL A 61 -3.66 11.27 3.67
CA VAL A 61 -2.41 10.58 4.01
C VAL A 61 -2.22 10.60 5.53
N GLY A 62 -2.49 11.73 6.20
CA GLY A 62 -2.35 11.89 7.65
C GLY A 62 -3.12 10.83 8.44
N GLN A 63 -4.37 10.56 8.05
CA GLN A 63 -5.18 9.55 8.73
C GLN A 63 -4.52 8.19 8.60
N PHE A 64 -4.07 7.82 7.39
CA PHE A 64 -3.41 6.55 7.13
C PHE A 64 -2.12 6.48 7.96
N TYR A 65 -1.35 7.58 8.04
CA TYR A 65 -0.12 7.60 8.81
C TYR A 65 -0.40 7.27 10.28
N PHE A 66 -1.45 7.87 10.84
CA PHE A 66 -1.86 7.64 12.22
C PHE A 66 -2.32 6.19 12.41
N LEU A 67 -3.16 5.67 11.51
CA LEU A 67 -3.68 4.30 11.55
C LEU A 67 -2.52 3.30 11.60
N ILE A 68 -1.50 3.47 10.75
CA ILE A 68 -0.36 2.58 10.74
C ILE A 68 0.42 2.73 12.05
N ARG A 69 0.72 3.96 12.51
CA ARG A 69 1.48 4.17 13.75
C ARG A 69 0.88 3.38 14.91
N LYS A 70 -0.42 3.51 15.17
CA LYS A 70 -1.04 2.78 16.26
C LYS A 70 -1.05 1.28 16.02
N ARG A 71 -1.26 0.82 14.78
CA ARG A 71 -1.29 -0.60 14.47
C ARG A 71 0.08 -1.25 14.68
N ILE A 72 1.19 -0.57 14.38
CA ILE A 72 2.54 -1.13 14.56
C ILE A 72 3.12 -0.85 15.95
N HIS A 73 2.41 -0.12 16.81
CA HIS A 73 2.76 0.26 18.18
C HIS A 73 4.18 0.85 18.33
N LEU A 74 4.29 2.17 18.29
CA LEU A 74 5.56 2.88 18.42
C LEU A 74 5.55 3.79 19.65
N ARG A 75 6.74 4.09 20.15
CA ARG A 75 6.95 4.96 21.31
C ARG A 75 6.60 6.40 20.89
N PRO A 76 6.41 7.32 21.84
CA PRO A 76 6.08 8.69 21.50
C PRO A 76 7.24 9.43 20.81
N GLU A 77 8.48 9.02 21.08
CA GLU A 77 9.66 9.62 20.49
C GLU A 77 9.95 9.09 19.08
N ASP A 78 9.34 7.96 18.69
CA ASP A 78 9.54 7.33 17.39
C ASP A 78 8.94 8.11 16.25
N ALA A 79 9.78 8.42 15.25
CA ALA A 79 9.36 9.13 14.06
C ALA A 79 8.66 8.13 13.13
N LEU A 80 8.01 8.63 12.08
CA LEU A 80 7.33 7.77 11.13
C LEU A 80 7.10 8.56 9.85
N PHE A 81 7.60 8.05 8.72
CA PHE A 81 7.46 8.68 7.41
C PHE A 81 7.19 7.62 6.36
N PHE A 82 6.47 7.99 5.29
CA PHE A 82 6.10 7.11 4.19
C PHE A 82 6.50 7.76 2.87
N PHE A 83 6.74 6.95 1.85
CA PHE A 83 7.14 7.39 0.52
C PHE A 83 6.30 6.66 -0.52
N VAL A 84 6.14 7.24 -1.70
CA VAL A 84 5.39 6.72 -2.84
C VAL A 84 6.22 7.17 -4.03
N ASN A 85 6.58 6.30 -4.99
CA ASN A 85 7.42 6.64 -6.15
C ASN A 85 8.65 7.47 -5.71
N ASN A 86 9.20 7.06 -4.55
CA ASN A 86 10.36 7.63 -3.87
C ASN A 86 10.22 9.15 -3.58
N THR A 87 9.00 9.68 -3.60
CA THR A 87 8.59 11.07 -3.38
C THR A 87 7.91 11.24 -2.01
N ILE A 88 7.98 12.48 -1.48
CA ILE A 88 7.41 12.94 -0.21
C ILE A 88 6.24 13.90 -0.58
N PRO A 89 4.98 13.42 -0.62
CA PRO A 89 3.82 14.25 -0.97
C PRO A 89 3.29 15.09 0.22
N PRO A 90 2.38 16.07 -0.01
CA PRO A 90 1.81 16.90 1.04
C PRO A 90 0.91 16.11 2.00
N THR A 91 0.85 16.54 3.26
CA THR A 91 0.06 15.93 4.33
C THR A 91 -1.45 16.00 4.12
N SER A 92 -1.96 16.91 3.28
CA SER A 92 -3.38 17.01 3.00
C SER A 92 -3.78 16.17 1.78
N ALA A 93 -2.82 15.52 1.11
CA ALA A 93 -3.14 14.68 -0.04
C ALA A 93 -4.03 13.53 0.44
N THR A 94 -4.73 12.89 -0.50
CA THR A 94 -5.61 11.77 -0.23
C THR A 94 -5.17 10.60 -1.11
N MET A 95 -5.64 9.40 -0.78
CA MET A 95 -5.34 8.18 -1.53
C MET A 95 -5.72 8.34 -3.00
N GLY A 96 -6.77 9.11 -3.31
CA GLY A 96 -7.23 9.36 -4.66
C GLY A 96 -6.24 10.26 -5.40
N GLN A 97 -5.70 11.30 -4.74
CA GLN A 97 -4.75 12.22 -5.36
C GLN A 97 -3.53 11.45 -5.84
N LEU A 98 -2.90 10.65 -4.98
CA LEU A 98 -1.70 9.89 -5.35
C LEU A 98 -2.03 8.78 -6.34
N TYR A 99 -3.16 8.09 -6.20
CA TYR A 99 -3.53 7.02 -7.12
C TYR A 99 -3.69 7.59 -8.53
N GLU A 100 -4.33 8.76 -8.66
CA GLU A 100 -4.53 9.44 -9.92
C GLU A 100 -3.21 10.00 -10.48
N ASP A 101 -2.30 10.46 -9.60
CA ASP A 101 -1.01 11.05 -9.98
C ASP A 101 0.02 10.02 -10.45
N ASN A 102 0.06 8.86 -9.79
CA ASN A 102 0.99 7.75 -10.05
C ASN A 102 0.38 6.62 -10.88
N HIS A 103 -0.87 6.75 -11.31
CA HIS A 103 -1.64 5.79 -12.08
C HIS A 103 -0.85 5.02 -13.15
N GLU A 104 -0.92 3.70 -13.09
CA GLU A 104 -0.25 2.79 -14.01
C GLU A 104 -1.27 1.82 -14.65
N GLU A 105 -0.84 0.96 -15.59
CA GLU A 105 -1.71 0.00 -16.29
C GLU A 105 -2.10 -1.19 -15.43
N ASP A 106 -1.28 -1.52 -14.43
CA ASP A 106 -1.48 -2.63 -13.49
C ASP A 106 -2.48 -2.25 -12.40
N TYR A 107 -2.80 -0.96 -12.24
CA TYR A 107 -3.76 -0.46 -11.26
C TYR A 107 -3.37 -0.69 -9.80
N PHE A 108 -2.11 -0.96 -9.47
CA PHE A 108 -1.63 -1.12 -8.10
C PHE A 108 -0.85 0.15 -7.74
N LEU A 109 -0.77 0.49 -6.45
CA LEU A 109 -0.03 1.67 -6.00
C LEU A 109 1.05 1.23 -5.00
N TYR A 110 2.16 1.95 -4.98
CA TYR A 110 3.31 1.67 -4.14
C TYR A 110 3.50 2.60 -2.94
N VAL A 111 3.80 2.04 -1.78
CA VAL A 111 4.06 2.76 -0.54
C VAL A 111 5.26 2.09 0.17
N ALA A 112 6.18 2.89 0.70
CA ALA A 112 7.36 2.45 1.45
C ALA A 112 7.31 3.14 2.82
N TYR A 113 7.89 2.55 3.87
CA TYR A 113 7.89 3.13 5.21
C TYR A 113 9.24 3.03 5.93
N SER A 114 9.57 4.06 6.72
CA SER A 114 10.81 4.11 7.49
C SER A 114 10.66 4.95 8.78
N ASP A 115 11.58 4.69 9.72
CA ASP A 115 11.75 5.31 11.04
C ASP A 115 12.85 6.38 10.98
N GLU A 116 13.72 6.28 9.97
CA GLU A 116 14.84 7.17 9.72
C GLU A 116 14.71 7.73 8.31
N SER A 117 15.29 8.90 8.04
CA SER A 117 15.25 9.57 6.74
C SER A 117 15.97 8.74 5.68
N VAL A 118 15.22 7.98 4.87
CA VAL A 118 15.72 7.11 3.82
C VAL A 118 14.81 7.24 2.60
N TYR A 119 15.41 7.32 1.41
CA TYR A 119 14.73 7.44 0.13
C TYR A 119 14.23 6.08 -0.36
N GLY B 1 -2.83 -14.51 -5.33
CA GLY B 1 -2.50 -15.85 -5.83
C GLY B 1 -2.90 -16.00 -7.28
N ALA B 2 -3.01 -17.24 -7.77
CA ALA B 2 -3.40 -17.46 -9.15
C ALA B 2 -4.92 -17.29 -9.28
N MET B 3 -5.36 -16.13 -9.76
CA MET B 3 -6.77 -15.84 -9.96
C MET B 3 -7.19 -16.57 -11.24
N GLY B 4 -8.13 -17.51 -11.15
CA GLY B 4 -8.61 -18.30 -12.29
C GLY B 4 -10.13 -18.52 -12.28
N SER B 5 -10.87 -17.71 -11.52
CA SER B 5 -12.32 -17.79 -11.40
C SER B 5 -12.92 -16.43 -11.79
N ALA B 6 -14.24 -16.34 -11.95
CA ALA B 6 -14.93 -15.09 -12.33
C ALA B 6 -14.82 -13.99 -11.26
N SER B 7 -14.44 -14.40 -10.05
CA SER B 7 -14.25 -13.62 -8.84
C SER B 7 -13.17 -12.54 -8.95
N SER B 8 -12.93 -11.88 -7.82
CA SER B 8 -11.92 -10.84 -7.60
C SER B 8 -11.02 -11.39 -6.49
N GLU B 9 -9.93 -10.70 -6.15
CA GLU B 9 -8.99 -11.13 -5.12
C GLU B 9 -9.33 -10.47 -3.77
N ASP B 10 -8.61 -10.83 -2.70
CA ASP B 10 -8.77 -10.33 -1.35
C ASP B 10 -7.41 -9.79 -0.88
N TYR B 11 -7.43 -8.63 -0.24
CA TYR B 11 -6.28 -7.92 0.34
C TYR B 11 -6.71 -7.46 1.74
N ILE B 12 -5.86 -6.74 2.47
CA ILE B 12 -6.20 -6.29 3.80
C ILE B 12 -7.01 -5.00 3.66
N ILE B 13 -8.33 -5.08 3.80
CA ILE B 13 -9.22 -3.92 3.71
C ILE B 13 -9.04 -3.19 5.04
N ILE B 14 -8.64 -1.92 5.00
CA ILE B 14 -8.42 -1.13 6.20
C ILE B 14 -8.83 0.30 5.89
N LEU B 15 -9.56 0.92 6.82
CA LEU B 15 -10.08 2.28 6.72
C LEU B 15 -10.55 2.70 8.12
N PRO B 16 -10.61 3.99 8.46
CA PRO B 16 -11.08 4.42 9.77
C PRO B 16 -12.59 4.24 9.85
N GLU B 17 -13.11 4.26 11.08
CA GLU B 17 -14.53 4.10 11.39
C GLU B 17 -15.14 5.41 11.90
N SER B 18 -14.39 6.51 11.89
CA SER B 18 -14.84 7.81 12.39
C SER B 18 -14.37 8.95 11.52
N GLY A 1 -0.70 -19.26 -6.98
CA GLY A 1 -0.26 -17.87 -7.09
C GLY A 1 1.25 -17.75 -7.00
N SER A 2 1.79 -16.79 -6.24
CA SER A 2 3.22 -16.59 -6.06
C SER A 2 3.61 -16.75 -4.58
N PRO A 3 3.85 -17.97 -4.09
CA PRO A 3 4.25 -18.17 -2.71
C PRO A 3 5.75 -17.82 -2.58
N GLU A 4 6.33 -17.96 -1.39
CA GLU A 4 7.74 -17.70 -1.08
C GLU A 4 8.27 -16.35 -1.62
N PHE A 5 7.95 -15.25 -0.93
CA PHE A 5 8.35 -13.89 -1.32
C PHE A 5 8.78 -13.04 -0.12
N LYS A 6 9.34 -11.85 -0.39
CA LYS A 6 9.80 -10.91 0.64
C LYS A 6 9.85 -9.44 0.21
N PHE A 7 10.02 -9.15 -1.07
CA PHE A 7 10.07 -7.80 -1.63
C PHE A 7 9.10 -7.72 -2.80
N GLN A 8 8.62 -6.53 -3.18
CA GLN A 8 7.69 -6.38 -4.29
C GLN A 8 8.24 -6.97 -5.59
N TYR A 9 9.55 -6.92 -5.80
CA TYR A 9 10.20 -7.44 -7.00
C TYR A 9 9.85 -8.91 -7.26
N LYS A 10 9.53 -9.69 -6.22
CA LYS A 10 9.17 -11.08 -6.40
C LYS A 10 7.81 -11.18 -7.09
N GLU A 11 6.81 -10.44 -6.62
CA GLU A 11 5.46 -10.39 -7.16
C GLU A 11 5.40 -9.54 -8.43
N ASP A 12 6.42 -8.71 -8.70
CA ASP A 12 6.50 -7.84 -9.86
C ASP A 12 6.82 -8.62 -11.13
N HIS A 13 7.51 -9.76 -10.99
CA HIS A 13 7.87 -10.65 -12.09
C HIS A 13 6.60 -11.07 -12.85
N PRO A 14 5.60 -11.71 -12.21
CA PRO A 14 4.38 -12.12 -12.88
C PRO A 14 3.45 -10.93 -13.18
N PHE A 15 3.87 -10.01 -14.07
CA PHE A 15 3.13 -8.83 -14.50
C PHE A 15 1.72 -9.22 -14.94
N GLU A 16 1.63 -10.34 -15.69
CA GLU A 16 0.38 -10.85 -16.20
C GLU A 16 -0.63 -11.07 -15.05
N TYR A 17 -0.15 -11.68 -13.97
CA TYR A 17 -0.88 -12.00 -12.78
C TYR A 17 -1.25 -10.70 -12.06
N ARG A 18 -0.26 -9.83 -11.82
CA ARG A 18 -0.50 -8.56 -11.12
C ARG A 18 -1.53 -7.72 -11.83
N LYS A 19 -1.51 -7.63 -13.15
CA LYS A 19 -2.49 -6.82 -13.85
C LYS A 19 -3.87 -7.48 -13.84
N LYS A 20 -3.96 -8.81 -13.97
CA LYS A 20 -5.27 -9.46 -13.96
C LYS A 20 -5.94 -9.31 -12.59
N GLU A 21 -5.25 -9.71 -11.51
CA GLU A 21 -5.78 -9.64 -10.16
C GLU A 21 -5.96 -8.18 -9.71
N GLY A 22 -5.03 -7.29 -10.05
CA GLY A 22 -5.10 -5.87 -9.69
C GLY A 22 -6.32 -5.23 -10.37
N GLU A 23 -6.51 -5.49 -11.66
CA GLU A 23 -7.67 -4.94 -12.36
C GLU A 23 -8.95 -5.57 -11.78
N LYS A 24 -8.92 -6.83 -11.36
CA LYS A 24 -10.10 -7.47 -10.84
C LYS A 24 -10.52 -6.83 -9.51
N ILE A 25 -9.60 -6.63 -8.56
CA ILE A 25 -9.97 -6.04 -7.27
C ILE A 25 -10.34 -4.56 -7.39
N ARG A 26 -9.75 -3.81 -8.34
CA ARG A 26 -10.06 -2.38 -8.47
C ARG A 26 -11.36 -2.18 -9.24
N LYS A 27 -11.64 -3.01 -10.26
CA LYS A 27 -12.90 -2.87 -11.01
C LYS A 27 -14.04 -3.22 -10.07
N LYS A 28 -13.85 -4.22 -9.20
CA LYS A 28 -14.89 -4.59 -8.27
C LYS A 28 -15.11 -3.48 -7.22
N TYR A 29 -14.06 -2.92 -6.63
CA TYR A 29 -14.15 -1.89 -5.60
C TYR A 29 -13.37 -0.64 -6.02
N PRO A 30 -13.92 0.17 -6.96
CA PRO A 30 -13.24 1.35 -7.46
C PRO A 30 -13.04 2.48 -6.44
N ASP A 31 -13.80 2.51 -5.34
CA ASP A 31 -13.66 3.56 -4.33
C ASP A 31 -12.47 3.29 -3.42
N ARG A 32 -11.79 2.14 -3.54
CA ARG A 32 -10.64 1.79 -2.72
C ARG A 32 -9.42 1.57 -3.60
N VAL A 33 -8.24 1.88 -3.06
CA VAL A 33 -6.96 1.76 -3.74
C VAL A 33 -6.13 0.69 -3.01
N PRO A 34 -5.64 -0.35 -3.73
CA PRO A 34 -4.84 -1.44 -3.18
C PRO A 34 -3.41 -0.95 -2.92
N VAL A 35 -2.87 -1.17 -1.72
CA VAL A 35 -1.54 -0.73 -1.36
C VAL A 35 -0.72 -1.88 -0.78
N ILE A 36 0.55 -1.96 -1.17
CA ILE A 36 1.53 -2.93 -0.71
C ILE A 36 2.36 -2.13 0.28
N VAL A 37 2.28 -2.50 1.56
CA VAL A 37 2.97 -1.83 2.66
C VAL A 37 4.25 -2.59 3.03
N GLU A 38 5.44 -1.96 2.91
CA GLU A 38 6.73 -2.58 3.21
C GLU A 38 7.65 -1.70 4.09
N LYS A 39 8.61 -2.32 4.79
CA LYS A 39 9.54 -1.63 5.70
C LYS A 39 10.85 -1.28 4.99
N ALA A 40 11.27 -0.01 5.12
CA ALA A 40 12.48 0.52 4.50
C ALA A 40 13.69 0.34 5.43
N PRO A 41 14.90 0.41 4.88
CA PRO A 41 16.14 0.23 5.64
C PRO A 41 16.40 1.34 6.64
N LYS A 42 17.25 1.02 7.62
CA LYS A 42 17.70 1.88 8.72
C LYS A 42 16.55 2.41 9.58
N ALA A 43 15.34 1.83 9.51
CA ALA A 43 14.20 2.29 10.30
C ALA A 43 14.26 1.63 11.70
N ARG A 44 13.53 2.16 12.68
CA ARG A 44 13.47 1.59 14.03
C ARG A 44 11.98 1.48 14.38
N VAL A 45 11.26 0.69 13.57
CA VAL A 45 9.83 0.47 13.74
C VAL A 45 9.53 -1.02 13.58
N PRO A 46 8.49 -1.58 14.23
CA PRO A 46 8.14 -2.97 14.09
C PRO A 46 7.62 -3.23 12.67
N ASP A 47 7.82 -4.45 12.20
CA ASP A 47 7.38 -4.90 10.89
C ASP A 47 5.97 -5.47 10.96
N LEU A 48 5.32 -5.66 9.81
CA LEU A 48 3.96 -6.18 9.70
C LEU A 48 3.95 -7.53 8.98
N ASP A 49 2.98 -8.37 9.30
CA ASP A 49 2.79 -9.70 8.70
C ASP A 49 2.09 -9.51 7.36
N LYS A 50 0.85 -9.02 7.38
CA LYS A 50 0.08 -8.78 6.17
C LYS A 50 0.78 -7.67 5.39
N ARG A 51 0.68 -7.70 4.05
CA ARG A 51 1.32 -6.70 3.21
C ARG A 51 0.36 -6.01 2.25
N LYS A 52 -0.60 -6.74 1.69
CA LYS A 52 -1.58 -6.20 0.74
C LYS A 52 -2.82 -5.69 1.49
N TYR A 53 -3.14 -4.41 1.30
CA TYR A 53 -4.25 -3.72 1.96
C TYR A 53 -5.06 -2.86 0.97
N LEU A 54 -6.23 -2.33 1.36
CA LEU A 54 -7.10 -1.47 0.55
C LEU A 54 -7.62 -0.36 1.44
N VAL A 55 -7.52 0.89 0.98
CA VAL A 55 -8.00 2.08 1.71
C VAL A 55 -8.84 2.91 0.74
N PRO A 56 -9.82 3.71 1.20
CA PRO A 56 -10.60 4.50 0.27
C PRO A 56 -9.77 5.64 -0.30
N SER A 57 -10.06 5.99 -1.56
CA SER A 57 -9.37 7.05 -2.28
C SER A 57 -9.54 8.44 -1.64
N ASP A 58 -10.60 8.66 -0.89
CA ASP A 58 -10.91 9.94 -0.26
C ASP A 58 -10.30 10.09 1.13
N LEU A 59 -9.55 9.10 1.64
CA LEU A 59 -8.91 9.16 2.95
C LEU A 59 -7.72 10.12 2.83
N THR A 60 -7.51 11.06 3.76
CA THR A 60 -6.38 11.96 3.67
C THR A 60 -5.08 11.23 4.01
N VAL A 61 -3.96 11.75 3.50
CA VAL A 61 -2.65 11.19 3.76
C VAL A 61 -2.39 11.32 5.27
N GLY A 62 -2.74 12.46 5.88
CA GLY A 62 -2.57 12.69 7.31
C GLY A 62 -3.29 11.62 8.14
N GLN A 63 -4.54 11.27 7.77
CA GLN A 63 -5.30 10.25 8.49
C GLN A 63 -4.55 8.92 8.43
N PHE A 64 -4.07 8.53 7.24
CA PHE A 64 -3.34 7.30 7.06
C PHE A 64 -2.03 7.30 7.88
N TYR A 65 -1.29 8.41 7.85
CA TYR A 65 -0.04 8.54 8.59
C TYR A 65 -0.28 8.33 10.09
N PHE A 66 -1.38 8.89 10.63
CA PHE A 66 -1.75 8.73 12.02
C PHE A 66 -2.12 7.28 12.31
N LEU A 67 -2.89 6.65 11.43
CA LEU A 67 -3.34 5.28 11.56
C LEU A 67 -2.15 4.32 11.72
N ILE A 68 -1.16 4.45 10.83
CA ILE A 68 0.03 3.62 10.91
C ILE A 68 0.82 3.98 12.17
N ARG A 69 0.97 5.27 12.52
CA ARG A 69 1.69 5.66 13.75
C ARG A 69 1.08 4.95 14.95
N LYS A 70 -0.25 4.90 15.02
CA LYS A 70 -0.97 4.25 16.11
C LYS A 70 -0.60 2.76 16.14
N ARG A 71 -0.65 2.08 15.00
CA ARG A 71 -0.34 0.65 14.90
C ARG A 71 1.10 0.29 15.18
N ILE A 72 2.09 1.02 14.66
CA ILE A 72 3.50 0.69 14.91
C ILE A 72 3.92 1.03 16.35
N HIS A 73 3.01 1.66 17.12
CA HIS A 73 3.14 2.06 18.50
C HIS A 73 4.48 2.70 18.91
N LEU A 74 5.17 3.37 17.97
CA LEU A 74 6.46 4.04 18.19
C LEU A 74 6.40 5.06 19.32
N ARG A 75 7.56 5.37 19.92
CA ARG A 75 7.65 6.31 21.03
C ARG A 75 7.22 7.71 20.56
N PRO A 76 6.76 8.59 21.47
CA PRO A 76 6.31 9.92 21.12
C PRO A 76 7.45 10.81 20.61
N GLU A 77 8.68 10.56 21.06
CA GLU A 77 9.84 11.34 20.64
C GLU A 77 10.41 10.87 19.30
N ASP A 78 9.89 9.78 18.74
CA ASP A 78 10.35 9.23 17.47
C ASP A 78 9.63 9.90 16.33
N ALA A 79 10.28 10.02 15.18
CA ALA A 79 9.70 10.61 13.99
C ALA A 79 9.13 9.49 13.12
N LEU A 80 8.40 9.84 12.05
CA LEU A 80 7.81 8.84 11.16
C LEU A 80 7.59 9.49 9.81
N PHE A 81 8.06 8.83 8.75
CA PHE A 81 7.95 9.30 7.38
C PHE A 81 7.58 8.15 6.46
N PHE A 82 6.88 8.46 5.37
CA PHE A 82 6.41 7.49 4.39
C PHE A 82 6.84 7.94 3.01
N PHE A 83 6.98 6.98 2.10
CA PHE A 83 7.36 7.20 0.72
C PHE A 83 6.48 6.30 -0.16
N VAL A 84 6.34 6.70 -1.42
CA VAL A 84 5.58 6.03 -2.47
C VAL A 84 6.44 6.29 -3.70
N ASN A 85 6.82 5.24 -4.44
CA ASN A 85 7.66 5.31 -5.64
C ASN A 85 8.76 6.38 -5.49
N ASN A 86 9.60 6.21 -4.46
CA ASN A 86 10.71 7.10 -4.11
C ASN A 86 10.34 8.61 -4.08
N THR A 87 9.10 8.94 -3.73
CA THR A 87 8.55 10.30 -3.66
C THR A 87 7.89 10.52 -2.29
N ILE A 88 7.84 11.77 -1.85
CA ILE A 88 7.26 12.22 -0.59
C ILE A 88 6.03 13.11 -0.92
N PRO A 89 4.79 12.63 -0.72
CA PRO A 89 3.58 13.40 -1.02
C PRO A 89 3.22 14.37 0.12
N PRO A 90 2.29 15.32 -0.09
CA PRO A 90 1.86 16.26 0.93
C PRO A 90 0.85 15.55 1.85
N THR A 91 0.93 15.78 3.15
CA THR A 91 0.03 15.18 4.14
C THR A 91 -1.43 15.61 3.94
N SER A 92 -1.66 16.73 3.25
CA SER A 92 -3.00 17.25 2.99
C SER A 92 -3.68 16.55 1.81
N ALA A 93 -2.95 15.81 0.96
CA ALA A 93 -3.54 15.10 -0.17
C ALA A 93 -4.35 13.89 0.31
N THR A 94 -4.88 13.11 -0.62
CA THR A 94 -5.66 11.92 -0.33
C THR A 94 -4.94 10.69 -0.87
N MET A 95 -5.38 9.51 -0.43
CA MET A 95 -4.85 8.24 -0.88
C MET A 95 -5.05 8.11 -2.39
N GLY A 96 -6.19 8.61 -2.90
CA GLY A 96 -6.54 8.60 -4.31
C GLY A 96 -5.72 9.58 -5.14
N GLN A 97 -5.24 10.69 -4.57
CA GLN A 97 -4.44 11.67 -5.30
C GLN A 97 -3.10 11.06 -5.65
N LEU A 98 -2.40 10.52 -4.63
CA LEU A 98 -1.10 9.90 -4.87
C LEU A 98 -1.31 8.61 -5.66
N TYR A 99 -2.42 7.86 -5.42
CA TYR A 99 -2.67 6.65 -6.19
C TYR A 99 -2.77 7.02 -7.66
N GLU A 100 -3.45 8.12 -7.99
CA GLU A 100 -3.62 8.61 -9.34
C GLU A 100 -2.34 9.14 -9.95
N ASP A 101 -1.40 9.69 -9.16
CA ASP A 101 -0.13 10.21 -9.69
C ASP A 101 0.95 9.12 -9.81
N ASN A 102 0.83 8.08 -8.99
CA ASN A 102 1.69 6.90 -8.88
C ASN A 102 1.06 5.68 -9.58
N HIS A 103 -0.10 5.84 -10.21
CA HIS A 103 -0.89 4.83 -10.90
C HIS A 103 -0.07 3.87 -11.78
N GLU A 104 0.28 2.69 -11.25
CA GLU A 104 1.04 1.72 -12.03
C GLU A 104 0.07 1.12 -13.07
N GLU A 105 0.60 0.48 -14.12
CA GLU A 105 -0.26 -0.10 -15.15
C GLU A 105 -0.95 -1.37 -14.64
N ASP A 106 -0.34 -2.01 -13.63
CA ASP A 106 -0.79 -3.25 -12.99
C ASP A 106 -1.80 -2.99 -11.87
N TYR A 107 -2.29 -1.74 -11.76
CA TYR A 107 -3.28 -1.30 -10.79
C TYR A 107 -2.91 -1.51 -9.31
N PHE A 108 -1.67 -1.23 -8.90
CA PHE A 108 -1.23 -1.37 -7.50
C PHE A 108 -0.51 -0.10 -7.04
N LEU A 109 -0.53 0.16 -5.73
CA LEU A 109 0.11 1.32 -5.10
C LEU A 109 1.20 0.80 -4.15
N TYR A 110 2.38 1.41 -4.11
CA TYR A 110 3.48 1.03 -3.24
C TYR A 110 3.65 2.03 -2.10
N VAL A 111 3.76 1.58 -0.85
CA VAL A 111 3.94 2.45 0.31
C VAL A 111 5.00 1.84 1.21
N ALA A 112 6.01 2.64 1.56
CA ALA A 112 7.10 2.22 2.42
C ALA A 112 7.08 3.10 3.68
N TYR A 113 7.48 2.55 4.83
CA TYR A 113 7.52 3.25 6.12
C TYR A 113 8.92 3.22 6.73
N SER A 114 9.32 4.33 7.38
CA SER A 114 10.61 4.51 8.05
C SER A 114 10.55 5.61 9.11
N ASP A 115 11.53 5.58 10.02
CA ASP A 115 11.76 6.52 11.12
C ASP A 115 12.38 7.82 10.61
N GLU A 116 13.18 7.72 9.54
CA GLU A 116 13.89 8.84 8.92
C GLU A 116 13.88 8.73 7.39
N SER A 117 14.10 9.85 6.71
CA SER A 117 14.15 9.90 5.25
C SER A 117 15.39 9.08 4.86
N VAL A 118 15.16 7.98 4.13
CA VAL A 118 16.11 6.99 3.65
C VAL A 118 15.81 6.65 2.20
N TYR A 119 16.81 6.18 1.44
CA TYR A 119 16.66 5.79 0.06
C TYR A 119 15.65 4.65 -0.02
N GLY B 1 -10.30 -12.61 -23.31
CA GLY B 1 -11.69 -13.08 -23.26
C GLY B 1 -12.03 -13.51 -21.84
N ALA B 2 -12.14 -14.82 -21.58
CA ALA B 2 -12.45 -15.37 -20.26
C ALA B 2 -11.33 -15.03 -19.26
N MET B 3 -11.55 -15.27 -17.97
CA MET B 3 -10.58 -15.02 -16.91
C MET B 3 -10.20 -16.33 -16.25
N GLY B 4 -9.11 -16.33 -15.49
CA GLY B 4 -8.60 -17.49 -14.78
C GLY B 4 -8.92 -17.50 -13.29
N SER B 5 -9.60 -16.46 -12.79
CA SER B 5 -9.98 -16.32 -11.40
C SER B 5 -11.43 -15.87 -11.33
N ALA B 6 -12.22 -16.46 -10.42
CA ALA B 6 -13.63 -16.11 -10.29
C ALA B 6 -13.80 -14.95 -9.30
N SER B 7 -13.17 -15.02 -8.13
CA SER B 7 -13.22 -13.99 -7.10
C SER B 7 -12.07 -13.00 -7.35
N SER B 8 -11.88 -12.03 -6.46
CA SER B 8 -10.80 -11.05 -6.54
C SER B 8 -9.71 -11.52 -5.58
N GLU B 9 -8.53 -10.89 -5.63
CA GLU B 9 -7.41 -11.28 -4.78
C GLU B 9 -7.69 -11.08 -3.29
N ASP B 10 -6.98 -11.84 -2.46
CA ASP B 10 -7.03 -11.82 -1.00
C ASP B 10 -6.28 -10.56 -0.60
N TYR B 11 -7.02 -9.55 -0.17
CA TYR B 11 -6.52 -8.22 0.20
C TYR B 11 -7.26 -7.76 1.47
N ILE B 12 -6.55 -7.20 2.46
CA ILE B 12 -7.15 -6.74 3.73
C ILE B 12 -7.72 -5.33 3.57
N ILE B 13 -9.04 -5.18 3.50
CA ILE B 13 -9.67 -3.86 3.38
C ILE B 13 -9.59 -3.26 4.77
N ILE B 14 -9.23 -1.99 4.89
CA ILE B 14 -9.11 -1.30 6.18
C ILE B 14 -9.62 0.14 6.05
N LEU B 15 -10.80 0.39 6.62
CA LEU B 15 -11.47 1.68 6.66
C LEU B 15 -12.14 1.74 8.05
N PRO B 16 -11.39 2.09 9.10
CA PRO B 16 -11.91 2.19 10.45
C PRO B 16 -12.69 3.51 10.61
N GLU B 17 -13.99 3.49 10.30
CA GLU B 17 -14.91 4.63 10.40
C GLU B 17 -15.21 5.00 11.85
N SER B 18 -14.57 4.34 12.81
CA SER B 18 -14.72 4.53 14.23
C SER B 18 -13.34 4.28 14.81
N GLY A 1 6.19 -18.13 -9.77
CA GLY A 1 5.83 -16.98 -8.93
C GLY A 1 5.02 -17.46 -7.74
N SER A 2 5.60 -17.43 -6.54
CA SER A 2 4.95 -17.87 -5.29
C SER A 2 4.75 -16.67 -4.35
N PRO A 3 3.68 -15.87 -4.53
CA PRO A 3 3.36 -14.67 -3.75
C PRO A 3 2.77 -14.96 -2.35
N GLU A 4 3.20 -16.04 -1.69
CA GLU A 4 2.71 -16.43 -0.37
C GLU A 4 3.25 -15.46 0.70
N PHE A 5 2.64 -14.27 0.77
CA PHE A 5 2.92 -13.15 1.67
C PHE A 5 4.42 -12.82 1.72
N LYS A 6 4.93 -12.20 0.65
CA LYS A 6 6.33 -11.79 0.54
C LYS A 6 6.37 -10.38 -0.07
N PHE A 7 7.58 -9.86 -0.27
CA PHE A 7 7.81 -8.55 -0.85
C PHE A 7 7.22 -8.51 -2.27
N GLN A 8 6.93 -7.29 -2.72
CA GLN A 8 6.37 -6.95 -4.03
C GLN A 8 7.22 -7.51 -5.18
N TYR A 9 8.52 -7.67 -4.97
CA TYR A 9 9.45 -8.20 -5.97
C TYR A 9 9.01 -9.56 -6.53
N LYS A 10 8.36 -10.40 -5.71
CA LYS A 10 7.87 -11.70 -6.14
C LYS A 10 6.74 -11.54 -7.17
N GLU A 11 6.03 -10.43 -7.10
CA GLU A 11 4.90 -10.07 -7.92
C GLU A 11 5.30 -9.17 -9.11
N ASP A 12 6.50 -8.55 -9.09
CA ASP A 12 7.01 -7.73 -10.19
C ASP A 12 7.23 -8.59 -11.43
N HIS A 13 7.91 -9.74 -11.26
CA HIS A 13 8.21 -10.70 -12.32
C HIS A 13 6.93 -11.14 -13.06
N PRO A 14 5.92 -11.74 -12.41
CA PRO A 14 4.68 -12.13 -13.07
C PRO A 14 3.82 -10.86 -13.28
N PHE A 15 4.29 -9.93 -14.12
CA PHE A 15 3.67 -8.66 -14.45
C PHE A 15 2.22 -8.86 -14.85
N GLU A 16 1.98 -9.85 -15.71
CA GLU A 16 0.66 -10.23 -16.20
C GLU A 16 -0.30 -10.50 -15.03
N TYR A 17 0.18 -11.19 -14.00
CA TYR A 17 -0.57 -11.56 -12.81
C TYR A 17 -0.84 -10.35 -11.91
N ARG A 18 0.12 -9.45 -11.69
CA ARG A 18 -0.17 -8.28 -10.87
C ARG A 18 -1.17 -7.39 -11.62
N LYS A 19 -1.04 -7.30 -12.94
CA LYS A 19 -1.90 -6.49 -13.79
C LYS A 19 -3.33 -7.00 -13.75
N LYS A 20 -3.56 -8.30 -13.99
CA LYS A 20 -4.93 -8.82 -13.98
C LYS A 20 -5.58 -8.73 -12.61
N GLU A 21 -4.89 -9.06 -11.52
CA GLU A 21 -5.49 -8.98 -10.18
C GLU A 21 -5.76 -7.52 -9.80
N GLY A 22 -4.83 -6.61 -10.12
CA GLY A 22 -4.98 -5.18 -9.86
C GLY A 22 -6.19 -4.66 -10.61
N GLU A 23 -6.31 -5.03 -11.89
CA GLU A 23 -7.43 -4.63 -12.71
C GLU A 23 -8.72 -5.22 -12.15
N LYS A 24 -8.67 -6.43 -11.61
CA LYS A 24 -9.85 -7.08 -11.09
C LYS A 24 -10.39 -6.37 -9.86
N ILE A 25 -9.52 -6.03 -8.90
CA ILE A 25 -9.97 -5.36 -7.69
C ILE A 25 -10.27 -3.89 -7.91
N ARG A 26 -9.58 -3.22 -8.84
CA ARG A 26 -9.80 -1.80 -9.13
C ARG A 26 -11.19 -1.66 -9.74
N LYS A 27 -11.45 -2.46 -10.77
CA LYS A 27 -12.73 -2.39 -11.44
C LYS A 27 -13.86 -2.85 -10.53
N LYS A 28 -13.62 -3.84 -9.64
CA LYS A 28 -14.67 -4.32 -8.75
C LYS A 28 -15.04 -3.27 -7.70
N TYR A 29 -14.06 -2.63 -7.05
CA TYR A 29 -14.31 -1.61 -6.02
C TYR A 29 -13.71 -0.28 -6.47
N PRO A 30 -14.38 0.45 -7.37
CA PRO A 30 -13.90 1.72 -7.90
C PRO A 30 -13.76 2.85 -6.88
N ASP A 31 -14.38 2.72 -5.71
CA ASP A 31 -14.32 3.71 -4.64
C ASP A 31 -13.10 3.45 -3.73
N ARG A 32 -12.34 2.39 -4.01
CA ARG A 32 -11.15 1.91 -3.29
C ARG A 32 -9.97 1.76 -4.23
N VAL A 33 -8.77 1.73 -3.67
CA VAL A 33 -7.50 1.57 -4.38
C VAL A 33 -6.59 0.58 -3.60
N PRO A 34 -5.97 -0.40 -4.29
CA PRO A 34 -5.10 -1.38 -3.66
C PRO A 34 -3.67 -0.79 -3.51
N VAL A 35 -3.10 -0.90 -2.30
CA VAL A 35 -1.77 -0.36 -2.05
C VAL A 35 -0.94 -1.34 -1.21
N ILE A 36 0.27 -1.63 -1.65
CA ILE A 36 1.18 -2.51 -0.95
C ILE A 36 2.07 -1.59 -0.13
N VAL A 37 2.31 -1.90 1.14
CA VAL A 37 3.18 -1.10 2.00
C VAL A 37 4.52 -1.83 2.10
N GLU A 38 5.62 -1.07 2.17
CA GLU A 38 6.97 -1.60 2.29
C GLU A 38 7.71 -0.80 3.37
N LYS A 39 8.73 -1.41 3.96
CA LYS A 39 9.56 -0.83 5.00
C LYS A 39 10.94 -0.57 4.43
N ALA A 40 11.55 0.55 4.81
CA ALA A 40 12.89 0.89 4.36
C ALA A 40 13.86 0.30 5.39
N PRO A 41 15.14 0.10 5.03
CA PRO A 41 16.14 -0.46 5.95
C PRO A 41 16.42 0.52 7.09
N LYS A 42 16.37 1.79 6.74
CA LYS A 42 16.56 2.95 7.60
C LYS A 42 15.27 3.20 8.39
N ALA A 43 14.83 2.19 9.15
CA ALA A 43 13.66 2.21 9.99
C ALA A 43 14.05 1.81 11.40
N ARG A 44 13.25 2.22 12.38
CA ARG A 44 13.39 1.95 13.81
C ARG A 44 12.02 1.46 14.33
N VAL A 45 11.30 0.67 13.53
CA VAL A 45 10.00 0.15 13.89
C VAL A 45 9.85 -1.33 13.56
N PRO A 46 8.95 -2.06 14.23
CA PRO A 46 8.74 -3.47 13.94
C PRO A 46 8.05 -3.63 12.57
N ASP A 47 8.22 -4.80 11.98
CA ASP A 47 7.65 -5.17 10.68
C ASP A 47 6.30 -5.87 10.87
N LEU A 48 5.52 -6.04 9.80
CA LEU A 48 4.21 -6.68 9.88
C LEU A 48 4.16 -7.87 8.92
N ASP A 49 3.48 -8.92 9.37
CA ASP A 49 3.28 -10.20 8.68
C ASP A 49 2.43 -10.11 7.41
N LYS A 50 2.00 -8.91 7.03
CA LYS A 50 1.19 -8.65 5.86
C LYS A 50 1.69 -7.37 5.20
N ARG A 51 1.63 -7.34 3.87
CA ARG A 51 2.06 -6.19 3.06
C ARG A 51 0.99 -5.73 2.09
N LYS A 52 0.07 -6.59 1.66
CA LYS A 52 -1.00 -6.23 0.74
C LYS A 52 -2.07 -5.49 1.54
N TYR A 53 -2.46 -4.28 1.17
CA TYR A 53 -3.49 -3.50 1.86
C TYR A 53 -4.44 -2.87 0.84
N LEU A 54 -5.62 -2.43 1.27
CA LEU A 54 -6.63 -1.79 0.43
C LEU A 54 -7.33 -0.68 1.23
N VAL A 55 -7.47 0.51 0.63
CA VAL A 55 -8.08 1.69 1.25
C VAL A 55 -9.03 2.44 0.32
N PRO A 56 -9.99 3.22 0.84
CA PRO A 56 -10.89 4.02 0.03
C PRO A 56 -10.06 5.18 -0.53
N SER A 57 -10.31 5.59 -1.77
CA SER A 57 -9.54 6.67 -2.39
C SER A 57 -9.70 8.03 -1.69
N ASP A 58 -10.78 8.20 -0.93
CA ASP A 58 -11.10 9.43 -0.21
C ASP A 58 -10.28 9.59 1.07
N LEU A 59 -9.65 8.52 1.57
CA LEU A 59 -8.86 8.53 2.80
C LEU A 59 -7.65 9.48 2.71
N THR A 60 -7.46 10.32 3.73
CA THR A 60 -6.33 11.23 3.77
C THR A 60 -5.09 10.41 4.18
N VAL A 61 -3.91 10.70 3.64
CA VAL A 61 -2.70 9.97 3.97
C VAL A 61 -2.36 10.08 5.47
N GLY A 62 -2.66 11.22 6.11
CA GLY A 62 -2.38 11.44 7.52
C GLY A 62 -3.15 10.45 8.41
N GLN A 63 -4.44 10.23 8.12
CA GLN A 63 -5.30 9.31 8.88
C GLN A 63 -4.72 7.90 8.86
N PHE A 64 -4.33 7.43 7.66
CA PHE A 64 -3.75 6.10 7.50
C PHE A 64 -2.46 6.01 8.29
N TYR A 65 -1.61 7.04 8.16
CA TYR A 65 -0.32 7.08 8.85
C TYR A 65 -0.48 7.02 10.36
N PHE A 66 -1.38 7.81 10.94
CA PHE A 66 -1.62 7.82 12.37
C PHE A 66 -2.10 6.44 12.83
N LEU A 67 -2.93 5.76 12.03
CA LEU A 67 -3.44 4.44 12.40
C LEU A 67 -2.29 3.42 12.46
N ILE A 68 -1.46 3.34 11.42
CA ILE A 68 -0.35 2.39 11.43
C ILE A 68 0.68 2.80 12.50
N ARG A 69 0.88 4.10 12.76
CA ARG A 69 1.80 4.59 13.81
C ARG A 69 1.38 3.94 15.13
N LYS A 70 0.08 3.92 15.43
CA LYS A 70 -0.45 3.29 16.65
C LYS A 70 -0.24 1.79 16.59
N ARG A 71 -0.42 1.14 15.44
CA ARG A 71 -0.24 -0.31 15.29
C ARG A 71 1.20 -0.75 15.55
N ILE A 72 2.21 -0.01 15.06
CA ILE A 72 3.62 -0.37 15.27
C ILE A 72 4.13 0.16 16.62
N HIS A 73 3.29 0.96 17.31
CA HIS A 73 3.48 1.59 18.62
C HIS A 73 4.91 2.09 18.87
N LEU A 74 5.47 2.78 17.89
CA LEU A 74 6.81 3.36 17.93
C LEU A 74 6.96 4.34 19.10
N ARG A 75 8.19 4.58 19.58
CA ARG A 75 8.39 5.50 20.70
C ARG A 75 8.00 6.91 20.27
N PRO A 76 7.63 7.79 21.21
CA PRO A 76 7.24 9.15 20.86
C PRO A 76 8.42 9.98 20.35
N GLU A 77 9.62 9.70 20.83
CA GLU A 77 10.84 10.39 20.45
C GLU A 77 11.39 9.91 19.10
N ASP A 78 10.81 8.87 18.51
CA ASP A 78 11.24 8.32 17.24
C ASP A 78 10.44 8.98 16.11
N ALA A 79 11.08 9.22 14.97
CA ALA A 79 10.46 9.84 13.81
C ALA A 79 9.88 8.73 12.90
N LEU A 80 9.14 9.12 11.86
CA LEU A 80 8.54 8.21 10.88
C LEU A 80 8.16 9.08 9.68
N PHE A 81 8.62 8.74 8.47
CA PHE A 81 8.36 9.44 7.22
C PHE A 81 7.84 8.47 6.16
N PHE A 82 7.03 8.97 5.22
CA PHE A 82 6.41 8.20 4.16
C PHE A 82 6.70 8.80 2.79
N PHE A 83 6.96 7.92 1.81
CA PHE A 83 7.24 8.28 0.43
C PHE A 83 6.52 7.28 -0.48
N VAL A 84 6.20 7.72 -1.70
CA VAL A 84 5.52 6.96 -2.73
C VAL A 84 6.26 7.29 -4.02
N ASN A 85 6.77 6.27 -4.71
CA ASN A 85 7.53 6.34 -5.95
C ASN A 85 8.34 7.62 -6.07
N ASN A 86 9.34 7.74 -5.19
CA ASN A 86 10.29 8.86 -5.11
C ASN A 86 9.67 10.25 -4.83
N THR A 87 8.46 10.34 -4.26
CA THR A 87 7.80 11.59 -3.94
C THR A 87 7.32 11.56 -2.49
N ILE A 88 7.33 12.72 -1.83
CA ILE A 88 6.91 12.89 -0.44
C ILE A 88 5.60 13.71 -0.45
N PRO A 89 4.41 13.08 -0.41
CA PRO A 89 3.15 13.80 -0.42
C PRO A 89 2.85 14.46 0.94
N PRO A 90 2.08 15.56 0.95
CA PRO A 90 1.71 16.25 2.18
C PRO A 90 0.69 15.43 2.95
N THR A 91 0.56 15.69 4.26
CA THR A 91 -0.40 15.00 5.11
C THR A 91 -1.84 15.14 4.60
N SER A 92 -2.16 16.23 3.89
CA SER A 92 -3.47 16.50 3.33
C SER A 92 -3.77 15.69 2.06
N ALA A 93 -2.78 15.03 1.44
CA ALA A 93 -3.03 14.24 0.24
C ALA A 93 -4.03 13.12 0.55
N THR A 94 -4.68 12.59 -0.48
CA THR A 94 -5.65 11.50 -0.36
C THR A 94 -5.12 10.30 -1.14
N MET A 95 -5.55 9.10 -0.75
CA MET A 95 -5.14 7.86 -1.38
C MET A 95 -5.46 7.88 -2.88
N GLY A 96 -6.56 8.53 -3.26
CA GLY A 96 -7.03 8.67 -4.62
C GLY A 96 -6.13 9.62 -5.40
N GLN A 97 -5.75 10.77 -4.83
CA GLN A 97 -4.89 11.74 -5.50
C GLN A 97 -3.54 11.12 -5.88
N LEU A 98 -2.88 10.47 -4.92
CA LEU A 98 -1.60 9.85 -5.20
C LEU A 98 -1.80 8.67 -6.14
N TYR A 99 -2.86 7.87 -5.96
CA TYR A 99 -3.12 6.74 -6.84
C TYR A 99 -3.31 7.19 -8.28
N GLU A 100 -4.12 8.22 -8.50
CA GLU A 100 -4.44 8.77 -9.80
C GLU A 100 -3.22 9.41 -10.46
N ASP A 101 -2.30 10.04 -9.72
CA ASP A 101 -1.12 10.64 -10.34
C ASP A 101 -0.04 9.58 -10.62
N ASN A 102 0.05 8.55 -9.77
CA ASN A 102 1.01 7.45 -9.89
C ASN A 102 0.47 6.24 -10.67
N HIS A 103 -0.77 6.30 -11.17
CA HIS A 103 -1.44 5.21 -11.89
C HIS A 103 -0.61 4.57 -13.00
N GLU A 104 -0.67 3.24 -13.05
CA GLU A 104 0.00 2.39 -14.01
C GLU A 104 -1.04 1.47 -14.69
N GLU A 105 -0.62 0.64 -15.64
CA GLU A 105 -1.50 -0.27 -16.38
C GLU A 105 -1.93 -1.46 -15.50
N ASP A 106 -1.25 -1.67 -14.37
CA ASP A 106 -1.51 -2.74 -13.42
C ASP A 106 -2.43 -2.33 -12.28
N TYR A 107 -2.81 -1.05 -12.17
CA TYR A 107 -3.72 -0.52 -11.15
C TYR A 107 -3.30 -0.74 -9.69
N PHE A 108 -2.02 -0.96 -9.39
CA PHE A 108 -1.55 -1.17 -8.02
C PHE A 108 -0.63 -0.03 -7.61
N LEU A 109 -0.63 0.33 -6.30
CA LEU A 109 0.21 1.41 -5.80
C LEU A 109 1.23 0.89 -4.79
N TYR A 110 2.48 1.36 -4.90
CA TYR A 110 3.61 1.03 -4.05
C TYR A 110 3.94 2.21 -3.13
N VAL A 111 3.91 2.00 -1.81
CA VAL A 111 4.22 3.05 -0.84
C VAL A 111 5.20 2.46 0.19
N ALA A 112 6.13 3.28 0.69
CA ALA A 112 7.12 2.84 1.66
C ALA A 112 7.26 3.86 2.79
N TYR A 113 7.66 3.37 3.98
CA TYR A 113 7.87 4.21 5.15
C TYR A 113 9.21 3.87 5.82
N SER A 114 9.83 4.87 6.45
CA SER A 114 11.11 4.80 7.14
C SER A 114 11.04 5.60 8.43
N ASP A 115 11.96 5.37 9.38
CA ASP A 115 12.01 6.14 10.64
C ASP A 115 12.47 7.55 10.27
N GLU A 116 13.45 7.60 9.37
CA GLU A 116 14.05 8.82 8.89
C GLU A 116 14.27 8.67 7.39
N SER A 117 14.16 9.75 6.63
CA SER A 117 14.39 9.67 5.20
C SER A 117 15.90 9.59 4.97
N VAL A 118 16.41 8.38 4.76
CA VAL A 118 17.82 8.11 4.53
C VAL A 118 17.87 7.12 3.36
N TYR A 119 18.42 7.59 2.23
CA TYR A 119 18.57 6.79 1.04
C TYR A 119 19.87 6.02 1.15
N GLY B 1 0.12 -16.59 -19.67
CA GLY B 1 -0.69 -17.72 -19.22
C GLY B 1 -2.08 -17.24 -18.84
N ALA B 2 -3.09 -17.96 -19.30
CA ALA B 2 -4.50 -17.69 -19.05
C ALA B 2 -4.90 -18.04 -17.62
N MET B 3 -6.08 -17.58 -17.20
CA MET B 3 -6.64 -17.81 -15.87
C MET B 3 -7.73 -18.87 -15.93
N GLY B 4 -8.15 -19.35 -14.76
CA GLY B 4 -9.19 -20.35 -14.60
C GLY B 4 -10.41 -19.73 -13.91
N SER B 5 -10.20 -18.75 -13.02
CA SER B 5 -11.23 -18.06 -12.27
C SER B 5 -10.96 -16.55 -12.21
N ALA B 6 -11.97 -15.80 -11.78
CA ALA B 6 -11.99 -14.35 -11.61
C ALA B 6 -12.43 -13.97 -10.19
N SER B 7 -11.98 -14.69 -9.16
CA SER B 7 -12.34 -14.42 -7.77
C SER B 7 -11.99 -12.96 -7.40
N SER B 8 -12.62 -12.40 -6.37
CA SER B 8 -12.32 -11.04 -5.94
C SER B 8 -11.21 -11.17 -4.92
N GLU B 9 -10.02 -10.71 -5.32
CA GLU B 9 -8.79 -10.72 -4.55
C GLU B 9 -9.06 -10.10 -3.18
N ASP B 10 -8.48 -10.63 -2.11
CA ASP B 10 -8.67 -10.13 -0.74
C ASP B 10 -7.33 -9.69 -0.18
N TYR B 11 -7.30 -8.49 0.40
CA TYR B 11 -6.15 -7.85 1.02
C TYR B 11 -6.53 -7.32 2.39
N ILE B 12 -5.62 -6.61 3.06
CA ILE B 12 -5.87 -6.06 4.38
C ILE B 12 -6.59 -4.72 4.14
N ILE B 13 -7.93 -4.77 4.19
CA ILE B 13 -8.82 -3.62 3.99
C ILE B 13 -8.82 -2.84 5.31
N ILE B 14 -8.26 -1.62 5.37
CA ILE B 14 -8.22 -0.86 6.63
C ILE B 14 -8.53 0.62 6.38
N LEU B 15 -9.62 1.11 6.95
CA LEU B 15 -10.12 2.48 6.82
C LEU B 15 -10.58 3.02 8.18
N PRO B 16 -10.60 4.35 8.39
CA PRO B 16 -11.02 4.95 9.65
C PRO B 16 -12.51 4.77 9.92
N GLU B 17 -12.88 5.03 11.16
CA GLU B 17 -14.23 4.93 11.69
C GLU B 17 -14.78 6.30 12.14
N SER B 18 -13.97 7.36 12.04
CA SER B 18 -14.29 8.72 12.41
C SER B 18 -13.62 9.67 11.43
N GLY A 1 1.05 -17.15 1.82
CA GLY A 1 0.50 -16.12 0.94
C GLY A 1 1.39 -14.89 0.92
N SER A 2 1.37 -14.10 1.99
CA SER A 2 2.16 -12.88 2.11
C SER A 2 3.66 -13.19 1.97
N PRO A 3 4.45 -12.35 1.28
CA PRO A 3 5.87 -12.57 1.08
C PRO A 3 6.77 -12.03 2.21
N GLU A 4 6.28 -11.07 3.01
CA GLU A 4 6.99 -10.41 4.11
C GLU A 4 8.21 -9.67 3.56
N PHE A 5 9.32 -10.38 3.52
CA PHE A 5 10.62 -9.95 3.04
C PHE A 5 10.55 -9.68 1.53
N LYS A 6 11.65 -9.16 0.95
CA LYS A 6 11.80 -8.81 -0.47
C LYS A 6 10.99 -7.56 -0.81
N PHE A 7 11.09 -7.11 -2.05
CA PHE A 7 10.44 -5.92 -2.60
C PHE A 7 9.59 -6.30 -3.79
N GLN A 8 8.81 -5.34 -4.33
CA GLN A 8 7.90 -5.52 -5.47
C GLN A 8 8.62 -6.11 -6.67
N TYR A 9 9.92 -5.85 -6.82
CA TYR A 9 10.74 -6.37 -7.91
C TYR A 9 10.60 -7.92 -8.03
N LYS A 10 10.29 -8.64 -6.93
CA LYS A 10 10.11 -10.10 -6.96
C LYS A 10 8.84 -10.52 -7.69
N GLU A 11 7.80 -9.69 -7.66
CA GLU A 11 6.51 -9.92 -8.31
C GLU A 11 6.36 -9.09 -9.59
N ASP A 12 7.32 -8.21 -9.87
CA ASP A 12 7.37 -7.36 -11.06
C ASP A 12 7.54 -8.23 -12.31
N HIS A 13 8.42 -9.24 -12.25
CA HIS A 13 8.68 -10.14 -13.38
C HIS A 13 7.37 -10.79 -13.83
N PRO A 14 6.63 -11.54 -12.99
CA PRO A 14 5.36 -12.13 -13.38
C PRO A 14 4.25 -11.05 -13.38
N PHE A 15 4.43 -10.01 -14.20
CA PHE A 15 3.58 -8.84 -14.42
C PHE A 15 2.14 -9.27 -14.70
N GLU A 16 1.95 -10.42 -15.34
CA GLU A 16 0.64 -10.98 -15.68
C GLU A 16 -0.30 -11.01 -14.46
N TYR A 17 0.19 -11.43 -13.29
CA TYR A 17 -0.62 -11.49 -12.08
C TYR A 17 -0.96 -10.07 -11.63
N ARG A 18 0.00 -9.15 -11.67
CA ARG A 18 -0.24 -7.79 -11.23
C ARG A 18 -1.31 -7.14 -12.11
N LYS A 19 -1.28 -7.31 -13.43
CA LYS A 19 -2.32 -6.66 -14.24
C LYS A 19 -3.69 -7.29 -13.97
N LYS A 20 -3.75 -8.62 -13.92
CA LYS A 20 -5.00 -9.35 -13.68
C LYS A 20 -5.60 -8.95 -12.34
N GLU A 21 -4.83 -8.97 -11.25
CA GLU A 21 -5.34 -8.62 -9.94
C GLU A 21 -5.80 -7.16 -9.92
N GLY A 22 -4.99 -6.25 -10.47
CA GLY A 22 -5.32 -4.83 -10.50
C GLY A 22 -6.62 -4.56 -11.24
N GLU A 23 -6.77 -5.15 -12.42
CA GLU A 23 -7.96 -5.00 -13.23
C GLU A 23 -9.18 -5.55 -12.51
N LYS A 24 -9.00 -6.67 -11.80
CA LYS A 24 -10.08 -7.31 -11.08
C LYS A 24 -10.51 -6.43 -9.91
N ILE A 25 -9.57 -5.90 -9.13
CA ILE A 25 -9.92 -5.06 -7.99
C ILE A 25 -10.40 -3.69 -8.47
N ARG A 26 -9.94 -3.18 -9.62
CA ARG A 26 -10.38 -1.88 -10.14
C ARG A 26 -11.86 -1.95 -10.45
N LYS A 27 -12.30 -2.95 -11.21
CA LYS A 27 -13.72 -3.01 -11.53
C LYS A 27 -14.58 -3.51 -10.37
N LYS A 28 -14.04 -4.29 -9.42
CA LYS A 28 -14.85 -4.77 -8.30
C LYS A 28 -15.00 -3.69 -7.24
N TYR A 29 -13.92 -3.00 -6.87
CA TYR A 29 -13.91 -1.93 -5.88
C TYR A 29 -13.39 -0.65 -6.56
N PRO A 30 -14.18 0.00 -7.44
CA PRO A 30 -13.74 1.20 -8.15
C PRO A 30 -13.52 2.45 -7.27
N ASP A 31 -14.01 2.45 -6.03
CA ASP A 31 -13.91 3.55 -5.07
C ASP A 31 -12.78 3.32 -4.06
N ARG A 32 -12.00 2.25 -4.25
CA ARG A 32 -10.91 1.83 -3.39
C ARG A 32 -9.72 1.41 -4.24
N VAL A 33 -8.52 1.36 -3.68
CA VAL A 33 -7.31 1.01 -4.40
C VAL A 33 -6.44 0.04 -3.57
N PRO A 34 -5.96 -1.06 -4.17
CA PRO A 34 -5.10 -2.04 -3.51
C PRO A 34 -3.70 -1.41 -3.39
N VAL A 35 -3.05 -1.59 -2.24
CA VAL A 35 -1.74 -1.02 -1.99
C VAL A 35 -0.83 -2.03 -1.31
N ILE A 36 0.47 -2.03 -1.66
CA ILE A 36 1.45 -2.94 -1.06
C ILE A 36 2.34 -2.08 -0.17
N VAL A 37 2.57 -2.55 1.05
CA VAL A 37 3.37 -1.89 2.07
C VAL A 37 4.79 -2.48 2.04
N GLU A 38 5.78 -1.65 1.78
CA GLU A 38 7.19 -1.99 1.69
C GLU A 38 7.93 -1.28 2.83
N LYS A 39 9.06 -1.83 3.28
CA LYS A 39 9.85 -1.27 4.36
C LYS A 39 11.19 -0.76 3.84
N ALA A 40 11.63 0.37 4.35
CA ALA A 40 12.89 0.99 3.99
C ALA A 40 13.98 0.46 4.93
N PRO A 41 15.26 0.60 4.57
CA PRO A 41 16.37 0.14 5.38
C PRO A 41 16.52 0.98 6.65
N LYS A 42 17.32 0.51 7.61
CA LYS A 42 17.60 1.16 8.90
C LYS A 42 16.32 1.44 9.71
N ALA A 43 15.19 0.82 9.36
CA ALA A 43 13.93 1.01 10.07
C ALA A 43 14.05 0.63 11.54
N ARG A 44 13.17 1.17 12.36
CA ARG A 44 13.11 0.91 13.79
C ARG A 44 11.68 0.60 14.21
N VAL A 45 10.96 -0.17 13.39
CA VAL A 45 9.58 -0.58 13.65
C VAL A 45 9.47 -2.08 13.31
N PRO A 46 8.51 -2.83 13.88
CA PRO A 46 8.36 -4.25 13.59
C PRO A 46 7.69 -4.52 12.24
N ASP A 47 8.05 -5.65 11.64
CA ASP A 47 7.51 -6.09 10.35
C ASP A 47 6.30 -7.00 10.63
N LEU A 48 5.33 -7.13 9.71
CA LEU A 48 4.13 -7.95 9.87
C LEU A 48 3.99 -9.00 8.75
N ASP A 49 3.31 -10.11 9.06
CA ASP A 49 3.01 -11.26 8.19
C ASP A 49 1.95 -10.93 7.13
N LYS A 50 1.74 -9.65 6.85
CA LYS A 50 0.78 -9.13 5.90
C LYS A 50 1.42 -7.92 5.24
N ARG A 51 1.43 -7.91 3.91
CA ARG A 51 2.00 -6.84 3.09
C ARG A 51 1.01 -6.29 2.08
N LYS A 52 0.08 -7.12 1.58
CA LYS A 52 -0.95 -6.70 0.63
C LYS A 52 -2.09 -6.08 1.45
N TYR A 53 -2.44 -4.83 1.14
CA TYR A 53 -3.48 -4.07 1.83
C TYR A 53 -4.40 -3.37 0.82
N LEU A 54 -5.48 -2.77 1.31
CA LEU A 54 -6.46 -2.03 0.49
C LEU A 54 -6.95 -0.81 1.29
N VAL A 55 -7.10 0.35 0.62
CA VAL A 55 -7.53 1.62 1.20
C VAL A 55 -8.49 2.34 0.22
N PRO A 56 -9.39 3.23 0.68
CA PRO A 56 -10.29 3.95 -0.21
C PRO A 56 -9.54 5.08 -0.92
N SER A 57 -10.03 5.53 -2.08
CA SER A 57 -9.36 6.61 -2.82
C SER A 57 -9.61 8.01 -2.22
N ASP A 58 -10.43 8.13 -1.17
CA ASP A 58 -10.80 9.40 -0.54
C ASP A 58 -10.08 9.69 0.78
N LEU A 59 -9.41 8.71 1.38
CA LEU A 59 -8.72 8.88 2.67
C LEU A 59 -7.43 9.66 2.49
N THR A 60 -7.14 10.59 3.41
CA THR A 60 -5.90 11.34 3.34
C THR A 60 -4.79 10.40 3.83
N VAL A 61 -3.58 10.56 3.29
CA VAL A 61 -2.49 9.69 3.67
C VAL A 61 -2.18 9.77 5.18
N GLY A 62 -2.25 10.97 5.77
CA GLY A 62 -1.98 11.16 7.19
C GLY A 62 -2.87 10.28 8.07
N GLN A 63 -4.17 10.18 7.78
CA GLN A 63 -5.09 9.37 8.58
C GLN A 63 -4.64 7.91 8.60
N PHE A 64 -4.29 7.38 7.42
CA PHE A 64 -3.81 6.01 7.29
C PHE A 64 -2.53 5.84 8.11
N TYR A 65 -1.62 6.82 8.05
CA TYR A 65 -0.37 6.77 8.80
C TYR A 65 -0.67 6.68 10.30
N PHE A 66 -1.69 7.40 10.80
CA PHE A 66 -2.06 7.36 12.21
C PHE A 66 -2.57 5.96 12.59
N LEU A 67 -3.33 5.29 11.72
CA LEU A 67 -3.82 3.93 12.01
C LEU A 67 -2.62 3.00 12.18
N ILE A 68 -1.68 3.02 11.23
CA ILE A 68 -0.47 2.20 11.26
C ILE A 68 0.34 2.54 12.51
N ARG A 69 0.56 3.83 12.82
CA ARG A 69 1.32 4.27 14.00
C ARG A 69 0.77 3.59 15.25
N LYS A 70 -0.56 3.54 15.38
CA LYS A 70 -1.24 2.89 16.49
C LYS A 70 -1.04 1.38 16.45
N ARG A 71 -1.27 0.74 15.29
CA ARG A 71 -1.14 -0.71 15.13
C ARG A 71 0.27 -1.22 15.38
N ILE A 72 1.32 -0.50 14.99
CA ILE A 72 2.69 -0.95 15.21
C ILE A 72 3.18 -0.66 16.65
N HIS A 73 2.35 -0.03 17.49
CA HIS A 73 2.65 0.31 18.88
C HIS A 73 3.88 1.22 19.07
N LEU A 74 4.28 2.00 18.05
CA LEU A 74 5.44 2.90 18.18
C LEU A 74 5.26 3.96 19.28
N ARG A 75 6.37 4.47 19.81
CA ARG A 75 6.42 5.51 20.86
C ARG A 75 6.12 6.86 20.23
N PRO A 76 5.83 7.90 21.03
CA PRO A 76 5.55 9.21 20.48
C PRO A 76 6.82 9.83 19.89
N GLU A 77 7.99 9.42 20.40
CA GLU A 77 9.33 9.85 20.01
C GLU A 77 9.85 9.07 18.78
N ASP A 78 9.14 8.05 18.29
CA ASP A 78 9.58 7.34 17.08
C ASP A 78 9.38 8.36 15.94
N ALA A 79 10.08 8.27 14.82
CA ALA A 79 9.95 9.23 13.73
C ALA A 79 9.47 8.50 12.48
N LEU A 80 8.16 8.34 12.35
CA LEU A 80 7.63 7.60 11.21
C LEU A 80 7.34 8.54 10.05
N PHE A 81 7.85 8.15 8.89
CA PHE A 81 7.76 8.80 7.61
C PHE A 81 7.40 7.77 6.55
N PHE A 82 6.70 8.19 5.51
CA PHE A 82 6.28 7.36 4.38
C PHE A 82 6.78 8.02 3.10
N PHE A 83 7.03 7.20 2.09
CA PHE A 83 7.53 7.58 0.78
C PHE A 83 6.71 6.81 -0.26
N VAL A 84 6.54 7.37 -1.45
CA VAL A 84 5.82 6.74 -2.55
C VAL A 84 6.57 7.17 -3.81
N ASN A 85 6.90 6.23 -4.69
CA ASN A 85 7.61 6.45 -5.94
C ASN A 85 8.69 7.53 -5.83
N ASN A 86 9.66 7.31 -4.93
CA ASN A 86 10.81 8.18 -4.65
C ASN A 86 10.44 9.63 -4.29
N THR A 87 9.22 9.88 -3.81
CA THR A 87 8.72 11.21 -3.46
C THR A 87 8.17 11.19 -2.04
N ILE A 88 8.20 12.37 -1.40
CA ILE A 88 7.71 12.64 -0.05
C ILE A 88 6.57 13.65 -0.24
N PRO A 89 5.35 13.19 -0.59
CA PRO A 89 4.20 14.05 -0.82
C PRO A 89 3.65 14.68 0.48
N PRO A 90 2.71 15.65 0.39
CA PRO A 90 2.13 16.25 1.58
C PRO A 90 1.25 15.19 2.29
N THR A 91 1.32 15.15 3.62
CA THR A 91 0.54 14.21 4.41
C THR A 91 -0.97 14.47 4.29
N SER A 92 -1.36 15.63 3.78
CA SER A 92 -2.73 16.05 3.59
C SER A 92 -3.33 15.58 2.25
N ALA A 93 -2.55 15.00 1.32
CA ALA A 93 -3.10 14.55 0.05
C ALA A 93 -3.96 13.30 0.23
N THR A 94 -4.84 13.03 -0.72
CA THR A 94 -5.72 11.87 -0.69
C THR A 94 -5.06 10.70 -1.43
N MET A 95 -5.49 9.47 -1.10
CA MET A 95 -4.97 8.26 -1.72
C MET A 95 -5.26 8.30 -3.23
N GLY A 96 -6.36 8.89 -3.66
CA GLY A 96 -6.74 8.98 -5.06
C GLY A 96 -5.81 9.90 -5.85
N GLN A 97 -5.24 10.95 -5.25
CA GLN A 97 -4.35 11.85 -5.96
C GLN A 97 -3.02 11.16 -6.28
N LEU A 98 -2.37 10.56 -5.28
CA LEU A 98 -1.10 9.87 -5.52
C LEU A 98 -1.35 8.67 -6.44
N TYR A 99 -2.51 8.03 -6.32
CA TYR A 99 -2.87 6.89 -7.14
C TYR A 99 -2.97 7.32 -8.61
N GLU A 100 -3.70 8.39 -8.93
CA GLU A 100 -3.84 8.81 -10.32
C GLU A 100 -2.53 9.29 -10.93
N ASP A 101 -1.64 9.89 -10.14
CA ASP A 101 -0.37 10.41 -10.62
C ASP A 101 0.62 9.26 -10.83
N ASN A 102 0.67 8.29 -9.91
CA ASN A 102 1.58 7.13 -10.00
C ASN A 102 0.95 5.95 -10.75
N HIS A 103 -0.27 6.10 -11.25
CA HIS A 103 -1.07 5.12 -11.95
C HIS A 103 -0.31 4.24 -12.95
N GLU A 104 -0.08 3.00 -12.54
CA GLU A 104 0.59 2.01 -13.35
C GLU A 104 -0.50 1.28 -14.16
N GLU A 105 -0.12 0.36 -15.03
CA GLU A 105 -1.10 -0.36 -15.84
C GLU A 105 -1.76 -1.48 -15.02
N ASP A 106 -1.16 -1.82 -13.88
CA ASP A 106 -1.55 -2.89 -12.98
C ASP A 106 -2.42 -2.47 -11.80
N TYR A 107 -2.98 -1.25 -11.81
CA TYR A 107 -3.89 -0.69 -10.80
C TYR A 107 -3.52 -0.84 -9.30
N PHE A 108 -2.29 -1.22 -8.94
CA PHE A 108 -1.84 -1.39 -7.56
C PHE A 108 -0.84 -0.27 -7.29
N LEU A 109 -0.77 0.22 -6.04
CA LEU A 109 0.15 1.29 -5.66
C LEU A 109 1.08 0.77 -4.60
N TYR A 110 2.37 1.02 -4.73
CA TYR A 110 3.34 0.58 -3.74
C TYR A 110 3.72 1.78 -2.89
N VAL A 111 3.89 1.58 -1.58
CA VAL A 111 4.27 2.65 -0.67
C VAL A 111 5.33 2.11 0.29
N ALA A 112 6.33 2.90 0.66
CA ALA A 112 7.39 2.48 1.58
C ALA A 112 7.29 3.29 2.88
N TYR A 113 7.70 2.68 3.98
CA TYR A 113 7.70 3.29 5.31
C TYR A 113 9.12 3.31 5.85
N SER A 114 9.45 4.28 6.70
CA SER A 114 10.79 4.42 7.27
C SER A 114 10.73 5.14 8.62
N ASP A 115 11.78 5.00 9.45
CA ASP A 115 11.88 5.69 10.75
C ASP A 115 12.95 6.79 10.66
N GLU A 116 13.86 6.65 9.70
CA GLU A 116 14.91 7.61 9.44
C GLU A 116 15.07 7.70 7.92
N SER A 117 15.47 8.87 7.42
CA SER A 117 15.68 9.12 6.00
C SER A 117 17.00 8.41 5.63
N VAL A 118 16.90 7.21 5.03
CA VAL A 118 18.04 6.37 4.63
C VAL A 118 17.69 5.64 3.34
N TYR A 119 18.62 5.63 2.36
CA TYR A 119 18.49 4.94 1.09
C TYR A 119 19.27 3.64 1.17
N GLY B 1 -10.81 -22.24 -18.15
CA GLY B 1 -11.67 -21.83 -19.28
C GLY B 1 -11.68 -20.31 -19.38
N ALA B 2 -12.53 -19.75 -20.25
CA ALA B 2 -12.64 -18.30 -20.41
C ALA B 2 -13.02 -17.68 -19.06
N MET B 3 -12.52 -16.49 -18.77
CA MET B 3 -12.81 -15.80 -17.52
C MET B 3 -14.30 -15.49 -17.49
N GLY B 4 -15.02 -16.05 -16.52
CA GLY B 4 -16.45 -15.86 -16.34
C GLY B 4 -16.90 -15.75 -14.89
N SER B 5 -15.98 -15.87 -13.92
CA SER B 5 -16.32 -15.81 -12.50
C SER B 5 -16.61 -14.37 -12.06
N ALA B 6 -17.13 -14.21 -10.84
CA ALA B 6 -17.46 -12.89 -10.27
C ALA B 6 -16.61 -12.61 -9.02
N SER B 7 -15.90 -13.61 -8.49
CA SER B 7 -15.05 -13.45 -7.31
C SER B 7 -13.88 -12.50 -7.58
N SER B 8 -13.34 -11.91 -6.52
CA SER B 8 -12.20 -10.99 -6.52
C SER B 8 -11.26 -11.45 -5.40
N GLU B 9 -10.01 -11.00 -5.41
CA GLU B 9 -9.06 -11.36 -4.38
C GLU B 9 -9.35 -10.58 -3.09
N ASP B 10 -8.79 -11.00 -1.97
CA ASP B 10 -8.96 -10.39 -0.65
C ASP B 10 -7.60 -10.01 -0.07
N TYR B 11 -7.47 -8.77 0.39
CA TYR B 11 -6.27 -8.21 0.99
C TYR B 11 -6.64 -7.61 2.35
N ILE B 12 -5.68 -7.06 3.09
CA ILE B 12 -5.99 -6.51 4.42
C ILE B 12 -6.49 -5.08 4.24
N ILE B 13 -7.77 -4.87 4.52
CA ILE B 13 -8.40 -3.56 4.41
C ILE B 13 -7.95 -2.75 5.63
N ILE B 14 -7.71 -1.45 5.46
CA ILE B 14 -7.32 -0.56 6.53
C ILE B 14 -7.99 0.78 6.28
N LEU B 15 -8.91 1.17 7.16
CA LEU B 15 -9.67 2.42 7.11
C LEU B 15 -10.29 2.67 8.49
N PRO B 16 -10.60 3.92 8.86
CA PRO B 16 -11.19 4.24 10.16
C PRO B 16 -12.67 3.84 10.22
N GLU B 17 -13.20 3.86 11.44
CA GLU B 17 -14.59 3.55 11.77
C GLU B 17 -15.28 4.80 12.37
N SER B 18 -14.79 5.98 11.97
CA SER B 18 -15.23 7.33 12.32
C SER B 18 -15.50 8.01 10.98
N GLY A 1 -3.97 -16.98 -2.23
CA GLY A 1 -3.53 -17.96 -3.24
C GLY A 1 -2.05 -18.27 -3.11
N SER A 2 -1.18 -17.46 -3.73
CA SER A 2 0.27 -17.67 -3.72
C SER A 2 1.00 -16.37 -3.30
N PRO A 3 1.36 -16.21 -2.01
CA PRO A 3 2.05 -15.03 -1.49
C PRO A 3 3.50 -14.93 -1.95
N GLU A 4 4.14 -13.81 -1.60
CA GLU A 4 5.53 -13.50 -1.89
C GLU A 4 6.21 -12.91 -0.65
N PHE A 5 7.52 -12.65 -0.78
CA PHE A 5 8.45 -12.12 0.20
C PHE A 5 9.44 -11.20 -0.55
N LYS A 6 10.49 -10.69 0.11
CA LYS A 6 11.53 -9.79 -0.44
C LYS A 6 10.94 -8.40 -0.70
N PHE A 7 11.72 -7.45 -1.24
CA PHE A 7 11.19 -6.12 -1.56
C PHE A 7 10.15 -6.29 -2.67
N GLN A 8 9.45 -5.21 -3.00
CA GLN A 8 8.39 -5.19 -4.02
C GLN A 8 8.83 -5.72 -5.39
N TYR A 9 10.13 -5.68 -5.73
CA TYR A 9 10.65 -6.16 -7.00
C TYR A 9 10.23 -7.63 -7.26
N LYS A 10 10.10 -8.45 -6.21
CA LYS A 10 9.68 -9.85 -6.37
C LYS A 10 8.24 -9.91 -6.85
N GLU A 11 7.37 -8.98 -6.44
CA GLU A 11 5.98 -8.95 -6.87
C GLU A 11 5.85 -8.18 -8.19
N ASP A 12 6.85 -7.38 -8.56
CA ASP A 12 6.91 -6.59 -9.79
C ASP A 12 7.15 -7.55 -10.97
N HIS A 13 7.92 -8.62 -10.74
CA HIS A 13 8.24 -9.65 -11.74
C HIS A 13 6.98 -10.28 -12.38
N PRO A 14 6.07 -10.91 -11.61
CA PRO A 14 4.85 -11.54 -12.11
C PRO A 14 3.79 -10.50 -12.52
N PHE A 15 4.08 -9.73 -13.57
CA PHE A 15 3.20 -8.70 -14.12
C PHE A 15 1.80 -9.26 -14.36
N GLU A 16 1.68 -10.48 -14.89
CA GLU A 16 0.37 -11.08 -15.15
C GLU A 16 -0.46 -11.18 -13.87
N TYR A 17 0.14 -11.45 -12.72
CA TYR A 17 -0.57 -11.55 -11.46
C TYR A 17 -0.86 -10.15 -10.93
N ARG A 18 0.11 -9.24 -10.92
CA ARG A 18 -0.14 -7.89 -10.40
C ARG A 18 -1.24 -7.21 -11.23
N LYS A 19 -1.18 -7.33 -12.54
CA LYS A 19 -2.15 -6.73 -13.44
C LYS A 19 -3.49 -7.41 -13.26
N LYS A 20 -3.58 -8.75 -13.30
CA LYS A 20 -4.88 -9.41 -13.13
C LYS A 20 -5.52 -9.14 -11.78
N GLU A 21 -4.75 -9.09 -10.69
CA GLU A 21 -5.28 -8.81 -9.36
C GLU A 21 -5.81 -7.37 -9.34
N GLY A 22 -4.99 -6.42 -9.82
CA GLY A 22 -5.30 -5.01 -9.88
C GLY A 22 -6.52 -4.75 -10.73
N GLU A 23 -6.61 -5.36 -11.91
CA GLU A 23 -7.74 -5.20 -12.80
C GLU A 23 -9.02 -5.70 -12.12
N LYS A 24 -8.95 -6.82 -11.40
CA LYS A 24 -10.14 -7.33 -10.74
C LYS A 24 -10.54 -6.35 -9.64
N ILE A 25 -9.61 -5.89 -8.81
CA ILE A 25 -9.92 -4.95 -7.73
C ILE A 25 -10.36 -3.59 -8.28
N ARG A 26 -9.87 -3.17 -9.45
CA ARG A 26 -10.20 -1.90 -10.08
C ARG A 26 -11.63 -1.93 -10.58
N LYS A 27 -11.98 -2.97 -11.34
CA LYS A 27 -13.33 -3.10 -11.88
C LYS A 27 -14.33 -3.33 -10.74
N LYS A 28 -14.00 -4.18 -9.76
CA LYS A 28 -14.86 -4.50 -8.62
C LYS A 28 -15.07 -3.30 -7.70
N TYR A 29 -14.01 -2.58 -7.36
CA TYR A 29 -14.03 -1.44 -6.47
C TYR A 29 -13.38 -0.19 -7.09
N PRO A 30 -14.10 0.58 -7.92
CA PRO A 30 -13.59 1.79 -8.56
C PRO A 30 -13.39 2.96 -7.58
N ASP A 31 -13.63 2.75 -6.28
CA ASP A 31 -13.48 3.72 -5.19
C ASP A 31 -12.43 3.25 -4.16
N ARG A 32 -11.65 2.21 -4.49
CA ARG A 32 -10.59 1.66 -3.62
C ARG A 32 -9.28 1.50 -4.38
N VAL A 33 -8.18 1.41 -3.64
CA VAL A 33 -6.83 1.28 -4.15
C VAL A 33 -6.06 0.21 -3.36
N PRO A 34 -5.54 -0.85 -4.00
CA PRO A 34 -4.75 -1.89 -3.33
C PRO A 34 -3.32 -1.35 -3.14
N VAL A 35 -2.81 -1.44 -1.89
CA VAL A 35 -1.48 -0.93 -1.56
C VAL A 35 -0.57 -1.98 -0.93
N ILE A 36 0.65 -2.09 -1.45
CA ILE A 36 1.68 -3.02 -0.96
C ILE A 36 2.56 -2.18 -0.03
N VAL A 37 2.84 -2.67 1.18
CA VAL A 37 3.65 -1.97 2.17
C VAL A 37 4.97 -2.69 2.36
N GLU A 38 6.06 -1.93 2.30
CA GLU A 38 7.41 -2.43 2.47
C GLU A 38 8.18 -1.48 3.40
N LYS A 39 9.17 -2.03 4.09
CA LYS A 39 10.03 -1.34 5.03
C LYS A 39 11.25 -0.81 4.28
N ALA A 40 11.72 0.39 4.60
CA ALA A 40 12.90 0.95 3.94
C ALA A 40 14.13 0.52 4.74
N PRO A 41 15.32 0.54 4.13
CA PRO A 41 16.54 0.17 4.81
C PRO A 41 16.81 1.16 5.95
N LYS A 42 17.65 0.75 6.91
CA LYS A 42 18.04 1.52 8.11
C LYS A 42 16.90 1.65 9.12
N ALA A 43 15.65 1.30 8.80
CA ALA A 43 14.54 1.43 9.73
C ALA A 43 14.69 0.53 10.97
N ARG A 44 13.93 0.86 12.01
CA ARG A 44 13.83 0.17 13.29
C ARG A 44 12.34 0.18 13.59
N VAL A 45 11.58 -0.67 12.91
CA VAL A 45 10.14 -0.76 13.06
C VAL A 45 9.70 -2.22 13.19
N PRO A 46 8.62 -2.50 13.92
CA PRO A 46 8.13 -3.86 14.06
C PRO A 46 7.46 -4.28 12.76
N ASP A 47 7.41 -5.59 12.56
CA ASP A 47 6.80 -6.18 11.40
C ASP A 47 5.39 -6.68 11.74
N LEU A 48 4.49 -6.73 10.76
CA LEU A 48 3.10 -7.16 10.96
C LEU A 48 2.76 -8.40 10.14
N ASP A 49 1.76 -9.16 10.57
CA ASP A 49 1.25 -10.38 9.93
C ASP A 49 0.50 -10.09 8.62
N LYS A 50 0.47 -8.83 8.19
CA LYS A 50 -0.18 -8.35 6.98
C LYS A 50 0.70 -7.28 6.37
N ARG A 51 0.95 -7.40 5.07
CA ARG A 51 1.76 -6.48 4.27
C ARG A 51 0.99 -5.92 3.08
N LYS A 52 -0.16 -6.49 2.73
CA LYS A 52 -0.99 -6.05 1.61
C LYS A 52 -2.25 -5.47 2.23
N TYR A 53 -2.50 -4.22 1.89
CA TYR A 53 -3.59 -3.39 2.36
C TYR A 53 -4.43 -2.94 1.17
N LEU A 54 -5.65 -2.48 1.44
CA LEU A 54 -6.60 -1.98 0.46
C LEU A 54 -7.34 -0.84 1.16
N VAL A 55 -7.30 0.37 0.62
CA VAL A 55 -7.92 1.56 1.23
C VAL A 55 -8.79 2.34 0.25
N PRO A 56 -9.73 3.18 0.73
CA PRO A 56 -10.61 3.98 -0.11
C PRO A 56 -9.88 5.17 -0.75
N SER A 57 -10.35 5.68 -1.90
CA SER A 57 -9.71 6.81 -2.60
C SER A 57 -9.86 8.15 -1.84
N ASP A 58 -10.72 8.20 -0.83
CA ASP A 58 -11.01 9.37 0.01
C ASP A 58 -10.11 9.47 1.25
N LEU A 59 -9.39 8.41 1.62
CA LEU A 59 -8.52 8.42 2.79
C LEU A 59 -7.46 9.52 2.65
N THR A 60 -7.49 10.50 3.55
CA THR A 60 -6.52 11.59 3.52
C THR A 60 -5.14 11.02 3.93
N VAL A 61 -4.05 11.55 3.35
CA VAL A 61 -2.69 11.12 3.64
C VAL A 61 -2.39 11.26 5.14
N GLY A 62 -2.88 12.33 5.80
CA GLY A 62 -2.66 12.55 7.22
C GLY A 62 -3.18 11.37 8.08
N GLN A 63 -4.38 10.87 7.76
CA GLN A 63 -5.01 9.76 8.44
C GLN A 63 -4.19 8.50 8.19
N PHE A 64 -3.79 8.24 6.94
CA PHE A 64 -3.01 7.05 6.61
C PHE A 64 -1.71 7.03 7.44
N TYR A 65 -0.99 8.16 7.51
CA TYR A 65 0.23 8.24 8.28
C TYR A 65 -0.05 7.90 9.75
N PHE A 66 -1.11 8.47 10.34
CA PHE A 66 -1.45 8.21 11.73
C PHE A 66 -1.81 6.73 11.98
N LEU A 67 -2.57 6.13 11.08
CA LEU A 67 -3.02 4.74 11.15
C LEU A 67 -1.81 3.83 11.30
N ILE A 68 -0.83 3.95 10.39
CA ILE A 68 0.34 3.07 10.47
C ILE A 68 1.15 3.44 11.71
N ARG A 69 1.34 4.73 12.02
CA ARG A 69 2.09 5.20 13.19
C ARG A 69 1.58 4.46 14.42
N LYS A 70 0.26 4.45 14.64
CA LYS A 70 -0.33 3.74 15.77
C LYS A 70 -0.15 2.23 15.64
N ARG A 71 -0.35 1.63 14.46
CA ARG A 71 -0.20 0.18 14.29
C ARG A 71 1.22 -0.32 14.58
N ILE A 72 2.25 0.51 14.42
CA ILE A 72 3.64 0.13 14.70
C ILE A 72 4.05 0.49 16.14
N HIS A 73 3.10 1.03 16.94
CA HIS A 73 3.22 1.42 18.33
C HIS A 73 4.57 2.05 18.72
N LEU A 74 5.02 3.04 17.95
CA LEU A 74 6.27 3.70 18.28
C LEU A 74 6.01 4.75 19.36
N ARG A 75 7.05 5.06 20.11
CA ARG A 75 7.02 6.05 21.19
C ARG A 75 6.81 7.42 20.52
N PRO A 76 6.38 8.45 21.24
CA PRO A 76 6.17 9.76 20.63
C PRO A 76 7.44 10.47 20.19
N GLU A 77 8.62 10.13 20.71
CA GLU A 77 9.87 10.79 20.33
C GLU A 77 10.45 10.19 19.04
N ASP A 78 10.09 8.95 18.69
CA ASP A 78 10.60 8.27 17.50
C ASP A 78 10.00 8.87 16.24
N ALA A 79 10.84 9.09 15.23
CA ALA A 79 10.43 9.66 13.94
C ALA A 79 9.73 8.58 13.10
N LEU A 80 9.08 9.01 12.01
CA LEU A 80 8.41 8.13 11.08
C LEU A 80 8.17 8.91 9.80
N PHE A 81 8.66 8.41 8.68
CA PHE A 81 8.52 8.99 7.36
C PHE A 81 7.96 7.92 6.44
N PHE A 82 7.22 8.38 5.43
CA PHE A 82 6.57 7.55 4.43
C PHE A 82 6.89 8.09 3.04
N PHE A 83 6.92 7.18 2.07
CA PHE A 83 7.19 7.51 0.68
C PHE A 83 6.26 6.70 -0.20
N VAL A 84 5.96 7.21 -1.38
CA VAL A 84 5.14 6.62 -2.41
C VAL A 84 5.82 7.03 -3.70
N ASN A 85 5.96 6.11 -4.66
CA ASN A 85 6.60 6.30 -5.97
C ASN A 85 7.70 7.37 -5.98
N ASN A 86 8.78 7.11 -5.24
CA ASN A 86 9.96 7.96 -5.13
C ASN A 86 9.66 9.44 -4.80
N THR A 87 8.55 9.74 -4.12
CA THR A 87 8.10 11.09 -3.79
C THR A 87 7.55 11.21 -2.35
N ILE A 88 7.60 12.44 -1.79
CA ILE A 88 7.13 12.78 -0.45
C ILE A 88 5.89 13.71 -0.61
N PRO A 89 4.66 13.18 -0.72
CA PRO A 89 3.46 13.99 -0.85
C PRO A 89 3.05 14.64 0.47
N PRO A 90 2.20 15.67 0.44
CA PRO A 90 1.74 16.35 1.64
C PRO A 90 0.62 15.57 2.31
N THR A 91 0.51 15.72 3.63
CA THR A 91 -0.52 15.08 4.43
C THR A 91 -1.92 15.59 4.05
N SER A 92 -2.01 16.71 3.32
CA SER A 92 -3.24 17.32 2.87
C SER A 92 -3.87 16.60 1.67
N ALA A 93 -3.08 15.82 0.91
CA ALA A 93 -3.59 15.10 -0.25
C ALA A 93 -4.41 13.88 0.20
N THR A 94 -4.93 13.10 -0.76
CA THR A 94 -5.72 11.90 -0.50
C THR A 94 -5.13 10.73 -1.28
N MET A 95 -5.45 9.51 -0.86
CA MET A 95 -4.96 8.30 -1.52
C MET A 95 -5.37 8.27 -2.99
N GLY A 96 -6.54 8.80 -3.35
CA GLY A 96 -6.98 8.81 -4.74
C GLY A 96 -6.09 9.72 -5.59
N GLN A 97 -5.62 10.85 -5.05
CA GLN A 97 -4.75 11.78 -5.79
C GLN A 97 -3.44 11.08 -6.13
N LEU A 98 -2.77 10.48 -5.15
CA LEU A 98 -1.51 9.78 -5.42
C LEU A 98 -1.79 8.62 -6.37
N TYR A 99 -2.94 7.96 -6.28
CA TYR A 99 -3.30 6.87 -7.18
C TYR A 99 -3.46 7.37 -8.62
N GLU A 100 -4.00 8.58 -8.79
CA GLU A 100 -4.25 9.25 -10.07
C GLU A 100 -2.93 9.65 -10.73
N ASP A 101 -1.99 10.19 -9.94
CA ASP A 101 -0.68 10.66 -10.36
C ASP A 101 0.37 9.54 -10.55
N ASN A 102 0.24 8.44 -9.81
CA ASN A 102 1.11 7.26 -9.84
C ASN A 102 0.52 6.13 -10.67
N HIS A 103 -0.64 6.36 -11.28
CA HIS A 103 -1.37 5.43 -12.11
C HIS A 103 -0.46 4.58 -13.01
N GLU A 104 -0.63 3.27 -12.89
CA GLU A 104 0.09 2.26 -13.65
C GLU A 104 -0.97 1.39 -14.33
N GLU A 105 -0.59 0.60 -15.31
CA GLU A 105 -1.54 -0.27 -16.02
C GLU A 105 -1.93 -1.46 -15.16
N ASP A 106 -1.17 -1.68 -14.09
CA ASP A 106 -1.33 -2.73 -13.09
C ASP A 106 -2.36 -2.30 -12.04
N TYR A 107 -2.70 -1.01 -11.97
CA TYR A 107 -3.67 -0.41 -11.04
C TYR A 107 -3.38 -0.60 -9.54
N PHE A 108 -2.11 -0.86 -9.17
CA PHE A 108 -1.60 -1.06 -7.81
C PHE A 108 -0.75 0.14 -7.38
N LEU A 109 -0.62 0.37 -6.06
CA LEU A 109 0.18 1.47 -5.51
C LEU A 109 1.14 0.88 -4.46
N TYR A 110 2.43 1.23 -4.50
CA TYR A 110 3.42 0.73 -3.54
C TYR A 110 3.83 1.84 -2.56
N VAL A 111 4.04 1.53 -1.28
CA VAL A 111 4.44 2.53 -0.27
C VAL A 111 5.56 1.98 0.62
N ALA A 112 6.46 2.85 1.05
CA ALA A 112 7.59 2.51 1.91
C ALA A 112 7.48 3.28 3.23
N TYR A 113 7.85 2.67 4.36
CA TYR A 113 7.81 3.33 5.68
C TYR A 113 9.13 3.12 6.42
N SER A 114 9.54 4.09 7.25
CA SER A 114 10.80 4.00 7.99
C SER A 114 10.86 4.89 9.24
N ASP A 115 11.50 4.38 10.29
CA ASP A 115 11.72 5.05 11.59
C ASP A 115 12.84 6.10 11.41
N GLU A 116 13.59 6.05 10.30
CA GLU A 116 14.69 6.97 9.95
C GLU A 116 14.46 7.47 8.52
N SER A 117 14.78 8.73 8.25
CA SER A 117 14.60 9.35 6.94
C SER A 117 15.52 8.72 5.89
N VAL A 118 14.98 7.79 5.10
CA VAL A 118 15.66 7.07 4.03
C VAL A 118 14.65 6.88 2.91
N TYR A 119 15.06 7.19 1.69
CA TYR A 119 14.25 7.10 0.48
C TYR A 119 13.99 5.65 0.06
N GLY B 1 -4.02 -15.34 -19.18
CA GLY B 1 -5.15 -16.26 -19.35
C GLY B 1 -6.47 -15.58 -19.05
N ALA B 2 -7.56 -16.35 -19.13
CA ALA B 2 -8.92 -15.93 -18.86
C ALA B 2 -9.15 -15.89 -17.34
N MET B 3 -10.40 -15.73 -16.90
CA MET B 3 -10.75 -15.70 -15.48
C MET B 3 -11.00 -17.15 -15.05
N GLY B 4 -10.60 -17.52 -13.83
CA GLY B 4 -10.77 -18.87 -13.29
C GLY B 4 -11.57 -18.94 -11.99
N SER B 5 -11.82 -17.81 -11.34
CA SER B 5 -12.59 -17.70 -10.10
C SER B 5 -13.58 -16.55 -10.25
N ALA B 6 -14.65 -16.55 -9.46
CA ALA B 6 -15.66 -15.50 -9.49
C ALA B 6 -15.24 -14.38 -8.54
N SER B 7 -14.78 -14.77 -7.35
CA SER B 7 -14.31 -13.90 -6.28
C SER B 7 -13.11 -13.07 -6.72
N SER B 8 -12.75 -12.07 -5.92
CA SER B 8 -11.62 -11.19 -6.15
C SER B 8 -10.53 -11.62 -5.14
N GLU B 9 -9.29 -11.16 -5.31
CA GLU B 9 -8.24 -11.52 -4.35
C GLU B 9 -8.57 -10.87 -3.00
N ASP B 10 -8.10 -11.45 -1.90
CA ASP B 10 -8.33 -10.98 -0.54
C ASP B 10 -7.07 -10.40 0.10
N TYR B 11 -7.16 -9.15 0.54
CA TYR B 11 -6.13 -8.36 1.21
C TYR B 11 -6.79 -7.69 2.41
N ILE B 12 -6.05 -6.92 3.22
CA ILE B 12 -6.66 -6.31 4.40
C ILE B 12 -7.35 -5.04 3.93
N ILE B 13 -8.67 -4.93 4.12
CA ILE B 13 -9.46 -3.76 3.73
C ILE B 13 -9.50 -2.86 4.97
N ILE B 14 -9.19 -1.57 4.83
CA ILE B 14 -9.17 -0.61 5.92
C ILE B 14 -10.00 0.60 5.51
N LEU B 15 -11.08 0.87 6.25
CA LEU B 15 -12.01 1.97 6.02
C LEU B 15 -12.44 2.53 7.39
N PRO B 16 -12.86 3.80 7.48
CA PRO B 16 -13.29 4.41 8.73
C PRO B 16 -14.57 3.75 9.27
N GLU B 17 -14.94 4.11 10.50
CA GLU B 17 -16.12 3.59 11.19
C GLU B 17 -17.15 4.69 11.45
N SER B 18 -17.01 5.83 10.78
CA SER B 18 -17.86 7.00 10.87
C SER B 18 -17.66 7.73 9.55
N GLY A 1 12.83 -16.52 8.10
CA GLY A 1 12.50 -15.11 7.87
C GLY A 1 11.01 -14.91 7.65
N SER A 2 10.50 -15.26 6.48
CA SER A 2 9.10 -15.17 6.10
C SER A 2 8.75 -16.38 5.25
N PRO A 3 7.47 -16.82 5.25
CA PRO A 3 7.04 -17.97 4.48
C PRO A 3 6.85 -17.55 3.01
N GLU A 4 7.96 -17.45 2.30
CA GLU A 4 8.08 -17.07 0.90
C GLU A 4 7.66 -15.60 0.70
N PHE A 5 7.52 -15.18 -0.56
CA PHE A 5 7.16 -13.83 -1.02
C PHE A 5 8.32 -12.86 -0.80
N LYS A 6 8.65 -12.56 0.46
CA LYS A 6 9.71 -11.67 0.93
C LYS A 6 9.43 -10.22 0.56
N PHE A 7 9.58 -9.86 -0.70
CA PHE A 7 9.36 -8.55 -1.27
C PHE A 7 8.44 -8.70 -2.47
N GLN A 8 7.67 -7.66 -2.77
CA GLN A 8 6.70 -7.60 -3.87
C GLN A 8 7.30 -7.91 -5.26
N TYR A 9 8.58 -7.61 -5.49
CA TYR A 9 9.23 -7.84 -6.78
C TYR A 9 9.02 -9.26 -7.31
N LYS A 10 8.98 -10.28 -6.44
CA LYS A 10 8.78 -11.67 -6.87
C LYS A 10 7.46 -11.86 -7.61
N GLU A 11 6.43 -11.07 -7.27
CA GLU A 11 5.10 -11.09 -7.87
C GLU A 11 4.88 -9.90 -8.83
N ASP A 12 5.79 -8.91 -8.82
CA ASP A 12 5.81 -7.69 -9.65
C ASP A 12 6.35 -7.94 -11.06
N HIS A 13 7.23 -8.95 -11.18
CA HIS A 13 7.85 -9.35 -12.44
C HIS A 13 6.78 -9.64 -13.50
N PRO A 14 5.83 -10.58 -13.29
CA PRO A 14 4.80 -10.86 -14.29
C PRO A 14 3.76 -9.72 -14.31
N PHE A 15 4.08 -8.64 -15.02
CA PHE A 15 3.20 -7.48 -15.15
C PHE A 15 1.86 -7.90 -15.74
N GLU A 16 1.83 -8.92 -16.60
CA GLU A 16 0.60 -9.42 -17.19
C GLU A 16 -0.42 -9.81 -16.10
N TYR A 17 0.06 -10.50 -15.05
CA TYR A 17 -0.73 -10.93 -13.92
C TYR A 17 -1.07 -9.73 -13.05
N ARG A 18 -0.10 -8.84 -12.79
CA ARG A 18 -0.35 -7.67 -11.95
C ARG A 18 -1.46 -6.82 -12.56
N LYS A 19 -1.45 -6.61 -13.88
CA LYS A 19 -2.44 -5.83 -14.57
C LYS A 19 -3.79 -6.53 -14.51
N LYS A 20 -3.84 -7.84 -14.79
CA LYS A 20 -5.10 -8.58 -14.76
C LYS A 20 -5.75 -8.54 -13.37
N GLU A 21 -5.02 -8.90 -12.32
CA GLU A 21 -5.58 -8.90 -10.97
C GLU A 21 -5.87 -7.48 -10.49
N GLY A 22 -5.06 -6.49 -10.88
CA GLY A 22 -5.24 -5.10 -10.51
C GLY A 22 -6.55 -4.60 -11.11
N GLU A 23 -6.78 -4.90 -12.40
CA GLU A 23 -7.99 -4.55 -13.13
C GLU A 23 -9.18 -5.17 -12.37
N LYS A 24 -9.01 -6.39 -11.86
CA LYS A 24 -10.05 -7.09 -11.16
C LYS A 24 -10.44 -6.44 -9.82
N ILE A 25 -9.46 -6.08 -8.98
CA ILE A 25 -9.80 -5.48 -7.68
C ILE A 25 -10.23 -4.02 -7.83
N ARG A 26 -9.70 -3.30 -8.82
CA ARG A 26 -10.04 -1.91 -9.02
C ARG A 26 -11.48 -1.83 -9.49
N LYS A 27 -11.87 -2.68 -10.44
CA LYS A 27 -13.24 -2.68 -10.92
C LYS A 27 -14.18 -3.11 -9.82
N LYS A 28 -13.80 -4.09 -8.96
CA LYS A 28 -14.70 -4.50 -7.89
C LYS A 28 -14.85 -3.43 -6.80
N TYR A 29 -13.83 -2.63 -6.53
CA TYR A 29 -13.87 -1.58 -5.52
C TYR A 29 -13.42 -0.27 -6.18
N PRO A 30 -14.30 0.42 -6.94
CA PRO A 30 -13.95 1.66 -7.64
C PRO A 30 -13.71 2.88 -6.74
N ASP A 31 -13.93 2.77 -5.42
CA ASP A 31 -13.77 3.85 -4.44
C ASP A 31 -12.64 3.56 -3.43
N ARG A 32 -11.89 2.48 -3.67
CA ARG A 32 -10.76 2.04 -2.87
C ARG A 32 -9.66 1.64 -3.85
N VAL A 33 -8.42 1.57 -3.41
CA VAL A 33 -7.29 1.19 -4.26
C VAL A 33 -6.34 0.32 -3.44
N PRO A 34 -5.65 -0.64 -4.09
CA PRO A 34 -4.72 -1.53 -3.43
C PRO A 34 -3.37 -0.84 -3.18
N VAL A 35 -2.91 -0.88 -1.92
CA VAL A 35 -1.66 -0.29 -1.46
C VAL A 35 -0.75 -1.40 -0.95
N ILE A 36 0.50 -1.42 -1.40
CA ILE A 36 1.53 -2.39 -1.02
C ILE A 36 2.45 -1.66 -0.05
N VAL A 37 2.47 -2.08 1.22
CA VAL A 37 3.29 -1.46 2.26
C VAL A 37 4.54 -2.30 2.53
N GLU A 38 5.73 -1.69 2.47
CA GLU A 38 7.04 -2.30 2.70
C GLU A 38 7.87 -1.40 3.62
N LYS A 39 8.77 -2.00 4.39
CA LYS A 39 9.66 -1.30 5.31
C LYS A 39 10.94 -0.97 4.56
N ALA A 40 11.49 0.20 4.79
CA ALA A 40 12.70 0.62 4.10
C ALA A 40 13.90 0.15 4.93
N PRO A 41 14.98 -0.26 4.26
CA PRO A 41 16.20 -0.73 4.91
C PRO A 41 16.84 0.39 5.72
N LYS A 42 17.37 0.03 6.89
CA LYS A 42 18.06 0.81 7.93
C LYS A 42 17.11 1.28 9.03
N ALA A 43 15.80 1.24 8.81
CA ALA A 43 14.80 1.67 9.78
C ALA A 43 14.64 0.70 10.96
N ARG A 44 14.24 1.22 12.11
CA ARG A 44 13.99 0.54 13.37
C ARG A 44 12.47 0.40 13.45
N VAL A 45 11.90 -0.58 12.79
CA VAL A 45 10.44 -0.81 12.79
C VAL A 45 10.13 -2.29 13.00
N PRO A 46 8.96 -2.66 13.55
CA PRO A 46 8.63 -4.07 13.76
C PRO A 46 8.25 -4.74 12.44
N ASP A 47 8.37 -6.07 12.36
CA ASP A 47 8.04 -6.81 11.14
C ASP A 47 6.56 -7.16 11.10
N LEU A 48 5.94 -7.00 9.93
CA LEU A 48 4.53 -7.30 9.67
C LEU A 48 4.48 -8.04 8.34
N ASP A 49 3.81 -9.18 8.32
CA ASP A 49 3.69 -10.07 7.15
C ASP A 49 2.78 -9.55 6.05
N LYS A 50 1.73 -8.81 6.41
CA LYS A 50 0.76 -8.26 5.46
C LYS A 50 1.41 -7.31 4.47
N ARG A 51 1.33 -7.63 3.16
CA ARG A 51 1.88 -6.82 2.09
C ARG A 51 0.81 -6.03 1.36
N LYS A 52 -0.30 -6.65 0.92
CA LYS A 52 -1.35 -5.94 0.19
C LYS A 52 -2.45 -5.47 1.14
N TYR A 53 -2.85 -4.22 0.97
CA TYR A 53 -3.87 -3.54 1.74
C TYR A 53 -4.83 -2.88 0.74
N LEU A 54 -6.01 -2.47 1.20
CA LEU A 54 -7.03 -1.81 0.39
C LEU A 54 -7.52 -0.64 1.23
N VAL A 55 -7.43 0.58 0.71
CA VAL A 55 -7.87 1.78 1.44
C VAL A 55 -8.70 2.70 0.53
N PRO A 56 -9.68 3.44 1.07
CA PRO A 56 -10.53 4.34 0.31
C PRO A 56 -9.72 5.51 -0.23
N SER A 57 -10.09 5.99 -1.43
CA SER A 57 -9.42 7.10 -2.09
C SER A 57 -9.63 8.44 -1.37
N ASP A 58 -10.83 8.64 -0.85
CA ASP A 58 -11.26 9.85 -0.14
C ASP A 58 -10.62 10.03 1.23
N LEU A 59 -9.80 9.09 1.68
CA LEU A 59 -9.13 9.15 2.98
C LEU A 59 -8.03 10.20 2.93
N THR A 60 -7.88 11.00 3.98
CA THR A 60 -6.84 12.02 4.03
C THR A 60 -5.50 11.36 4.40
N VAL A 61 -4.39 11.87 3.88
CA VAL A 61 -3.04 11.35 4.14
C VAL A 61 -2.75 11.42 5.65
N GLY A 62 -3.20 12.47 6.36
CA GLY A 62 -3.00 12.62 7.80
C GLY A 62 -3.62 11.44 8.56
N GLN A 63 -4.84 11.07 8.20
CA GLN A 63 -5.55 9.94 8.82
C GLN A 63 -4.84 8.64 8.49
N PHE A 64 -4.47 8.42 7.23
CA PHE A 64 -3.80 7.20 6.81
C PHE A 64 -2.48 6.99 7.56
N TYR A 65 -1.64 8.02 7.66
CA TYR A 65 -0.35 7.90 8.36
C TYR A 65 -0.60 7.60 9.83
N PHE A 66 -1.55 8.28 10.48
CA PHE A 66 -1.87 8.06 11.88
C PHE A 66 -2.32 6.62 12.13
N LEU A 67 -3.10 6.04 11.20
CA LEU A 67 -3.58 4.67 11.31
C LEU A 67 -2.38 3.72 11.27
N ILE A 68 -1.48 3.87 10.29
CA ILE A 68 -0.30 3.02 10.17
C ILE A 68 0.58 3.17 11.43
N ARG A 69 0.89 4.41 11.84
CA ARG A 69 1.72 4.72 13.02
C ARG A 69 1.23 3.93 14.24
N LYS A 70 -0.07 4.00 14.48
CA LYS A 70 -0.72 3.32 15.58
C LYS A 70 -0.62 1.81 15.44
N ARG A 71 -0.86 1.26 14.24
CA ARG A 71 -0.80 -0.18 13.98
C ARG A 71 0.61 -0.71 14.23
N ILE A 72 1.66 0.03 13.86
CA ILE A 72 3.05 -0.38 14.07
C ILE A 72 3.54 0.01 15.49
N HIS A 73 2.67 0.59 16.32
CA HIS A 73 2.89 1.02 17.70
C HIS A 73 4.10 1.92 17.95
N LEU A 74 4.38 2.93 17.11
CA LEU A 74 5.54 3.79 17.38
C LEU A 74 5.38 4.57 18.70
N ARG A 75 6.51 4.96 19.27
CA ARG A 75 6.62 5.75 20.51
C ARG A 75 6.43 7.22 20.13
N PRO A 76 6.18 8.14 21.07
CA PRO A 76 5.97 9.54 20.73
C PRO A 76 7.25 10.24 20.26
N GLU A 77 8.41 9.79 20.69
CA GLU A 77 9.69 10.38 20.28
C GLU A 77 10.17 9.82 18.94
N ASP A 78 9.61 8.69 18.48
CA ASP A 78 10.02 8.05 17.22
C ASP A 78 9.65 8.95 16.05
N ALA A 79 10.34 8.79 14.92
CA ALA A 79 10.11 9.57 13.72
C ALA A 79 9.49 8.66 12.67
N LEU A 80 8.29 9.00 12.21
CA LEU A 80 7.57 8.26 11.20
C LEU A 80 7.89 8.92 9.86
N PHE A 81 8.42 8.21 8.88
CA PHE A 81 8.76 8.71 7.54
C PHE A 81 8.17 7.77 6.51
N PHE A 82 7.68 8.32 5.39
CA PHE A 82 7.08 7.57 4.30
C PHE A 82 7.48 8.11 2.93
N PHE A 83 7.54 7.24 1.93
CA PHE A 83 7.85 7.55 0.53
C PHE A 83 6.88 6.76 -0.35
N VAL A 84 6.49 7.29 -1.52
CA VAL A 84 5.58 6.64 -2.46
C VAL A 84 6.07 7.00 -3.86
N ASN A 85 6.29 5.99 -4.70
CA ASN A 85 6.76 6.13 -6.08
C ASN A 85 8.03 7.00 -6.25
N ASN A 86 8.80 7.23 -5.17
CA ASN A 86 10.04 8.02 -5.05
C ASN A 86 9.75 9.50 -4.75
N THR A 87 8.56 9.82 -4.25
CA THR A 87 8.11 11.17 -3.92
C THR A 87 7.49 11.22 -2.52
N ILE A 88 7.52 12.40 -1.91
CA ILE A 88 7.00 12.73 -0.59
C ILE A 88 5.76 13.61 -0.83
N PRO A 89 4.54 13.05 -0.85
CA PRO A 89 3.32 13.82 -1.08
C PRO A 89 2.94 14.64 0.16
N PRO A 90 2.14 15.70 0.01
CA PRO A 90 1.73 16.53 1.12
C PRO A 90 0.75 15.78 2.03
N THR A 91 1.08 15.74 3.32
CA THR A 91 0.32 15.08 4.38
C THR A 91 -1.13 15.58 4.55
N SER A 92 -1.46 16.72 3.95
CA SER A 92 -2.75 17.36 3.97
C SER A 92 -3.70 16.84 2.87
N ALA A 93 -3.18 16.25 1.78
CA ALA A 93 -3.95 15.74 0.63
C ALA A 93 -4.72 14.45 0.96
N THR A 94 -5.26 13.78 -0.07
CA THR A 94 -6.02 12.53 0.04
C THR A 94 -5.29 11.39 -0.68
N MET A 95 -5.68 10.16 -0.33
CA MET A 95 -5.15 8.92 -0.86
C MET A 95 -5.46 8.78 -2.35
N GLY A 96 -6.54 9.40 -2.81
CA GLY A 96 -7.03 9.40 -4.16
C GLY A 96 -6.11 10.24 -5.04
N GLN A 97 -5.69 11.41 -4.58
CA GLN A 97 -4.82 12.28 -5.37
C GLN A 97 -3.48 11.60 -5.60
N LEU A 98 -2.85 11.06 -4.55
CA LEU A 98 -1.56 10.41 -4.74
C LEU A 98 -1.70 9.17 -5.62
N TYR A 99 -2.78 8.38 -5.47
CA TYR A 99 -2.98 7.21 -6.32
C TYR A 99 -3.15 7.67 -7.77
N GLU A 100 -3.90 8.74 -8.00
CA GLU A 100 -4.17 9.30 -9.32
C GLU A 100 -2.89 9.80 -9.97
N ASP A 101 -2.03 10.48 -9.21
CA ASP A 101 -0.76 11.04 -9.66
C ASP A 101 0.27 9.96 -9.97
N ASN A 102 0.36 8.94 -9.11
CA ASN A 102 1.29 7.81 -9.22
C ASN A 102 0.71 6.61 -9.97
N HIS A 103 -0.52 6.70 -10.48
CA HIS A 103 -1.21 5.62 -11.18
C HIS A 103 -0.31 4.85 -12.15
N GLU A 104 -0.30 3.53 -11.99
CA GLU A 104 0.46 2.60 -12.78
C GLU A 104 -0.53 1.80 -13.62
N GLU A 105 -0.05 1.14 -14.66
CA GLU A 105 -0.91 0.35 -15.53
C GLU A 105 -1.31 -0.98 -14.89
N ASP A 106 -0.78 -1.27 -13.70
CA ASP A 106 -1.04 -2.46 -12.92
C ASP A 106 -2.08 -2.19 -11.82
N TYR A 107 -2.55 -0.92 -11.69
CA TYR A 107 -3.53 -0.45 -10.71
C TYR A 107 -3.06 -0.53 -9.25
N PHE A 108 -1.77 -0.78 -8.98
CA PHE A 108 -1.22 -0.87 -7.64
C PHE A 108 -0.52 0.42 -7.24
N LEU A 109 -0.47 0.66 -5.93
CA LEU A 109 0.18 1.82 -5.31
C LEU A 109 1.23 1.25 -4.37
N TYR A 110 2.48 1.72 -4.44
CA TYR A 110 3.59 1.26 -3.62
C TYR A 110 3.92 2.30 -2.55
N VAL A 111 4.06 1.88 -1.28
CA VAL A 111 4.39 2.80 -0.20
C VAL A 111 5.45 2.17 0.70
N ALA A 112 6.49 2.95 1.03
CA ALA A 112 7.58 2.54 1.88
C ALA A 112 7.53 3.35 3.17
N TYR A 113 7.92 2.77 4.30
CA TYR A 113 7.94 3.42 5.61
C TYR A 113 9.31 3.24 6.27
N SER A 114 9.77 4.24 7.03
CA SER A 114 11.06 4.23 7.70
C SER A 114 11.01 5.00 9.01
N ASP A 115 11.99 4.73 9.87
CA ASP A 115 12.18 5.36 11.18
C ASP A 115 13.18 6.53 11.07
N GLU A 116 13.94 6.58 9.98
CA GLU A 116 14.95 7.59 9.71
C GLU A 116 14.91 7.96 8.23
N SER A 117 15.02 9.25 7.88
CA SER A 117 15.03 9.64 6.48
C SER A 117 16.42 9.26 5.95
N VAL A 118 16.57 8.11 5.29
CA VAL A 118 17.83 7.62 4.74
C VAL A 118 17.46 6.68 3.58
N TYR A 119 17.83 7.04 2.35
CA TYR A 119 17.55 6.22 1.17
C TYR A 119 18.43 4.96 1.21
N GLY B 1 -3.36 -19.29 -12.40
CA GLY B 1 -4.28 -20.42 -12.69
C GLY B 1 -5.48 -19.97 -13.52
N ALA B 2 -6.12 -20.91 -14.23
CA ALA B 2 -7.29 -20.65 -15.05
C ALA B 2 -8.53 -20.56 -14.14
N MET B 3 -8.98 -19.34 -13.87
CA MET B 3 -10.14 -19.01 -13.05
C MET B 3 -11.46 -19.48 -13.65
N GLY B 4 -12.55 -19.37 -12.88
CA GLY B 4 -13.90 -19.74 -13.28
C GLY B 4 -14.93 -18.71 -12.82
N SER B 5 -14.71 -18.05 -11.69
CA SER B 5 -15.59 -17.03 -11.12
C SER B 5 -15.42 -15.69 -11.85
N ALA B 6 -16.08 -14.65 -11.33
CA ALA B 6 -16.06 -13.27 -11.80
C ALA B 6 -15.71 -12.30 -10.65
N SER B 7 -15.29 -12.81 -9.51
CA SER B 7 -14.89 -12.10 -8.30
C SER B 7 -13.49 -11.51 -8.54
N SER B 8 -12.83 -11.02 -7.49
CA SER B 8 -11.49 -10.45 -7.56
C SER B 8 -10.66 -11.01 -6.40
N GLU B 9 -9.38 -10.68 -6.36
CA GLU B 9 -8.48 -11.09 -5.29
C GLU B 9 -8.98 -10.52 -3.94
N ASP B 10 -8.30 -10.84 -2.84
CA ASP B 10 -8.66 -10.37 -1.51
C ASP B 10 -7.39 -9.94 -0.78
N TYR B 11 -7.40 -8.72 -0.24
CA TYR B 11 -6.30 -8.10 0.48
C TYR B 11 -6.82 -7.56 1.81
N ILE B 12 -5.97 -6.95 2.64
CA ILE B 12 -6.44 -6.46 3.93
C ILE B 12 -7.06 -5.08 3.78
N ILE B 13 -8.40 -5.00 3.83
CA ILE B 13 -9.12 -3.74 3.71
C ILE B 13 -9.06 -3.05 5.08
N ILE B 14 -8.88 -1.73 5.10
CA ILE B 14 -8.83 -0.88 6.29
C ILE B 14 -9.54 0.40 5.87
N LEU B 15 -10.75 0.65 6.38
CA LEU B 15 -11.52 1.85 6.09
C LEU B 15 -12.23 2.31 7.35
N PRO B 16 -12.45 3.62 7.53
CA PRO B 16 -13.15 4.13 8.70
C PRO B 16 -14.64 3.86 8.50
N GLU B 17 -15.42 3.96 9.57
CA GLU B 17 -16.86 3.72 9.50
C GLU B 17 -17.59 4.90 8.83
N SER B 18 -16.95 6.06 8.70
CA SER B 18 -17.47 7.27 8.08
C SER B 18 -16.26 7.97 7.48
N GLY A 1 3.47 -26.41 -0.35
CA GLY A 1 2.56 -25.98 0.72
C GLY A 1 1.47 -25.09 0.18
N SER A 2 1.69 -23.77 0.21
CA SER A 2 0.76 -22.77 -0.28
C SER A 2 1.59 -21.69 -1.00
N PRO A 3 0.98 -20.89 -1.90
CA PRO A 3 1.72 -19.85 -2.61
C PRO A 3 2.12 -18.75 -1.62
N GLU A 4 3.12 -17.95 -1.96
CA GLU A 4 3.60 -16.86 -1.14
C GLU A 4 3.95 -15.67 -2.03
N PHE A 5 4.43 -14.60 -1.40
CA PHE A 5 4.84 -13.34 -2.00
C PHE A 5 6.17 -12.94 -1.34
N LYS A 6 6.85 -11.91 -1.85
CA LYS A 6 8.14 -11.43 -1.33
C LYS A 6 8.13 -9.89 -1.31
N PHE A 7 9.31 -9.28 -1.22
CA PHE A 7 9.47 -7.82 -1.21
C PHE A 7 8.98 -7.24 -2.52
N GLN A 8 8.59 -5.97 -2.53
CA GLN A 8 8.08 -5.25 -3.69
C GLN A 8 9.07 -5.34 -4.85
N TYR A 9 10.38 -5.22 -4.59
CA TYR A 9 11.39 -5.29 -5.65
C TYR A 9 11.29 -6.60 -6.47
N LYS A 10 10.78 -7.68 -5.87
CA LYS A 10 10.60 -8.99 -6.49
C LYS A 10 9.19 -9.10 -7.06
N GLU A 11 8.19 -8.49 -6.40
CA GLU A 11 6.78 -8.48 -6.82
C GLU A 11 6.62 -7.64 -8.11
N ASP A 12 7.57 -6.75 -8.42
CA ASP A 12 7.58 -5.86 -9.58
C ASP A 12 7.84 -6.58 -10.91
N HIS A 13 8.68 -7.62 -10.89
CA HIS A 13 9.04 -8.39 -12.07
C HIS A 13 7.84 -9.06 -12.80
N PRO A 14 6.98 -9.87 -12.14
CA PRO A 14 5.84 -10.55 -12.77
C PRO A 14 4.66 -9.60 -12.99
N PHE A 15 4.83 -8.66 -13.93
CA PHE A 15 3.84 -7.65 -14.30
C PHE A 15 2.48 -8.29 -14.57
N GLU A 16 2.47 -9.46 -15.21
CA GLU A 16 1.26 -10.21 -15.52
C GLU A 16 0.43 -10.47 -14.25
N TYR A 17 1.04 -10.99 -13.18
CA TYR A 17 0.35 -11.30 -11.92
C TYR A 17 -0.02 -10.04 -11.17
N ARG A 18 0.91 -9.07 -11.10
CA ARG A 18 0.68 -7.81 -10.41
C ARG A 18 -0.50 -7.07 -11.03
N LYS A 19 -0.58 -7.07 -12.36
CA LYS A 19 -1.65 -6.45 -13.11
C LYS A 19 -2.94 -7.17 -12.78
N LYS A 20 -2.98 -8.51 -12.86
CA LYS A 20 -4.21 -9.25 -12.57
C LYS A 20 -4.69 -8.96 -11.15
N GLU A 21 -3.77 -8.90 -10.19
CA GLU A 21 -4.09 -8.64 -8.79
C GLU A 21 -4.70 -7.23 -8.60
N GLY A 22 -4.04 -6.20 -9.12
CA GLY A 22 -4.49 -4.82 -9.02
C GLY A 22 -5.77 -4.60 -9.80
N GLU A 23 -5.82 -5.10 -11.04
CA GLU A 23 -6.97 -4.99 -11.91
C GLU A 23 -8.17 -5.65 -11.27
N LYS A 24 -7.99 -6.79 -10.59
CA LYS A 24 -9.13 -7.46 -9.99
C LYS A 24 -9.65 -6.55 -8.89
N ILE A 25 -8.79 -6.01 -8.02
CA ILE A 25 -9.32 -5.14 -6.96
C ILE A 25 -9.92 -3.84 -7.53
N ARG A 26 -9.42 -3.32 -8.65
CA ARG A 26 -9.92 -2.06 -9.23
C ARG A 26 -11.28 -2.24 -9.85
N LYS A 27 -11.45 -3.28 -10.65
CA LYS A 27 -12.72 -3.54 -11.31
C LYS A 27 -13.73 -4.01 -10.28
N LYS A 28 -13.32 -4.75 -9.25
CA LYS A 28 -14.23 -5.24 -8.23
C LYS A 28 -14.73 -4.11 -7.32
N TYR A 29 -13.83 -3.26 -6.83
CA TYR A 29 -14.16 -2.16 -5.93
C TYR A 29 -13.48 -0.90 -6.45
N PRO A 30 -14.11 -0.15 -7.38
CA PRO A 30 -13.54 1.06 -7.97
C PRO A 30 -13.55 2.28 -7.02
N ASP A 31 -14.00 2.13 -5.77
CA ASP A 31 -14.05 3.17 -4.75
C ASP A 31 -12.85 3.07 -3.80
N ARG A 32 -11.97 2.08 -4.01
CA ARG A 32 -10.80 1.84 -3.19
C ARG A 32 -9.65 1.32 -4.03
N VAL A 33 -8.41 1.43 -3.51
CA VAL A 33 -7.20 1.01 -4.21
C VAL A 33 -6.28 0.20 -3.29
N PRO A 34 -5.58 -0.82 -3.83
CA PRO A 34 -4.66 -1.66 -3.08
C PRO A 34 -3.30 -0.96 -2.94
N VAL A 35 -2.72 -1.07 -1.75
CA VAL A 35 -1.45 -0.46 -1.41
C VAL A 35 -0.47 -1.49 -0.85
N ILE A 36 0.76 -1.48 -1.34
CA ILE A 36 1.84 -2.35 -0.89
C ILE A 36 2.63 -1.49 0.09
N VAL A 37 2.63 -1.85 1.37
CA VAL A 37 3.35 -1.11 2.40
C VAL A 37 4.56 -1.98 2.75
N GLU A 38 5.78 -1.47 2.55
CA GLU A 38 7.02 -2.20 2.82
C GLU A 38 7.93 -1.34 3.69
N LYS A 39 8.73 -1.99 4.54
CA LYS A 39 9.65 -1.30 5.43
C LYS A 39 10.94 -1.04 4.67
N ALA A 40 11.52 0.12 4.88
CA ALA A 40 12.77 0.52 4.25
C ALA A 40 13.93 0.07 5.13
N PRO A 41 15.14 -0.04 4.58
CA PRO A 41 16.31 -0.44 5.34
C PRO A 41 16.62 0.64 6.37
N LYS A 42 17.43 0.31 7.37
CA LYS A 42 17.84 1.19 8.47
C LYS A 42 16.66 1.66 9.35
N ALA A 43 15.42 1.30 9.05
CA ALA A 43 14.28 1.69 9.87
C ALA A 43 14.34 1.01 11.24
N ARG A 44 13.58 1.53 12.20
CA ARG A 44 13.47 1.04 13.58
C ARG A 44 11.96 0.89 13.81
N VAL A 45 11.34 -0.04 13.08
CA VAL A 45 9.90 -0.30 13.15
C VAL A 45 9.59 -1.80 13.22
N PRO A 46 8.45 -2.23 13.80
CA PRO A 46 8.08 -3.63 13.87
C PRO A 46 7.70 -4.18 12.49
N ASP A 47 7.82 -5.51 12.36
CA ASP A 47 7.49 -6.25 11.14
C ASP A 47 6.05 -6.76 11.23
N LEU A 48 5.45 -7.02 10.08
CA LEU A 48 4.09 -7.53 9.94
C LEU A 48 4.13 -8.67 8.92
N ASP A 49 3.17 -9.59 8.96
CA ASP A 49 3.09 -10.74 8.07
C ASP A 49 2.87 -10.34 6.61
N LYS A 50 1.62 -10.04 6.21
CA LYS A 50 1.32 -9.64 4.84
C LYS A 50 1.75 -8.19 4.65
N ARG A 51 1.90 -7.81 3.38
CA ARG A 51 2.28 -6.47 2.96
C ARG A 51 1.26 -5.85 2.01
N LYS A 52 0.18 -6.59 1.71
CA LYS A 52 -0.89 -6.13 0.83
C LYS A 52 -1.97 -5.51 1.73
N TYR A 53 -2.30 -4.25 1.45
CA TYR A 53 -3.27 -3.46 2.17
C TYR A 53 -4.26 -2.86 1.18
N LEU A 54 -5.36 -2.31 1.68
CA LEU A 54 -6.38 -1.68 0.85
C LEU A 54 -6.95 -0.47 1.59
N VAL A 55 -7.15 0.65 0.89
CA VAL A 55 -7.68 1.90 1.44
C VAL A 55 -8.61 2.55 0.40
N PRO A 56 -9.65 3.31 0.82
CA PRO A 56 -10.55 3.98 -0.10
C PRO A 56 -9.81 5.14 -0.78
N SER A 57 -10.18 5.51 -2.01
CA SER A 57 -9.51 6.63 -2.67
C SER A 57 -9.85 7.97 -1.99
N ASP A 58 -10.93 8.00 -1.21
CA ASP A 58 -11.44 9.17 -0.49
C ASP A 58 -10.76 9.39 0.86
N LEU A 59 -9.89 8.48 1.31
CA LEU A 59 -9.20 8.60 2.60
C LEU A 59 -8.11 9.68 2.50
N THR A 60 -7.92 10.49 3.54
CA THR A 60 -6.90 11.52 3.57
C THR A 60 -5.57 10.81 3.87
N VAL A 61 -4.48 11.15 3.18
CA VAL A 61 -3.19 10.49 3.44
C VAL A 61 -2.83 10.67 4.93
N GLY A 62 -3.19 11.80 5.53
CA GLY A 62 -2.94 12.10 6.92
C GLY A 62 -3.56 11.05 7.83
N GLN A 63 -4.78 10.58 7.54
CA GLN A 63 -5.44 9.55 8.34
C GLN A 63 -4.68 8.25 8.14
N PHE A 64 -4.27 7.90 6.92
CA PHE A 64 -3.51 6.68 6.65
C PHE A 64 -2.24 6.70 7.50
N TYR A 65 -1.51 7.83 7.52
CA TYR A 65 -0.29 7.98 8.29
C TYR A 65 -0.57 7.74 9.78
N PHE A 66 -1.64 8.33 10.32
CA PHE A 66 -2.01 8.19 11.73
C PHE A 66 -2.37 6.75 12.06
N LEU A 67 -3.17 6.09 11.21
CA LEU A 67 -3.61 4.71 11.40
C LEU A 67 -2.38 3.82 11.39
N ILE A 68 -1.51 3.90 10.37
CA ILE A 68 -0.31 3.08 10.30
C ILE A 68 0.59 3.39 11.49
N ARG A 69 0.88 4.66 11.80
CA ARG A 69 1.74 5.00 12.93
C ARG A 69 1.20 4.35 14.21
N LYS A 70 -0.12 4.39 14.42
CA LYS A 70 -0.72 3.77 15.57
C LYS A 70 -0.56 2.26 15.48
N ARG A 71 -0.77 1.65 14.30
CA ARG A 71 -0.64 0.21 14.10
C ARG A 71 0.78 -0.25 14.38
N ILE A 72 1.81 0.53 14.08
CA ILE A 72 3.20 0.14 14.36
C ILE A 72 3.65 0.66 15.75
N HIS A 73 2.71 1.21 16.54
CA HIS A 73 2.82 1.76 17.88
C HIS A 73 4.17 2.44 18.21
N LEU A 74 4.45 3.59 17.58
CA LEU A 74 5.70 4.31 17.85
C LEU A 74 5.52 5.32 18.97
N ARG A 75 6.61 5.67 19.67
CA ARG A 75 6.60 6.65 20.75
C ARG A 75 6.52 8.05 20.13
N PRO A 76 6.20 9.12 20.89
CA PRO A 76 6.12 10.45 20.31
C PRO A 76 7.49 11.01 19.92
N GLU A 77 8.58 10.50 20.49
CA GLU A 77 9.93 10.94 20.19
C GLU A 77 10.39 10.43 18.82
N ASP A 78 9.89 9.27 18.38
CA ASP A 78 10.26 8.67 17.10
C ASP A 78 9.69 9.44 15.92
N ALA A 79 10.34 9.29 14.76
CA ALA A 79 9.97 9.91 13.50
C ALA A 79 9.47 8.80 12.57
N LEU A 80 8.61 9.15 11.63
CA LEU A 80 8.05 8.20 10.67
C LEU A 80 7.65 8.96 9.41
N PHE A 81 8.18 8.56 8.26
CA PHE A 81 7.90 9.18 6.98
C PHE A 81 7.55 8.07 5.98
N PHE A 82 6.71 8.43 5.01
CA PHE A 82 6.23 7.54 3.97
C PHE A 82 6.63 8.09 2.61
N PHE A 83 7.15 7.22 1.75
CA PHE A 83 7.62 7.55 0.42
C PHE A 83 6.86 6.67 -0.57
N VAL A 84 6.11 7.25 -1.50
CA VAL A 84 5.32 6.58 -2.52
C VAL A 84 5.90 7.01 -3.85
N ASN A 85 6.17 6.07 -4.76
CA ASN A 85 6.74 6.34 -6.08
C ASN A 85 7.96 7.28 -5.91
N ASN A 86 8.77 7.02 -4.88
CA ASN A 86 9.95 7.75 -4.46
C ASN A 86 9.68 9.26 -4.38
N THR A 87 8.50 9.64 -3.85
CA THR A 87 7.99 10.99 -3.67
C THR A 87 7.33 11.07 -2.27
N ILE A 88 7.28 12.25 -1.65
CA ILE A 88 6.68 12.49 -0.33
C ILE A 88 5.51 13.47 -0.50
N PRO A 89 4.26 12.98 -0.72
CA PRO A 89 3.10 13.83 -0.89
C PRO A 89 2.60 14.47 0.42
N PRO A 90 1.76 15.52 0.36
CA PRO A 90 1.22 16.20 1.52
C PRO A 90 0.18 15.31 2.22
N THR A 91 0.12 15.35 3.54
CA THR A 91 -0.83 14.56 4.31
C THR A 91 -2.28 15.05 4.10
N SER A 92 -2.48 16.33 3.77
CA SER A 92 -3.81 16.90 3.57
C SER A 92 -4.48 16.42 2.26
N ALA A 93 -3.76 15.76 1.35
CA ALA A 93 -4.34 15.25 0.11
C ALA A 93 -5.08 13.93 0.40
N THR A 94 -5.65 13.30 -0.62
CA THR A 94 -6.35 12.01 -0.46
C THR A 94 -5.61 10.92 -1.23
N MET A 95 -5.93 9.65 -0.93
CA MET A 95 -5.33 8.48 -1.58
C MET A 95 -5.57 8.52 -3.08
N GLY A 96 -6.73 9.05 -3.49
CA GLY A 96 -7.10 9.18 -4.88
C GLY A 96 -6.16 10.14 -5.62
N GLN A 97 -5.57 11.13 -4.94
CA GLN A 97 -4.68 12.10 -5.58
C GLN A 97 -3.39 11.39 -6.03
N LEU A 98 -2.74 10.64 -5.14
CA LEU A 98 -1.52 9.93 -5.54
C LEU A 98 -1.89 8.87 -6.58
N TYR A 99 -3.06 8.22 -6.44
CA TYR A 99 -3.53 7.22 -7.39
C TYR A 99 -3.77 7.85 -8.77
N GLU A 100 -4.24 9.10 -8.82
CA GLU A 100 -4.51 9.82 -10.06
C GLU A 100 -3.18 10.09 -10.77
N ASP A 101 -2.15 10.51 -10.02
CA ASP A 101 -0.84 10.81 -10.58
C ASP A 101 0.00 9.57 -10.91
N ASN A 102 -0.10 8.51 -10.09
CA ASN A 102 0.63 7.26 -10.22
C ASN A 102 -0.10 6.21 -11.06
N HIS A 103 -1.28 6.54 -11.61
CA HIS A 103 -2.11 5.65 -12.43
C HIS A 103 -1.32 4.88 -13.49
N GLU A 104 -1.05 3.61 -13.22
CA GLU A 104 -0.32 2.72 -14.09
C GLU A 104 -1.33 1.71 -14.66
N GLU A 105 -0.92 0.85 -15.60
CA GLU A 105 -1.82 -0.14 -16.21
C GLU A 105 -2.09 -1.33 -15.29
N ASP A 106 -1.45 -1.38 -14.11
CA ASP A 106 -1.57 -2.43 -13.11
C ASP A 106 -2.53 -2.12 -11.97
N TYR A 107 -2.93 -0.86 -11.78
CA TYR A 107 -3.84 -0.40 -10.72
C TYR A 107 -3.38 -0.82 -9.31
N PHE A 108 -2.13 -0.51 -8.94
CA PHE A 108 -1.54 -0.81 -7.64
C PHE A 108 -0.70 0.38 -7.19
N LEU A 109 -0.58 0.62 -5.87
CA LEU A 109 0.22 1.73 -5.36
C LEU A 109 1.20 1.20 -4.32
N TYR A 110 2.49 1.54 -4.41
CA TYR A 110 3.52 1.11 -3.46
C TYR A 110 3.95 2.28 -2.59
N VAL A 111 4.13 2.03 -1.29
CA VAL A 111 4.60 3.01 -0.33
C VAL A 111 5.62 2.31 0.56
N ALA A 112 6.67 3.02 0.94
CA ALA A 112 7.74 2.56 1.81
C ALA A 112 7.64 3.39 3.08
N TYR A 113 7.98 2.83 4.24
CA TYR A 113 7.95 3.54 5.51
C TYR A 113 9.31 3.38 6.19
N SER A 114 9.81 4.46 6.80
CA SER A 114 11.09 4.43 7.49
C SER A 114 11.08 5.35 8.71
N ASP A 115 11.95 5.00 9.65
CA ASP A 115 12.18 5.73 10.90
C ASP A 115 13.12 6.89 10.58
N GLU A 116 14.00 6.74 9.59
CA GLU A 116 14.94 7.74 9.13
C GLU A 116 15.06 7.72 7.61
N SER A 117 15.05 8.90 6.99
CA SER A 117 15.19 9.05 5.55
C SER A 117 16.67 8.85 5.18
N VAL A 118 17.05 7.66 4.73
CA VAL A 118 18.42 7.35 4.36
C VAL A 118 18.41 6.53 3.07
N TYR A 119 19.00 7.07 2.01
CA TYR A 119 19.11 6.43 0.70
C TYR A 119 20.51 5.85 0.60
N GLY B 1 -7.93 -10.71 -19.67
CA GLY B 1 -8.82 -11.87 -19.82
C GLY B 1 -9.67 -12.01 -18.58
N ALA B 2 -10.96 -12.31 -18.76
CA ALA B 2 -11.87 -12.47 -17.65
C ALA B 2 -11.59 -13.77 -16.90
N MET B 3 -11.93 -13.82 -15.61
CA MET B 3 -11.76 -15.00 -14.77
C MET B 3 -13.12 -15.36 -14.19
N GLY B 4 -13.37 -16.64 -13.95
CA GLY B 4 -14.64 -17.10 -13.37
C GLY B 4 -14.68 -17.00 -11.85
N SER B 5 -13.62 -16.50 -11.22
CA SER B 5 -13.56 -16.37 -9.78
C SER B 5 -14.42 -15.15 -9.42
N ALA B 6 -15.38 -15.34 -8.53
CA ALA B 6 -16.28 -14.26 -8.10
C ALA B 6 -15.65 -13.56 -6.90
N SER B 7 -15.18 -14.33 -5.93
CA SER B 7 -14.55 -13.83 -4.72
C SER B 7 -13.24 -13.15 -5.12
N SER B 8 -13.10 -11.86 -4.82
CA SER B 8 -11.89 -11.11 -5.13
C SER B 8 -10.82 -11.45 -4.08
N GLU B 9 -9.61 -10.92 -4.26
CA GLU B 9 -8.51 -11.15 -3.34
C GLU B 9 -8.83 -10.57 -1.96
N ASP B 10 -8.20 -11.06 -0.90
CA ASP B 10 -8.41 -10.66 0.50
C ASP B 10 -7.11 -10.06 1.04
N TYR B 11 -7.15 -8.82 1.56
CA TYR B 11 -5.99 -8.09 2.09
C TYR B 11 -6.31 -7.40 3.41
N ILE B 12 -5.34 -6.68 3.98
CA ILE B 12 -5.57 -5.97 5.24
C ILE B 12 -6.21 -4.65 4.83
N ILE B 13 -7.53 -4.60 5.00
CA ILE B 13 -8.31 -3.42 4.67
C ILE B 13 -8.09 -2.42 5.81
N ILE B 14 -7.92 -1.14 5.50
CA ILE B 14 -7.71 -0.04 6.42
C ILE B 14 -8.71 1.02 5.99
N LEU B 15 -9.76 1.26 6.78
CA LEU B 15 -10.80 2.23 6.47
C LEU B 15 -11.50 2.67 7.76
N PRO B 16 -12.12 3.87 7.76
CA PRO B 16 -12.84 4.40 8.92
C PRO B 16 -14.07 3.57 9.31
N GLU B 17 -14.78 4.01 10.35
CA GLU B 17 -15.97 3.38 10.89
C GLU B 17 -17.21 4.28 10.76
N SER B 18 -17.18 5.23 9.83
CA SER B 18 -18.26 6.17 9.55
C SER B 18 -18.14 6.56 8.08
N GLY A 1 21.25 -14.81 7.22
CA GLY A 1 20.07 -14.01 6.87
C GLY A 1 19.63 -14.32 5.44
N SER A 2 18.72 -15.28 5.24
CA SER A 2 18.22 -15.67 3.92
C SER A 2 16.69 -15.90 3.99
N PRO A 3 15.88 -14.83 4.06
CA PRO A 3 14.42 -14.92 4.14
C PRO A 3 13.76 -15.29 2.79
N GLU A 4 12.46 -15.56 2.83
CA GLU A 4 11.66 -15.91 1.66
C GLU A 4 11.31 -14.63 0.92
N PHE A 5 11.22 -14.69 -0.41
CA PHE A 5 10.88 -13.56 -1.25
C PHE A 5 9.46 -13.09 -0.89
N LYS A 6 9.34 -11.99 -0.14
CA LYS A 6 8.06 -11.44 0.28
C LYS A 6 7.92 -9.95 -0.07
N PHE A 7 9.04 -9.29 -0.38
CA PHE A 7 9.07 -7.88 -0.78
C PHE A 7 8.40 -7.74 -2.16
N GLN A 8 8.23 -6.51 -2.65
CA GLN A 8 7.60 -6.26 -3.95
C GLN A 8 8.30 -7.01 -5.09
N TYR A 9 9.58 -7.37 -4.94
CA TYR A 9 10.33 -8.11 -5.96
C TYR A 9 9.60 -9.43 -6.30
N LYS A 10 8.88 -10.03 -5.35
CA LYS A 10 8.14 -11.27 -5.56
C LYS A 10 6.91 -11.03 -6.44
N GLU A 11 6.35 -9.82 -6.41
CA GLU A 11 5.17 -9.41 -7.16
C GLU A 11 5.57 -8.94 -8.56
N ASP A 12 6.81 -8.48 -8.73
CA ASP A 12 7.30 -7.99 -10.00
C ASP A 12 7.37 -9.09 -11.07
N HIS A 13 7.91 -10.26 -10.71
CA HIS A 13 8.03 -11.39 -11.64
C HIS A 13 6.67 -11.76 -12.25
N PRO A 14 5.63 -12.10 -11.47
CA PRO A 14 4.32 -12.45 -11.99
C PRO A 14 3.53 -11.19 -12.43
N PHE A 15 4.01 -10.50 -13.48
CA PHE A 15 3.38 -9.30 -14.04
C PHE A 15 1.90 -9.51 -14.32
N GLU A 16 1.53 -10.66 -14.92
CA GLU A 16 0.13 -10.91 -15.22
C GLU A 16 -0.72 -10.99 -13.97
N TYR A 17 -0.19 -11.57 -12.88
CA TYR A 17 -0.92 -11.75 -11.64
C TYR A 17 -1.11 -10.42 -10.92
N ARG A 18 -0.07 -9.56 -10.90
CA ARG A 18 -0.25 -8.25 -10.25
C ARG A 18 -1.23 -7.45 -11.10
N LYS A 19 -1.11 -7.48 -12.43
CA LYS A 19 -2.00 -6.73 -13.29
C LYS A 19 -3.43 -7.25 -13.23
N LYS A 20 -3.66 -8.54 -13.41
CA LYS A 20 -5.01 -9.12 -13.41
C LYS A 20 -5.72 -8.88 -12.10
N GLU A 21 -5.07 -9.13 -10.96
CA GLU A 21 -5.72 -8.93 -9.67
C GLU A 21 -5.96 -7.42 -9.43
N GLY A 22 -4.96 -6.57 -9.72
CA GLY A 22 -5.09 -5.13 -9.55
C GLY A 22 -6.20 -4.58 -10.43
N GLU A 23 -6.24 -5.00 -11.70
CA GLU A 23 -7.24 -4.62 -12.70
C GLU A 23 -8.62 -5.02 -12.20
N LYS A 24 -8.72 -6.21 -11.60
CA LYS A 24 -9.98 -6.73 -11.10
C LYS A 24 -10.46 -5.90 -9.95
N ILE A 25 -9.63 -5.57 -8.96
CA ILE A 25 -10.13 -4.77 -7.85
C ILE A 25 -10.42 -3.34 -8.33
N ARG A 26 -9.69 -2.82 -9.32
CA ARG A 26 -9.94 -1.45 -9.80
C ARG A 26 -11.27 -1.38 -10.53
N LYS A 27 -11.58 -2.38 -11.36
CA LYS A 27 -12.83 -2.36 -12.09
C LYS A 27 -13.97 -2.81 -11.18
N LYS A 28 -13.73 -3.78 -10.28
CA LYS A 28 -14.78 -4.27 -9.39
C LYS A 28 -15.20 -3.20 -8.39
N TYR A 29 -14.25 -2.50 -7.77
CA TYR A 29 -14.51 -1.46 -6.79
C TYR A 29 -13.61 -0.25 -7.10
N PRO A 30 -14.00 0.63 -8.04
CA PRO A 30 -13.20 1.79 -8.41
C PRO A 30 -13.03 2.83 -7.30
N ASP A 31 -13.88 2.81 -6.27
CA ASP A 31 -13.81 3.77 -5.17
C ASP A 31 -12.68 3.42 -4.18
N ARG A 32 -11.98 2.30 -4.38
CA ARG A 32 -10.88 1.85 -3.51
C ARG A 32 -9.68 1.47 -4.36
N VAL A 33 -8.50 1.44 -3.74
CA VAL A 33 -7.25 1.13 -4.41
C VAL A 33 -6.38 0.27 -3.48
N PRO A 34 -5.67 -0.74 -4.02
CA PRO A 34 -4.78 -1.60 -3.26
C PRO A 34 -3.43 -0.89 -3.03
N VAL A 35 -2.91 -0.96 -1.81
CA VAL A 35 -1.64 -0.33 -1.47
C VAL A 35 -0.74 -1.38 -0.83
N ILE A 36 0.49 -1.49 -1.30
CA ILE A 36 1.47 -2.41 -0.76
C ILE A 36 2.27 -1.55 0.20
N VAL A 37 2.40 -1.96 1.46
CA VAL A 37 3.13 -1.25 2.51
C VAL A 37 4.44 -2.03 2.72
N GLU A 38 5.59 -1.38 2.53
CA GLU A 38 6.91 -2.00 2.68
C GLU A 38 7.84 -1.14 3.55
N LYS A 39 8.57 -1.80 4.44
CA LYS A 39 9.50 -1.11 5.34
C LYS A 39 10.80 -0.95 4.57
N ALA A 40 11.38 0.25 4.64
CA ALA A 40 12.60 0.63 3.94
C ALA A 40 13.85 0.36 4.79
N PRO A 41 15.03 0.32 4.13
CA PRO A 41 16.31 0.09 4.77
C PRO A 41 16.58 1.19 5.79
N LYS A 42 17.23 0.85 6.92
CA LYS A 42 17.59 1.77 7.99
C LYS A 42 16.35 2.29 8.75
N ALA A 43 15.46 1.36 9.16
CA ALA A 43 14.25 1.66 9.91
C ALA A 43 14.20 0.81 11.18
N ARG A 44 13.37 1.19 12.16
CA ARG A 44 13.21 0.51 13.43
C ARG A 44 11.73 0.43 13.76
N VAL A 45 10.97 -0.31 12.95
CA VAL A 45 9.53 -0.47 13.14
C VAL A 45 9.18 -1.97 13.13
N PRO A 46 8.08 -2.38 13.78
CA PRO A 46 7.67 -3.79 13.80
C PRO A 46 7.23 -4.25 12.42
N ASP A 47 7.32 -5.56 12.16
CA ASP A 47 6.93 -6.16 10.89
C ASP A 47 5.44 -6.51 10.92
N LEU A 48 4.78 -6.32 9.78
CA LEU A 48 3.34 -6.57 9.58
C LEU A 48 3.14 -7.93 8.93
N ASP A 49 1.94 -8.52 9.09
CA ASP A 49 1.54 -9.81 8.54
C ASP A 49 1.64 -9.79 7.01
N LYS A 50 0.56 -9.36 6.34
CA LYS A 50 0.48 -9.25 4.89
C LYS A 50 1.11 -7.92 4.47
N ARG A 51 1.34 -7.81 3.17
CA ARG A 51 1.93 -6.63 2.57
C ARG A 51 0.90 -5.84 1.75
N LYS A 52 -0.18 -6.48 1.26
CA LYS A 52 -1.21 -5.82 0.46
C LYS A 52 -2.38 -5.42 1.35
N TYR A 53 -2.78 -4.16 1.22
CA TYR A 53 -3.86 -3.51 1.93
C TYR A 53 -4.80 -2.89 0.90
N LEU A 54 -6.01 -2.48 1.29
CA LEU A 54 -7.02 -1.88 0.43
C LEU A 54 -7.67 -0.71 1.16
N VAL A 55 -7.59 0.50 0.61
CA VAL A 55 -8.15 1.71 1.23
C VAL A 55 -8.95 2.53 0.19
N PRO A 56 -9.89 3.39 0.61
CA PRO A 56 -10.67 4.20 -0.33
C PRO A 56 -9.78 5.29 -0.92
N SER A 57 -10.11 5.76 -2.13
CA SER A 57 -9.36 6.79 -2.82
C SER A 57 -9.47 8.16 -2.14
N ASP A 58 -10.60 8.43 -1.49
CA ASP A 58 -10.89 9.72 -0.87
C ASP A 58 -10.34 9.90 0.55
N LEU A 59 -9.54 8.95 1.06
CA LEU A 59 -8.93 8.99 2.38
C LEU A 59 -7.78 10.01 2.35
N THR A 60 -7.72 10.91 3.34
CA THR A 60 -6.64 11.89 3.42
C THR A 60 -5.36 11.17 3.87
N VAL A 61 -4.20 11.59 3.34
CA VAL A 61 -2.91 11.01 3.69
C VAL A 61 -2.70 11.09 5.21
N GLY A 62 -3.07 12.22 5.83
CA GLY A 62 -2.93 12.40 7.27
C GLY A 62 -3.62 11.31 8.10
N GLN A 63 -4.82 10.88 7.70
CA GLN A 63 -5.55 9.84 8.42
C GLN A 63 -4.85 8.50 8.23
N PHE A 64 -4.42 8.20 7.00
CA PHE A 64 -3.72 6.94 6.71
C PHE A 64 -2.47 6.88 7.60
N TYR A 65 -1.77 8.02 7.75
CA TYR A 65 -0.59 8.15 8.57
C TYR A 65 -0.91 7.80 10.03
N PHE A 66 -2.00 8.34 10.57
CA PHE A 66 -2.43 8.13 11.94
C PHE A 66 -2.73 6.64 12.19
N LEU A 67 -3.48 6.00 11.29
CA LEU A 67 -3.83 4.60 11.43
C LEU A 67 -2.58 3.73 11.48
N ILE A 68 -1.64 3.90 10.53
CA ILE A 68 -0.41 3.09 10.55
C ILE A 68 0.39 3.42 11.81
N ARG A 69 0.53 4.69 12.20
CA ARG A 69 1.27 5.10 13.40
C ARG A 69 0.75 4.32 14.62
N LYS A 70 -0.57 4.25 14.78
CA LYS A 70 -1.20 3.53 15.88
C LYS A 70 -0.87 2.03 15.78
N ARG A 71 -0.95 1.44 14.58
CA ARG A 71 -0.66 0.01 14.38
C ARG A 71 0.78 -0.34 14.76
N ILE A 72 1.78 0.46 14.35
CA ILE A 72 3.18 0.18 14.66
C ILE A 72 3.61 0.48 16.10
N HIS A 73 2.69 0.98 16.94
CA HIS A 73 2.87 1.31 18.37
C HIS A 73 4.25 1.91 18.74
N LEU A 74 4.75 2.79 17.86
CA LEU A 74 6.03 3.49 17.98
C LEU A 74 6.12 4.49 19.14
N ARG A 75 7.35 4.80 19.57
CA ARG A 75 7.53 5.79 20.64
C ARG A 75 7.31 7.17 19.99
N PRO A 76 6.86 8.18 20.73
CA PRO A 76 6.62 9.50 20.16
C PRO A 76 7.92 10.25 19.85
N GLU A 77 9.02 9.89 20.50
CA GLU A 77 10.32 10.54 20.30
C GLU A 77 10.97 10.03 19.01
N ASP A 78 10.47 8.92 18.46
CA ASP A 78 10.98 8.34 17.23
C ASP A 78 10.27 9.00 16.07
N ALA A 79 10.95 9.08 14.94
CA ALA A 79 10.40 9.66 13.72
C ALA A 79 9.77 8.56 12.88
N LEU A 80 9.06 8.99 11.85
CA LEU A 80 8.38 8.10 10.93
C LEU A 80 8.08 8.90 9.65
N PHE A 81 8.54 8.44 8.49
CA PHE A 81 8.32 9.09 7.20
C PHE A 81 7.82 8.05 6.21
N PHE A 82 7.03 8.53 5.25
CA PHE A 82 6.44 7.74 4.19
C PHE A 82 6.82 8.39 2.87
N PHE A 83 6.97 7.55 1.85
CA PHE A 83 7.34 7.93 0.51
C PHE A 83 6.48 7.10 -0.45
N VAL A 84 6.08 7.70 -1.56
CA VAL A 84 5.31 7.08 -2.63
C VAL A 84 6.19 7.37 -3.84
N ASN A 85 6.61 6.32 -4.53
CA ASN A 85 7.49 6.38 -5.69
C ASN A 85 8.66 7.34 -5.47
N ASN A 86 9.38 7.11 -4.37
CA ASN A 86 10.54 7.89 -3.97
C ASN A 86 10.23 9.40 -3.77
N THR A 87 8.95 9.80 -3.68
CA THR A 87 8.46 11.17 -3.53
C THR A 87 7.62 11.33 -2.26
N ILE A 88 7.53 12.55 -1.70
CA ILE A 88 6.81 12.85 -0.46
C ILE A 88 5.59 13.77 -0.70
N PRO A 89 4.34 13.26 -0.60
CA PRO A 89 3.12 14.03 -0.80
C PRO A 89 2.67 14.74 0.50
N PRO A 90 1.86 15.81 0.40
CA PRO A 90 1.37 16.55 1.57
C PRO A 90 0.29 15.77 2.34
N THR A 91 0.15 16.04 3.64
CA THR A 91 -0.81 15.39 4.52
C THR A 91 -2.27 15.69 4.12
N SER A 92 -2.53 16.83 3.49
CA SER A 92 -3.86 17.23 3.05
C SER A 92 -4.26 16.51 1.74
N ALA A 93 -3.32 15.81 1.07
CA ALA A 93 -3.62 15.08 -0.16
C ALA A 93 -4.50 13.87 0.12
N THR A 94 -4.91 13.16 -0.94
CA THR A 94 -5.74 11.96 -0.82
C THR A 94 -5.04 10.77 -1.45
N MET A 95 -5.44 9.58 -1.00
CA MET A 95 -4.92 8.31 -1.48
C MET A 95 -5.11 8.18 -2.99
N GLY A 96 -6.19 8.73 -3.53
CA GLY A 96 -6.54 8.73 -4.94
C GLY A 96 -5.63 9.63 -5.76
N GLN A 97 -5.26 10.80 -5.24
CA GLN A 97 -4.39 11.74 -5.94
C GLN A 97 -2.98 11.17 -6.11
N LEU A 98 -2.39 10.62 -5.05
CA LEU A 98 -1.06 10.02 -5.11
C LEU A 98 -1.14 8.75 -5.94
N TYR A 99 -2.26 8.02 -5.88
CA TYR A 99 -2.49 6.82 -6.68
C TYR A 99 -2.44 7.22 -8.15
N GLU A 100 -3.17 8.28 -8.54
CA GLU A 100 -3.21 8.78 -9.90
C GLU A 100 -1.84 9.30 -10.34
N ASP A 101 -1.03 9.81 -9.41
CA ASP A 101 0.30 10.31 -9.69
C ASP A 101 1.32 9.17 -9.78
N ASN A 102 1.01 8.01 -9.19
CA ASN A 102 1.85 6.80 -9.19
C ASN A 102 1.32 5.70 -10.13
N HIS A 103 0.23 5.97 -10.85
CA HIS A 103 -0.46 5.07 -11.78
C HIS A 103 0.50 4.25 -12.68
N GLU A 104 0.54 2.94 -12.44
CA GLU A 104 1.34 1.97 -13.16
C GLU A 104 0.35 1.08 -13.94
N GLU A 105 0.83 0.30 -14.90
CA GLU A 105 0.01 -0.59 -15.73
C GLU A 105 -0.38 -1.89 -15.02
N ASP A 106 -0.08 -2.01 -13.72
CA ASP A 106 -0.41 -3.16 -12.89
C ASP A 106 -1.57 -2.90 -11.94
N TYR A 107 -2.10 -1.68 -11.92
CA TYR A 107 -3.20 -1.25 -11.07
C TYR A 107 -2.91 -1.43 -9.56
N PHE A 108 -1.65 -1.41 -9.12
CA PHE A 108 -1.24 -1.54 -7.73
C PHE A 108 -0.49 -0.27 -7.30
N LEU A 109 -0.61 0.13 -6.03
CA LEU A 109 0.04 1.34 -5.50
C LEU A 109 1.15 0.95 -4.51
N TYR A 110 2.38 1.48 -4.67
CA TYR A 110 3.51 1.18 -3.82
C TYR A 110 3.79 2.27 -2.78
N VAL A 111 4.01 1.93 -1.51
CA VAL A 111 4.35 2.88 -0.45
C VAL A 111 5.50 2.29 0.37
N ALA A 112 6.49 3.12 0.66
CA ALA A 112 7.68 2.78 1.43
C ALA A 112 7.67 3.63 2.69
N TYR A 113 8.08 3.08 3.83
CA TYR A 113 8.11 3.83 5.09
C TYR A 113 9.40 3.50 5.87
N SER A 114 10.10 4.51 6.39
CA SER A 114 11.35 4.41 7.17
C SER A 114 11.30 5.29 8.43
N ASP A 115 12.15 5.02 9.42
CA ASP A 115 12.24 5.74 10.69
C ASP A 115 12.87 7.12 10.45
N GLU A 116 14.13 7.15 10.02
CA GLU A 116 14.87 8.36 9.72
C GLU A 116 14.96 8.47 8.21
N SER A 117 14.96 9.70 7.65
CA SER A 117 15.03 9.86 6.21
C SER A 117 16.46 9.60 5.78
N VAL A 118 16.73 8.37 5.31
CA VAL A 118 18.02 7.92 4.84
C VAL A 118 17.72 6.93 3.71
N TYR A 119 18.11 7.29 2.49
CA TYR A 119 17.94 6.47 1.30
C TYR A 119 18.97 5.36 1.38
N GLY B 1 -12.79 -12.31 -23.09
CA GLY B 1 -14.25 -12.37 -23.26
C GLY B 1 -14.92 -11.74 -22.05
N ALA B 2 -16.02 -12.34 -21.57
CA ALA B 2 -16.75 -11.86 -20.40
C ALA B 2 -16.04 -12.37 -19.13
N MET B 3 -16.52 -11.98 -17.94
CA MET B 3 -15.94 -12.41 -16.67
C MET B 3 -16.44 -13.80 -16.29
N GLY B 4 -15.78 -14.45 -15.33
CA GLY B 4 -16.13 -15.79 -14.82
C GLY B 4 -15.96 -15.95 -13.31
N SER B 5 -15.36 -14.97 -12.64
CA SER B 5 -15.11 -14.95 -11.21
C SER B 5 -16.40 -14.62 -10.45
N ALA B 6 -16.48 -14.98 -9.16
CA ALA B 6 -17.63 -14.74 -8.29
C ALA B 6 -17.29 -14.01 -6.97
N SER B 7 -16.02 -13.90 -6.58
CA SER B 7 -15.55 -13.23 -5.36
C SER B 7 -14.34 -12.37 -5.74
N SER B 8 -14.22 -11.21 -5.13
CA SER B 8 -13.09 -10.33 -5.39
C SER B 8 -11.82 -10.96 -4.77
N GLU B 9 -10.66 -10.41 -5.06
CA GLU B 9 -9.36 -10.86 -4.58
C GLU B 9 -9.28 -10.73 -3.05
N ASP B 10 -8.22 -11.31 -2.44
CA ASP B 10 -8.02 -11.32 -0.99
C ASP B 10 -6.80 -10.49 -0.60
N TYR B 11 -7.07 -9.33 -0.03
CA TYR B 11 -6.14 -8.33 0.47
C TYR B 11 -6.72 -7.80 1.79
N ILE B 12 -5.95 -7.06 2.58
CA ILE B 12 -6.47 -6.57 3.85
C ILE B 12 -7.27 -5.28 3.62
N ILE B 13 -8.60 -5.36 3.72
CA ILE B 13 -9.48 -4.21 3.55
C ILE B 13 -9.36 -3.40 4.83
N ILE B 14 -9.05 -2.10 4.74
CA ILE B 14 -8.92 -1.24 5.91
C ILE B 14 -9.83 -0.03 5.72
N LEU B 15 -11.09 -0.17 6.11
CA LEU B 15 -12.05 0.92 6.03
C LEU B 15 -13.11 0.67 7.12
N PRO B 16 -12.83 1.02 8.38
CA PRO B 16 -13.80 0.84 9.44
C PRO B 16 -14.87 1.92 9.27
N GLU B 17 -16.15 1.58 9.40
CA GLU B 17 -17.26 2.51 9.24
C GLU B 17 -17.83 3.00 10.59
N SER B 18 -17.00 3.01 11.63
CA SER B 18 -17.30 3.45 12.99
C SER B 18 -15.97 3.89 13.60
N GLY A 1 -5.75 -19.89 2.98
CA GLY A 1 -4.40 -20.40 2.74
C GLY A 1 -3.56 -19.27 2.18
N SER A 2 -3.14 -19.37 0.92
CA SER A 2 -2.35 -18.35 0.22
C SER A 2 -1.13 -17.80 1.02
N PRO A 3 -0.10 -18.62 1.32
CA PRO A 3 1.10 -18.19 2.05
C PRO A 3 2.09 -17.42 1.14
N GLU A 4 1.59 -16.56 0.25
CA GLU A 4 2.33 -15.75 -0.71
C GLU A 4 3.08 -14.56 -0.08
N PHE A 5 3.17 -14.46 1.24
CA PHE A 5 3.84 -13.37 1.97
C PHE A 5 5.29 -13.17 1.51
N LYS A 6 5.53 -12.22 0.59
CA LYS A 6 6.83 -11.87 0.01
C LYS A 6 6.94 -10.37 -0.27
N PHE A 7 8.15 -9.90 -0.58
CA PHE A 7 8.46 -8.51 -0.92
C PHE A 7 8.00 -8.21 -2.35
N GLN A 8 7.84 -6.94 -2.71
CA GLN A 8 7.37 -6.59 -4.06
C GLN A 8 8.36 -6.88 -5.20
N TYR A 9 9.68 -6.90 -4.99
CA TYR A 9 10.61 -7.11 -6.10
C TYR A 9 10.30 -8.29 -7.02
N LYS A 10 9.82 -9.43 -6.49
CA LYS A 10 9.49 -10.57 -7.35
C LYS A 10 8.02 -10.53 -7.77
N GLU A 11 7.12 -9.97 -6.95
CA GLU A 11 5.71 -9.87 -7.29
C GLU A 11 5.49 -8.84 -8.42
N ASP A 12 6.51 -8.02 -8.67
CA ASP A 12 6.59 -7.00 -9.71
C ASP A 12 6.96 -7.63 -11.06
N HIS A 13 7.66 -8.77 -11.04
CA HIS A 13 8.09 -9.50 -12.23
C HIS A 13 6.92 -9.97 -13.12
N PRO A 14 5.90 -10.72 -12.61
CA PRO A 14 4.76 -11.20 -13.40
C PRO A 14 3.72 -10.10 -13.70
N PHE A 15 4.09 -9.12 -14.52
CA PHE A 15 3.26 -7.98 -14.91
C PHE A 15 1.89 -8.41 -15.42
N GLU A 16 1.80 -9.43 -16.29
CA GLU A 16 0.53 -9.90 -16.82
C GLU A 16 -0.53 -10.16 -15.72
N TYR A 17 -0.11 -10.76 -14.60
CA TYR A 17 -0.98 -11.07 -13.47
C TYR A 17 -1.26 -9.81 -12.69
N ARG A 18 -0.21 -9.01 -12.41
CA ARG A 18 -0.36 -7.78 -11.66
C ARG A 18 -1.41 -6.90 -12.33
N LYS A 19 -1.39 -6.83 -13.66
CA LYS A 19 -2.32 -6.05 -14.44
C LYS A 19 -3.71 -6.64 -14.36
N LYS A 20 -3.85 -7.94 -14.65
CA LYS A 20 -5.15 -8.60 -14.63
C LYS A 20 -5.83 -8.48 -13.27
N GLU A 21 -5.16 -8.85 -12.19
CA GLU A 21 -5.74 -8.78 -10.86
C GLU A 21 -5.90 -7.33 -10.38
N GLY A 22 -4.97 -6.42 -10.69
CA GLY A 22 -5.06 -5.02 -10.28
C GLY A 22 -6.30 -4.39 -10.92
N GLU A 23 -6.50 -4.63 -12.22
CA GLU A 23 -7.64 -4.13 -12.97
C GLU A 23 -8.91 -4.66 -12.32
N LYS A 24 -8.92 -5.96 -11.96
CA LYS A 24 -10.07 -6.62 -11.37
C LYS A 24 -10.39 -6.08 -9.98
N ILE A 25 -9.42 -5.89 -9.07
CA ILE A 25 -9.78 -5.40 -7.74
C ILE A 25 -10.21 -3.94 -7.78
N ARG A 26 -9.68 -3.12 -8.69
CA ARG A 26 -10.08 -1.71 -8.77
C ARG A 26 -11.47 -1.67 -9.39
N LYS A 27 -11.73 -2.49 -10.42
CA LYS A 27 -13.03 -2.53 -11.07
C LYS A 27 -14.09 -2.99 -10.07
N LYS A 28 -13.80 -4.04 -9.30
CA LYS A 28 -14.73 -4.60 -8.33
C LYS A 28 -15.00 -3.59 -7.19
N TYR A 29 -13.98 -2.94 -6.64
CA TYR A 29 -14.11 -1.98 -5.55
C TYR A 29 -13.50 -0.64 -6.02
N PRO A 30 -14.24 0.19 -6.78
CA PRO A 30 -13.73 1.47 -7.32
C PRO A 30 -13.25 2.50 -6.29
N ASP A 31 -13.75 2.44 -5.05
CA ASP A 31 -13.40 3.34 -3.95
C ASP A 31 -12.10 2.94 -3.25
N ARG A 32 -11.53 1.76 -3.56
CA ARG A 32 -10.32 1.27 -2.92
C ARG A 32 -9.27 0.83 -3.95
N VAL A 33 -8.01 0.74 -3.52
CA VAL A 33 -6.90 0.36 -4.38
C VAL A 33 -5.92 -0.59 -3.66
N PRO A 34 -5.23 -1.49 -4.38
CA PRO A 34 -4.27 -2.41 -3.80
C PRO A 34 -2.96 -1.64 -3.54
N VAL A 35 -2.46 -1.73 -2.31
CA VAL A 35 -1.25 -1.04 -1.89
C VAL A 35 -0.28 -2.03 -1.24
N ILE A 36 0.97 -2.00 -1.67
CA ILE A 36 2.02 -2.86 -1.13
C ILE A 36 2.75 -2.02 -0.09
N VAL A 37 3.03 -2.59 1.08
CA VAL A 37 3.70 -1.95 2.19
C VAL A 37 5.04 -2.66 2.43
N GLU A 38 6.16 -1.93 2.40
CA GLU A 38 7.48 -2.50 2.61
C GLU A 38 8.32 -1.62 3.57
N LYS A 39 9.22 -2.29 4.29
CA LYS A 39 10.09 -1.65 5.26
C LYS A 39 11.39 -1.25 4.58
N ALA A 40 11.82 0.00 4.74
CA ALA A 40 13.05 0.51 4.18
C ALA A 40 14.16 0.30 5.23
N PRO A 41 15.44 0.31 4.83
CA PRO A 41 16.56 0.11 5.74
C PRO A 41 16.73 1.28 6.68
N LYS A 42 17.50 1.04 7.76
CA LYS A 42 17.82 1.99 8.83
C LYS A 42 16.58 2.38 9.66
N ALA A 43 15.39 1.91 9.27
CA ALA A 43 14.14 2.20 9.94
C ALA A 43 14.14 1.63 11.34
N ARG A 44 13.37 2.26 12.22
CA ARG A 44 13.28 1.86 13.63
C ARG A 44 11.88 1.44 14.09
N VAL A 45 10.81 1.73 13.36
CA VAL A 45 9.44 1.36 13.77
C VAL A 45 9.13 -0.10 13.32
N PRO A 46 8.22 -0.82 14.01
CA PRO A 46 7.82 -2.19 13.72
C PRO A 46 7.26 -2.50 12.33
N ASP A 47 7.31 -3.78 11.95
CA ASP A 47 6.86 -4.36 10.68
C ASP A 47 5.84 -5.49 10.88
N LEU A 48 5.15 -5.92 9.82
CA LEU A 48 4.16 -7.01 9.86
C LEU A 48 4.57 -8.13 8.91
N ASP A 49 4.08 -9.35 9.15
CA ASP A 49 4.36 -10.58 8.38
C ASP A 49 3.73 -10.57 6.97
N LYS A 50 3.19 -9.45 6.49
CA LYS A 50 2.55 -9.35 5.19
C LYS A 50 2.89 -8.01 4.54
N ARG A 51 2.77 -7.94 3.21
CA ARG A 51 3.07 -6.75 2.42
C ARG A 51 1.89 -6.35 1.55
N LYS A 52 0.99 -7.27 1.17
CA LYS A 52 -0.15 -6.90 0.32
C LYS A 52 -1.29 -6.40 1.20
N TYR A 53 -1.71 -5.19 0.92
CA TYR A 53 -2.77 -4.50 1.62
C TYR A 53 -3.69 -3.84 0.59
N LEU A 54 -4.82 -3.34 1.06
CA LEU A 54 -5.80 -2.62 0.25
C LEU A 54 -6.36 -1.51 1.14
N VAL A 55 -6.51 -0.30 0.60
CA VAL A 55 -7.01 0.85 1.35
C VAL A 55 -7.89 1.74 0.44
N PRO A 56 -8.79 2.56 1.01
CA PRO A 56 -9.67 3.43 0.26
C PRO A 56 -8.89 4.59 -0.40
N SER A 57 -9.58 5.32 -1.27
CA SER A 57 -9.07 6.46 -2.03
C SER A 57 -9.51 7.80 -1.40
N ASP A 58 -10.79 7.93 -1.10
CA ASP A 58 -11.39 9.16 -0.55
C ASP A 58 -11.08 9.42 0.94
N LEU A 59 -10.11 8.72 1.52
CA LEU A 59 -9.70 8.89 2.92
C LEU A 59 -8.52 9.86 2.95
N THR A 60 -8.52 10.84 3.85
CA THR A 60 -7.42 11.80 3.96
C THR A 60 -6.15 11.05 4.39
N VAL A 61 -5.02 11.30 3.73
CA VAL A 61 -3.73 10.68 3.99
C VAL A 61 -3.39 10.82 5.47
N GLY A 62 -3.63 11.99 6.07
CA GLY A 62 -3.37 12.26 7.48
C GLY A 62 -4.03 11.23 8.42
N GLN A 63 -5.26 10.79 8.12
CA GLN A 63 -5.98 9.81 8.93
C GLN A 63 -5.31 8.45 8.76
N PHE A 64 -4.99 8.03 7.53
CA PHE A 64 -4.32 6.75 7.28
C PHE A 64 -3.00 6.74 8.06
N TYR A 65 -2.25 7.84 7.96
CA TYR A 65 -0.98 8.05 8.61
C TYR A 65 -1.15 7.92 10.13
N PHE A 66 -2.18 8.55 10.72
CA PHE A 66 -2.43 8.48 12.15
C PHE A 66 -2.75 7.05 12.59
N LEU A 67 -3.56 6.34 11.80
CA LEU A 67 -3.97 4.97 12.10
C LEU A 67 -2.74 4.07 12.23
N ILE A 68 -1.85 4.07 11.23
CA ILE A 68 -0.64 3.26 11.26
C ILE A 68 0.25 3.76 12.40
N ARG A 69 0.45 5.08 12.57
CA ARG A 69 1.28 5.63 13.65
C ARG A 69 0.80 5.10 15.01
N LYS A 70 -0.52 4.97 15.21
CA LYS A 70 -1.07 4.44 16.45
C LYS A 70 -0.73 2.96 16.57
N ARG A 71 -0.97 2.16 15.53
CA ARG A 71 -0.71 0.72 15.58
C ARG A 71 0.76 0.37 15.82
N ILE A 72 1.71 1.19 15.38
CA ILE A 72 3.15 0.93 15.58
C ILE A 72 3.66 1.51 16.91
N HIS A 73 2.78 2.14 17.71
CA HIS A 73 3.02 2.75 19.02
C HIS A 73 4.41 3.43 19.15
N LEU A 74 4.67 4.36 18.24
CA LEU A 74 5.94 5.10 18.19
C LEU A 74 5.99 6.26 19.18
N ARG A 75 7.20 6.67 19.55
CA ARG A 75 7.40 7.80 20.47
C ARG A 75 7.19 9.09 19.66
N PRO A 76 6.82 10.22 20.27
CA PRO A 76 6.61 11.46 19.53
C PRO A 76 7.95 12.10 19.10
N GLU A 77 9.04 11.72 19.77
CA GLU A 77 10.39 12.20 19.53
C GLU A 77 11.01 11.50 18.32
N ASP A 78 10.52 10.30 17.98
CA ASP A 78 10.99 9.49 16.88
C ASP A 78 10.49 10.05 15.56
N ALA A 79 11.29 9.88 14.52
CA ALA A 79 10.99 10.32 13.17
C ALA A 79 10.37 9.15 12.42
N LEU A 80 9.58 9.44 11.39
CA LEU A 80 8.91 8.47 10.55
C LEU A 80 8.48 9.20 9.29
N PHE A 81 8.85 8.67 8.12
CA PHE A 81 8.52 9.19 6.80
C PHE A 81 8.11 8.01 5.93
N PHE A 82 7.23 8.26 4.96
CA PHE A 82 6.72 7.27 4.02
C PHE A 82 6.63 7.90 2.64
N PHE A 83 7.07 7.19 1.61
CA PHE A 83 7.10 7.63 0.21
C PHE A 83 6.44 6.59 -0.68
N VAL A 84 5.96 7.05 -1.84
CA VAL A 84 5.30 6.23 -2.84
C VAL A 84 5.91 6.61 -4.18
N ASN A 85 6.24 5.62 -5.03
CA ASN A 85 6.90 5.80 -6.33
C ASN A 85 8.02 6.83 -6.23
N ASN A 86 8.90 6.61 -5.24
CA ASN A 86 10.07 7.40 -4.90
C ASN A 86 9.78 8.90 -4.74
N THR A 87 8.54 9.27 -4.39
CA THR A 87 8.08 10.63 -4.23
C THR A 87 7.39 10.77 -2.87
N ILE A 88 7.39 11.98 -2.31
CA ILE A 88 6.79 12.29 -1.02
C ILE A 88 5.37 12.78 -1.34
N PRO A 89 4.32 11.98 -1.08
CA PRO A 89 2.95 12.38 -1.39
C PRO A 89 2.42 13.51 -0.51
N PRO A 90 1.34 14.20 -0.93
CA PRO A 90 0.72 15.29 -0.19
C PRO A 90 -0.05 14.74 1.02
N THR A 91 0.58 14.75 2.20
CA THR A 91 0.00 14.27 3.44
C THR A 91 -1.29 14.98 3.86
N SER A 92 -1.62 16.12 3.26
CA SER A 92 -2.80 16.91 3.54
C SER A 92 -4.01 16.50 2.69
N ALA A 93 -3.78 15.85 1.53
CA ALA A 93 -4.78 15.39 0.56
C ALA A 93 -5.36 14.01 0.92
N THR A 94 -6.02 13.35 -0.04
CA THR A 94 -6.61 12.02 0.10
C THR A 94 -5.71 10.95 -0.53
N MET A 95 -5.97 9.70 -0.19
CA MET A 95 -5.25 8.53 -0.69
C MET A 95 -5.42 8.43 -2.21
N GLY A 96 -6.51 9.00 -2.73
CA GLY A 96 -6.87 9.03 -4.12
C GLY A 96 -5.84 9.81 -4.92
N GLN A 97 -5.46 10.99 -4.43
CA GLN A 97 -4.49 11.87 -5.08
C GLN A 97 -3.13 11.21 -5.27
N LEU A 98 -2.54 10.62 -4.23
CA LEU A 98 -1.23 9.99 -4.40
C LEU A 98 -1.35 8.76 -5.31
N TYR A 99 -2.40 7.94 -5.17
CA TYR A 99 -2.54 6.78 -6.04
C TYR A 99 -2.64 7.25 -7.50
N GLU A 100 -3.41 8.29 -7.77
CA GLU A 100 -3.65 8.85 -9.08
C GLU A 100 -2.45 9.54 -9.71
N ASP A 101 -1.77 10.41 -8.97
CA ASP A 101 -0.62 11.17 -9.46
C ASP A 101 0.58 10.26 -9.71
N ASN A 102 0.69 9.17 -8.95
CA ASN A 102 1.77 8.18 -9.03
C ASN A 102 1.35 6.89 -9.71
N HIS A 103 0.11 6.79 -10.22
CA HIS A 103 -0.47 5.61 -10.87
C HIS A 103 0.43 4.84 -11.82
N GLU A 104 0.12 3.56 -12.00
CA GLU A 104 0.79 2.61 -12.86
C GLU A 104 -0.23 2.02 -13.82
N GLU A 105 0.25 1.30 -14.83
CA GLU A 105 -0.60 0.67 -15.82
C GLU A 105 -1.28 -0.57 -15.24
N ASP A 106 -0.74 -1.10 -14.15
CA ASP A 106 -1.19 -2.29 -13.42
C ASP A 106 -2.17 -1.97 -12.30
N TYR A 107 -2.49 -0.70 -12.06
CA TYR A 107 -3.43 -0.25 -11.01
C TYR A 107 -2.99 -0.74 -9.62
N PHE A 108 -1.75 -0.42 -9.25
CA PHE A 108 -1.12 -0.80 -7.99
C PHE A 108 -0.34 0.38 -7.40
N LEU A 109 -0.18 0.40 -6.06
CA LEU A 109 0.54 1.46 -5.34
C LEU A 109 1.65 0.85 -4.45
N TYR A 110 2.90 1.32 -4.54
CA TYR A 110 4.03 0.84 -3.75
C TYR A 110 4.35 1.91 -2.69
N VAL A 111 4.19 1.60 -1.40
CA VAL A 111 4.50 2.52 -0.30
C VAL A 111 5.53 1.84 0.59
N ALA A 112 6.52 2.59 1.02
CA ALA A 112 7.57 2.12 1.91
C ALA A 112 7.68 3.11 3.05
N TYR A 113 8.13 2.65 4.22
CA TYR A 113 8.28 3.53 5.39
C TYR A 113 9.67 3.42 6.01
N SER A 114 10.16 4.50 6.63
CA SER A 114 11.49 4.58 7.22
C SER A 114 11.57 5.63 8.35
N ASP A 115 12.60 5.55 9.21
CA ASP A 115 12.88 6.46 10.34
C ASP A 115 13.64 7.70 9.85
N GLU A 116 14.39 7.50 8.77
CA GLU A 116 15.22 8.50 8.12
C GLU A 116 14.85 8.57 6.64
N SER A 117 15.07 9.72 6.00
CA SER A 117 14.77 9.90 4.60
C SER A 117 15.79 9.04 3.83
N VAL A 118 15.32 7.90 3.35
CA VAL A 118 16.03 6.87 2.60
C VAL A 118 15.22 6.58 1.35
N TYR A 119 15.88 6.14 0.29
CA TYR A 119 15.25 5.80 -0.98
C TYR A 119 14.90 4.32 -0.96
N GLY B 1 -4.23 -16.61 -22.89
CA GLY B 1 -4.66 -16.28 -21.53
C GLY B 1 -6.15 -16.02 -21.45
N ALA B 2 -6.97 -17.06 -21.48
CA ALA B 2 -8.43 -16.91 -21.41
C ALA B 2 -8.85 -16.54 -19.97
N MET B 3 -10.09 -16.08 -19.80
CA MET B 3 -10.64 -15.71 -18.50
C MET B 3 -10.87 -17.02 -17.73
N GLY B 4 -10.19 -17.20 -16.61
CA GLY B 4 -10.28 -18.40 -15.79
C GLY B 4 -10.45 -18.13 -14.30
N SER B 5 -10.52 -16.87 -13.85
CA SER B 5 -10.68 -16.53 -12.45
C SER B 5 -11.83 -15.53 -12.27
N ALA B 6 -12.78 -15.88 -11.39
CA ALA B 6 -13.96 -15.08 -11.08
C ALA B 6 -13.78 -14.24 -9.81
N SER B 7 -13.28 -14.87 -8.75
CA SER B 7 -13.05 -14.26 -7.45
C SER B 7 -12.00 -13.16 -7.52
N SER B 8 -12.34 -11.93 -7.13
CA SER B 8 -11.35 -10.86 -7.12
C SER B 8 -10.31 -11.25 -6.06
N GLU B 9 -9.06 -10.88 -6.24
CA GLU B 9 -8.00 -11.21 -5.29
C GLU B 9 -8.31 -10.58 -3.93
N ASP B 10 -7.88 -11.20 -2.83
CA ASP B 10 -8.11 -10.70 -1.47
C ASP B 10 -6.75 -10.40 -0.84
N TYR B 11 -6.60 -9.21 -0.26
CA TYR B 11 -5.40 -8.72 0.40
C TYR B 11 -5.81 -8.27 1.81
N ILE B 12 -4.88 -7.68 2.59
CA ILE B 12 -5.21 -7.25 3.95
C ILE B 12 -5.83 -5.85 3.85
N ILE B 13 -7.15 -5.73 3.99
CA ILE B 13 -7.80 -4.43 3.94
C ILE B 13 -7.52 -3.76 5.29
N ILE B 14 -7.13 -2.48 5.29
CA ILE B 14 -6.85 -1.73 6.51
C ILE B 14 -7.42 -0.31 6.40
N LEU B 15 -8.67 -0.15 6.79
CA LEU B 15 -9.40 1.12 6.77
C LEU B 15 -9.82 1.51 8.20
N PRO B 16 -10.06 2.80 8.50
CA PRO B 16 -10.47 3.23 9.83
C PRO B 16 -11.93 2.85 10.07
N GLU B 17 -12.36 2.92 11.33
CA GLU B 17 -13.72 2.58 11.73
C GLU B 17 -14.47 3.78 12.31
N SER B 18 -13.87 4.98 12.33
CA SER B 18 -14.44 6.22 12.82
C SER B 18 -14.03 7.35 11.89
N GLY A 1 10.15 -22.70 -1.12
CA GLY A 1 10.52 -22.33 0.26
C GLY A 1 9.43 -21.49 0.91
N SER A 2 9.81 -20.49 1.70
CA SER A 2 8.88 -19.61 2.40
C SER A 2 9.17 -18.14 2.02
N PRO A 3 8.79 -17.70 0.81
CA PRO A 3 8.99 -16.32 0.37
C PRO A 3 7.90 -15.42 0.98
N GLU A 4 8.16 -14.11 0.96
CA GLU A 4 7.26 -13.04 1.44
C GLU A 4 7.84 -11.66 1.06
N PHE A 5 8.45 -11.59 -0.12
CA PHE A 5 9.05 -10.36 -0.65
C PHE A 5 7.91 -9.44 -1.13
N LYS A 6 8.22 -8.15 -1.31
CA LYS A 6 7.27 -7.12 -1.76
C LYS A 6 7.86 -6.20 -2.84
N PHE A 7 9.13 -6.40 -3.23
CA PHE A 7 9.79 -5.59 -4.23
C PHE A 7 9.21 -5.80 -5.63
N GLN A 8 9.03 -4.70 -6.37
CA GLN A 8 8.50 -4.72 -7.73
C GLN A 8 9.36 -5.62 -8.62
N TYR A 9 10.68 -5.65 -8.40
CA TYR A 9 11.60 -6.46 -9.19
C TYR A 9 11.18 -7.94 -9.30
N LYS A 10 10.55 -8.50 -8.27
CA LYS A 10 10.11 -9.89 -8.27
C LYS A 10 8.65 -10.01 -8.67
N GLU A 11 7.86 -9.00 -8.36
CA GLU A 11 6.43 -8.94 -8.63
C GLU A 11 6.10 -8.49 -10.06
N ASP A 12 7.09 -8.00 -10.80
CA ASP A 12 7.01 -7.53 -12.18
C ASP A 12 6.99 -8.71 -13.16
N HIS A 13 7.67 -9.82 -12.81
CA HIS A 13 7.72 -11.02 -13.64
C HIS A 13 6.31 -11.51 -13.97
N PRO A 14 5.41 -11.80 -13.00
CA PRO A 14 4.05 -12.22 -13.26
C PRO A 14 3.20 -10.98 -13.64
N PHE A 15 3.60 -10.26 -14.70
CA PHE A 15 3.00 -9.05 -15.21
C PHE A 15 1.50 -9.16 -15.44
N GLU A 16 1.03 -10.17 -16.19
CA GLU A 16 -0.40 -10.28 -16.42
C GLU A 16 -1.13 -10.73 -15.17
N TYR A 17 -0.45 -11.44 -14.26
CA TYR A 17 -1.06 -11.91 -13.03
C TYR A 17 -1.33 -10.72 -12.12
N ARG A 18 -0.33 -9.86 -11.86
CA ARG A 18 -0.55 -8.69 -10.99
C ARG A 18 -1.62 -7.81 -11.60
N LYS A 19 -1.58 -7.61 -12.92
CA LYS A 19 -2.54 -6.78 -13.61
C LYS A 19 -3.95 -7.36 -13.53
N LYS A 20 -4.11 -8.67 -13.65
CA LYS A 20 -5.43 -9.30 -13.59
C LYS A 20 -6.02 -9.14 -12.19
N GLU A 21 -5.26 -9.43 -11.14
CA GLU A 21 -5.75 -9.31 -9.78
C GLU A 21 -6.05 -7.84 -9.48
N GLY A 22 -5.16 -6.94 -9.93
CA GLY A 22 -5.29 -5.50 -9.76
C GLY A 22 -6.57 -5.00 -10.41
N GLU A 23 -6.85 -5.44 -11.65
CA GLU A 23 -8.05 -5.04 -12.35
C GLU A 23 -9.27 -5.54 -11.58
N LYS A 24 -9.24 -6.77 -11.06
CA LYS A 24 -10.39 -7.27 -10.34
C LYS A 24 -10.60 -6.50 -9.04
N ILE A 25 -9.58 -6.26 -8.21
CA ILE A 25 -9.77 -5.53 -6.97
C ILE A 25 -10.17 -4.08 -7.26
N ARG A 26 -9.74 -3.53 -8.41
CA ARG A 26 -10.09 -2.18 -8.81
C ARG A 26 -11.58 -2.16 -9.14
N LYS A 27 -12.02 -3.10 -9.98
CA LYS A 27 -13.42 -3.18 -10.35
C LYS A 27 -14.30 -3.51 -9.16
N LYS A 28 -13.89 -4.44 -8.29
CA LYS A 28 -14.68 -4.80 -7.13
C LYS A 28 -14.82 -3.62 -6.17
N TYR A 29 -13.77 -2.82 -5.98
CA TYR A 29 -13.79 -1.66 -5.11
C TYR A 29 -13.32 -0.45 -5.90
N PRO A 30 -14.21 0.23 -6.65
CA PRO A 30 -13.82 1.41 -7.43
C PRO A 30 -13.51 2.62 -6.54
N ASP A 31 -13.85 2.53 -5.25
CA ASP A 31 -13.66 3.52 -4.21
C ASP A 31 -12.42 3.25 -3.35
N ARG A 32 -11.72 2.13 -3.59
CA ARG A 32 -10.55 1.71 -2.84
C ARG A 32 -9.41 1.44 -3.82
N VAL A 33 -8.18 1.42 -3.29
CA VAL A 33 -6.97 1.17 -4.06
C VAL A 33 -6.10 0.16 -3.30
N PRO A 34 -5.54 -0.87 -3.96
CA PRO A 34 -4.68 -1.87 -3.35
C PRO A 34 -3.28 -1.28 -3.22
N VAL A 35 -2.72 -1.35 -2.00
CA VAL A 35 -1.41 -0.82 -1.73
C VAL A 35 -0.51 -1.91 -1.12
N ILE A 36 0.69 -2.04 -1.69
CA ILE A 36 1.72 -2.97 -1.29
C ILE A 36 2.60 -2.12 -0.39
N VAL A 37 2.80 -2.58 0.84
CA VAL A 37 3.58 -1.87 1.84
C VAL A 37 4.82 -2.67 2.21
N GLU A 38 6.00 -2.05 2.14
CA GLU A 38 7.25 -2.69 2.52
C GLU A 38 8.00 -1.81 3.52
N LYS A 39 8.82 -2.44 4.36
CA LYS A 39 9.62 -1.78 5.38
C LYS A 39 10.99 -1.54 4.78
N ALA A 40 11.46 -0.29 4.83
CA ALA A 40 12.75 0.11 4.28
C ALA A 40 13.85 -0.03 5.34
N PRO A 41 15.13 -0.07 4.90
CA PRO A 41 16.25 -0.22 5.81
C PRO A 41 16.40 0.94 6.82
N LYS A 42 17.21 0.69 7.85
CA LYS A 42 17.52 1.59 8.97
C LYS A 42 16.28 1.97 9.78
N ALA A 43 15.11 1.38 9.54
CA ALA A 43 13.92 1.73 10.30
C ALA A 43 13.93 1.06 11.67
N ARG A 44 13.13 1.56 12.61
CA ARG A 44 12.99 1.06 13.97
C ARG A 44 11.49 0.90 14.14
N VAL A 45 10.96 -0.18 13.57
CA VAL A 45 9.54 -0.47 13.60
C VAL A 45 9.26 -1.94 13.93
N PRO A 46 8.22 -2.24 14.72
CA PRO A 46 7.88 -3.60 15.07
C PRO A 46 7.36 -4.31 13.81
N ASP A 47 7.54 -5.63 13.75
CA ASP A 47 7.11 -6.42 12.61
C ASP A 47 5.64 -6.79 12.78
N LEU A 48 4.87 -6.65 11.70
CA LEU A 48 3.45 -6.94 11.61
C LEU A 48 3.32 -7.75 10.34
N ASP A 49 2.66 -8.90 10.39
CA ASP A 49 2.50 -9.78 9.24
C ASP A 49 1.48 -9.27 8.20
N LYS A 50 1.75 -8.12 7.59
CA LYS A 50 0.90 -7.49 6.56
C LYS A 50 1.71 -7.18 5.30
N ARG A 51 1.15 -7.43 4.12
CA ARG A 51 1.77 -7.18 2.81
C ARG A 51 0.88 -6.34 1.92
N LYS A 52 -0.40 -6.70 1.76
CA LYS A 52 -1.35 -5.98 0.92
C LYS A 52 -2.48 -5.39 1.76
N TYR A 53 -2.78 -4.11 1.54
CA TYR A 53 -3.82 -3.36 2.21
C TYR A 53 -4.72 -2.77 1.15
N LEU A 54 -5.96 -2.42 1.52
CA LEU A 54 -6.94 -1.80 0.64
C LEU A 54 -7.38 -0.55 1.40
N VAL A 55 -7.14 0.62 0.82
CA VAL A 55 -7.48 1.91 1.43
C VAL A 55 -8.39 2.72 0.51
N PRO A 56 -9.25 3.61 1.05
CA PRO A 56 -10.16 4.43 0.25
C PRO A 56 -9.39 5.51 -0.50
N SER A 57 -9.85 5.93 -1.68
CA SER A 57 -9.20 6.98 -2.46
C SER A 57 -9.62 8.39 -2.00
N ASP A 58 -10.61 8.46 -1.11
CA ASP A 58 -11.23 9.66 -0.54
C ASP A 58 -10.74 9.98 0.87
N LEU A 59 -9.52 9.56 1.23
CA LEU A 59 -8.95 9.80 2.56
C LEU A 59 -7.58 10.46 2.42
N THR A 60 -7.31 11.44 3.28
CA THR A 60 -6.04 12.14 3.27
C THR A 60 -4.95 11.15 3.70
N VAL A 61 -3.77 11.24 3.09
CA VAL A 61 -2.68 10.35 3.47
C VAL A 61 -2.37 10.59 4.94
N GLY A 62 -2.48 11.85 5.41
CA GLY A 62 -2.24 12.21 6.79
C GLY A 62 -3.12 11.39 7.75
N GLN A 63 -4.39 11.11 7.40
CA GLN A 63 -5.26 10.31 8.26
C GLN A 63 -4.79 8.87 8.28
N PHE A 64 -4.38 8.33 7.13
CA PHE A 64 -3.88 6.97 7.06
C PHE A 64 -2.62 6.89 7.93
N TYR A 65 -1.74 7.90 7.86
CA TYR A 65 -0.51 7.94 8.62
C TYR A 65 -0.87 7.88 10.11
N PHE A 66 -1.85 8.67 10.56
CA PHE A 66 -2.28 8.70 11.94
C PHE A 66 -2.85 7.35 12.41
N LEU A 67 -3.77 6.77 11.64
CA LEU A 67 -4.37 5.51 12.04
C LEU A 67 -3.34 4.39 12.04
N ILE A 68 -2.51 4.25 11.01
CA ILE A 68 -1.52 3.17 11.04
C ILE A 68 -0.54 3.40 12.19
N ARG A 69 -0.15 4.65 12.49
CA ARG A 69 0.77 4.96 13.58
C ARG A 69 0.22 4.41 14.89
N LYS A 70 -1.04 4.72 15.24
CA LYS A 70 -1.62 4.22 16.48
C LYS A 70 -1.76 2.68 16.41
N ARG A 71 -2.10 2.11 15.25
CA ARG A 71 -2.25 0.67 15.11
C ARG A 71 -0.92 -0.03 15.39
N ILE A 72 0.22 0.48 14.89
CA ILE A 72 1.53 -0.14 15.12
C ILE A 72 2.13 0.25 16.48
N HIS A 73 1.36 0.95 17.32
CA HIS A 73 1.69 1.39 18.68
C HIS A 73 3.16 1.81 18.86
N LEU A 74 3.73 2.54 17.90
CA LEU A 74 5.11 3.00 17.98
C LEU A 74 5.29 3.93 19.20
N ARG A 75 6.53 4.02 19.70
CA ARG A 75 6.85 4.87 20.85
C ARG A 75 6.68 6.34 20.47
N PRO A 76 6.59 7.27 21.42
CA PRO A 76 6.42 8.68 21.09
C PRO A 76 7.63 9.25 20.36
N GLU A 77 8.84 8.77 20.67
CA GLU A 77 10.07 9.22 20.04
C GLU A 77 10.32 8.53 18.70
N ASP A 78 9.52 7.51 18.34
CA ASP A 78 9.68 6.79 17.08
C ASP A 78 9.07 7.64 15.96
N ALA A 79 9.91 8.01 14.98
CA ALA A 79 9.46 8.80 13.86
C ALA A 79 8.88 7.83 12.82
N LEU A 80 8.12 8.36 11.87
CA LEU A 80 7.53 7.55 10.82
C LEU A 80 7.38 8.41 9.59
N PHE A 81 7.99 7.95 8.50
CA PHE A 81 7.99 8.58 7.20
C PHE A 81 7.50 7.55 6.19
N PHE A 82 6.85 8.03 5.14
CA PHE A 82 6.30 7.23 4.06
C PHE A 82 6.75 7.84 2.74
N PHE A 83 7.14 6.99 1.80
CA PHE A 83 7.59 7.38 0.47
C PHE A 83 6.92 6.45 -0.53
N VAL A 84 6.21 7.00 -1.51
CA VAL A 84 5.50 6.30 -2.58
C VAL A 84 6.29 6.59 -3.85
N ASN A 85 6.54 5.57 -4.69
CA ASN A 85 7.28 5.66 -5.95
C ASN A 85 8.40 6.71 -5.88
N ASN A 86 9.34 6.46 -4.94
CA ASN A 86 10.52 7.28 -4.62
C ASN A 86 10.23 8.79 -4.45
N THR A 87 9.02 9.17 -4.02
CA THR A 87 8.55 10.55 -3.83
C THR A 87 8.08 10.74 -2.38
N ILE A 88 8.14 11.99 -1.89
CA ILE A 88 7.74 12.42 -0.56
C ILE A 88 6.53 13.37 -0.72
N PRO A 89 5.30 12.87 -0.96
CA PRO A 89 4.12 13.72 -1.13
C PRO A 89 3.71 14.46 0.16
N PRO A 90 2.87 15.51 0.06
CA PRO A 90 2.39 16.28 1.20
C PRO A 90 1.35 15.48 2.02
N THR A 91 1.17 15.81 3.30
CA THR A 91 0.19 15.09 4.14
C THR A 91 -1.24 15.40 3.70
N SER A 92 -1.46 16.53 3.02
CA SER A 92 -2.74 16.98 2.52
C SER A 92 -3.20 16.19 1.29
N ALA A 93 -2.31 15.45 0.61
CA ALA A 93 -2.72 14.68 -0.56
C ALA A 93 -3.68 13.58 -0.11
N THR A 94 -4.44 13.03 -1.05
CA THR A 94 -5.39 11.97 -0.77
C THR A 94 -4.81 10.68 -1.34
N MET A 95 -5.31 9.55 -0.86
CA MET A 95 -4.88 8.25 -1.35
C MET A 95 -5.23 8.15 -2.85
N GLY A 96 -6.30 8.83 -3.28
CA GLY A 96 -6.74 8.86 -4.66
C GLY A 96 -5.77 9.66 -5.51
N GLN A 97 -5.30 10.82 -5.04
CA GLN A 97 -4.37 11.67 -5.79
C GLN A 97 -3.09 10.91 -6.11
N LEU A 98 -2.46 10.27 -5.12
CA LEU A 98 -1.24 9.53 -5.40
C LEU A 98 -1.57 8.33 -6.28
N TYR A 99 -2.70 7.65 -6.08
CA TYR A 99 -3.05 6.49 -6.91
C TYR A 99 -3.25 6.87 -8.38
N GLU A 100 -3.92 8.00 -8.66
CA GLU A 100 -4.14 8.43 -10.03
C GLU A 100 -2.84 8.90 -10.68
N ASP A 101 -1.98 9.61 -9.97
CA ASP A 101 -0.74 10.10 -10.57
C ASP A 101 0.37 9.04 -10.67
N ASN A 102 0.51 8.16 -9.68
CA ASN A 102 1.54 7.11 -9.64
C ASN A 102 1.07 5.85 -10.36
N HIS A 103 -0.14 5.86 -10.92
CA HIS A 103 -0.78 4.78 -11.64
C HIS A 103 0.16 4.01 -12.58
N GLU A 104 0.17 2.68 -12.44
CA GLU A 104 0.96 1.75 -13.23
C GLU A 104 -0.01 0.89 -14.06
N GLU A 105 0.50 0.00 -14.92
CA GLU A 105 -0.34 -0.84 -15.77
C GLU A 105 -1.03 -1.97 -14.98
N ASP A 106 -0.51 -2.31 -13.80
CA ASP A 106 -0.99 -3.35 -12.91
C ASP A 106 -2.13 -2.98 -11.96
N TYR A 107 -2.57 -1.72 -11.90
CA TYR A 107 -3.64 -1.26 -10.99
C TYR A 107 -3.25 -1.34 -9.49
N PHE A 108 -1.96 -1.50 -9.15
CA PHE A 108 -1.44 -1.57 -7.78
C PHE A 108 -0.59 -0.34 -7.47
N LEU A 109 -0.48 0.02 -6.19
CA LEU A 109 0.32 1.17 -5.74
C LEU A 109 1.35 0.68 -4.71
N TYR A 110 2.60 1.09 -4.86
CA TYR A 110 3.72 0.71 -4.00
C TYR A 110 4.17 1.83 -3.05
N VAL A 111 4.24 1.54 -1.75
CA VAL A 111 4.69 2.48 -0.73
C VAL A 111 5.63 1.78 0.25
N ALA A 112 6.63 2.51 0.74
CA ALA A 112 7.59 2.03 1.71
C ALA A 112 7.54 2.95 2.93
N TYR A 113 7.89 2.43 4.11
CA TYR A 113 7.91 3.19 5.36
C TYR A 113 9.26 3.09 6.04
N SER A 114 9.64 4.12 6.81
CA SER A 114 10.92 4.20 7.49
C SER A 114 10.84 5.02 8.79
N ASP A 115 11.82 4.87 9.68
CA ASP A 115 11.92 5.62 10.96
C ASP A 115 12.83 6.81 10.71
N GLU A 116 13.85 6.67 9.86
CA GLU A 116 14.79 7.71 9.50
C GLU A 116 14.89 7.71 7.97
N SER A 117 14.88 8.90 7.38
CA SER A 117 15.01 9.05 5.94
C SER A 117 16.46 8.78 5.57
N VAL A 118 16.73 7.67 4.89
CA VAL A 118 18.04 7.25 4.42
C VAL A 118 17.78 6.37 3.19
N TYR A 119 18.38 6.70 2.05
CA TYR A 119 18.21 5.94 0.81
C TYR A 119 19.40 5.02 0.64
N GLY B 1 -9.31 -9.57 -22.31
CA GLY B 1 -10.05 -10.80 -22.61
C GLY B 1 -11.11 -11.05 -21.55
N ALA B 2 -11.20 -12.27 -21.03
CA ALA B 2 -12.11 -12.75 -20.01
C ALA B 2 -11.32 -13.62 -19.02
N MET B 3 -11.93 -14.02 -17.91
CA MET B 3 -11.28 -14.86 -16.88
C MET B 3 -12.07 -16.14 -16.59
N GLY B 4 -11.50 -16.99 -15.74
CA GLY B 4 -12.06 -18.25 -15.28
C GLY B 4 -12.22 -18.31 -13.75
N SER B 5 -11.65 -17.37 -13.00
CA SER B 5 -11.71 -17.32 -11.55
C SER B 5 -13.06 -16.80 -11.06
N ALA B 6 -13.74 -17.56 -10.20
CA ALA B 6 -15.02 -17.12 -9.64
C ALA B 6 -14.73 -16.15 -8.49
N SER B 7 -13.80 -16.54 -7.61
CA SER B 7 -13.36 -15.77 -6.45
C SER B 7 -12.41 -14.66 -6.89
N SER B 8 -12.23 -13.65 -6.02
CA SER B 8 -11.35 -12.52 -6.24
C SER B 8 -10.25 -12.54 -5.18
N GLU B 9 -9.14 -11.83 -5.43
CA GLU B 9 -8.01 -11.72 -4.52
C GLU B 9 -8.52 -11.00 -3.26
N ASP B 10 -7.96 -11.31 -2.09
CA ASP B 10 -8.37 -10.72 -0.82
C ASP B 10 -7.20 -10.08 -0.09
N TYR B 11 -7.33 -8.81 0.25
CA TYR B 11 -6.32 -8.01 0.95
C TYR B 11 -6.92 -7.46 2.24
N ILE B 12 -6.08 -6.80 3.05
CA ILE B 12 -6.51 -6.26 4.33
C ILE B 12 -7.15 -4.90 4.08
N ILE B 13 -8.48 -4.87 3.97
CA ILE B 13 -9.20 -3.63 3.75
C ILE B 13 -9.22 -2.93 5.11
N ILE B 14 -9.16 -1.61 5.11
CA ILE B 14 -9.18 -0.80 6.31
C ILE B 14 -10.00 0.46 6.03
N LEU B 15 -11.22 0.52 6.55
CA LEU B 15 -12.11 1.66 6.36
C LEU B 15 -13.03 1.86 7.56
N PRO B 16 -12.67 2.71 8.52
CA PRO B 16 -13.52 2.98 9.67
C PRO B 16 -14.56 4.04 9.27
N GLU B 17 -15.42 4.40 10.21
CA GLU B 17 -16.47 5.41 10.05
C GLU B 17 -16.05 6.72 10.72
N SER B 18 -14.99 6.68 11.53
CA SER B 18 -14.43 7.78 12.28
C SER B 18 -12.94 7.48 12.29
N GLY A 1 21.39 -13.89 8.72
CA GLY A 1 20.03 -14.43 8.55
C GLY A 1 19.97 -15.35 7.36
N SER A 2 18.79 -15.50 6.78
CA SER A 2 18.52 -16.35 5.63
C SER A 2 17.65 -15.59 4.61
N PRO A 3 17.64 -16.00 3.33
CA PRO A 3 16.84 -15.36 2.30
C PRO A 3 15.37 -15.70 2.50
N GLU A 4 14.60 -14.83 3.15
CA GLU A 4 13.19 -15.01 3.41
C GLU A 4 12.57 -13.61 3.36
N PHE A 5 12.62 -12.98 2.18
CA PHE A 5 12.09 -11.64 1.91
C PHE A 5 11.30 -11.72 0.59
N LYS A 6 10.25 -10.92 0.43
CA LYS A 6 9.42 -10.93 -0.77
C LYS A 6 9.22 -9.50 -1.25
N PHE A 7 10.12 -9.01 -2.12
CA PHE A 7 10.01 -7.67 -2.67
C PHE A 7 8.93 -7.63 -3.78
N GLN A 8 8.65 -6.43 -4.31
CA GLN A 8 7.65 -6.18 -5.34
C GLN A 8 7.86 -7.02 -6.59
N TYR A 9 9.11 -7.30 -6.97
CA TYR A 9 9.46 -8.11 -8.12
C TYR A 9 8.74 -9.46 -8.13
N LYS A 10 8.44 -10.02 -6.95
CA LYS A 10 7.77 -11.30 -6.84
C LYS A 10 6.30 -11.23 -7.26
N GLU A 11 5.64 -10.08 -7.09
CA GLU A 11 4.24 -9.88 -7.46
C GLU A 11 4.06 -9.07 -8.73
N ASP A 12 5.11 -8.36 -9.17
CA ASP A 12 5.16 -7.56 -10.40
C ASP A 12 5.40 -8.50 -11.59
N HIS A 13 6.14 -9.60 -11.37
CA HIS A 13 6.49 -10.58 -12.38
C HIS A 13 5.25 -11.11 -13.11
N PRO A 14 4.23 -11.68 -12.45
CA PRO A 14 3.03 -12.17 -13.12
C PRO A 14 2.17 -10.94 -13.55
N PHE A 15 2.66 -10.15 -14.49
CA PHE A 15 1.97 -8.95 -14.97
C PHE A 15 0.58 -9.27 -15.51
N GLU A 16 0.37 -10.44 -16.12
CA GLU A 16 -0.96 -10.78 -16.62
C GLU A 16 -1.95 -10.81 -15.45
N TYR A 17 -1.50 -11.31 -14.29
CA TYR A 17 -2.32 -11.39 -13.09
C TYR A 17 -2.49 -10.00 -12.54
N ARG A 18 -1.42 -9.21 -12.41
CA ARG A 18 -1.52 -7.86 -11.87
C ARG A 18 -2.54 -7.04 -12.67
N LYS A 19 -2.52 -7.14 -14.00
CA LYS A 19 -3.45 -6.39 -14.82
C LYS A 19 -4.87 -6.94 -14.71
N LYS A 20 -5.06 -8.25 -14.83
CA LYS A 20 -6.38 -8.87 -14.75
C LYS A 20 -7.03 -8.65 -13.37
N GLU A 21 -6.30 -8.91 -12.30
CA GLU A 21 -6.75 -8.76 -10.93
C GLU A 21 -7.05 -7.29 -10.66
N GLY A 22 -6.12 -6.40 -11.04
CA GLY A 22 -6.24 -4.96 -10.88
C GLY A 22 -7.47 -4.46 -11.60
N GLU A 23 -7.69 -4.89 -12.83
CA GLU A 23 -8.85 -4.51 -13.63
C GLU A 23 -10.13 -4.95 -12.92
N LYS A 24 -10.14 -6.16 -12.33
CA LYS A 24 -11.32 -6.66 -11.65
C LYS A 24 -11.61 -5.85 -10.39
N ILE A 25 -10.61 -5.59 -9.53
CA ILE A 25 -10.87 -4.83 -8.31
C ILE A 25 -11.11 -3.36 -8.64
N ARG A 26 -10.52 -2.83 -9.72
CA ARG A 26 -10.70 -1.45 -10.17
C ARG A 26 -12.14 -1.30 -10.60
N LYS A 27 -12.66 -2.26 -11.37
CA LYS A 27 -14.04 -2.19 -11.81
C LYS A 27 -15.03 -2.48 -10.68
N LYS A 28 -14.63 -3.25 -9.66
CA LYS A 28 -15.53 -3.56 -8.53
C LYS A 28 -15.61 -2.39 -7.53
N TYR A 29 -14.47 -1.81 -7.16
CA TYR A 29 -14.33 -0.68 -6.24
C TYR A 29 -13.35 0.31 -6.89
N PRO A 30 -13.77 1.14 -7.86
CA PRO A 30 -12.87 2.10 -8.53
C PRO A 30 -12.38 3.20 -7.60
N ASP A 31 -13.20 3.50 -6.61
CA ASP A 31 -12.99 4.50 -5.56
C ASP A 31 -11.94 4.04 -4.54
N ARG A 32 -11.39 2.85 -4.71
CA ARG A 32 -10.39 2.24 -3.86
C ARG A 32 -9.14 1.97 -4.69
N VAL A 33 -8.03 1.79 -4.00
CA VAL A 33 -6.75 1.54 -4.61
C VAL A 33 -6.02 0.44 -3.81
N PRO A 34 -5.51 -0.61 -4.48
CA PRO A 34 -4.77 -1.65 -3.81
C PRO A 34 -3.38 -1.01 -3.56
N VAL A 35 -2.95 -1.04 -2.31
CA VAL A 35 -1.70 -0.47 -1.87
C VAL A 35 -0.82 -1.56 -1.30
N ILE A 36 0.42 -1.58 -1.76
CA ILE A 36 1.40 -2.54 -1.30
C ILE A 36 2.35 -1.73 -0.44
N VAL A 37 2.58 -2.18 0.80
CA VAL A 37 3.43 -1.50 1.78
C VAL A 37 4.66 -2.37 2.02
N GLU A 38 5.87 -1.79 1.95
CA GLU A 38 7.14 -2.49 2.17
C GLU A 38 8.00 -1.70 3.15
N LYS A 39 8.73 -2.40 4.02
CA LYS A 39 9.59 -1.76 5.02
C LYS A 39 10.95 -1.47 4.39
N ALA A 40 11.53 -0.32 4.70
CA ALA A 40 12.83 0.10 4.19
C ALA A 40 13.92 -0.36 5.17
N PRO A 41 15.20 -0.36 4.75
CA PRO A 41 16.29 -0.75 5.61
C PRO A 41 16.45 0.35 6.68
N LYS A 42 17.10 0.03 7.81
CA LYS A 42 17.35 0.91 8.96
C LYS A 42 16.09 1.14 9.81
N ALA A 43 14.91 0.69 9.37
CA ALA A 43 13.68 0.86 10.13
C ALA A 43 13.78 0.09 11.47
N ARG A 44 13.07 0.55 12.49
CA ARG A 44 13.03 -0.04 13.83
C ARG A 44 11.57 -0.18 14.25
N VAL A 45 10.74 -0.80 13.41
CA VAL A 45 9.32 -1.00 13.68
C VAL A 45 8.88 -2.43 13.35
N PRO A 46 7.79 -2.93 13.98
CA PRO A 46 7.29 -4.27 13.73
C PRO A 46 6.73 -4.45 12.32
N ASP A 47 6.69 -5.71 11.89
CA ASP A 47 6.18 -6.14 10.60
C ASP A 47 4.68 -6.40 10.71
N LEU A 48 4.02 -6.52 9.55
CA LEU A 48 2.59 -6.78 9.46
C LEU A 48 2.39 -8.08 8.69
N ASP A 49 1.27 -8.74 8.97
CA ASP A 49 0.81 -10.02 8.45
C ASP A 49 0.92 -10.17 6.95
N LYS A 50 0.52 -9.16 6.19
CA LYS A 50 0.55 -9.19 4.74
C LYS A 50 1.07 -7.88 4.20
N ARG A 51 1.49 -7.89 2.93
CA ARG A 51 2.00 -6.71 2.25
C ARG A 51 0.94 -6.01 1.42
N LYS A 52 -0.15 -6.71 1.06
CA LYS A 52 -1.24 -6.17 0.24
C LYS A 52 -2.36 -5.60 1.08
N TYR A 53 -2.79 -4.38 0.77
CA TYR A 53 -3.85 -3.66 1.43
C TYR A 53 -4.77 -3.06 0.37
N LEU A 54 -5.94 -2.59 0.78
CA LEU A 54 -6.95 -1.96 -0.07
C LEU A 54 -7.48 -0.81 0.75
N VAL A 55 -7.35 0.43 0.26
CA VAL A 55 -7.82 1.62 0.98
C VAL A 55 -8.64 2.53 0.05
N PRO A 56 -9.53 3.39 0.58
CA PRO A 56 -10.32 4.29 -0.24
C PRO A 56 -9.43 5.45 -0.72
N SER A 57 -9.77 6.03 -1.86
CA SER A 57 -9.05 7.13 -2.50
C SER A 57 -9.19 8.43 -1.68
N ASP A 58 -10.33 8.64 -1.03
CA ASP A 58 -10.61 9.84 -0.24
C ASP A 58 -9.80 9.91 1.07
N LEU A 59 -9.08 8.84 1.46
CA LEU A 59 -8.30 8.80 2.69
C LEU A 59 -7.14 9.79 2.68
N THR A 60 -7.18 10.81 3.54
CA THR A 60 -6.13 11.82 3.65
C THR A 60 -4.81 11.12 4.05
N VAL A 61 -3.68 11.57 3.50
CA VAL A 61 -2.36 11.00 3.77
C VAL A 61 -2.07 11.03 5.28
N GLY A 62 -2.39 12.13 5.97
CA GLY A 62 -2.17 12.22 7.41
C GLY A 62 -2.96 11.14 8.17
N GLN A 63 -4.20 10.88 7.76
CA GLN A 63 -5.03 9.85 8.39
C GLN A 63 -4.44 8.48 8.15
N PHE A 64 -3.92 8.21 6.95
CA PHE A 64 -3.28 6.93 6.65
C PHE A 64 -2.11 6.74 7.61
N TYR A 65 -1.29 7.78 7.80
CA TYR A 65 -0.14 7.73 8.71
C TYR A 65 -0.61 7.42 10.13
N PHE A 66 -1.65 8.09 10.63
CA PHE A 66 -2.15 7.85 11.99
C PHE A 66 -2.61 6.40 12.15
N LEU A 67 -3.33 5.87 11.16
CA LEU A 67 -3.86 4.51 11.18
C LEU A 67 -2.72 3.49 11.25
N ILE A 68 -1.70 3.60 10.40
CA ILE A 68 -0.58 2.65 10.44
C ILE A 68 0.24 2.88 11.70
N ARG A 69 0.51 4.12 12.12
CA ARG A 69 1.28 4.43 13.34
C ARG A 69 0.63 3.71 14.52
N LYS A 70 -0.69 3.82 14.65
CA LYS A 70 -1.42 3.16 15.73
C LYS A 70 -1.28 1.64 15.58
N ARG A 71 -1.33 1.09 14.35
CA ARG A 71 -1.22 -0.35 14.12
C ARG A 71 0.12 -0.92 14.58
N ILE A 72 1.22 -0.21 14.36
CA ILE A 72 2.56 -0.66 14.75
C ILE A 72 2.87 -0.34 16.22
N HIS A 73 2.00 0.41 16.91
CA HIS A 73 2.13 0.80 18.32
C HIS A 73 3.48 1.46 18.67
N LEU A 74 4.11 2.22 17.77
CA LEU A 74 5.39 2.89 18.04
C LEU A 74 5.27 3.89 19.20
N ARG A 75 6.38 4.21 19.89
CA ARG A 75 6.40 5.13 21.01
C ARG A 75 6.18 6.56 20.51
N PRO A 76 5.80 7.52 21.37
CA PRO A 76 5.58 8.90 20.94
C PRO A 76 6.87 9.61 20.53
N GLU A 77 8.01 9.16 21.07
CA GLU A 77 9.32 9.72 20.80
C GLU A 77 9.96 9.15 19.51
N ASP A 78 9.40 8.08 18.95
CA ASP A 78 9.87 7.44 17.72
C ASP A 78 9.45 8.31 16.54
N ALA A 79 10.16 8.18 15.42
CA ALA A 79 9.86 8.92 14.20
C ALA A 79 9.03 8.03 13.27
N LEU A 80 8.54 8.60 12.16
CA LEU A 80 7.75 7.87 11.19
C LEU A 80 7.82 8.64 9.88
N PHE A 81 8.24 7.98 8.80
CA PHE A 81 8.35 8.56 7.47
C PHE A 81 7.88 7.53 6.46
N PHE A 82 7.25 8.00 5.38
CA PHE A 82 6.71 7.20 4.29
C PHE A 82 7.11 7.85 2.98
N PHE A 83 7.27 7.04 1.92
CA PHE A 83 7.64 7.45 0.57
C PHE A 83 6.80 6.64 -0.40
N VAL A 84 6.34 7.25 -1.49
CA VAL A 84 5.52 6.62 -2.52
C VAL A 84 6.19 6.94 -3.84
N ASN A 85 6.50 5.93 -4.65
CA ASN A 85 7.18 6.06 -5.94
C ASN A 85 8.37 7.03 -5.83
N ASN A 86 9.16 6.88 -4.75
CA ASN A 86 10.35 7.66 -4.38
C ASN A 86 10.09 9.15 -4.11
N THR A 87 8.86 9.60 -3.91
CA THR A 87 8.43 10.98 -3.68
C THR A 87 7.75 11.17 -2.32
N ILE A 88 7.81 12.39 -1.79
CA ILE A 88 7.25 12.81 -0.50
C ILE A 88 5.99 13.66 -0.74
N PRO A 89 4.77 13.08 -0.77
CA PRO A 89 3.55 13.87 -0.97
C PRO A 89 3.20 14.61 0.34
N PRO A 90 2.39 15.68 0.31
CA PRO A 90 2.02 16.41 1.51
C PRO A 90 1.00 15.63 2.34
N THR A 91 1.01 15.85 3.66
CA THR A 91 0.12 15.22 4.63
C THR A 91 -1.36 15.56 4.38
N SER A 92 -1.65 16.68 3.72
CA SER A 92 -3.01 17.10 3.42
C SER A 92 -3.53 16.44 2.13
N ALA A 93 -2.68 15.83 1.31
CA ALA A 93 -3.14 15.18 0.09
C ALA A 93 -4.02 13.98 0.46
N THR A 94 -4.60 13.35 -0.55
CA THR A 94 -5.46 12.19 -0.40
C THR A 94 -4.81 11.01 -1.13
N MET A 95 -5.20 9.79 -0.74
CA MET A 95 -4.73 8.56 -1.35
C MET A 95 -4.95 8.65 -2.87
N GLY A 96 -6.04 9.31 -3.29
CA GLY A 96 -6.43 9.55 -4.65
C GLY A 96 -5.36 10.30 -5.45
N GLN A 97 -4.77 11.36 -4.90
CA GLN A 97 -3.74 12.16 -5.59
C GLN A 97 -2.54 11.30 -5.93
N LEU A 98 -1.98 10.58 -4.97
CA LEU A 98 -0.81 9.75 -5.25
C LEU A 98 -1.21 8.60 -6.19
N TYR A 99 -2.39 7.99 -5.99
CA TYR A 99 -2.88 6.90 -6.82
C TYR A 99 -3.00 7.35 -8.27
N GLU A 100 -3.62 8.50 -8.54
CA GLU A 100 -3.78 9.03 -9.90
C GLU A 100 -2.46 9.51 -10.51
N ASP A 101 -1.52 10.00 -9.69
CA ASP A 101 -0.23 10.52 -10.18
C ASP A 101 0.75 9.40 -10.49
N ASN A 102 0.72 8.33 -9.70
CA ASN A 102 1.56 7.14 -9.83
C ASN A 102 0.86 6.06 -10.63
N HIS A 103 -0.37 6.33 -11.10
CA HIS A 103 -1.24 5.46 -11.86
C HIS A 103 -0.51 4.53 -12.83
N GLU A 104 -0.82 3.25 -12.77
CA GLU A 104 -0.24 2.23 -13.62
C GLU A 104 -1.38 1.57 -14.39
N GLU A 105 -1.07 0.82 -15.43
CA GLU A 105 -2.06 0.16 -16.28
C GLU A 105 -2.66 -1.05 -15.57
N ASP A 106 -2.06 -1.51 -14.47
CA ASP A 106 -2.51 -2.63 -13.67
C ASP A 106 -3.23 -2.14 -12.40
N TYR A 107 -3.27 -0.83 -12.16
CA TYR A 107 -3.93 -0.17 -11.03
C TYR A 107 -3.30 -0.38 -9.64
N PHE A 108 -1.99 -0.66 -9.49
CA PHE A 108 -1.39 -0.88 -8.16
C PHE A 108 -0.68 0.37 -7.65
N LEU A 109 -0.55 0.51 -6.31
CA LEU A 109 0.14 1.64 -5.68
C LEU A 109 1.23 1.09 -4.76
N TYR A 110 2.46 1.57 -4.88
CA TYR A 110 3.63 1.17 -4.10
C TYR A 110 4.02 2.22 -3.06
N VAL A 111 4.12 1.85 -1.79
CA VAL A 111 4.52 2.76 -0.72
C VAL A 111 5.53 2.03 0.18
N ALA A 112 6.51 2.77 0.71
CA ALA A 112 7.56 2.28 1.59
C ALA A 112 7.52 3.07 2.89
N TYR A 113 7.95 2.46 4.00
CA TYR A 113 7.98 3.09 5.33
C TYR A 113 9.25 2.75 6.11
N SER A 114 9.67 3.67 6.97
CA SER A 114 10.85 3.55 7.83
C SER A 114 10.71 4.50 9.01
N ASP A 115 11.48 4.25 10.07
CA ASP A 115 11.45 5.06 11.28
C ASP A 115 12.11 6.42 11.02
N GLU A 116 13.32 6.40 10.47
CA GLU A 116 14.10 7.59 10.18
C GLU A 116 14.24 7.80 8.67
N SER A 117 14.36 9.06 8.25
CA SER A 117 14.53 9.39 6.85
C SER A 117 15.98 9.10 6.49
N VAL A 118 16.27 7.93 5.91
CA VAL A 118 17.61 7.53 5.51
C VAL A 118 17.48 6.62 4.29
N TYR A 119 17.97 7.06 3.12
CA TYR A 119 17.92 6.26 1.90
C TYR A 119 18.89 5.11 2.10
N GLY B 1 -3.97 -17.47 -18.71
CA GLY B 1 -4.56 -18.79 -18.41
C GLY B 1 -6.07 -18.69 -18.28
N ALA B 2 -6.69 -19.69 -17.64
CA ALA B 2 -8.12 -19.78 -17.42
C ALA B 2 -8.53 -19.04 -16.16
N MET B 3 -9.82 -18.75 -16.01
CA MET B 3 -10.39 -18.08 -14.85
C MET B 3 -10.86 -19.17 -13.88
N GLY B 4 -10.68 -18.96 -12.57
CA GLY B 4 -11.08 -19.92 -11.54
C GLY B 4 -11.67 -19.29 -10.29
N SER B 5 -11.35 -18.02 -9.97
CA SER B 5 -11.90 -17.36 -8.81
C SER B 5 -13.33 -16.93 -9.15
N ALA B 6 -14.23 -16.98 -8.17
CA ALA B 6 -15.62 -16.58 -8.36
C ALA B 6 -15.85 -15.15 -7.90
N SER B 7 -15.00 -14.65 -7.00
CA SER B 7 -15.06 -13.32 -6.43
C SER B 7 -13.82 -12.49 -6.82
N SER B 8 -13.68 -11.33 -6.18
CA SER B 8 -12.57 -10.42 -6.37
C SER B 8 -11.38 -10.89 -5.51
N GLU B 9 -10.23 -10.21 -5.65
CA GLU B 9 -9.05 -10.55 -4.88
C GLU B 9 -9.30 -10.21 -3.42
N ASP B 10 -8.61 -10.90 -2.51
CA ASP B 10 -8.77 -10.70 -1.08
C ASP B 10 -7.47 -10.19 -0.47
N TYR B 11 -7.45 -8.90 -0.11
CA TYR B 11 -6.33 -8.19 0.49
C TYR B 11 -6.77 -7.63 1.85
N ILE B 12 -5.89 -6.91 2.57
CA ILE B 12 -6.25 -6.37 3.88
C ILE B 12 -6.96 -5.03 3.67
N ILE B 13 -8.28 -5.04 3.84
CA ILE B 13 -9.14 -3.87 3.68
C ILE B 13 -8.96 -2.99 4.93
N ILE B 14 -8.77 -1.68 4.75
CA ILE B 14 -8.62 -0.71 5.83
C ILE B 14 -9.27 0.59 5.32
N LEU B 15 -10.13 1.20 6.13
CA LEU B 15 -10.84 2.45 5.83
C LEU B 15 -10.99 3.21 7.16
N PRO B 16 -11.14 4.55 7.13
CA PRO B 16 -11.30 5.33 8.35
C PRO B 16 -12.67 5.05 8.98
N GLU B 17 -12.74 4.83 10.30
CA GLU B 17 -14.01 4.58 10.98
C GLU B 17 -14.75 5.88 11.30
N SER B 18 -14.16 7.06 11.05
CA SER B 18 -14.75 8.36 11.30
C SER B 18 -14.48 9.20 10.08
N GLY A 1 4.42 -23.57 4.77
CA GLY A 1 3.51 -22.42 4.92
C GLY A 1 4.27 -21.11 4.78
N SER A 2 3.83 -20.08 5.50
CA SER A 2 4.38 -18.72 5.54
C SER A 2 4.40 -18.06 4.15
N PRO A 3 3.27 -17.45 3.71
CA PRO A 3 3.12 -16.79 2.41
C PRO A 3 3.80 -15.41 2.40
N GLU A 4 5.12 -15.40 2.54
CA GLU A 4 5.94 -14.19 2.54
C GLU A 4 6.18 -13.72 1.11
N PHE A 5 6.02 -12.42 0.89
CA PHE A 5 6.22 -11.75 -0.38
C PHE A 5 7.65 -11.17 -0.36
N LYS A 6 8.08 -10.57 -1.46
CA LYS A 6 9.42 -9.99 -1.61
C LYS A 6 9.28 -8.53 -2.06
N PHE A 7 10.40 -7.85 -2.29
CA PHE A 7 10.41 -6.47 -2.74
C PHE A 7 9.69 -6.36 -4.08
N GLN A 8 9.30 -5.14 -4.51
CA GLN A 8 8.60 -4.95 -5.80
C GLN A 8 9.42 -5.52 -6.97
N TYR A 9 10.73 -5.68 -6.80
CA TYR A 9 11.64 -6.26 -7.78
C TYR A 9 11.10 -7.63 -8.25
N LYS A 10 10.36 -8.34 -7.39
CA LYS A 10 9.79 -9.64 -7.72
C LYS A 10 8.38 -9.48 -8.29
N GLU A 11 7.65 -8.42 -7.93
CA GLU A 11 6.30 -8.15 -8.42
C GLU A 11 6.35 -7.63 -9.87
N ASP A 12 7.49 -7.06 -10.28
CA ASP A 12 7.76 -6.52 -11.61
C ASP A 12 7.79 -7.64 -12.66
N HIS A 13 8.13 -8.86 -12.24
CA HIS A 13 8.17 -10.02 -13.14
C HIS A 13 6.77 -10.42 -13.60
N PRO A 14 5.81 -10.78 -12.73
CA PRO A 14 4.45 -11.17 -13.10
C PRO A 14 3.57 -9.99 -13.52
N PHE A 15 4.07 -9.10 -14.39
CA PHE A 15 3.39 -7.91 -14.91
C PHE A 15 2.00 -8.30 -15.44
N GLU A 16 1.89 -9.33 -16.28
CA GLU A 16 0.57 -9.73 -16.82
C GLU A 16 -0.41 -10.16 -15.72
N TYR A 17 0.09 -10.83 -14.67
CA TYR A 17 -0.76 -11.28 -13.57
C TYR A 17 -1.17 -10.08 -12.74
N ARG A 18 -0.21 -9.21 -12.43
CA ARG A 18 -0.39 -7.99 -11.66
C ARG A 18 -1.38 -7.06 -12.36
N LYS A 19 -1.28 -6.94 -13.68
CA LYS A 19 -2.16 -6.10 -14.46
C LYS A 19 -3.58 -6.66 -14.39
N LYS A 20 -3.76 -7.97 -14.62
CA LYS A 20 -5.09 -8.54 -14.57
C LYS A 20 -5.71 -8.47 -13.17
N GLU A 21 -4.95 -8.85 -12.13
CA GLU A 21 -5.44 -8.83 -10.75
C GLU A 21 -5.75 -7.42 -10.27
N GLY A 22 -4.91 -6.45 -10.63
CA GLY A 22 -5.09 -5.06 -10.26
C GLY A 22 -6.36 -4.52 -10.88
N GLU A 23 -6.56 -4.80 -12.16
CA GLU A 23 -7.75 -4.37 -12.85
C GLU A 23 -8.97 -5.09 -12.26
N LYS A 24 -8.83 -6.33 -11.80
CA LYS A 24 -9.95 -7.06 -11.24
C LYS A 24 -10.39 -6.41 -9.93
N ILE A 25 -9.46 -6.09 -9.00
CA ILE A 25 -9.87 -5.49 -7.74
C ILE A 25 -10.25 -4.01 -7.92
N ARG A 26 -9.63 -3.30 -8.88
CA ARG A 26 -9.94 -1.89 -9.15
C ARG A 26 -11.35 -1.80 -9.69
N LYS A 27 -11.68 -2.61 -10.71
CA LYS A 27 -13.02 -2.58 -11.26
C LYS A 27 -14.04 -3.02 -10.21
N LYS A 28 -13.69 -3.96 -9.33
CA LYS A 28 -14.60 -4.41 -8.29
C LYS A 28 -14.92 -3.24 -7.34
N TYR A 29 -13.92 -2.44 -6.94
CA TYR A 29 -14.08 -1.31 -6.02
C TYR A 29 -13.48 -0.03 -6.62
N PRO A 30 -14.16 0.70 -7.51
CA PRO A 30 -13.63 1.93 -8.12
C PRO A 30 -13.28 3.04 -7.12
N ASP A 31 -14.06 3.22 -6.06
CA ASP A 31 -13.84 4.26 -5.04
C ASP A 31 -12.64 3.95 -4.12
N ARG A 32 -11.94 2.83 -4.36
CA ARG A 32 -10.82 2.41 -3.53
C ARG A 32 -9.59 2.12 -4.36
N VAL A 33 -8.41 2.15 -3.74
CA VAL A 33 -7.14 1.89 -4.39
C VAL A 33 -6.36 0.83 -3.60
N PRO A 34 -5.81 -0.20 -4.27
CA PRO A 34 -5.00 -1.22 -3.63
C PRO A 34 -3.60 -0.64 -3.39
N VAL A 35 -3.15 -0.71 -2.15
CA VAL A 35 -1.86 -0.20 -1.75
C VAL A 35 -0.97 -1.37 -1.32
N ILE A 36 0.23 -1.40 -1.87
CA ILE A 36 1.28 -2.38 -1.62
C ILE A 36 2.23 -1.64 -0.67
N VAL A 37 2.27 -2.07 0.59
CA VAL A 37 3.12 -1.46 1.60
C VAL A 37 4.45 -2.23 1.65
N GLU A 38 5.56 -1.51 1.59
CA GLU A 38 6.91 -2.07 1.65
C GLU A 38 7.70 -1.30 2.72
N LYS A 39 8.56 -2.02 3.41
CA LYS A 39 9.39 -1.47 4.47
C LYS A 39 10.80 -1.34 3.91
N ALA A 40 11.44 -0.22 4.17
CA ALA A 40 12.77 0.09 3.68
C ALA A 40 13.85 -0.38 4.66
N PRO A 41 15.09 -0.53 4.17
CA PRO A 41 16.19 -0.91 5.05
C PRO A 41 16.43 0.28 5.98
N LYS A 42 17.01 0.03 7.16
CA LYS A 42 17.34 0.97 8.24
C LYS A 42 16.10 1.28 9.12
N ALA A 43 14.90 0.79 8.79
CA ALA A 43 13.71 1.05 9.60
C ALA A 43 13.86 0.43 11.00
N ARG A 44 13.77 1.25 12.05
CA ARG A 44 13.88 0.87 13.46
C ARG A 44 12.55 0.42 14.07
N VAL A 45 11.44 0.65 13.38
CA VAL A 45 10.11 0.32 13.86
C VAL A 45 9.79 -1.16 13.56
N PRO A 46 8.87 -1.80 14.32
CA PRO A 46 8.52 -3.20 14.13
C PRO A 46 7.80 -3.48 12.81
N ASP A 47 7.89 -4.73 12.37
CA ASP A 47 7.26 -5.23 11.15
C ASP A 47 5.83 -5.68 11.42
N LEU A 48 5.01 -5.79 10.38
CA LEU A 48 3.61 -6.21 10.47
C LEU A 48 3.34 -7.30 9.42
N ASP A 49 2.40 -8.21 9.70
CA ASP A 49 2.06 -9.35 8.84
C ASP A 49 1.19 -9.05 7.60
N LYS A 50 0.61 -7.84 7.48
CA LYS A 50 -0.26 -7.49 6.34
C LYS A 50 0.52 -6.57 5.40
N ARG A 51 0.67 -6.99 4.15
CA ARG A 51 1.40 -6.26 3.11
C ARG A 51 0.53 -5.59 2.04
N LYS A 52 -0.71 -6.04 1.83
CA LYS A 52 -1.58 -5.45 0.80
C LYS A 52 -2.83 -4.91 1.47
N TYR A 53 -3.13 -3.63 1.25
CA TYR A 53 -4.29 -2.97 1.82
C TYR A 53 -5.14 -2.32 0.71
N LEU A 54 -6.36 -1.90 1.02
CA LEU A 54 -7.29 -1.24 0.11
C LEU A 54 -7.85 -0.08 0.92
N VAL A 55 -7.72 1.15 0.43
CA VAL A 55 -8.19 2.36 1.11
C VAL A 55 -9.06 3.19 0.16
N PRO A 56 -9.94 4.07 0.68
CA PRO A 56 -10.80 4.90 -0.16
C PRO A 56 -9.95 6.04 -0.71
N SER A 57 -10.34 6.61 -1.85
CA SER A 57 -9.61 7.73 -2.44
C SER A 57 -9.65 8.97 -1.52
N ASP A 58 -10.74 9.15 -0.79
CA ASP A 58 -11.04 10.25 0.12
C ASP A 58 -10.16 10.35 1.37
N LEU A 59 -9.38 9.30 1.71
CA LEU A 59 -8.53 9.29 2.90
C LEU A 59 -7.27 10.14 2.71
N THR A 60 -6.88 10.93 3.71
CA THR A 60 -5.66 11.75 3.64
C THR A 60 -4.49 10.87 4.09
N VAL A 61 -3.28 11.05 3.54
CA VAL A 61 -2.14 10.23 3.93
C VAL A 61 -1.82 10.39 5.40
N GLY A 62 -1.99 11.60 5.95
CA GLY A 62 -1.72 11.86 7.35
C GLY A 62 -2.51 10.93 8.26
N GLN A 63 -3.75 10.61 7.90
CA GLN A 63 -4.61 9.71 8.66
C GLN A 63 -4.12 8.27 8.54
N PHE A 64 -3.76 7.83 7.32
CA PHE A 64 -3.27 6.47 7.11
C PHE A 64 -1.97 6.26 7.91
N TYR A 65 -1.04 7.21 7.82
CA TYR A 65 0.24 7.13 8.52
C TYR A 65 -0.02 7.13 10.02
N PHE A 66 -0.88 8.01 10.53
CA PHE A 66 -1.23 8.10 11.96
C PHE A 66 -1.83 6.78 12.46
N LEU A 67 -2.66 6.12 11.65
CA LEU A 67 -3.29 4.85 12.01
C LEU A 67 -2.24 3.75 12.11
N ILE A 68 -1.32 3.66 11.15
CA ILE A 68 -0.28 2.63 11.22
C ILE A 68 0.64 2.97 12.38
N ARG A 69 0.95 4.26 12.63
CA ARG A 69 1.79 4.67 13.75
C ARG A 69 1.16 4.16 15.05
N LYS A 70 -0.17 4.26 15.15
CA LYS A 70 -0.93 3.78 16.29
C LYS A 70 -0.73 2.28 16.45
N ARG A 71 -0.78 1.52 15.35
CA ARG A 71 -0.59 0.07 15.38
C ARG A 71 0.83 -0.32 15.79
N ILE A 72 1.87 0.33 15.27
CA ILE A 72 3.27 0.00 15.61
C ILE A 72 3.75 0.60 16.93
N HIS A 73 2.87 1.29 17.66
CA HIS A 73 3.08 1.92 18.98
C HIS A 73 4.51 2.42 19.24
N LEU A 74 5.12 3.05 18.24
CA LEU A 74 6.48 3.58 18.29
C LEU A 74 6.62 4.76 19.27
N ARG A 75 7.83 5.01 19.75
CA ARG A 75 8.15 6.08 20.70
C ARG A 75 7.90 7.46 20.08
N PRO A 76 7.76 8.53 20.89
CA PRO A 76 7.55 9.86 20.35
C PRO A 76 8.80 10.37 19.64
N GLU A 77 9.96 9.83 20.01
CA GLU A 77 11.29 10.11 19.50
C GLU A 77 11.58 9.36 18.20
N ASP A 78 10.89 8.25 17.94
CA ASP A 78 11.10 7.43 16.75
C ASP A 78 10.70 8.24 15.53
N ALA A 79 11.62 8.42 14.58
CA ALA A 79 11.37 9.17 13.35
C ALA A 79 10.42 8.35 12.46
N LEU A 80 9.81 8.99 11.45
CA LEU A 80 8.89 8.30 10.55
C LEU A 80 8.77 9.07 9.24
N PHE A 81 9.06 8.39 8.13
CA PHE A 81 8.99 8.93 6.78
C PHE A 81 8.30 7.91 5.87
N PHE A 82 7.62 8.39 4.84
CA PHE A 82 6.91 7.57 3.85
C PHE A 82 7.13 8.17 2.47
N PHE A 83 7.37 7.33 1.47
CA PHE A 83 7.62 7.72 0.08
C PHE A 83 6.72 6.91 -0.86
N VAL A 84 6.36 7.50 -1.99
CA VAL A 84 5.55 6.89 -3.03
C VAL A 84 6.11 7.41 -4.36
N ASN A 85 6.16 6.57 -5.41
CA ASN A 85 6.68 6.89 -6.74
C ASN A 85 8.01 7.64 -6.65
N ASN A 86 8.87 7.23 -5.71
CA ASN A 86 10.19 7.79 -5.39
C ASN A 86 10.11 9.31 -5.22
N THR A 87 9.00 9.78 -4.66
CA THR A 87 8.65 11.16 -4.40
C THR A 87 8.18 11.29 -2.95
N ILE A 88 8.32 12.49 -2.37
CA ILE A 88 7.92 12.81 -1.01
C ILE A 88 6.72 13.77 -1.14
N PRO A 89 5.48 13.26 -1.21
CA PRO A 89 4.28 14.09 -1.35
C PRO A 89 3.85 14.77 -0.03
N PRO A 90 2.93 15.76 -0.08
CA PRO A 90 2.47 16.47 1.11
C PRO A 90 1.58 15.60 2.00
N THR A 91 1.52 15.95 3.29
CA THR A 91 0.75 15.27 4.32
C THR A 91 -0.76 15.43 4.13
N SER A 92 -1.18 16.58 3.61
CA SER A 92 -2.58 16.88 3.36
C SER A 92 -3.07 16.24 2.05
N ALA A 93 -2.22 15.54 1.29
CA ALA A 93 -2.71 14.90 0.08
C ALA A 93 -3.69 13.79 0.46
N THR A 94 -4.38 13.26 -0.54
CA THR A 94 -5.34 12.20 -0.40
C THR A 94 -4.88 10.99 -1.20
N MET A 95 -5.39 9.83 -0.83
CA MET A 95 -5.08 8.57 -1.47
C MET A 95 -5.47 8.67 -2.94
N GLY A 96 -6.60 9.34 -3.23
CA GLY A 96 -7.13 9.55 -4.55
C GLY A 96 -6.18 10.42 -5.34
N GLN A 97 -5.71 11.55 -4.80
CA GLN A 97 -4.81 12.44 -5.54
C GLN A 97 -3.54 11.71 -5.96
N LEU A 98 -2.85 11.04 -5.03
CA LEU A 98 -1.61 10.35 -5.38
C LEU A 98 -1.90 9.16 -6.31
N TYR A 99 -2.99 8.40 -6.12
CA TYR A 99 -3.37 7.28 -6.97
C TYR A 99 -3.67 7.78 -8.39
N GLU A 100 -4.35 8.93 -8.50
CA GLU A 100 -4.74 9.59 -9.72
C GLU A 100 -3.49 10.09 -10.45
N ASP A 101 -2.54 10.67 -9.72
CA ASP A 101 -1.33 11.20 -10.33
C ASP A 101 -0.29 10.12 -10.68
N ASN A 102 -0.23 9.04 -9.90
CA ASN A 102 0.68 7.91 -10.04
C ASN A 102 0.08 6.73 -10.82
N HIS A 103 -1.15 6.87 -11.30
CA HIS A 103 -1.91 5.87 -12.05
C HIS A 103 -1.04 5.10 -13.06
N GLU A 104 -1.14 3.78 -13.02
CA GLU A 104 -0.43 2.84 -13.88
C GLU A 104 -1.47 1.96 -14.57
N GLU A 105 -1.04 1.19 -15.57
CA GLU A 105 -1.92 0.30 -16.34
C GLU A 105 -2.31 -0.96 -15.54
N ASP A 106 -1.70 -1.13 -14.37
CA ASP A 106 -1.91 -2.23 -13.42
C ASP A 106 -2.75 -1.78 -12.22
N TYR A 107 -3.14 -0.50 -12.17
CA TYR A 107 -3.97 0.08 -11.11
C TYR A 107 -3.41 -0.09 -9.68
N PHE A 108 -2.14 -0.43 -9.46
CA PHE A 108 -1.60 -0.63 -8.11
C PHE A 108 -0.84 0.60 -7.65
N LEU A 109 -0.79 0.79 -6.31
CA LEU A 109 -0.10 1.90 -5.71
C LEU A 109 0.89 1.34 -4.67
N TYR A 110 2.16 1.71 -4.74
CA TYR A 110 3.21 1.26 -3.83
C TYR A 110 3.59 2.39 -2.88
N VAL A 111 3.84 2.07 -1.61
CA VAL A 111 4.26 3.02 -0.59
C VAL A 111 5.39 2.36 0.18
N ALA A 112 6.44 3.13 0.47
CA ALA A 112 7.62 2.69 1.20
C ALA A 112 7.67 3.43 2.52
N TYR A 113 8.11 2.79 3.60
CA TYR A 113 8.20 3.44 4.91
C TYR A 113 9.54 3.13 5.60
N SER A 114 10.01 4.07 6.45
CA SER A 114 11.24 3.94 7.22
C SER A 114 11.19 4.86 8.44
N ASP A 115 12.07 4.59 9.42
CA ASP A 115 12.22 5.38 10.64
C ASP A 115 12.98 6.63 10.22
N GLU A 116 14.19 6.44 9.69
CA GLU A 116 15.07 7.51 9.25
C GLU A 116 15.14 7.52 7.73
N SER A 117 15.17 8.71 7.12
CA SER A 117 15.27 8.82 5.68
C SER A 117 16.73 8.49 5.34
N VAL A 118 17.03 7.26 4.95
CA VAL A 118 18.38 6.81 4.62
C VAL A 118 18.29 5.87 3.43
N TYR A 119 19.10 6.16 2.40
CA TYR A 119 19.19 5.41 1.17
C TYR A 119 20.39 4.46 1.22
N GLY B 1 0.29 -17.70 -7.77
CA GLY B 1 -0.98 -18.40 -7.65
C GLY B 1 -1.93 -17.91 -8.72
N ALA B 2 -2.99 -18.69 -9.01
CA ALA B 2 -3.99 -18.34 -10.01
C ALA B 2 -5.37 -18.75 -9.53
N MET B 3 -6.38 -17.89 -9.70
CA MET B 3 -7.76 -18.15 -9.31
C MET B 3 -8.64 -18.00 -10.55
N GLY B 4 -9.66 -18.85 -10.67
CA GLY B 4 -10.63 -18.89 -11.77
C GLY B 4 -12.07 -18.77 -11.26
N SER B 5 -12.22 -18.31 -10.01
CA SER B 5 -13.47 -18.13 -9.30
C SER B 5 -14.20 -16.87 -9.76
N ALA B 6 -15.47 -16.72 -9.36
CA ALA B 6 -16.27 -15.54 -9.68
C ALA B 6 -15.85 -14.35 -8.81
N SER B 7 -15.19 -14.66 -7.70
CA SER B 7 -14.67 -13.77 -6.67
C SER B 7 -13.58 -12.84 -7.20
N SER B 8 -13.05 -12.03 -6.27
CA SER B 8 -12.01 -11.05 -6.48
C SER B 8 -10.75 -11.50 -5.71
N GLU B 9 -9.67 -10.75 -5.87
CA GLU B 9 -8.39 -11.01 -5.22
C GLU B 9 -8.55 -10.78 -3.71
N ASP B 10 -7.91 -11.59 -2.86
CA ASP B 10 -8.03 -11.45 -1.40
C ASP B 10 -6.85 -10.66 -0.82
N TYR B 11 -7.14 -9.42 -0.45
CA TYR B 11 -6.24 -8.45 0.16
C TYR B 11 -7.00 -7.79 1.32
N ILE B 12 -6.37 -6.94 2.14
CA ILE B 12 -7.00 -6.32 3.30
C ILE B 12 -7.73 -4.99 3.00
N ILE B 13 -9.06 -4.97 2.98
CA ILE B 13 -9.81 -3.74 2.76
C ILE B 13 -9.96 -3.15 4.16
N ILE B 14 -9.50 -1.92 4.38
CA ILE B 14 -9.60 -1.25 5.68
C ILE B 14 -10.57 -0.08 5.56
N LEU B 15 -11.86 -0.36 5.64
CA LEU B 15 -12.95 0.62 5.55
C LEU B 15 -14.10 0.09 6.40
N PRO B 16 -14.42 0.70 7.56
CA PRO B 16 -15.50 0.22 8.38
C PRO B 16 -16.86 0.69 7.86
N GLU B 17 -17.90 -0.09 8.17
CA GLU B 17 -19.30 0.15 7.85
C GLU B 17 -20.10 0.28 9.16
N SER B 18 -19.43 0.45 10.30
CA SER B 18 -19.99 0.63 11.63
C SER B 18 -19.83 2.10 11.97
N GLY A 1 13.33 -16.68 15.43
CA GLY A 1 13.87 -16.08 14.21
C GLY A 1 12.82 -16.13 13.11
N SER A 2 13.00 -17.02 12.13
CA SER A 2 12.12 -17.24 10.98
C SER A 2 11.64 -15.93 10.33
N PRO A 3 12.55 -15.08 9.83
CA PRO A 3 12.20 -13.84 9.17
C PRO A 3 11.80 -14.09 7.72
N GLU A 4 11.07 -13.16 7.12
CA GLU A 4 10.64 -13.24 5.72
C GLU A 4 11.49 -12.25 4.91
N PHE A 5 11.55 -12.48 3.60
CA PHE A 5 12.29 -11.68 2.63
C PHE A 5 11.35 -11.35 1.46
N LYS A 6 10.05 -11.20 1.74
CA LYS A 6 9.01 -10.93 0.75
C LYS A 6 9.02 -9.51 0.17
N PHE A 7 10.11 -9.11 -0.47
CA PHE A 7 10.15 -7.80 -1.10
C PHE A 7 9.20 -7.85 -2.29
N GLN A 8 8.72 -6.68 -2.69
CA GLN A 8 7.77 -6.50 -3.78
C GLN A 8 8.31 -6.73 -5.17
N TYR A 9 9.61 -6.66 -5.42
CA TYR A 9 10.14 -6.90 -6.76
C TYR A 9 9.66 -8.26 -7.33
N LYS A 10 9.52 -9.31 -6.51
CA LYS A 10 9.05 -10.61 -7.00
C LYS A 10 7.58 -10.50 -7.47
N GLU A 11 6.79 -9.59 -6.93
CA GLU A 11 5.40 -9.36 -7.30
C GLU A 11 5.37 -8.47 -8.56
N ASP A 12 6.34 -7.56 -8.71
CA ASP A 12 6.51 -6.62 -9.83
C ASP A 12 6.92 -7.30 -11.13
N HIS A 13 7.63 -8.43 -11.04
CA HIS A 13 8.09 -9.19 -12.19
C HIS A 13 6.96 -9.65 -13.15
N PRO A 14 5.96 -10.43 -12.70
CA PRO A 14 4.87 -10.88 -13.55
C PRO A 14 3.84 -9.76 -13.82
N PHE A 15 4.17 -8.88 -14.77
CA PHE A 15 3.33 -7.76 -15.17
C PHE A 15 1.90 -8.22 -15.50
N GLU A 16 1.75 -9.28 -16.28
CA GLU A 16 0.42 -9.77 -16.66
C GLU A 16 -0.45 -10.13 -15.45
N TYR A 17 0.17 -10.63 -14.38
CA TYR A 17 -0.51 -11.02 -13.18
C TYR A 17 -1.01 -9.76 -12.45
N ARG A 18 -0.11 -8.79 -12.22
CA ARG A 18 -0.48 -7.56 -11.54
C ARG A 18 -1.57 -6.83 -12.32
N LYS A 19 -1.44 -6.78 -13.65
CA LYS A 19 -2.41 -6.12 -14.50
C LYS A 19 -3.79 -6.75 -14.36
N LYS A 20 -3.94 -8.09 -14.46
CA LYS A 20 -5.28 -8.66 -14.33
C LYS A 20 -5.83 -8.49 -12.93
N GLU A 21 -5.04 -8.74 -11.88
CA GLU A 21 -5.56 -8.61 -10.52
C GLU A 21 -5.99 -7.20 -10.19
N GLY A 22 -5.13 -6.21 -10.48
CA GLY A 22 -5.40 -4.81 -10.21
C GLY A 22 -6.63 -4.40 -11.02
N GLU A 23 -6.70 -4.77 -12.30
CA GLU A 23 -7.85 -4.44 -13.15
C GLU A 23 -9.11 -5.06 -12.55
N LYS A 24 -9.04 -6.28 -12.00
CA LYS A 24 -10.21 -6.94 -11.44
C LYS A 24 -10.70 -6.21 -10.20
N ILE A 25 -9.82 -5.85 -9.26
CA ILE A 25 -10.30 -5.16 -8.06
C ILE A 25 -10.65 -3.70 -8.35
N ARG A 26 -9.99 -3.05 -9.31
CA ARG A 26 -10.27 -1.66 -9.65
C ARG A 26 -11.62 -1.60 -10.35
N LYS A 27 -11.86 -2.44 -11.36
CA LYS A 27 -13.14 -2.40 -12.05
C LYS A 27 -14.27 -2.76 -11.09
N LYS A 28 -14.04 -3.70 -10.15
CA LYS A 28 -15.12 -4.03 -9.21
C LYS A 28 -15.36 -2.88 -8.23
N TYR A 29 -14.33 -2.28 -7.63
CA TYR A 29 -14.47 -1.19 -6.68
C TYR A 29 -13.49 -0.04 -6.98
N PRO A 30 -13.75 0.84 -7.96
CA PRO A 30 -12.86 1.97 -8.27
C PRO A 30 -12.88 3.02 -7.16
N ASP A 31 -13.78 2.85 -6.18
CA ASP A 31 -13.95 3.70 -5.01
C ASP A 31 -12.74 3.51 -4.08
N ARG A 32 -11.87 2.53 -4.35
CA ARG A 32 -10.67 2.17 -3.62
C ARG A 32 -9.58 1.71 -4.59
N VAL A 33 -8.34 1.81 -4.13
CA VAL A 33 -7.14 1.46 -4.88
C VAL A 33 -6.34 0.44 -4.05
N PRO A 34 -5.87 -0.66 -4.67
CA PRO A 34 -5.07 -1.65 -3.97
C PRO A 34 -3.67 -1.06 -3.78
N VAL A 35 -3.19 -1.07 -2.54
CA VAL A 35 -1.90 -0.54 -2.16
C VAL A 35 -1.07 -1.66 -1.56
N ILE A 36 0.23 -1.67 -1.83
CA ILE A 36 1.14 -2.68 -1.30
C ILE A 36 2.11 -1.95 -0.38
N VAL A 37 2.34 -2.55 0.79
CA VAL A 37 3.19 -2.04 1.85
C VAL A 37 4.55 -2.75 1.87
N GLU A 38 5.63 -1.98 1.72
CA GLU A 38 7.01 -2.47 1.72
C GLU A 38 7.80 -1.79 2.85
N LYS A 39 8.62 -2.58 3.55
CA LYS A 39 9.46 -2.12 4.65
C LYS A 39 10.79 -1.63 4.08
N ALA A 40 11.27 -0.49 4.53
CA ALA A 40 12.54 0.07 4.06
C ALA A 40 13.71 -0.41 4.91
N PRO A 41 14.93 -0.46 4.35
CA PRO A 41 16.14 -0.85 5.07
C PRO A 41 16.43 0.25 6.09
N LYS A 42 17.13 -0.08 7.18
CA LYS A 42 17.50 0.82 8.29
C LYS A 42 16.32 1.10 9.22
N ALA A 43 15.10 0.70 8.87
CA ALA A 43 13.94 0.92 9.71
C ALA A 43 14.09 0.14 11.03
N ARG A 44 13.29 0.50 12.02
CA ARG A 44 13.30 -0.14 13.33
C ARG A 44 11.84 -0.30 13.75
N VAL A 45 11.14 -1.20 13.08
CA VAL A 45 9.73 -1.48 13.30
C VAL A 45 9.49 -3.00 13.37
N PRO A 46 8.41 -3.48 14.01
CA PRO A 46 8.11 -4.90 14.08
C PRO A 46 7.70 -5.39 12.68
N ASP A 47 7.83 -6.69 12.44
CA ASP A 47 7.49 -7.27 11.14
C ASP A 47 5.98 -7.59 11.07
N LEU A 48 5.42 -7.61 9.87
CA LEU A 48 4.00 -7.86 9.62
C LEU A 48 3.85 -8.83 8.45
N ASP A 49 3.06 -9.91 8.60
CA ASP A 49 2.86 -10.87 7.50
C ASP A 49 1.95 -10.33 6.39
N LYS A 50 1.16 -9.29 6.67
CA LYS A 50 0.26 -8.71 5.68
C LYS A 50 0.96 -7.64 4.86
N ARG A 51 0.85 -7.70 3.54
CA ARG A 51 1.48 -6.74 2.62
C ARG A 51 0.49 -6.10 1.65
N LYS A 52 -0.53 -6.83 1.19
CA LYS A 52 -1.54 -6.33 0.27
C LYS A 52 -2.65 -5.63 1.07
N TYR A 53 -2.93 -4.37 0.77
CA TYR A 53 -3.94 -3.54 1.43
C TYR A 53 -4.84 -2.85 0.38
N LEU A 54 -5.95 -2.24 0.81
CA LEU A 54 -6.95 -1.55 -0.03
C LEU A 54 -7.48 -0.32 0.71
N VAL A 55 -7.41 0.86 0.09
CA VAL A 55 -7.89 2.11 0.70
C VAL A 55 -8.72 2.93 -0.29
N PRO A 56 -9.70 3.72 0.18
CA PRO A 56 -10.57 4.54 -0.65
C PRO A 56 -9.94 5.82 -1.17
N SER A 57 -10.51 6.38 -2.24
CA SER A 57 -10.05 7.63 -2.86
C SER A 57 -10.29 8.84 -1.95
N ASP A 58 -10.85 8.67 -0.75
CA ASP A 58 -11.15 9.73 0.22
C ASP A 58 -10.19 9.83 1.41
N LEU A 59 -9.53 8.73 1.78
CA LEU A 59 -8.60 8.63 2.90
C LEU A 59 -7.40 9.58 2.81
N THR A 60 -7.35 10.61 3.67
CA THR A 60 -6.21 11.53 3.65
C THR A 60 -4.94 10.72 3.97
N VAL A 61 -3.79 11.10 3.41
CA VAL A 61 -2.55 10.38 3.62
C VAL A 61 -2.09 10.37 5.09
N GLY A 62 -2.17 11.51 5.78
CA GLY A 62 -1.79 11.61 7.19
C GLY A 62 -2.52 10.58 8.05
N GLN A 63 -3.83 10.41 7.85
CA GLN A 63 -4.63 9.45 8.62
C GLN A 63 -4.08 8.03 8.49
N PHE A 64 -3.74 7.58 7.27
CA PHE A 64 -3.20 6.25 7.08
C PHE A 64 -1.87 6.12 7.83
N TYR A 65 -1.01 7.14 7.77
CA TYR A 65 0.28 7.10 8.46
C TYR A 65 0.05 6.90 9.97
N PHE A 66 -0.92 7.62 10.53
CA PHE A 66 -1.28 7.54 11.94
C PHE A 66 -1.83 6.15 12.29
N LEU A 67 -2.73 5.60 11.47
CA LEU A 67 -3.31 4.28 11.71
C LEU A 67 -2.22 3.20 11.75
N ILE A 68 -1.25 3.28 10.83
CA ILE A 68 -0.15 2.33 10.76
C ILE A 68 0.80 2.55 11.94
N ARG A 69 1.22 3.79 12.25
CA ARG A 69 2.14 4.01 13.36
C ARG A 69 1.59 3.47 14.67
N LYS A 70 0.29 3.71 14.97
CA LYS A 70 -0.28 3.19 16.19
C LYS A 70 -0.33 1.66 16.12
N ARG A 71 -0.64 1.08 14.94
CA ARG A 71 -0.68 -0.38 14.78
C ARG A 71 0.69 -1.02 15.02
N ILE A 72 1.80 -0.35 14.69
CA ILE A 72 3.15 -0.89 14.88
C ILE A 72 3.74 -0.53 16.27
N HIS A 73 2.94 0.12 17.11
CA HIS A 73 3.24 0.52 18.48
C HIS A 73 4.55 1.29 18.70
N LEU A 74 4.72 2.44 18.04
CA LEU A 74 5.92 3.26 18.19
C LEU A 74 5.97 4.03 19.52
N ARG A 75 7.19 4.38 19.93
CA ARG A 75 7.52 5.17 21.14
C ARG A 75 7.14 6.63 20.83
N PRO A 76 7.05 7.55 21.79
CA PRO A 76 6.70 8.93 21.46
C PRO A 76 7.82 9.55 20.60
N GLU A 77 9.09 9.34 20.97
CA GLU A 77 10.26 9.85 20.26
C GLU A 77 10.49 9.17 18.90
N ASP A 78 9.92 7.98 18.66
CA ASP A 78 10.08 7.26 17.40
C ASP A 78 9.39 8.09 16.31
N ALA A 79 9.91 8.01 15.08
CA ALA A 79 9.37 8.72 13.93
C ALA A 79 8.92 7.70 12.88
N LEU A 80 8.25 8.17 11.83
CA LEU A 80 7.77 7.32 10.75
C LEU A 80 7.52 8.22 9.54
N PHE A 81 8.01 7.82 8.38
CA PHE A 81 7.89 8.53 7.11
C PHE A 81 7.43 7.53 6.07
N PHE A 82 6.67 7.98 5.07
CA PHE A 82 6.13 7.14 4.01
C PHE A 82 6.41 7.76 2.66
N PHE A 83 6.64 6.92 1.65
CA PHE A 83 6.92 7.36 0.28
C PHE A 83 5.98 6.64 -0.68
N VAL A 84 5.75 7.24 -1.83
CA VAL A 84 4.91 6.72 -2.90
C VAL A 84 5.59 7.14 -4.20
N ASN A 85 5.77 6.18 -5.11
CA ASN A 85 6.38 6.36 -6.43
C ASN A 85 7.56 7.36 -6.37
N ASN A 86 8.57 6.98 -5.60
CA ASN A 86 9.83 7.69 -5.36
C ASN A 86 9.69 9.19 -5.10
N THR A 87 8.62 9.61 -4.41
CA THR A 87 8.33 11.01 -4.08
C THR A 87 7.78 11.09 -2.65
N ILE A 88 7.96 12.25 -1.98
CA ILE A 88 7.54 12.51 -0.60
C ILE A 88 6.42 13.59 -0.60
N PRO A 89 5.14 13.22 -0.68
CA PRO A 89 4.02 14.15 -0.71
C PRO A 89 3.60 14.75 0.65
N PRO A 90 2.73 15.78 0.69
CA PRO A 90 2.26 16.42 1.93
C PRO A 90 1.20 15.60 2.65
N THR A 91 1.00 15.82 3.94
CA THR A 91 0.03 15.07 4.74
C THR A 91 -1.45 15.39 4.37
N SER A 92 -1.72 16.51 3.68
CA SER A 92 -3.08 16.89 3.27
C SER A 92 -3.54 16.19 1.99
N ALA A 93 -2.63 15.59 1.21
CA ALA A 93 -3.03 14.89 0.00
C ALA A 93 -3.95 13.70 0.34
N THR A 94 -4.60 13.13 -0.67
CA THR A 94 -5.50 12.01 -0.51
C THR A 94 -5.04 10.91 -1.46
N MET A 95 -5.36 9.66 -1.12
CA MET A 95 -5.06 8.49 -1.93
C MET A 95 -5.70 8.67 -3.30
N GLY A 96 -6.86 9.34 -3.38
CA GLY A 96 -7.56 9.60 -4.64
C GLY A 96 -6.70 10.45 -5.59
N GLN A 97 -6.14 11.55 -5.09
CA GLN A 97 -5.32 12.46 -5.89
C GLN A 97 -4.07 11.76 -6.42
N LEU A 98 -3.31 11.11 -5.53
CA LEU A 98 -2.08 10.42 -5.92
C LEU A 98 -2.37 9.20 -6.79
N TYR A 99 -3.44 8.44 -6.56
CA TYR A 99 -3.76 7.27 -7.36
C TYR A 99 -4.02 7.72 -8.80
N GLU A 100 -4.77 8.81 -9.00
CA GLU A 100 -5.05 9.30 -10.34
C GLU A 100 -3.78 9.88 -10.98
N ASP A 101 -2.87 10.49 -10.21
CA ASP A 101 -1.64 11.05 -10.76
C ASP A 101 -0.60 9.97 -11.09
N ASN A 102 -0.46 8.96 -10.22
CA ASN A 102 0.48 7.85 -10.32
C ASN A 102 -0.09 6.71 -11.16
N HIS A 103 -1.33 6.87 -11.66
CA HIS A 103 -2.09 5.94 -12.47
C HIS A 103 -1.21 5.12 -13.40
N GLU A 104 -1.33 3.80 -13.28
CA GLU A 104 -0.55 2.82 -14.03
C GLU A 104 -1.54 1.91 -14.76
N GLU A 105 -1.03 1.07 -15.67
CA GLU A 105 -1.88 0.13 -16.41
C GLU A 105 -2.26 -1.04 -15.50
N ASP A 106 -1.51 -1.25 -14.41
CA ASP A 106 -1.73 -2.30 -13.42
C ASP A 106 -2.79 -1.90 -12.40
N TYR A 107 -3.14 -0.62 -12.26
CA TYR A 107 -4.11 -0.09 -11.30
C TYR A 107 -3.68 -0.26 -9.83
N PHE A 108 -2.43 -0.66 -9.56
CA PHE A 108 -1.87 -0.86 -8.23
C PHE A 108 -0.99 0.35 -7.87
N LEU A 109 -0.84 0.61 -6.57
CA LEU A 109 -0.03 1.71 -6.05
C LEU A 109 0.94 1.11 -5.03
N TYR A 110 2.24 1.40 -5.17
CA TYR A 110 3.31 0.89 -4.30
C TYR A 110 3.70 1.96 -3.27
N VAL A 111 3.67 1.60 -1.99
CA VAL A 111 3.99 2.50 -0.87
C VAL A 111 5.00 1.85 0.07
N ALA A 112 6.01 2.62 0.47
CA ALA A 112 7.06 2.15 1.39
C ALA A 112 7.04 2.98 2.68
N TYR A 113 7.48 2.40 3.79
CA TYR A 113 7.54 3.07 5.09
C TYR A 113 8.89 2.84 5.77
N SER A 114 9.38 3.85 6.48
CA SER A 114 10.66 3.85 7.18
C SER A 114 10.54 4.63 8.49
N ASP A 115 11.17 4.14 9.56
CA ASP A 115 11.17 4.81 10.88
C ASP A 115 11.92 6.13 10.72
N GLU A 116 13.08 6.03 10.05
CA GLU A 116 14.01 7.10 9.76
C GLU A 116 14.16 7.26 8.26
N SER A 117 14.01 8.48 7.76
CA SER A 117 14.13 8.84 6.36
C SER A 117 15.62 8.85 6.01
N VAL A 118 16.16 7.79 5.41
CA VAL A 118 17.55 7.64 4.99
C VAL A 118 17.53 6.78 3.72
N TYR A 119 18.31 7.14 2.69
CA TYR A 119 18.36 6.39 1.45
C TYR A 119 19.59 5.48 1.49
N GLY B 1 -1.24 -16.28 -17.33
CA GLY B 1 -2.23 -16.92 -16.44
C GLY B 1 -3.58 -16.31 -16.72
N ALA B 2 -4.61 -17.13 -16.97
CA ALA B 2 -5.95 -16.65 -17.27
C ALA B 2 -6.91 -17.04 -16.17
N MET B 3 -7.87 -16.17 -15.87
CA MET B 3 -8.91 -16.37 -14.86
C MET B 3 -10.27 -16.24 -15.50
N GLY B 4 -11.14 -17.23 -15.29
CA GLY B 4 -12.51 -17.28 -15.80
C GLY B 4 -13.51 -17.15 -14.63
N SER B 5 -13.01 -16.89 -13.41
CA SER B 5 -13.80 -16.73 -12.21
C SER B 5 -14.46 -15.36 -12.16
N ALA B 6 -15.60 -15.26 -11.47
CA ALA B 6 -16.38 -14.05 -11.30
C ALA B 6 -15.94 -13.20 -10.12
N SER B 7 -15.52 -13.80 -9.00
CA SER B 7 -15.11 -12.99 -7.85
C SER B 7 -13.84 -12.20 -8.19
N SER B 8 -13.64 -11.11 -7.48
CA SER B 8 -12.51 -10.20 -7.57
C SER B 8 -11.52 -10.60 -6.48
N GLU B 9 -10.31 -10.00 -6.48
CA GLU B 9 -9.37 -10.32 -5.42
C GLU B 9 -9.78 -9.55 -4.18
N ASP B 10 -9.33 -10.00 -3.01
CA ASP B 10 -9.65 -9.33 -1.75
C ASP B 10 -8.39 -9.26 -0.92
N TYR B 11 -7.97 -8.03 -0.66
CA TYR B 11 -6.79 -7.67 0.11
C TYR B 11 -7.27 -7.11 1.46
N ILE B 12 -6.37 -6.56 2.27
CA ILE B 12 -6.75 -6.04 3.57
C ILE B 12 -7.30 -4.62 3.42
N ILE B 13 -8.62 -4.47 3.33
CA ILE B 13 -9.24 -3.16 3.20
C ILE B 13 -9.23 -2.51 4.59
N ILE B 14 -9.02 -1.19 4.66
CA ILE B 14 -9.04 -0.50 5.96
C ILE B 14 -9.64 0.90 5.80
N LEU B 15 -10.62 1.23 6.64
CA LEU B 15 -11.32 2.52 6.62
C LEU B 15 -11.56 3.08 8.03
N PRO B 16 -11.65 4.43 8.20
CA PRO B 16 -11.87 5.09 9.47
C PRO B 16 -13.30 4.89 9.96
N GLU B 17 -13.63 5.48 11.11
CA GLU B 17 -14.95 5.37 11.70
C GLU B 17 -16.03 6.12 10.92
N SER B 18 -15.67 7.29 10.41
CA SER B 18 -16.51 8.23 9.66
C SER B 18 -17.85 8.42 10.36
N GLY A 1 -1.34 -22.56 3.46
CA GLY A 1 -0.25 -22.09 4.32
C GLY A 1 0.90 -21.55 3.48
N SER A 2 1.75 -20.74 4.09
CA SER A 2 2.92 -20.10 3.50
C SER A 2 2.72 -19.54 2.07
N PRO A 3 1.86 -18.52 1.87
CA PRO A 3 1.63 -17.91 0.56
C PRO A 3 2.85 -17.08 0.12
N GLU A 4 3.79 -16.84 1.03
CA GLU A 4 5.07 -16.14 0.94
C GLU A 4 5.20 -15.16 -0.22
N PHE A 5 4.60 -13.97 -0.06
CA PHE A 5 4.64 -12.94 -1.09
C PHE A 5 6.00 -12.25 -1.26
N LYS A 6 6.90 -12.34 -0.26
CA LYS A 6 8.25 -11.72 -0.28
C LYS A 6 8.15 -10.21 -0.55
N PHE A 7 9.29 -9.52 -0.68
CA PHE A 7 9.31 -8.10 -0.98
C PHE A 7 8.77 -7.90 -2.41
N GLN A 8 8.58 -6.66 -2.87
CA GLN A 8 8.04 -6.41 -4.21
C GLN A 8 8.80 -7.10 -5.33
N TYR A 9 10.10 -7.38 -5.17
CA TYR A 9 10.91 -8.06 -6.16
C TYR A 9 10.25 -9.37 -6.67
N LYS A 10 9.42 -10.03 -5.85
CA LYS A 10 8.72 -11.25 -6.22
C LYS A 10 7.48 -10.95 -7.06
N GLU A 11 6.61 -10.04 -6.60
CA GLU A 11 5.38 -9.64 -7.30
C GLU A 11 5.67 -8.90 -8.61
N ASP A 12 6.81 -8.22 -8.65
CA ASP A 12 7.31 -7.42 -9.76
C ASP A 12 7.53 -8.27 -11.03
N HIS A 13 7.81 -9.57 -10.87
CA HIS A 13 8.04 -10.49 -11.98
C HIS A 13 6.77 -10.74 -12.82
N PRO A 14 5.64 -11.27 -12.29
CA PRO A 14 4.43 -11.53 -13.06
C PRO A 14 3.66 -10.24 -13.45
N PHE A 15 4.17 -9.49 -14.42
CA PHE A 15 3.58 -8.24 -14.92
C PHE A 15 2.13 -8.49 -15.37
N GLU A 16 1.89 -9.61 -16.07
CA GLU A 16 0.56 -9.96 -16.55
C GLU A 16 -0.43 -10.05 -15.38
N TYR A 17 0.01 -10.58 -14.24
CA TYR A 17 -0.80 -10.73 -13.04
C TYR A 17 -1.00 -9.38 -12.37
N ARG A 18 0.05 -8.55 -12.22
CA ARG A 18 -0.07 -7.24 -11.56
C ARG A 18 -1.16 -6.41 -12.25
N LYS A 19 -1.18 -6.44 -13.59
CA LYS A 19 -2.15 -5.72 -14.40
C LYS A 19 -3.53 -6.29 -14.22
N LYS A 20 -3.66 -7.60 -14.38
CA LYS A 20 -4.95 -8.28 -14.23
C LYS A 20 -5.55 -8.03 -12.84
N GLU A 21 -4.76 -8.15 -11.78
CA GLU A 21 -5.19 -7.95 -10.40
C GLU A 21 -5.65 -6.50 -10.19
N GLY A 22 -4.85 -5.52 -10.62
CA GLY A 22 -5.21 -4.12 -10.46
C GLY A 22 -6.52 -3.84 -11.18
N GLU A 23 -6.72 -4.40 -12.37
CA GLU A 23 -7.96 -4.22 -13.13
C GLU A 23 -9.13 -4.84 -12.35
N LYS A 24 -8.92 -5.98 -11.68
CA LYS A 24 -10.00 -6.63 -10.95
C LYS A 24 -10.39 -5.76 -9.76
N ILE A 25 -9.43 -5.26 -8.98
CA ILE A 25 -9.75 -4.43 -7.83
C ILE A 25 -10.32 -3.10 -8.33
N ARG A 26 -9.92 -2.61 -9.51
CA ARG A 26 -10.41 -1.36 -10.08
C ARG A 26 -11.87 -1.46 -10.47
N LYS A 27 -12.28 -2.52 -11.19
CA LYS A 27 -13.68 -2.63 -11.58
C LYS A 27 -14.56 -3.16 -10.44
N LYS A 28 -14.06 -4.05 -9.59
CA LYS A 28 -14.83 -4.59 -8.47
C LYS A 28 -15.08 -3.50 -7.44
N TYR A 29 -14.05 -2.73 -7.08
CA TYR A 29 -14.14 -1.67 -6.09
C TYR A 29 -13.44 -0.39 -6.58
N PRO A 30 -14.05 0.45 -7.44
CA PRO A 30 -13.43 1.68 -7.94
C PRO A 30 -13.22 2.73 -6.85
N ASP A 31 -13.93 2.59 -5.73
CA ASP A 31 -13.87 3.48 -4.58
C ASP A 31 -12.59 3.26 -3.75
N ARG A 32 -11.99 2.07 -3.87
CA ARG A 32 -10.80 1.69 -3.12
C ARG A 32 -9.67 1.35 -4.06
N VAL A 33 -8.42 1.36 -3.59
CA VAL A 33 -7.25 1.07 -4.41
C VAL A 33 -6.31 0.13 -3.66
N PRO A 34 -5.60 -0.78 -4.36
CA PRO A 34 -4.67 -1.70 -3.72
C PRO A 34 -3.40 -0.89 -3.37
N VAL A 35 -2.94 -1.08 -2.14
CA VAL A 35 -1.78 -0.42 -1.57
C VAL A 35 -0.92 -1.50 -0.91
N ILE A 36 0.37 -1.51 -1.20
CA ILE A 36 1.29 -2.48 -0.59
C ILE A 36 2.09 -1.71 0.45
N VAL A 37 2.26 -2.30 1.63
CA VAL A 37 3.02 -1.68 2.73
C VAL A 37 4.36 -2.41 2.82
N GLU A 38 5.47 -1.69 2.65
CA GLU A 38 6.82 -2.22 2.71
C GLU A 38 7.72 -1.39 3.63
N LYS A 39 8.62 -2.05 4.37
CA LYS A 39 9.54 -1.37 5.27
C LYS A 39 10.77 -0.98 4.46
N ALA A 40 11.30 0.21 4.71
CA ALA A 40 12.50 0.67 4.04
C ALA A 40 13.69 0.24 4.92
N PRO A 41 14.90 0.15 4.36
CA PRO A 41 16.08 -0.28 5.09
C PRO A 41 16.45 0.73 6.19
N LYS A 42 17.26 0.29 7.16
CA LYS A 42 17.75 1.02 8.34
C LYS A 42 16.65 1.45 9.32
N ALA A 43 15.39 1.50 8.91
CA ALA A 43 14.26 1.94 9.72
C ALA A 43 14.07 1.12 11.01
N ARG A 44 13.83 1.81 12.13
CA ARG A 44 13.61 1.26 13.47
C ARG A 44 12.12 0.92 13.63
N VAL A 45 11.59 -0.02 12.84
CA VAL A 45 10.18 -0.42 12.90
C VAL A 45 10.04 -1.95 12.91
N PRO A 46 9.02 -2.53 13.57
CA PRO A 46 8.85 -3.98 13.63
C PRO A 46 8.55 -4.59 12.26
N ASP A 47 8.86 -5.89 12.11
CA ASP A 47 8.60 -6.60 10.85
C ASP A 47 7.15 -7.06 10.89
N LEU A 48 6.45 -6.93 9.76
CA LEU A 48 5.04 -7.28 9.59
C LEU A 48 4.90 -8.32 8.50
N ASP A 49 4.15 -9.38 8.79
CA ASP A 49 3.87 -10.52 7.91
C ASP A 49 3.05 -10.09 6.70
N LYS A 50 2.02 -9.27 6.95
CA LYS A 50 1.08 -8.76 5.96
C LYS A 50 1.71 -7.76 5.02
N ARG A 51 1.38 -7.86 3.73
CA ARG A 51 1.90 -6.96 2.69
C ARG A 51 0.81 -6.32 1.84
N LYS A 52 -0.11 -7.14 1.30
CA LYS A 52 -1.19 -6.68 0.44
C LYS A 52 -2.30 -6.03 1.25
N TYR A 53 -2.64 -4.78 0.93
CA TYR A 53 -3.69 -4.03 1.60
C TYR A 53 -4.53 -3.31 0.56
N LEU A 54 -5.74 -2.88 0.93
CA LEU A 54 -6.68 -2.19 0.07
C LEU A 54 -7.30 -1.09 0.92
N VAL A 55 -7.36 0.15 0.43
CA VAL A 55 -7.89 1.30 1.18
C VAL A 55 -8.81 2.19 0.34
N PRO A 56 -9.75 2.96 0.93
CA PRO A 56 -10.63 3.85 0.19
C PRO A 56 -9.87 5.07 -0.36
N SER A 57 -10.41 5.70 -1.39
CA SER A 57 -9.83 6.87 -2.06
C SER A 57 -10.19 8.21 -1.41
N ASP A 58 -11.32 8.29 -0.70
CA ASP A 58 -11.78 9.53 -0.06
C ASP A 58 -10.95 9.93 1.16
N LEU A 59 -10.35 8.95 1.83
CA LEU A 59 -9.55 9.12 3.05
C LEU A 59 -8.32 10.02 2.89
N THR A 60 -8.19 11.03 3.77
CA THR A 60 -7.05 11.95 3.78
C THR A 60 -5.79 11.17 4.19
N VAL A 61 -4.65 11.52 3.61
CA VAL A 61 -3.33 10.91 3.85
C VAL A 61 -2.94 10.94 5.33
N GLY A 62 -3.15 12.07 6.02
CA GLY A 62 -2.79 12.23 7.43
C GLY A 62 -3.44 11.17 8.31
N GLN A 63 -4.73 10.89 8.11
CA GLN A 63 -5.44 9.90 8.91
C GLN A 63 -4.80 8.52 8.74
N PHE A 64 -4.50 8.10 7.50
CA PHE A 64 -3.88 6.80 7.28
C PHE A 64 -2.52 6.74 7.97
N TYR A 65 -1.69 7.77 7.82
CA TYR A 65 -0.37 7.81 8.43
C TYR A 65 -0.52 7.70 9.96
N PHE A 66 -1.49 8.38 10.56
CA PHE A 66 -1.72 8.31 12.01
C PHE A 66 -2.15 6.91 12.44
N LEU A 67 -3.06 6.27 11.70
CA LEU A 67 -3.54 4.92 12.01
C LEU A 67 -2.38 3.94 11.92
N ILE A 68 -1.54 4.04 10.89
CA ILE A 68 -0.38 3.18 10.72
C ILE A 68 0.55 3.40 11.91
N ARG A 69 0.87 4.64 12.29
CA ARG A 69 1.73 4.96 13.42
C ARG A 69 1.23 4.20 14.65
N LYS A 70 -0.07 4.30 14.95
CA LYS A 70 -0.68 3.61 16.08
C LYS A 70 -0.49 2.11 15.91
N ARG A 71 -0.73 1.55 14.72
CA ARG A 71 -0.59 0.13 14.43
C ARG A 71 0.87 -0.37 14.54
N ILE A 72 1.91 0.46 14.38
CA ILE A 72 3.31 0.01 14.49
C ILE A 72 3.94 0.33 15.85
N HIS A 73 3.31 1.18 16.66
CA HIS A 73 3.71 1.61 18.01
C HIS A 73 5.19 2.04 18.13
N LEU A 74 5.44 3.32 17.86
CA LEU A 74 6.75 4.00 17.91
C LEU A 74 6.72 5.18 18.89
N ARG A 75 7.89 5.59 19.39
CA ARG A 75 8.06 6.66 20.37
C ARG A 75 7.75 8.04 19.78
N PRO A 76 7.50 9.06 20.63
CA PRO A 76 7.21 10.41 20.16
C PRO A 76 8.45 11.08 19.57
N GLU A 77 9.64 10.67 20.00
CA GLU A 77 10.93 11.18 19.58
C GLU A 77 11.37 10.63 18.22
N ASP A 78 10.78 9.53 17.76
CA ASP A 78 11.13 8.93 16.48
C ASP A 78 10.62 9.84 15.36
N ALA A 79 11.21 9.78 14.17
CA ALA A 79 10.83 10.57 13.02
C ALA A 79 10.17 9.60 12.04
N LEU A 80 8.86 9.74 11.82
CA LEU A 80 8.15 8.84 10.92
C LEU A 80 7.98 9.45 9.54
N PHE A 81 8.46 8.73 8.52
CA PHE A 81 8.39 9.13 7.12
C PHE A 81 7.74 8.01 6.31
N PHE A 82 7.08 8.41 5.23
CA PHE A 82 6.38 7.55 4.30
C PHE A 82 6.75 8.03 2.90
N PHE A 83 6.82 7.10 1.95
CA PHE A 83 7.16 7.37 0.56
C PHE A 83 6.26 6.52 -0.33
N VAL A 84 6.03 6.98 -1.55
CA VAL A 84 5.23 6.35 -2.59
C VAL A 84 6.00 6.69 -3.86
N ASN A 85 6.43 5.71 -4.67
CA ASN A 85 7.20 5.94 -5.91
C ASN A 85 8.32 6.97 -5.69
N ASN A 86 9.10 6.80 -4.60
CA ASN A 86 10.22 7.67 -4.20
C ASN A 86 9.83 9.16 -4.04
N THR A 87 8.53 9.46 -3.96
CA THR A 87 7.87 10.74 -3.84
C THR A 87 7.16 10.79 -2.48
N ILE A 88 6.96 12.00 -1.96
CA ILE A 88 6.31 12.27 -0.69
C ILE A 88 5.13 13.22 -0.96
N PRO A 89 3.86 12.77 -0.85
CA PRO A 89 2.69 13.62 -1.10
C PRO A 89 2.33 14.44 0.16
N PRO A 90 1.52 15.50 0.05
CA PRO A 90 1.12 16.30 1.20
C PRO A 90 0.10 15.52 2.04
N THR A 91 0.17 15.65 3.37
CA THR A 91 -0.74 14.92 4.25
C THR A 91 -2.20 15.40 4.16
N SER A 92 -2.43 16.61 3.63
CA SER A 92 -3.73 17.23 3.44
C SER A 92 -4.53 16.61 2.30
N ALA A 93 -3.84 15.96 1.36
CA ALA A 93 -4.46 15.33 0.22
C ALA A 93 -5.10 14.01 0.64
N THR A 94 -5.64 13.27 -0.33
CA THR A 94 -6.32 12.01 -0.12
C THR A 94 -5.65 10.88 -0.89
N MET A 95 -6.10 9.66 -0.60
CA MET A 95 -5.62 8.46 -1.25
C MET A 95 -5.91 8.52 -2.75
N GLY A 96 -7.06 9.07 -3.14
CA GLY A 96 -7.44 9.20 -4.54
C GLY A 96 -6.50 10.15 -5.26
N GLN A 97 -6.13 11.29 -4.65
CA GLN A 97 -5.24 12.27 -5.28
C GLN A 97 -3.87 11.66 -5.60
N LEU A 98 -3.22 11.01 -4.63
CA LEU A 98 -1.91 10.41 -4.92
C LEU A 98 -2.06 9.26 -5.91
N TYR A 99 -3.12 8.46 -5.81
CA TYR A 99 -3.34 7.34 -6.72
C TYR A 99 -3.50 7.87 -8.15
N GLU A 100 -4.23 8.97 -8.31
CA GLU A 100 -4.50 9.62 -9.59
C GLU A 100 -3.20 10.17 -10.19
N ASP A 101 -2.30 10.71 -9.37
CA ASP A 101 -1.02 11.26 -9.81
C ASP A 101 0.03 10.18 -10.09
N ASN A 102 0.09 9.13 -9.25
CA ASN A 102 1.04 8.03 -9.35
C ASN A 102 0.54 6.90 -10.26
N HIS A 103 -0.64 7.06 -10.86
CA HIS A 103 -1.31 6.14 -11.76
C HIS A 103 -0.33 5.49 -12.76
N GLU A 104 -0.38 4.17 -12.88
CA GLU A 104 0.46 3.38 -13.78
C GLU A 104 -0.42 2.50 -14.68
N GLU A 105 0.15 1.76 -15.63
CA GLU A 105 -0.60 0.90 -16.55
C GLU A 105 -1.10 -0.40 -15.90
N ASP A 106 -0.71 -0.67 -14.65
CA ASP A 106 -1.10 -1.88 -13.92
C ASP A 106 -2.19 -1.61 -12.86
N TYR A 107 -2.52 -0.34 -12.56
CA TYR A 107 -3.53 0.09 -11.58
C TYR A 107 -3.26 -0.40 -10.13
N PHE A 108 -2.04 -0.20 -9.62
CA PHE A 108 -1.63 -0.60 -8.27
C PHE A 108 -0.83 0.51 -7.59
N LEU A 109 -0.82 0.58 -6.25
CA LEU A 109 -0.04 1.62 -5.56
C LEU A 109 0.95 0.98 -4.59
N TYR A 110 2.18 1.49 -4.60
CA TYR A 110 3.29 1.06 -3.78
C TYR A 110 3.56 2.08 -2.68
N VAL A 111 3.68 1.64 -1.42
CA VAL A 111 3.95 2.51 -0.29
C VAL A 111 5.05 1.89 0.56
N ALA A 112 5.96 2.73 1.03
CA ALA A 112 7.09 2.35 1.87
C ALA A 112 7.16 3.29 3.07
N TYR A 113 7.70 2.84 4.20
CA TYR A 113 7.83 3.64 5.42
C TYR A 113 9.20 3.48 6.05
N SER A 114 9.67 4.52 6.75
CA SER A 114 10.96 4.52 7.40
C SER A 114 10.98 5.42 8.63
N ASP A 115 11.99 5.18 9.48
CA ASP A 115 12.30 5.88 10.71
C ASP A 115 13.50 6.83 10.44
N GLU A 116 14.06 6.77 9.21
CA GLU A 116 15.18 7.54 8.70
C GLU A 116 14.85 8.02 7.29
N SER A 117 15.41 9.15 6.87
CA SER A 117 15.20 9.70 5.54
C SER A 117 15.98 8.78 4.59
N VAL A 118 15.31 7.98 3.75
CA VAL A 118 15.96 7.06 2.84
C VAL A 118 15.49 7.28 1.41
N TYR A 119 16.39 6.93 0.48
CA TYR A 119 16.26 7.01 -0.96
C TYR A 119 15.05 6.24 -1.47
N GLY B 1 -1.60 -19.75 -14.06
CA GLY B 1 -1.96 -20.07 -15.45
C GLY B 1 -3.34 -19.50 -15.74
N ALA B 2 -4.38 -20.24 -15.36
CA ALA B 2 -5.78 -19.92 -15.50
C ALA B 2 -6.42 -20.12 -14.12
N MET B 3 -7.49 -19.41 -13.81
CA MET B 3 -8.17 -19.52 -12.53
C MET B 3 -9.63 -19.89 -12.78
N GLY B 4 -10.42 -19.92 -11.71
CA GLY B 4 -11.84 -20.24 -11.76
C GLY B 4 -12.60 -19.31 -10.81
N SER B 5 -12.22 -18.04 -10.81
CA SER B 5 -12.82 -16.99 -10.00
C SER B 5 -12.92 -15.72 -10.84
N ALA B 6 -13.89 -14.88 -10.50
CA ALA B 6 -14.20 -13.58 -11.10
C ALA B 6 -14.25 -12.48 -10.02
N SER B 7 -14.06 -12.86 -8.75
CA SER B 7 -14.04 -12.05 -7.54
C SER B 7 -12.81 -11.14 -7.47
N SER B 8 -12.70 -10.40 -6.37
CA SER B 8 -11.56 -9.53 -6.11
C SER B 8 -10.40 -10.45 -5.73
N GLU B 9 -9.16 -9.99 -5.91
CA GLU B 9 -8.01 -10.80 -5.53
C GLU B 9 -7.91 -10.77 -4.00
N ASP B 10 -7.15 -11.68 -3.41
CA ASP B 10 -6.99 -11.73 -1.96
C ASP B 10 -6.03 -10.64 -1.51
N TYR B 11 -6.60 -9.59 -0.92
CA TYR B 11 -5.96 -8.38 -0.41
C TYR B 11 -6.66 -8.03 0.90
N ILE B 12 -5.92 -7.44 1.86
CA ILE B 12 -6.49 -7.08 3.14
C ILE B 12 -7.16 -5.70 3.08
N ILE B 13 -8.49 -5.65 3.13
CA ILE B 13 -9.20 -4.38 3.10
C ILE B 13 -9.04 -3.79 4.50
N ILE B 14 -8.34 -2.66 4.61
CA ILE B 14 -8.13 -1.95 5.86
C ILE B 14 -8.75 -0.57 5.64
N LEU B 15 -9.61 -0.19 6.56
CA LEU B 15 -10.33 1.05 6.55
C LEU B 15 -10.47 1.50 8.01
N PRO B 16 -10.64 2.80 8.25
CA PRO B 16 -10.81 3.29 9.60
C PRO B 16 -12.19 2.86 10.10
N GLU B 17 -12.49 3.15 11.35
CA GLU B 17 -13.78 2.86 11.95
C GLU B 17 -14.54 4.16 12.09
N SER B 18 -13.79 5.26 12.14
CA SER B 18 -14.24 6.61 12.27
C SER B 18 -13.92 7.25 10.93
N GLY A 1 7.64 -20.90 3.54
CA GLY A 1 8.16 -19.63 4.01
C GLY A 1 8.89 -18.95 2.87
N SER A 2 8.58 -17.69 2.63
CA SER A 2 9.18 -16.91 1.55
C SER A 2 9.93 -15.72 2.18
N PRO A 3 11.17 -15.93 2.64
CA PRO A 3 11.97 -14.87 3.27
C PRO A 3 12.50 -13.89 2.22
N GLU A 4 12.98 -14.39 1.08
CA GLU A 4 13.52 -13.54 0.03
C GLU A 4 12.39 -13.04 -0.88
N PHE A 5 12.71 -12.04 -1.69
CA PHE A 5 11.82 -11.36 -2.63
C PHE A 5 10.69 -10.76 -1.78
N LYS A 6 11.05 -9.84 -0.88
CA LYS A 6 10.08 -9.19 0.01
C LYS A 6 9.45 -7.93 -0.58
N PHE A 7 10.21 -7.19 -1.39
CA PHE A 7 9.78 -5.94 -2.03
C PHE A 7 8.69 -6.21 -3.07
N GLN A 8 8.06 -5.16 -3.62
CA GLN A 8 7.01 -5.29 -4.62
C GLN A 8 7.42 -6.12 -5.83
N TYR A 9 8.73 -6.24 -6.13
CA TYR A 9 9.25 -7.02 -7.25
C TYR A 9 8.64 -8.44 -7.23
N LYS A 10 8.27 -8.96 -6.06
CA LYS A 10 7.65 -10.26 -5.88
C LYS A 10 6.32 -10.37 -6.61
N GLU A 11 5.41 -9.43 -6.42
CA GLU A 11 4.07 -9.43 -7.02
C GLU A 11 4.05 -8.68 -8.36
N ASP A 12 5.15 -8.01 -8.69
CA ASP A 12 5.44 -7.25 -9.92
C ASP A 12 5.88 -8.22 -11.00
N HIS A 13 6.72 -9.21 -10.67
CA HIS A 13 7.23 -10.21 -11.62
C HIS A 13 6.07 -10.90 -12.36
N PRO A 14 5.04 -11.48 -11.69
CA PRO A 14 3.90 -12.10 -12.36
C PRO A 14 2.95 -10.96 -12.78
N PHE A 15 3.45 -10.01 -13.58
CA PHE A 15 2.75 -8.83 -14.07
C PHE A 15 1.40 -9.19 -14.67
N GLU A 16 1.30 -10.28 -15.42
CA GLU A 16 0.03 -10.69 -16.02
C GLU A 16 -1.06 -10.82 -14.95
N TYR A 17 -0.73 -11.38 -13.78
CA TYR A 17 -1.63 -11.58 -12.66
C TYR A 17 -1.97 -10.24 -12.02
N ARG A 18 -0.94 -9.42 -11.74
CA ARG A 18 -1.14 -8.11 -11.12
C ARG A 18 -2.06 -7.26 -12.00
N LYS A 19 -1.83 -7.29 -13.31
CA LYS A 19 -2.58 -6.55 -14.31
C LYS A 19 -4.04 -6.96 -14.36
N LYS A 20 -4.29 -8.26 -14.47
CA LYS A 20 -5.63 -8.81 -14.56
C LYS A 20 -6.42 -8.65 -13.27
N GLU A 21 -5.89 -9.13 -12.15
CA GLU A 21 -6.59 -9.05 -10.89
C GLU A 21 -6.69 -7.62 -10.36
N GLY A 22 -5.70 -6.77 -10.63
CA GLY A 22 -5.69 -5.36 -10.24
C GLY A 22 -6.86 -4.70 -10.98
N GLU A 23 -7.01 -5.02 -12.27
CA GLU A 23 -8.11 -4.48 -13.06
C GLU A 23 -9.44 -5.02 -12.52
N LYS A 24 -9.49 -6.27 -12.05
CA LYS A 24 -10.73 -6.84 -11.55
C LYS A 24 -11.17 -6.11 -10.28
N ILE A 25 -10.25 -5.89 -9.32
CA ILE A 25 -10.64 -5.22 -8.09
C ILE A 25 -10.95 -3.73 -8.31
N ARG A 26 -10.29 -3.07 -9.28
CA ARG A 26 -10.57 -1.65 -9.51
C ARG A 26 -11.85 -1.51 -10.32
N LYS A 27 -12.17 -2.45 -11.20
CA LYS A 27 -13.40 -2.38 -11.98
C LYS A 27 -14.56 -2.50 -11.00
N LYS A 28 -14.55 -3.48 -10.08
CA LYS A 28 -15.63 -3.62 -9.12
C LYS A 28 -15.69 -2.46 -8.12
N TYR A 29 -14.56 -2.06 -7.55
CA TYR A 29 -14.52 -1.00 -6.57
C TYR A 29 -13.53 0.09 -7.00
N PRO A 30 -13.96 1.03 -7.87
CA PRO A 30 -13.14 2.11 -8.39
C PRO A 30 -12.86 3.21 -7.38
N ASP A 31 -13.50 3.18 -6.20
CA ASP A 31 -13.33 4.20 -5.16
C ASP A 31 -12.24 3.85 -4.15
N ARG A 32 -11.60 2.68 -4.28
CA ARG A 32 -10.53 2.24 -3.40
C ARG A 32 -9.38 1.73 -4.26
N VAL A 33 -8.18 1.67 -3.71
CA VAL A 33 -6.97 1.24 -4.41
C VAL A 33 -6.19 0.23 -3.55
N PRO A 34 -5.69 -0.88 -4.15
CA PRO A 34 -4.92 -1.88 -3.46
C PRO A 34 -3.49 -1.34 -3.28
N VAL A 35 -2.96 -1.44 -2.06
CA VAL A 35 -1.64 -0.92 -1.73
C VAL A 35 -0.73 -1.97 -1.08
N ILE A 36 0.54 -2.01 -1.50
CA ILE A 36 1.58 -2.92 -1.02
C ILE A 36 2.40 -2.21 0.06
N VAL A 37 2.70 -2.87 1.18
CA VAL A 37 3.49 -2.30 2.28
C VAL A 37 4.92 -2.83 2.18
N GLU A 38 5.91 -1.94 2.29
CA GLU A 38 7.33 -2.27 2.24
C GLU A 38 8.07 -1.51 3.35
N LYS A 39 9.01 -2.16 4.04
CA LYS A 39 9.79 -1.59 5.13
C LYS A 39 11.20 -1.27 4.62
N ALA A 40 11.74 -0.11 5.02
CA ALA A 40 13.08 0.33 4.62
C ALA A 40 14.09 -0.16 5.64
N PRO A 41 15.37 -0.28 5.25
CA PRO A 41 16.39 -0.73 6.18
C PRO A 41 16.61 0.29 7.30
N LYS A 42 17.31 -0.15 8.34
CA LYS A 42 17.67 0.59 9.54
C LYS A 42 16.48 1.07 10.37
N ALA A 43 15.24 0.75 9.99
CA ALA A 43 14.07 1.19 10.73
C ALA A 43 14.06 0.58 12.13
N ARG A 44 13.55 1.36 13.10
CA ARG A 44 13.44 0.95 14.49
C ARG A 44 11.99 0.58 14.84
N VAL A 45 11.04 0.84 13.93
CA VAL A 45 9.63 0.55 14.14
C VAL A 45 9.39 -0.93 13.79
N PRO A 46 8.56 -1.66 14.57
CA PRO A 46 8.28 -3.06 14.30
C PRO A 46 7.48 -3.23 13.01
N ASP A 47 7.65 -4.37 12.36
CA ASP A 47 7.01 -4.75 11.10
C ASP A 47 5.69 -5.50 11.34
N LEU A 48 4.88 -5.67 10.30
CA LEU A 48 3.58 -6.35 10.36
C LEU A 48 3.56 -7.53 9.41
N ASP A 49 2.73 -8.52 9.71
CA ASP A 49 2.55 -9.74 8.91
C ASP A 49 1.91 -9.41 7.56
N LYS A 50 0.79 -8.68 7.58
CA LYS A 50 0.01 -8.30 6.41
C LYS A 50 0.81 -7.38 5.50
N ARG A 51 0.72 -7.62 4.19
CA ARG A 51 1.43 -6.84 3.17
C ARG A 51 0.53 -6.25 2.09
N LYS A 52 -0.62 -6.86 1.77
CA LYS A 52 -1.54 -6.38 0.74
C LYS A 52 -2.76 -5.77 1.44
N TYR A 53 -3.04 -4.51 1.14
CA TYR A 53 -4.12 -3.74 1.74
C TYR A 53 -4.97 -3.03 0.70
N LEU A 54 -6.06 -2.40 1.11
CA LEU A 54 -7.01 -1.65 0.28
C LEU A 54 -7.49 -0.44 1.07
N VAL A 55 -7.44 0.76 0.49
CA VAL A 55 -7.90 2.00 1.14
C VAL A 55 -8.73 2.87 0.19
N PRO A 56 -9.69 3.66 0.70
CA PRO A 56 -10.54 4.53 -0.10
C PRO A 56 -9.75 5.75 -0.58
N SER A 57 -10.21 6.35 -1.68
CA SER A 57 -9.63 7.50 -2.37
C SER A 57 -9.56 8.81 -1.57
N ASP A 58 -10.67 9.26 -0.99
CA ASP A 58 -10.79 10.52 -0.23
C ASP A 58 -9.94 10.61 1.04
N LEU A 59 -9.54 9.46 1.59
CA LEU A 59 -8.75 9.36 2.81
C LEU A 59 -7.47 10.19 2.69
N THR A 60 -7.33 11.22 3.52
CA THR A 60 -6.12 12.01 3.49
C THR A 60 -5.03 11.08 4.01
N VAL A 61 -3.82 11.12 3.44
CA VAL A 61 -2.73 10.25 3.86
C VAL A 61 -2.49 10.40 5.37
N GLY A 62 -2.64 11.60 5.95
CA GLY A 62 -2.47 11.83 7.38
C GLY A 62 -3.31 10.91 8.27
N GLN A 63 -4.59 10.66 8.00
CA GLN A 63 -5.42 9.77 8.82
C GLN A 63 -4.81 8.36 8.82
N PHE A 64 -4.46 7.86 7.63
CA PHE A 64 -3.88 6.54 7.50
C PHE A 64 -2.52 6.49 8.20
N TYR A 65 -1.70 7.53 8.02
CA TYR A 65 -0.37 7.64 8.59
C TYR A 65 -0.46 7.60 10.12
N PHE A 66 -1.45 8.27 10.69
CA PHE A 66 -1.69 8.30 12.13
C PHE A 66 -2.06 6.88 12.56
N LEU A 67 -2.92 6.21 11.79
CA LEU A 67 -3.40 4.86 12.06
C LEU A 67 -2.22 3.91 12.17
N ILE A 68 -1.28 3.94 11.22
CA ILE A 68 -0.13 3.07 11.27
C ILE A 68 0.71 3.37 12.52
N ARG A 69 1.12 4.63 12.76
CA ARG A 69 1.96 4.90 13.94
C ARG A 69 1.33 4.40 15.24
N LYS A 70 0.01 4.63 15.46
CA LYS A 70 -0.64 4.16 16.69
C LYS A 70 -0.70 2.62 16.68
N ARG A 71 -0.99 1.99 15.54
CA ARG A 71 -1.08 0.54 15.42
C ARG A 71 0.25 -0.15 15.74
N ILE A 72 1.38 0.36 15.24
CA ILE A 72 2.70 -0.22 15.49
C ILE A 72 3.26 0.25 16.85
N HIS A 73 2.47 1.01 17.62
CA HIS A 73 2.75 1.55 18.94
C HIS A 73 4.18 2.09 19.08
N LEU A 74 4.61 2.95 18.14
CA LEU A 74 5.95 3.55 18.17
C LEU A 74 6.14 4.46 19.39
N ARG A 75 7.39 4.66 19.80
CA ARG A 75 7.76 5.49 20.95
C ARG A 75 7.68 6.97 20.62
N PRO A 76 7.60 7.86 21.62
CA PRO A 76 7.53 9.31 21.39
C PRO A 76 8.88 9.87 20.90
N GLU A 77 9.98 9.19 21.22
CA GLU A 77 11.35 9.53 20.88
C GLU A 77 11.74 9.06 19.47
N ASP A 78 10.87 8.31 18.78
CA ASP A 78 11.12 7.78 17.44
C ASP A 78 10.62 8.71 16.35
N ALA A 79 11.18 8.58 15.15
CA ALA A 79 10.81 9.36 13.98
C ALA A 79 10.10 8.44 12.99
N LEU A 80 9.55 8.99 11.91
CA LEU A 80 8.85 8.20 10.90
C LEU A 80 8.92 8.95 9.57
N PHE A 81 8.96 8.20 8.49
CA PHE A 81 9.01 8.68 7.11
C PHE A 81 8.07 7.79 6.28
N PHE A 82 7.51 8.36 5.23
CA PHE A 82 6.57 7.71 4.31
C PHE A 82 6.95 8.07 2.87
N PHE A 83 6.89 7.09 1.97
CA PHE A 83 7.22 7.23 0.56
C PHE A 83 6.20 6.45 -0.27
N VAL A 84 5.79 7.02 -1.39
CA VAL A 84 4.85 6.43 -2.33
C VAL A 84 5.33 6.84 -3.72
N ASN A 85 5.43 5.89 -4.66
CA ASN A 85 5.92 6.13 -6.03
C ASN A 85 7.16 7.05 -6.00
N ASN A 86 8.13 6.67 -5.16
CA ASN A 86 9.41 7.34 -4.94
C ASN A 86 9.29 8.84 -4.64
N THR A 87 8.11 9.29 -4.21
CA THR A 87 7.74 10.66 -3.89
C THR A 87 7.41 10.78 -2.40
N ILE A 88 7.59 11.97 -1.84
CA ILE A 88 7.31 12.30 -0.44
C ILE A 88 6.18 13.35 -0.51
N PRO A 89 4.91 12.96 -0.70
CA PRO A 89 3.81 13.91 -0.81
C PRO A 89 3.44 14.53 0.55
N PRO A 90 2.73 15.67 0.58
CA PRO A 90 2.33 16.32 1.82
C PRO A 90 1.29 15.47 2.54
N THR A 91 1.26 15.53 3.87
CA THR A 91 0.31 14.76 4.67
C THR A 91 -1.16 15.08 4.37
N SER A 92 -1.45 16.20 3.69
CA SER A 92 -2.80 16.62 3.34
C SER A 92 -3.30 15.99 2.03
N ALA A 93 -2.41 15.40 1.22
CA ALA A 93 -2.81 14.77 -0.04
C ALA A 93 -3.76 13.60 0.23
N THR A 94 -4.38 13.07 -0.82
CA THR A 94 -5.32 11.95 -0.71
C THR A 94 -4.84 10.74 -1.48
N MET A 95 -5.46 9.60 -1.18
CA MET A 95 -5.16 8.33 -1.83
C MET A 95 -5.59 8.42 -3.29
N GLY A 96 -6.65 9.19 -3.57
CA GLY A 96 -7.19 9.39 -4.89
C GLY A 96 -6.19 10.13 -5.76
N GLN A 97 -5.62 11.25 -5.29
CA GLN A 97 -4.67 12.03 -6.06
C GLN A 97 -3.43 11.23 -6.44
N LEU A 98 -2.77 10.57 -5.48
CA LEU A 98 -1.57 9.79 -5.79
C LEU A 98 -1.89 8.65 -6.74
N TYR A 99 -3.01 7.94 -6.54
CA TYR A 99 -3.42 6.84 -7.41
C TYR A 99 -3.72 7.37 -8.81
N GLU A 100 -4.30 8.57 -8.92
CA GLU A 100 -4.68 9.24 -10.16
C GLU A 100 -3.44 9.65 -10.96
N ASP A 101 -2.43 10.24 -10.33
CA ASP A 101 -1.22 10.70 -11.01
C ASP A 101 -0.17 9.61 -11.26
N ASN A 102 -0.14 8.58 -10.40
CA ASN A 102 0.82 7.47 -10.50
C ASN A 102 0.23 6.22 -11.16
N HIS A 103 -1.03 6.32 -11.61
CA HIS A 103 -1.90 5.35 -12.27
C HIS A 103 -1.20 4.28 -13.11
N GLU A 104 -0.66 3.26 -12.44
CA GLU A 104 0.01 2.16 -13.13
C GLU A 104 -1.03 1.40 -13.95
N GLU A 105 -0.52 0.59 -14.87
CA GLU A 105 -1.30 -0.23 -15.77
C GLU A 105 -1.90 -1.42 -15.02
N ASP A 106 -1.22 -1.84 -13.95
CA ASP A 106 -1.61 -2.94 -13.10
C ASP A 106 -2.58 -2.51 -12.00
N TYR A 107 -2.89 -1.22 -11.90
CA TYR A 107 -3.82 -0.62 -10.94
C TYR A 107 -3.42 -0.78 -9.46
N PHE A 108 -2.21 -1.24 -9.15
CA PHE A 108 -1.70 -1.41 -7.79
C PHE A 108 -0.79 -0.22 -7.47
N LEU A 109 -0.66 0.13 -6.19
CA LEU A 109 0.18 1.25 -5.74
C LEU A 109 1.15 0.70 -4.68
N TYR A 110 2.46 0.95 -4.84
CA TYR A 110 3.48 0.48 -3.90
C TYR A 110 3.80 1.59 -2.91
N VAL A 111 3.93 1.27 -1.62
CA VAL A 111 4.21 2.24 -0.56
C VAL A 111 5.25 1.70 0.42
N ALA A 112 6.17 2.56 0.84
CA ALA A 112 7.23 2.23 1.78
C ALA A 112 7.23 3.16 2.99
N TYR A 113 7.73 2.67 4.13
CA TYR A 113 7.83 3.40 5.40
C TYR A 113 9.21 3.15 6.01
N SER A 114 9.69 4.10 6.82
CA SER A 114 10.99 4.05 7.48
C SER A 114 10.97 4.83 8.80
N ASP A 115 11.94 4.58 9.70
CA ASP A 115 12.07 5.31 10.97
C ASP A 115 13.01 6.48 10.72
N GLU A 116 14.15 6.19 10.06
CA GLU A 116 15.20 7.14 9.70
C GLU A 116 15.22 7.31 8.17
N SER A 117 15.75 8.41 7.67
CA SER A 117 15.83 8.70 6.24
C SER A 117 16.90 7.80 5.58
N VAL A 118 16.48 6.72 4.91
CA VAL A 118 17.32 5.77 4.21
C VAL A 118 16.62 5.41 2.90
N TYR A 119 17.37 5.34 1.81
CA TYR A 119 16.91 5.04 0.46
C TYR A 119 16.29 3.65 0.39
N GLY B 1 -1.31 -17.54 -18.35
CA GLY B 1 -2.51 -17.97 -19.08
C GLY B 1 -3.80 -17.46 -18.47
N ALA B 2 -4.86 -18.21 -18.75
CA ALA B 2 -6.23 -17.98 -18.29
C ALA B 2 -6.43 -18.52 -16.88
N MET B 3 -7.51 -18.10 -16.23
CA MET B 3 -7.91 -18.51 -14.87
C MET B 3 -9.34 -19.06 -14.85
N GLY B 4 -9.76 -19.60 -13.71
CA GLY B 4 -11.09 -20.16 -13.49
C GLY B 4 -11.86 -19.40 -12.41
N SER B 5 -11.23 -18.45 -11.72
CA SER B 5 -11.87 -17.66 -10.67
C SER B 5 -12.77 -16.60 -11.29
N ALA B 6 -13.91 -16.34 -10.65
CA ALA B 6 -14.92 -15.38 -11.06
C ALA B 6 -15.21 -14.36 -9.96
N SER B 7 -15.08 -14.76 -8.70
CA SER B 7 -15.32 -13.94 -7.52
C SER B 7 -14.24 -12.85 -7.41
N SER B 8 -14.49 -11.81 -6.63
CA SER B 8 -13.51 -10.74 -6.48
C SER B 8 -12.40 -11.19 -5.53
N GLU B 9 -11.18 -10.72 -5.74
CA GLU B 9 -10.02 -11.05 -4.91
C GLU B 9 -10.22 -10.35 -3.55
N ASP B 10 -9.53 -10.78 -2.50
CA ASP B 10 -9.65 -10.21 -1.16
C ASP B 10 -8.29 -9.90 -0.57
N TYR B 11 -8.16 -8.67 -0.07
CA TYR B 11 -7.00 -8.07 0.57
C TYR B 11 -7.44 -7.50 1.92
N ILE B 12 -6.53 -6.85 2.67
CA ILE B 12 -6.86 -6.29 3.97
C ILE B 12 -7.45 -4.89 3.80
N ILE B 13 -8.76 -4.74 4.03
CA ILE B 13 -9.46 -3.46 3.91
C ILE B 13 -9.10 -2.64 5.15
N ILE B 14 -8.90 -1.32 4.99
CA ILE B 14 -8.56 -0.39 6.06
C ILE B 14 -9.40 0.88 5.83
N LEU B 15 -10.31 1.21 6.75
CA LEU B 15 -11.15 2.40 6.69
C LEU B 15 -11.83 2.66 8.05
N PRO B 16 -12.22 3.92 8.34
CA PRO B 16 -12.91 4.21 9.59
C PRO B 16 -14.38 3.84 9.43
N GLU B 17 -15.05 3.44 10.50
CA GLU B 17 -16.48 3.12 10.43
C GLU B 17 -17.32 4.40 10.59
N SER B 18 -16.66 5.50 10.96
CA SER B 18 -17.21 6.83 11.19
C SER B 18 -17.92 7.34 9.96
N GLY A 1 6.26 -27.41 -1.48
CA GLY A 1 6.31 -26.15 -2.24
C GLY A 1 6.39 -24.96 -1.31
N SER A 2 6.75 -23.79 -1.84
CA SER A 2 6.87 -22.56 -1.07
C SER A 2 6.33 -21.36 -1.86
N PRO A 3 5.00 -21.25 -2.03
CA PRO A 3 4.37 -20.14 -2.73
C PRO A 3 4.56 -18.89 -1.86
N GLU A 4 5.42 -17.97 -2.29
CA GLU A 4 5.68 -16.72 -1.58
C GLU A 4 5.75 -15.59 -2.61
N PHE A 5 5.70 -14.35 -2.14
CA PHE A 5 5.75 -13.10 -2.90
C PHE A 5 6.98 -12.29 -2.50
N LYS A 6 7.46 -12.46 -1.25
CA LYS A 6 8.63 -11.77 -0.71
C LYS A 6 8.51 -10.25 -0.86
N PHE A 7 9.65 -9.55 -0.78
CA PHE A 7 9.70 -8.09 -0.93
C PHE A 7 9.19 -7.76 -2.34
N GLN A 8 8.69 -6.55 -2.54
CA GLN A 8 8.17 -6.08 -3.82
C GLN A 8 9.18 -6.19 -4.96
N TYR A 9 10.48 -6.21 -4.64
CA TYR A 9 11.56 -6.33 -5.58
C TYR A 9 11.37 -7.62 -6.41
N LYS A 10 10.85 -8.70 -5.80
CA LYS A 10 10.60 -9.97 -6.50
C LYS A 10 9.29 -9.87 -7.26
N GLU A 11 8.23 -9.36 -6.61
CA GLU A 11 6.90 -9.21 -7.22
C GLU A 11 6.98 -8.32 -8.47
N ASP A 12 8.05 -7.54 -8.64
CA ASP A 12 8.29 -6.66 -9.77
C ASP A 12 8.53 -7.44 -11.07
N HIS A 13 9.04 -8.67 -10.97
CA HIS A 13 9.30 -9.51 -12.13
C HIS A 13 7.99 -10.04 -12.76
N PRO A 14 7.10 -10.76 -12.04
CA PRO A 14 5.85 -11.30 -12.59
C PRO A 14 4.80 -10.23 -12.89
N PHE A 15 5.08 -9.38 -13.88
CA PHE A 15 4.23 -8.28 -14.32
C PHE A 15 2.84 -8.82 -14.69
N GLU A 16 2.77 -9.93 -15.44
CA GLU A 16 1.49 -10.49 -15.85
C GLU A 16 0.57 -10.87 -14.67
N TYR A 17 1.13 -11.30 -13.54
CA TYR A 17 0.34 -11.69 -12.37
C TYR A 17 -0.26 -10.43 -11.74
N ARG A 18 0.58 -9.43 -11.44
CA ARG A 18 0.08 -8.18 -10.84
C ARG A 18 -0.91 -7.52 -11.79
N LYS A 19 -0.64 -7.54 -13.09
CA LYS A 19 -1.52 -6.95 -14.09
C LYS A 19 -2.93 -7.55 -14.05
N LYS A 20 -3.05 -8.88 -14.08
CA LYS A 20 -4.34 -9.56 -14.02
C LYS A 20 -5.05 -9.35 -12.70
N GLU A 21 -4.37 -9.66 -11.59
CA GLU A 21 -4.91 -9.58 -10.25
C GLU A 21 -5.31 -8.13 -9.91
N GLY A 22 -4.48 -7.16 -10.31
CA GLY A 22 -4.68 -5.74 -10.10
C GLY A 22 -5.88 -5.22 -10.87
N GLU A 23 -6.02 -5.57 -12.16
CA GLU A 23 -7.16 -5.10 -12.94
C GLU A 23 -8.44 -5.65 -12.34
N LYS A 24 -8.44 -6.91 -11.90
CA LYS A 24 -9.62 -7.53 -11.34
C LYS A 24 -10.02 -6.86 -10.02
N ILE A 25 -9.09 -6.61 -9.09
CA ILE A 25 -9.51 -5.96 -7.84
C ILE A 25 -9.93 -4.52 -8.12
N ARG A 26 -9.35 -3.85 -9.12
CA ARG A 26 -9.70 -2.47 -9.47
C ARG A 26 -11.11 -2.45 -10.04
N LYS A 27 -11.45 -3.44 -10.86
CA LYS A 27 -12.79 -3.54 -11.47
C LYS A 27 -13.81 -4.08 -10.47
N LYS A 28 -13.40 -4.70 -9.37
CA LYS A 28 -14.35 -5.18 -8.36
C LYS A 28 -14.60 -4.04 -7.36
N TYR A 29 -13.56 -3.36 -6.90
CA TYR A 29 -13.60 -2.25 -5.96
C TYR A 29 -13.06 -1.00 -6.66
N PRO A 30 -13.89 -0.17 -7.31
CA PRO A 30 -13.37 1.03 -7.94
C PRO A 30 -13.01 2.09 -6.90
N ASP A 31 -13.73 2.10 -5.77
CA ASP A 31 -13.59 3.03 -4.65
C ASP A 31 -12.36 2.77 -3.79
N ARG A 32 -11.80 1.54 -3.81
CA ARG A 32 -10.63 1.19 -3.00
C ARG A 32 -9.48 0.79 -3.92
N VAL A 33 -8.25 0.93 -3.45
CA VAL A 33 -7.04 0.63 -4.18
C VAL A 33 -6.17 -0.32 -3.37
N PRO A 34 -5.53 -1.31 -4.02
CA PRO A 34 -4.67 -2.25 -3.33
C PRO A 34 -3.34 -1.52 -3.08
N VAL A 35 -2.89 -1.51 -1.83
CA VAL A 35 -1.66 -0.86 -1.42
C VAL A 35 -0.75 -1.91 -0.82
N ILE A 36 0.51 -1.97 -1.24
CA ILE A 36 1.47 -2.94 -0.78
C ILE A 36 2.50 -2.21 0.08
N VAL A 37 2.67 -2.68 1.31
CA VAL A 37 3.58 -2.10 2.30
C VAL A 37 4.96 -2.77 2.26
N GLU A 38 5.99 -1.95 2.46
CA GLU A 38 7.39 -2.33 2.50
C GLU A 38 8.03 -1.57 3.66
N LYS A 39 8.89 -2.26 4.41
CA LYS A 39 9.61 -1.70 5.56
C LYS A 39 11.00 -1.48 4.97
N ALA A 40 11.50 -0.25 5.06
CA ALA A 40 12.78 0.14 4.50
C ALA A 40 13.97 -0.04 5.46
N PRO A 41 15.19 0.01 4.92
CA PRO A 41 16.42 -0.15 5.69
C PRO A 41 16.58 0.99 6.69
N LYS A 42 17.32 0.72 7.77
CA LYS A 42 17.63 1.60 8.90
C LYS A 42 16.40 1.97 9.73
N ALA A 43 15.18 1.63 9.31
CA ALA A 43 13.97 1.96 10.03
C ALA A 43 13.92 1.30 11.41
N ARG A 44 13.82 2.10 12.47
CA ARG A 44 13.76 1.65 13.86
C ARG A 44 12.29 1.40 14.24
N VAL A 45 11.52 0.73 13.39
CA VAL A 45 10.11 0.47 13.66
C VAL A 45 9.79 -1.00 13.34
N PRO A 46 8.77 -1.60 13.98
CA PRO A 46 8.41 -2.99 13.73
C PRO A 46 7.78 -3.17 12.34
N ASP A 47 7.99 -4.35 11.79
CA ASP A 47 7.52 -4.83 10.50
C ASP A 47 6.21 -5.60 10.61
N LEU A 48 5.53 -5.83 9.48
CA LEU A 48 4.25 -6.53 9.39
C LEU A 48 4.37 -7.80 8.56
N ASP A 49 3.58 -8.82 8.92
CA ASP A 49 3.51 -10.12 8.24
C ASP A 49 2.77 -9.92 6.92
N LYS A 50 1.64 -9.21 7.01
CA LYS A 50 0.75 -8.88 5.91
C LYS A 50 1.42 -7.81 5.06
N ARG A 51 1.45 -8.01 3.75
CA ARG A 51 2.05 -7.08 2.80
C ARG A 51 1.00 -6.41 1.93
N LYS A 52 0.00 -7.16 1.46
CA LYS A 52 -1.06 -6.66 0.59
C LYS A 52 -2.23 -6.09 1.41
N TYR A 53 -2.61 -4.84 1.17
CA TYR A 53 -3.70 -4.14 1.85
C TYR A 53 -4.63 -3.50 0.82
N LEU A 54 -5.77 -2.96 1.27
CA LEU A 54 -6.79 -2.29 0.46
C LEU A 54 -7.35 -1.11 1.28
N VAL A 55 -7.40 0.11 0.71
CA VAL A 55 -7.92 1.32 1.36
C VAL A 55 -8.70 2.18 0.35
N PRO A 56 -9.63 3.05 0.77
CA PRO A 56 -10.40 3.88 -0.16
C PRO A 56 -9.60 5.10 -0.64
N SER A 57 -10.02 5.70 -1.76
CA SER A 57 -9.37 6.88 -2.32
C SER A 57 -9.64 8.15 -1.50
N ASP A 58 -10.71 8.17 -0.70
CA ASP A 58 -11.10 9.30 0.14
C ASP A 58 -10.34 9.37 1.47
N LEU A 59 -9.55 8.35 1.81
CA LEU A 59 -8.79 8.32 3.06
C LEU A 59 -7.72 9.42 3.03
N THR A 60 -7.73 10.34 4.00
CA THR A 60 -6.71 11.39 4.06
C THR A 60 -5.39 10.73 4.50
N VAL A 61 -4.28 11.19 3.92
CA VAL A 61 -2.94 10.69 4.20
C VAL A 61 -2.59 10.84 5.69
N GLY A 62 -2.98 11.96 6.33
CA GLY A 62 -2.71 12.19 7.74
C GLY A 62 -3.33 11.09 8.61
N GLN A 63 -4.49 10.57 8.20
CA GLN A 63 -5.16 9.49 8.91
C GLN A 63 -4.34 8.23 8.75
N PHE A 64 -3.89 7.91 7.53
CA PHE A 64 -3.07 6.71 7.27
C PHE A 64 -1.81 6.78 8.14
N TYR A 65 -1.15 7.94 8.22
CA TYR A 65 0.04 8.11 9.04
C TYR A 65 -0.30 7.77 10.50
N PHE A 66 -1.42 8.30 11.03
CA PHE A 66 -1.84 8.05 12.40
C PHE A 66 -2.17 6.59 12.64
N LEU A 67 -2.89 5.90 11.74
CA LEU A 67 -3.24 4.49 11.94
C LEU A 67 -1.97 3.66 12.09
N ILE A 68 -0.98 3.85 11.22
CA ILE A 68 0.26 3.11 11.31
C ILE A 68 0.96 3.49 12.63
N ARG A 69 1.09 4.78 12.96
CA ARG A 69 1.74 5.20 14.21
C ARG A 69 1.08 4.51 15.42
N LYS A 70 -0.25 4.48 15.45
CA LYS A 70 -1.01 3.84 16.51
C LYS A 70 -0.68 2.36 16.55
N ARG A 71 -0.63 1.68 15.39
CA ARG A 71 -0.33 0.26 15.33
C ARG A 71 1.08 -0.06 15.84
N ILE A 72 2.09 0.74 15.51
CA ILE A 72 3.45 0.50 16.00
C ILE A 72 3.59 1.03 17.43
N HIS A 73 2.53 1.63 18.00
CA HIS A 73 2.41 2.21 19.33
C HIS A 73 3.37 3.38 19.62
N LEU A 74 4.21 3.76 18.67
CA LEU A 74 5.18 4.85 18.83
C LEU A 74 4.50 6.20 19.06
N ARG A 75 5.23 7.11 19.68
CA ARG A 75 4.74 8.46 20.00
C ARG A 75 4.61 9.26 18.70
N PRO A 76 3.86 10.37 18.68
CA PRO A 76 3.71 11.14 17.44
C PRO A 76 5.04 11.76 17.03
N GLU A 77 5.94 12.03 18.00
CA GLU A 77 7.24 12.61 17.76
C GLU A 77 8.29 11.57 17.35
N ASP A 78 7.99 10.27 17.43
CA ASP A 78 8.96 9.25 17.02
C ASP A 78 9.14 9.45 15.52
N ALA A 79 10.39 9.46 15.06
CA ALA A 79 10.72 9.66 13.66
C ALA A 79 10.12 8.54 12.83
N LEU A 80 9.33 8.90 11.82
CA LEU A 80 8.67 7.99 10.90
C LEU A 80 8.27 8.81 9.68
N PHE A 81 8.52 8.31 8.47
CA PHE A 81 8.23 8.95 7.20
C PHE A 81 7.74 7.87 6.24
N PHE A 82 6.87 8.20 5.28
CA PHE A 82 6.32 7.26 4.32
C PHE A 82 6.52 7.78 2.90
N PHE A 83 6.99 6.95 1.98
CA PHE A 83 7.23 7.31 0.59
C PHE A 83 6.46 6.37 -0.32
N VAL A 84 6.17 6.82 -1.54
CA VAL A 84 5.44 6.09 -2.56
C VAL A 84 6.17 6.36 -3.87
N ASN A 85 6.53 5.32 -4.61
CA ASN A 85 7.23 5.37 -5.90
C ASN A 85 8.22 6.54 -5.98
N ASN A 86 9.14 6.59 -5.02
CA ASN A 86 10.19 7.59 -4.83
C ASN A 86 9.66 9.03 -4.89
N THR A 87 8.58 9.28 -4.13
CA THR A 87 7.91 10.57 -4.00
C THR A 87 7.62 10.76 -2.51
N ILE A 88 7.63 12.01 -2.06
CA ILE A 88 7.36 12.43 -0.69
C ILE A 88 6.12 13.34 -0.83
N PRO A 89 4.92 12.76 -0.98
CA PRO A 89 3.69 13.53 -1.16
C PRO A 89 3.17 14.16 0.14
N PRO A 90 2.25 15.14 0.06
CA PRO A 90 1.72 15.83 1.22
C PRO A 90 0.72 15.01 2.06
N THR A 91 0.84 15.20 3.37
CA THR A 91 0.05 14.58 4.43
C THR A 91 -1.41 15.09 4.46
N SER A 92 -1.69 16.22 3.82
CA SER A 92 -3.05 16.78 3.80
C SER A 92 -3.86 16.26 2.59
N ALA A 93 -3.21 15.57 1.64
CA ALA A 93 -3.89 15.01 0.46
C ALA A 93 -4.62 13.72 0.86
N THR A 94 -5.28 13.10 -0.10
CA THR A 94 -6.02 11.86 0.06
C THR A 94 -5.33 10.74 -0.72
N MET A 95 -5.66 9.48 -0.44
CA MET A 95 -5.08 8.33 -1.12
C MET A 95 -5.36 8.37 -2.63
N GLY A 96 -6.45 9.00 -3.05
CA GLY A 96 -6.82 9.13 -4.46
C GLY A 96 -5.76 9.93 -5.21
N GLN A 97 -5.19 10.97 -4.60
CA GLN A 97 -4.16 11.78 -5.26
C GLN A 97 -2.97 10.94 -5.67
N LEU A 98 -2.45 10.08 -4.77
CA LEU A 98 -1.32 9.24 -5.13
C LEU A 98 -1.76 8.17 -6.14
N TYR A 99 -2.99 7.67 -6.05
CA TYR A 99 -3.48 6.67 -6.98
C TYR A 99 -3.53 7.21 -8.41
N GLU A 100 -4.10 8.39 -8.62
CA GLU A 100 -4.16 8.97 -9.97
C GLU A 100 -2.76 9.40 -10.43
N ASP A 101 -1.91 9.84 -9.50
CA ASP A 101 -0.55 10.29 -9.78
C ASP A 101 0.36 9.12 -10.20
N ASN A 102 0.26 7.97 -9.54
CA ASN A 102 1.04 6.76 -9.77
C ASN A 102 0.33 5.75 -10.67
N HIS A 103 -0.84 6.08 -11.21
CA HIS A 103 -1.62 5.19 -12.08
C HIS A 103 -0.76 4.43 -13.10
N GLU A 104 -0.71 3.11 -12.95
CA GLU A 104 0.02 2.17 -13.77
C GLU A 104 -0.97 1.11 -14.26
N GLU A 105 -0.56 0.31 -15.24
CA GLU A 105 -1.38 -0.76 -15.80
C GLU A 105 -1.44 -1.94 -14.84
N ASP A 106 -0.62 -1.96 -13.78
CA ASP A 106 -0.61 -3.01 -12.77
C ASP A 106 -1.65 -2.70 -11.68
N TYR A 107 -2.11 -1.45 -11.56
CA TYR A 107 -3.10 -0.92 -10.62
C TYR A 107 -2.75 -0.94 -9.12
N PHE A 108 -1.54 -1.33 -8.70
CA PHE A 108 -1.16 -1.34 -7.28
C PHE A 108 -0.35 -0.10 -6.94
N LEU A 109 -0.40 0.27 -5.67
CA LEU A 109 0.32 1.40 -5.12
C LEU A 109 1.30 0.87 -4.09
N TYR A 110 2.54 1.34 -4.15
CA TYR A 110 3.62 0.95 -3.27
C TYR A 110 3.81 1.98 -2.16
N VAL A 111 4.01 1.55 -0.91
CA VAL A 111 4.26 2.44 0.21
C VAL A 111 5.40 1.82 1.02
N ALA A 112 6.44 2.60 1.27
CA ALA A 112 7.59 2.21 2.06
C ALA A 112 7.58 3.08 3.30
N TYR A 113 7.99 2.54 4.45
CA TYR A 113 8.03 3.34 5.68
C TYR A 113 9.34 3.09 6.42
N SER A 114 9.92 4.18 6.94
CA SER A 114 11.17 4.18 7.68
C SER A 114 11.21 5.31 8.69
N ASP A 115 12.11 5.17 9.67
CA ASP A 115 12.38 6.11 10.74
C ASP A 115 13.10 7.34 10.18
N GLU A 116 13.94 7.14 9.18
CA GLU A 116 14.72 8.18 8.52
C GLU A 116 14.47 8.14 7.02
N SER A 117 14.73 9.27 6.37
CA SER A 117 14.59 9.47 4.94
C SER A 117 15.62 8.60 4.23
N VAL A 118 15.20 7.52 3.58
CA VAL A 118 16.06 6.59 2.88
C VAL A 118 15.55 6.30 1.46
N TYR A 119 16.49 5.96 0.58
CA TYR A 119 16.30 5.61 -0.81
C TYR A 119 15.42 4.36 -0.86
N GLY B 1 -15.86 -3.08 -20.59
CA GLY B 1 -15.97 -4.51 -20.32
C GLY B 1 -16.46 -4.75 -18.91
N ALA B 2 -16.64 -6.03 -18.57
CA ALA B 2 -17.09 -6.55 -17.29
C ALA B 2 -16.00 -7.54 -16.81
N MET B 3 -16.35 -8.49 -15.94
CA MET B 3 -15.42 -9.51 -15.45
C MET B 3 -15.99 -10.90 -15.73
N GLY B 4 -15.13 -11.91 -15.83
CA GLY B 4 -15.56 -13.28 -16.11
C GLY B 4 -15.81 -14.12 -14.86
N SER B 5 -15.54 -13.58 -13.67
CA SER B 5 -15.76 -14.26 -12.40
C SER B 5 -16.24 -13.21 -11.42
N ALA B 6 -17.27 -13.50 -10.64
CA ALA B 6 -17.81 -12.59 -9.64
C ALA B 6 -16.84 -12.54 -8.45
N SER B 7 -16.19 -13.66 -8.12
CA SER B 7 -15.24 -13.71 -7.03
C SER B 7 -13.99 -12.95 -7.44
N SER B 8 -13.34 -12.30 -6.50
CA SER B 8 -12.11 -11.57 -6.73
C SER B 8 -11.12 -11.90 -5.63
N GLU B 9 -9.91 -11.43 -5.89
CA GLU B 9 -8.70 -11.50 -5.12
C GLU B 9 -8.97 -10.69 -3.86
N ASP B 10 -8.57 -11.20 -2.70
CA ASP B 10 -8.79 -10.53 -1.42
C ASP B 10 -7.45 -10.25 -0.74
N TYR B 11 -7.38 -9.08 -0.09
CA TYR B 11 -6.22 -8.57 0.65
C TYR B 11 -6.73 -8.01 1.99
N ILE B 12 -5.87 -7.33 2.74
CA ILE B 12 -6.23 -6.80 4.05
C ILE B 12 -6.93 -5.44 3.89
N ILE B 13 -8.26 -5.43 3.94
CA ILE B 13 -9.02 -4.19 3.84
C ILE B 13 -8.87 -3.57 5.22
N ILE B 14 -8.35 -2.34 5.29
CA ILE B 14 -8.12 -1.65 6.55
C ILE B 14 -8.64 -0.22 6.49
N LEU B 15 -9.92 -0.05 6.81
CA LEU B 15 -10.60 1.23 6.84
C LEU B 15 -11.55 1.21 8.05
N PRO B 16 -11.07 1.61 9.24
CA PRO B 16 -11.92 1.66 10.42
C PRO B 16 -12.79 2.90 10.23
N GLU B 17 -14.09 2.80 10.50
CA GLU B 17 -14.99 3.94 10.34
C GLU B 17 -14.90 4.94 11.51
N SER B 18 -14.28 4.54 12.62
CA SER B 18 -14.10 5.34 13.83
C SER B 18 -15.43 5.90 14.31
N GLY A 1 -4.62 -19.91 -4.85
CA GLY A 1 -3.76 -20.33 -3.73
C GLY A 1 -3.41 -19.15 -2.85
N SER A 2 -2.11 -18.89 -2.65
CA SER A 2 -1.60 -17.81 -1.83
C SER A 2 -1.12 -16.61 -2.66
N PRO A 3 -1.19 -15.37 -2.13
CA PRO A 3 -0.73 -14.18 -2.83
C PRO A 3 0.81 -14.17 -2.89
N GLU A 4 1.41 -13.31 -3.72
CA GLU A 4 2.88 -13.25 -3.85
C GLU A 4 3.53 -12.74 -2.54
N PHE A 5 4.77 -13.19 -2.31
CA PHE A 5 5.64 -12.87 -1.17
C PHE A 5 6.93 -12.17 -1.64
N LYS A 6 7.86 -11.88 -0.73
CA LYS A 6 9.16 -11.23 -0.94
C LYS A 6 9.04 -9.76 -1.38
N PHE A 7 10.17 -9.04 -1.37
CA PHE A 7 10.23 -7.63 -1.73
C PHE A 7 9.70 -7.39 -3.15
N GLN A 8 9.43 -6.11 -3.46
CA GLN A 8 8.89 -5.64 -4.74
C GLN A 8 9.75 -6.13 -5.92
N TYR A 9 11.07 -6.07 -5.74
CA TYR A 9 12.04 -6.48 -6.75
C TYR A 9 11.86 -7.95 -7.20
N LYS A 10 11.33 -8.83 -6.35
CA LYS A 10 11.12 -10.24 -6.69
C LYS A 10 9.74 -10.41 -7.30
N GLU A 11 8.74 -9.64 -6.83
CA GLU A 11 7.39 -9.72 -7.36
C GLU A 11 7.27 -8.91 -8.68
N ASP A 12 8.32 -8.19 -9.10
CA ASP A 12 8.35 -7.41 -10.36
C ASP A 12 8.29 -8.31 -11.61
N HIS A 13 8.74 -9.56 -11.49
CA HIS A 13 8.80 -10.57 -12.53
C HIS A 13 7.44 -11.02 -13.12
N PRO A 14 6.48 -11.56 -12.34
CA PRO A 14 5.18 -12.01 -12.84
C PRO A 14 4.21 -10.85 -13.16
N PHE A 15 4.61 -9.97 -14.08
CA PHE A 15 3.89 -8.80 -14.54
C PHE A 15 2.46 -9.14 -14.94
N GLU A 16 2.24 -10.18 -15.75
CA GLU A 16 0.89 -10.55 -16.18
C GLU A 16 -0.02 -10.93 -15.00
N TYR A 17 0.53 -11.42 -13.89
CA TYR A 17 -0.23 -11.80 -12.71
C TYR A 17 -0.60 -10.51 -11.99
N ARG A 18 0.38 -9.64 -11.72
CA ARG A 18 0.15 -8.38 -11.03
C ARG A 18 -0.85 -7.53 -11.80
N LYS A 19 -0.71 -7.50 -13.12
CA LYS A 19 -1.60 -6.74 -14.00
C LYS A 19 -3.00 -7.33 -13.98
N LYS A 20 -3.18 -8.65 -14.10
CA LYS A 20 -4.54 -9.23 -14.07
C LYS A 20 -5.19 -9.04 -12.71
N GLU A 21 -4.41 -9.28 -11.65
CA GLU A 21 -4.87 -9.16 -10.28
C GLU A 21 -5.26 -7.73 -9.98
N GLY A 22 -4.42 -6.76 -10.34
CA GLY A 22 -4.63 -5.34 -10.14
C GLY A 22 -5.89 -4.89 -10.85
N GLU A 23 -6.07 -5.33 -12.10
CA GLU A 23 -7.27 -5.00 -12.86
C GLU A 23 -8.48 -5.53 -12.09
N LYS A 24 -8.37 -6.73 -11.49
CA LYS A 24 -9.47 -7.33 -10.74
C LYS A 24 -9.79 -6.53 -9.49
N ILE A 25 -8.80 -6.15 -8.67
CA ILE A 25 -9.12 -5.40 -7.46
C ILE A 25 -9.68 -4.03 -7.82
N ARG A 26 -9.22 -3.44 -8.92
CA ARG A 26 -9.71 -2.13 -9.35
C ARG A 26 -11.13 -2.28 -9.88
N LYS A 27 -11.49 -3.42 -10.47
CA LYS A 27 -12.83 -3.61 -11.01
C LYS A 27 -13.89 -3.95 -9.97
N LYS A 28 -13.62 -4.70 -8.89
CA LYS A 28 -14.73 -4.97 -7.95
C LYS A 28 -15.05 -3.76 -7.07
N TYR A 29 -14.04 -3.09 -6.50
CA TYR A 29 -14.22 -1.92 -5.64
C TYR A 29 -13.41 -0.74 -6.20
N PRO A 30 -13.76 -0.17 -7.36
CA PRO A 30 -13.03 0.94 -7.99
C PRO A 30 -12.87 2.20 -7.13
N ASP A 31 -13.70 2.42 -6.11
CA ASP A 31 -13.57 3.60 -5.24
C ASP A 31 -12.48 3.35 -4.17
N ARG A 32 -11.90 2.14 -4.15
CA ARG A 32 -10.87 1.69 -3.21
C ARG A 32 -9.63 1.32 -4.03
N VAL A 33 -8.44 1.56 -3.49
CA VAL A 33 -7.19 1.28 -4.18
C VAL A 33 -6.26 0.42 -3.32
N PRO A 34 -5.61 -0.58 -3.93
CA PRO A 34 -4.69 -1.46 -3.27
C PRO A 34 -3.34 -0.77 -3.18
N VAL A 35 -2.76 -0.79 -1.98
CA VAL A 35 -1.48 -0.16 -1.72
C VAL A 35 -0.63 -1.22 -1.02
N ILE A 36 0.58 -1.42 -1.50
CA ILE A 36 1.50 -2.40 -0.96
C ILE A 36 2.53 -1.62 -0.15
N VAL A 37 2.62 -1.94 1.14
CA VAL A 37 3.55 -1.29 2.03
C VAL A 37 4.83 -2.13 2.09
N GLU A 38 5.97 -1.48 1.87
CA GLU A 38 7.30 -2.08 1.88
C GLU A 38 8.14 -1.36 2.94
N LYS A 39 9.06 -2.07 3.60
CA LYS A 39 9.89 -1.43 4.62
C LYS A 39 11.08 -0.80 3.93
N ALA A 40 11.42 0.42 4.33
CA ALA A 40 12.52 1.20 3.80
C ALA A 40 13.79 0.95 4.62
N PRO A 41 14.95 1.33 4.07
CA PRO A 41 16.24 1.15 4.72
C PRO A 41 16.37 2.01 5.97
N LYS A 42 17.32 1.64 6.83
CA LYS A 42 17.67 2.29 8.10
C LYS A 42 16.53 2.47 9.09
N ALA A 43 15.32 2.02 8.80
CA ALA A 43 14.18 2.14 9.68
C ALA A 43 14.41 1.31 10.96
N ARG A 44 13.63 1.61 11.99
CA ARG A 44 13.61 1.00 13.30
C ARG A 44 12.15 0.91 13.69
N VAL A 45 11.47 -0.03 13.08
CA VAL A 45 10.07 -0.31 13.30
C VAL A 45 9.91 -1.81 13.44
N PRO A 46 8.97 -2.31 14.27
CA PRO A 46 8.77 -3.73 14.41
C PRO A 46 8.28 -4.29 13.06
N ASP A 47 8.59 -5.56 12.83
CA ASP A 47 8.25 -6.26 11.61
C ASP A 47 6.84 -6.82 11.68
N LEU A 48 6.11 -6.73 10.56
CA LEU A 48 4.74 -7.20 10.43
C LEU A 48 4.67 -8.08 9.18
N ASP A 49 3.93 -9.18 9.31
CA ASP A 49 3.70 -10.18 8.28
C ASP A 49 2.91 -9.65 7.10
N LYS A 50 1.87 -8.85 7.33
CA LYS A 50 1.02 -8.30 6.29
C LYS A 50 1.66 -7.14 5.52
N ARG A 51 1.46 -7.17 4.20
CA ARG A 51 1.95 -6.18 3.22
C ARG A 51 0.87 -5.63 2.31
N LYS A 52 -0.07 -6.47 1.89
CA LYS A 52 -1.16 -6.09 0.99
C LYS A 52 -2.17 -5.29 1.81
N TYR A 53 -2.51 -4.06 1.42
CA TYR A 53 -3.44 -3.18 2.14
C TYR A 53 -4.40 -2.52 1.13
N LEU A 54 -5.56 -2.03 1.59
CA LEU A 54 -6.60 -1.38 0.77
C LEU A 54 -7.21 -0.19 1.51
N VAL A 55 -7.39 0.93 0.81
CA VAL A 55 -7.97 2.19 1.34
C VAL A 55 -8.79 2.93 0.26
N PRO A 56 -9.76 3.79 0.62
CA PRO A 56 -10.57 4.53 -0.34
C PRO A 56 -9.79 5.71 -0.90
N SER A 57 -10.20 6.24 -2.05
CA SER A 57 -9.53 7.39 -2.68
C SER A 57 -9.67 8.66 -1.84
N ASP A 58 -10.76 8.77 -1.09
CA ASP A 58 -11.12 9.91 -0.25
C ASP A 58 -10.31 10.00 1.05
N LEU A 59 -9.49 8.99 1.35
CA LEU A 59 -8.70 8.95 2.57
C LEU A 59 -7.54 9.94 2.49
N THR A 60 -7.41 10.82 3.48
CA THR A 60 -6.30 11.77 3.52
C THR A 60 -5.09 10.96 3.98
N VAL A 61 -3.88 11.31 3.53
CA VAL A 61 -2.68 10.56 3.92
C VAL A 61 -2.48 10.57 5.44
N GLY A 62 -2.85 11.65 6.15
CA GLY A 62 -2.70 11.75 7.60
C GLY A 62 -3.34 10.56 8.33
N GLN A 63 -4.54 10.16 7.94
CA GLN A 63 -5.25 9.02 8.54
C GLN A 63 -4.54 7.73 8.18
N PHE A 64 -4.15 7.52 6.92
CA PHE A 64 -3.46 6.29 6.54
C PHE A 64 -2.18 6.15 7.38
N TYR A 65 -1.41 7.23 7.49
CA TYR A 65 -0.18 7.26 8.25
C TYR A 65 -0.47 6.96 9.72
N PHE A 66 -1.56 7.49 10.28
CA PHE A 66 -1.95 7.27 11.68
C PHE A 66 -2.26 5.79 11.91
N LEU A 67 -3.02 5.18 11.00
CA LEU A 67 -3.41 3.77 11.07
C LEU A 67 -2.14 2.92 11.11
N ILE A 68 -1.19 3.17 10.19
CA ILE A 68 0.07 2.44 10.12
C ILE A 68 0.87 2.65 11.40
N ARG A 69 1.14 3.89 11.84
CA ARG A 69 1.92 4.14 13.05
C ARG A 69 1.31 3.43 14.25
N LYS A 70 -0.03 3.45 14.42
CA LYS A 70 -0.62 2.76 15.55
C LYS A 70 -0.45 1.24 15.42
N ARG A 71 -0.54 0.66 14.21
CA ARG A 71 -0.37 -0.78 14.03
C ARG A 71 1.02 -1.22 14.47
N ILE A 72 2.06 -0.43 14.19
CA ILE A 72 3.41 -0.81 14.59
C ILE A 72 3.69 -0.48 16.06
N HIS A 73 2.84 0.30 16.74
CA HIS A 73 2.96 0.69 18.14
C HIS A 73 4.29 1.37 18.48
N LEU A 74 4.79 2.22 17.57
CA LEU A 74 6.05 2.95 17.77
C LEU A 74 5.90 3.89 18.97
N ARG A 75 7.02 4.26 19.60
CA ARG A 75 6.97 5.15 20.77
C ARG A 75 6.56 6.55 20.31
N PRO A 76 6.04 7.42 21.19
CA PRO A 76 5.65 8.76 20.79
C PRO A 76 6.89 9.60 20.44
N GLU A 77 8.07 9.21 20.92
CA GLU A 77 9.33 9.88 20.68
C GLU A 77 9.90 9.50 19.31
N ASP A 78 9.60 8.29 18.82
CA ASP A 78 10.07 7.80 17.51
C ASP A 78 9.38 8.62 16.42
N ALA A 79 10.04 8.78 15.29
CA ALA A 79 9.48 9.51 14.16
C ALA A 79 9.06 8.48 13.11
N LEU A 80 8.41 8.95 12.05
CA LEU A 80 7.95 8.08 10.97
C LEU A 80 7.74 8.93 9.73
N PHE A 81 8.22 8.47 8.57
CA PHE A 81 8.13 9.16 7.30
C PHE A 81 7.70 8.16 6.24
N PHE A 82 6.89 8.62 5.30
CA PHE A 82 6.34 7.81 4.22
C PHE A 82 6.73 8.42 2.89
N PHE A 83 6.98 7.57 1.90
CA PHE A 83 7.32 7.95 0.55
C PHE A 83 6.45 7.08 -0.35
N VAL A 84 6.03 7.63 -1.48
CA VAL A 84 5.18 6.96 -2.46
C VAL A 84 5.73 7.35 -3.82
N ASN A 85 5.91 6.38 -4.73
CA ASN A 85 6.44 6.60 -6.08
C ASN A 85 7.65 7.56 -6.02
N ASN A 86 8.56 7.32 -5.08
CA ASN A 86 9.77 8.09 -4.81
C ASN A 86 9.48 9.60 -4.74
N THR A 87 8.36 9.99 -4.13
CA THR A 87 7.87 11.34 -3.97
C THR A 87 7.39 11.59 -2.53
N ILE A 88 7.43 12.85 -2.10
CA ILE A 88 7.03 13.34 -0.78
C ILE A 88 5.76 14.21 -0.93
N PRO A 89 4.55 13.65 -0.94
CA PRO A 89 3.31 14.42 -1.07
C PRO A 89 2.95 15.20 0.20
N PRO A 90 2.03 16.19 0.12
CA PRO A 90 1.58 16.98 1.26
C PRO A 90 0.68 16.15 2.19
N THR A 91 0.57 16.55 3.46
CA THR A 91 -0.25 15.87 4.48
C THR A 91 -1.75 15.88 4.20
N SER A 92 -2.22 16.77 3.33
CA SER A 92 -3.63 16.86 2.95
C SER A 92 -3.89 16.10 1.65
N ALA A 93 -2.86 15.50 1.02
CA ALA A 93 -3.05 14.74 -0.21
C ALA A 93 -4.04 13.61 0.07
N THR A 94 -4.84 13.25 -0.94
CA THR A 94 -5.81 12.19 -0.84
C THR A 94 -5.25 10.98 -1.55
N MET A 95 -5.58 9.78 -1.07
CA MET A 95 -5.10 8.54 -1.67
C MET A 95 -5.44 8.46 -3.15
N GLY A 96 -6.58 9.00 -3.59
CA GLY A 96 -6.99 8.99 -4.98
C GLY A 96 -6.15 9.91 -5.85
N GLN A 97 -5.73 11.08 -5.34
CA GLN A 97 -4.92 12.02 -6.10
C GLN A 97 -3.52 11.46 -6.33
N LEU A 98 -2.85 11.00 -5.26
CA LEU A 98 -1.51 10.44 -5.42
C LEU A 98 -1.58 9.16 -6.25
N TYR A 99 -2.60 8.31 -6.06
CA TYR A 99 -2.78 7.09 -6.83
C TYR A 99 -2.88 7.42 -8.32
N GLU A 100 -3.63 8.49 -8.66
CA GLU A 100 -3.85 8.95 -10.02
C GLU A 100 -2.60 9.55 -10.65
N ASP A 101 -1.90 10.42 -9.95
CA ASP A 101 -0.69 11.08 -10.45
C ASP A 101 0.45 10.09 -10.65
N ASN A 102 0.54 9.10 -9.76
CA ASN A 102 1.53 8.03 -9.72
C ASN A 102 1.02 6.74 -10.40
N HIS A 103 -0.18 6.75 -10.99
CA HIS A 103 -0.80 5.58 -11.63
C HIS A 103 0.12 4.70 -12.48
N GLU A 104 0.10 3.41 -12.16
CA GLU A 104 0.87 2.39 -12.83
C GLU A 104 -0.06 1.64 -13.78
N GLU A 105 0.48 0.87 -14.71
CA GLU A 105 -0.36 0.15 -15.66
C GLU A 105 -1.05 -1.03 -14.95
N ASP A 106 -0.42 -1.55 -13.89
CA ASP A 106 -0.87 -2.68 -13.08
C ASP A 106 -1.95 -2.26 -12.08
N TYR A 107 -2.35 -0.98 -12.02
CA TYR A 107 -3.37 -0.45 -11.09
C TYR A 107 -2.99 -0.58 -9.60
N PHE A 108 -1.74 -0.92 -9.26
CA PHE A 108 -1.25 -1.06 -7.90
C PHE A 108 -0.46 0.18 -7.47
N LEU A 109 -0.56 0.54 -6.19
CA LEU A 109 0.11 1.71 -5.61
C LEU A 109 1.22 1.20 -4.66
N TYR A 110 2.43 1.76 -4.73
CA TYR A 110 3.58 1.38 -3.89
C TYR A 110 3.90 2.45 -2.85
N VAL A 111 4.04 2.09 -1.57
CA VAL A 111 4.38 3.02 -0.49
C VAL A 111 5.42 2.38 0.42
N ALA A 112 6.33 3.17 0.99
CA ALA A 112 7.37 2.67 1.88
C ALA A 112 7.32 3.41 3.21
N TYR A 113 7.62 2.71 4.32
CA TYR A 113 7.61 3.27 5.68
C TYR A 113 9.00 3.17 6.34
N SER A 114 9.45 4.27 6.96
CA SER A 114 10.74 4.37 7.64
C SER A 114 10.69 5.32 8.84
N ASP A 115 11.41 4.96 9.91
CA ASP A 115 11.55 5.64 11.20
C ASP A 115 12.37 6.94 11.14
N GLU A 116 13.23 7.09 10.14
CA GLU A 116 14.08 8.26 9.99
C GLU A 116 14.15 8.64 8.52
N SER A 117 14.31 9.94 8.25
CA SER A 117 14.40 10.49 6.90
C SER A 117 15.72 10.05 6.25
N VAL A 118 15.69 9.01 5.40
CA VAL A 118 16.89 8.52 4.72
C VAL A 118 16.53 7.75 3.45
N TYR A 119 17.34 7.93 2.40
CA TYR A 119 17.22 7.25 1.11
C TYR A 119 18.26 6.12 1.13
N GLY B 1 -5.65 -19.00 -18.86
CA GLY B 1 -6.50 -20.06 -18.28
C GLY B 1 -7.81 -19.48 -17.74
N ALA B 2 -8.63 -20.34 -17.11
CA ALA B 2 -9.92 -20.00 -16.52
C ALA B 2 -9.81 -19.53 -15.07
N MET B 3 -10.88 -18.95 -14.54
CA MET B 3 -11.01 -18.47 -13.16
C MET B 3 -12.23 -19.13 -12.52
N GLY B 4 -12.22 -19.41 -11.22
CA GLY B 4 -13.33 -20.05 -10.50
C GLY B 4 -13.57 -19.51 -9.09
N SER B 5 -12.86 -18.46 -8.67
CA SER B 5 -13.02 -17.89 -7.34
C SER B 5 -14.28 -17.03 -7.21
N ALA B 6 -14.71 -16.79 -5.97
CA ALA B 6 -15.89 -15.98 -5.62
C ALA B 6 -15.52 -14.81 -4.71
N SER B 7 -14.40 -14.90 -4.00
CA SER B 7 -13.93 -13.86 -3.12
C SER B 7 -12.95 -13.00 -3.90
N SER B 8 -12.70 -11.79 -3.41
CA SER B 8 -11.76 -10.86 -4.02
C SER B 8 -10.35 -11.28 -3.53
N GLU B 9 -9.29 -10.64 -4.00
CA GLU B 9 -7.92 -10.99 -3.61
C GLU B 9 -7.74 -10.80 -2.09
N ASP B 10 -6.94 -11.65 -1.43
CA ASP B 10 -6.69 -11.60 0.01
C ASP B 10 -5.86 -10.36 0.37
N TYR B 11 -6.48 -9.33 0.95
CA TYR B 11 -5.85 -8.06 1.33
C TYR B 11 -6.42 -7.53 2.65
N ILE B 12 -5.72 -6.57 3.26
CA ILE B 12 -6.08 -5.93 4.51
C ILE B 12 -6.82 -4.63 4.18
N ILE B 13 -8.16 -4.66 4.15
CA ILE B 13 -8.99 -3.50 3.87
C ILE B 13 -9.20 -2.79 5.20
N ILE B 14 -8.66 -1.57 5.38
CA ILE B 14 -8.79 -0.81 6.62
C ILE B 14 -9.06 0.66 6.31
N LEU B 15 -10.24 1.15 6.65
CA LEU B 15 -10.65 2.53 6.44
C LEU B 15 -11.68 2.95 7.49
N PRO B 16 -11.26 3.31 8.72
CA PRO B 16 -12.19 3.73 9.76
C PRO B 16 -12.72 5.12 9.46
N GLU B 17 -13.89 5.44 10.01
CA GLU B 17 -14.52 6.74 9.82
C GLU B 17 -13.98 7.80 10.79
N SER B 18 -13.34 7.36 11.88
CA SER B 18 -12.80 8.23 12.89
C SER B 18 -11.48 8.85 12.44
N GLY A 1 11.59 -15.94 13.35
CA GLY A 1 11.06 -14.63 12.94
C GLY A 1 11.45 -14.30 11.51
N SER A 2 10.66 -13.44 10.87
CA SER A 2 10.84 -12.99 9.49
C SER A 2 10.70 -11.46 9.50
N PRO A 3 11.80 -10.70 9.59
CA PRO A 3 11.70 -9.25 9.62
C PRO A 3 11.22 -8.64 8.29
N GLU A 4 11.66 -9.21 7.17
CA GLU A 4 11.39 -8.87 5.78
C GLU A 4 11.75 -7.42 5.40
N PHE A 5 11.75 -7.09 4.09
CA PHE A 5 12.08 -5.77 3.60
C PHE A 5 11.22 -5.44 2.37
N LYS A 6 11.35 -4.23 1.86
CA LYS A 6 10.60 -3.73 0.71
C LYS A 6 11.08 -4.35 -0.57
N PHE A 7 10.18 -4.91 -1.37
CA PHE A 7 10.57 -5.50 -2.63
C PHE A 7 9.74 -5.02 -3.81
N GLN A 8 10.38 -4.42 -4.83
CA GLN A 8 9.63 -3.99 -6.00
C GLN A 8 9.75 -5.07 -7.06
N TYR A 9 10.97 -5.55 -7.37
CA TYR A 9 11.16 -6.57 -8.40
C TYR A 9 10.39 -7.87 -8.12
N LYS A 10 10.12 -8.19 -6.86
CA LYS A 10 9.36 -9.40 -6.50
C LYS A 10 7.93 -9.30 -7.01
N GLU A 11 7.32 -8.11 -6.96
CA GLU A 11 5.94 -7.89 -7.38
C GLU A 11 5.86 -7.21 -8.76
N ASP A 12 6.98 -6.73 -9.30
CA ASP A 12 7.11 -6.09 -10.62
C ASP A 12 7.17 -7.18 -11.70
N HIS A 13 7.82 -8.30 -11.37
CA HIS A 13 7.99 -9.48 -12.22
C HIS A 13 6.62 -10.01 -12.72
N PRO A 14 5.67 -10.39 -11.84
CA PRO A 14 4.36 -10.90 -12.23
C PRO A 14 3.43 -9.78 -12.75
N PHE A 15 3.90 -8.94 -13.67
CA PHE A 15 3.16 -7.82 -14.24
C PHE A 15 1.77 -8.21 -14.76
N GLU A 16 1.67 -9.23 -15.62
CA GLU A 16 0.38 -9.65 -16.15
C GLU A 16 -0.57 -10.16 -15.05
N TYR A 17 0.00 -10.73 -13.99
CA TYR A 17 -0.71 -11.29 -12.86
C TYR A 17 -1.31 -10.16 -12.02
N ARG A 18 -0.49 -9.17 -11.63
CA ARG A 18 -0.96 -8.05 -10.83
C ARG A 18 -1.96 -7.25 -11.65
N LYS A 19 -1.74 -7.08 -12.96
CA LYS A 19 -2.68 -6.35 -13.78
C LYS A 19 -4.04 -7.06 -13.78
N LYS A 20 -4.09 -8.40 -13.91
CA LYS A 20 -5.39 -9.07 -13.90
C LYS A 20 -6.08 -8.89 -12.55
N GLU A 21 -5.35 -9.08 -11.44
CA GLU A 21 -5.92 -8.93 -10.11
C GLU A 21 -6.39 -7.49 -9.86
N GLY A 22 -5.53 -6.51 -10.17
CA GLY A 22 -5.77 -5.10 -10.02
C GLY A 22 -6.99 -4.71 -10.83
N GLU A 23 -7.12 -5.18 -12.08
CA GLU A 23 -8.26 -4.87 -12.92
C GLU A 23 -9.54 -5.39 -12.28
N LYS A 24 -9.54 -6.62 -11.73
CA LYS A 24 -10.75 -7.18 -11.15
C LYS A 24 -11.16 -6.36 -9.93
N ILE A 25 -10.18 -5.94 -9.13
CA ILE A 25 -10.41 -5.15 -7.94
C ILE A 25 -10.75 -3.70 -8.27
N ARG A 26 -10.26 -3.15 -9.39
CA ARG A 26 -10.54 -1.79 -9.81
C ARG A 26 -11.99 -1.72 -10.23
N LYS A 27 -12.42 -2.66 -11.09
CA LYS A 27 -13.81 -2.67 -11.52
C LYS A 27 -14.74 -2.97 -10.34
N LYS A 28 -14.34 -3.84 -9.41
CA LYS A 28 -15.19 -4.16 -8.26
C LYS A 28 -15.39 -2.91 -7.39
N TYR A 29 -14.35 -2.09 -7.18
CA TYR A 29 -14.48 -0.88 -6.37
C TYR A 29 -13.81 0.34 -7.04
N PRO A 30 -14.52 1.16 -7.84
CA PRO A 30 -13.91 2.35 -8.46
C PRO A 30 -13.69 3.47 -7.41
N ASP A 31 -14.11 3.20 -6.18
CA ASP A 31 -14.02 4.03 -4.99
C ASP A 31 -12.79 3.71 -4.13
N ARG A 32 -12.14 2.57 -4.40
CA ARG A 32 -10.99 2.09 -3.63
C ARG A 32 -9.91 1.55 -4.55
N VAL A 33 -8.68 1.44 -4.03
CA VAL A 33 -7.55 0.95 -4.81
C VAL A 33 -6.68 0.02 -3.97
N PRO A 34 -6.06 -1.01 -4.56
CA PRO A 34 -5.19 -1.93 -3.85
C PRO A 34 -3.83 -1.25 -3.69
N VAL A 35 -3.39 -1.21 -2.44
CA VAL A 35 -2.14 -0.61 -2.04
C VAL A 35 -1.31 -1.68 -1.35
N ILE A 36 -0.07 -1.81 -1.75
CA ILE A 36 0.89 -2.76 -1.21
C ILE A 36 1.69 -1.96 -0.18
N VAL A 37 1.96 -2.53 0.99
CA VAL A 37 2.71 -1.88 2.05
C VAL A 37 3.98 -2.70 2.27
N GLU A 38 5.13 -2.03 2.14
CA GLU A 38 6.45 -2.61 2.30
C GLU A 38 7.28 -1.75 3.28
N LYS A 39 8.30 -2.34 3.91
CA LYS A 39 9.15 -1.67 4.90
C LYS A 39 10.60 -1.49 4.43
N ALA A 40 11.22 -0.34 4.71
CA ALA A 40 12.58 -0.04 4.32
C ALA A 40 13.56 -0.48 5.41
N PRO A 41 14.81 -0.78 5.05
CA PRO A 41 15.81 -1.22 6.00
C PRO A 41 16.15 -0.11 7.00
N LYS A 42 16.68 -0.51 8.16
CA LYS A 42 17.07 0.32 9.30
C LYS A 42 15.87 0.87 10.07
N ALA A 43 14.64 0.54 9.69
CA ALA A 43 13.48 1.03 10.43
C ALA A 43 13.37 0.24 11.73
N ARG A 44 12.64 0.76 12.72
CA ARG A 44 12.46 0.12 14.01
C ARG A 44 10.99 -0.22 14.17
N VAL A 45 10.53 -1.11 13.31
CA VAL A 45 9.15 -1.54 13.29
C VAL A 45 8.99 -3.06 13.20
N PRO A 46 7.86 -3.60 13.69
CA PRO A 46 7.52 -5.02 13.68
C PRO A 46 7.17 -5.47 12.26
N ASP A 47 7.26 -6.79 12.04
CA ASP A 47 6.95 -7.39 10.75
C ASP A 47 5.45 -7.66 10.65
N LEU A 48 4.96 -7.76 9.42
CA LEU A 48 3.58 -8.03 9.07
C LEU A 48 3.57 -9.08 7.97
N ASP A 49 2.63 -10.01 8.07
CA ASP A 49 2.45 -11.09 7.09
C ASP A 49 1.60 -10.60 5.92
N LYS A 50 0.88 -9.50 6.14
CA LYS A 50 -0.02 -8.84 5.21
C LYS A 50 0.77 -7.82 4.40
N ARG A 51 0.55 -7.80 3.08
CA ARG A 51 1.21 -6.87 2.18
C ARG A 51 0.19 -6.11 1.36
N LYS A 52 -0.86 -6.75 0.84
CA LYS A 52 -1.87 -6.07 0.02
C LYS A 52 -3.03 -5.63 0.90
N TYR A 53 -3.36 -4.35 0.79
CA TYR A 53 -4.42 -3.66 1.48
C TYR A 53 -5.28 -2.98 0.42
N LEU A 54 -6.44 -2.47 0.80
CA LEU A 54 -7.35 -1.77 -0.09
C LEU A 54 -7.83 -0.56 0.68
N VAL A 55 -7.70 0.64 0.13
CA VAL A 55 -8.10 1.89 0.78
C VAL A 55 -8.88 2.77 -0.21
N PRO A 56 -9.77 3.66 0.27
CA PRO A 56 -10.56 4.54 -0.58
C PRO A 56 -9.76 5.74 -1.07
N SER A 57 -10.21 6.33 -2.18
CA SER A 57 -9.58 7.48 -2.82
C SER A 57 -9.56 8.77 -1.98
N ASP A 58 -10.40 8.87 -0.95
CA ASP A 58 -10.53 10.05 -0.08
C ASP A 58 -9.76 9.95 1.23
N LEU A 59 -9.15 8.80 1.52
CA LEU A 59 -8.39 8.62 2.75
C LEU A 59 -7.18 9.56 2.70
N THR A 60 -7.08 10.50 3.62
CA THR A 60 -5.96 11.44 3.70
C THR A 60 -4.71 10.65 4.07
N VAL A 61 -3.53 11.02 3.55
CA VAL A 61 -2.33 10.28 3.89
C VAL A 61 -2.05 10.40 5.39
N GLY A 62 -2.40 11.54 6.02
CA GLY A 62 -2.22 11.73 7.46
C GLY A 62 -2.97 10.66 8.25
N GLN A 63 -4.20 10.36 7.86
CA GLN A 63 -5.04 9.34 8.50
C GLN A 63 -4.44 7.96 8.24
N PHE A 64 -4.05 7.66 6.99
CA PHE A 64 -3.47 6.37 6.64
C PHE A 64 -2.20 6.11 7.46
N TYR A 65 -1.32 7.10 7.55
CA TYR A 65 -0.09 6.95 8.31
C TYR A 65 -0.42 6.74 9.78
N PHE A 66 -1.42 7.43 10.34
CA PHE A 66 -1.81 7.29 11.73
C PHE A 66 -2.35 5.89 12.04
N LEU A 67 -3.19 5.31 11.17
CA LEU A 67 -3.74 3.97 11.36
C LEU A 67 -2.61 2.94 11.41
N ILE A 68 -1.75 2.94 10.39
CA ILE A 68 -0.63 2.01 10.36
C ILE A 68 0.28 2.28 11.57
N ARG A 69 0.52 3.54 11.96
CA ARG A 69 1.36 3.90 13.12
C ARG A 69 0.86 3.18 14.36
N LYS A 70 -0.45 3.19 14.60
CA LYS A 70 -1.03 2.50 15.75
C LYS A 70 -0.71 1.02 15.65
N ARG A 71 -0.96 0.40 14.50
CA ARG A 71 -0.70 -1.03 14.33
C ARG A 71 0.77 -1.41 14.45
N ILE A 72 1.73 -0.58 14.00
CA ILE A 72 3.16 -0.91 14.12
C ILE A 72 3.68 -0.63 15.55
N HIS A 73 2.83 -0.10 16.42
CA HIS A 73 3.06 0.24 17.83
C HIS A 73 4.42 0.86 18.18
N LEU A 74 5.00 1.67 17.27
CA LEU A 74 6.30 2.33 17.45
C LEU A 74 6.41 3.19 18.71
N ARG A 75 7.64 3.42 19.18
CA ARG A 75 7.89 4.23 20.38
C ARG A 75 7.50 5.68 20.10
N PRO A 76 7.24 6.47 21.15
CA PRO A 76 6.89 7.87 20.97
C PRO A 76 8.08 8.66 20.43
N GLU A 77 9.29 8.20 20.74
CA GLU A 77 10.57 8.77 20.35
C GLU A 77 11.01 8.34 18.94
N ASP A 78 10.30 7.42 18.28
CA ASP A 78 10.66 6.93 16.95
C ASP A 78 10.16 7.90 15.89
N ALA A 79 10.79 7.88 14.71
CA ALA A 79 10.40 8.72 13.58
C ALA A 79 9.58 7.86 12.61
N LEU A 80 8.98 8.48 11.58
CA LEU A 80 8.16 7.75 10.62
C LEU A 80 8.09 8.50 9.30
N PHE A 81 8.48 7.88 8.19
CA PHE A 81 8.46 8.48 6.86
C PHE A 81 7.93 7.48 5.84
N PHE A 82 7.02 7.93 4.99
CA PHE A 82 6.36 7.17 3.94
C PHE A 82 6.75 7.76 2.58
N PHE A 83 7.06 6.92 1.58
CA PHE A 83 7.44 7.30 0.22
C PHE A 83 6.64 6.42 -0.75
N VAL A 84 6.04 7.01 -1.78
CA VAL A 84 5.24 6.38 -2.82
C VAL A 84 5.85 6.80 -4.15
N ASN A 85 5.94 5.92 -5.16
CA ASN A 85 6.54 6.25 -6.48
C ASN A 85 7.92 6.90 -6.31
N ASN A 86 8.61 6.59 -5.20
CA ASN A 86 9.92 7.12 -4.82
C ASN A 86 9.89 8.66 -4.64
N THR A 87 8.68 9.21 -4.44
CA THR A 87 8.23 10.59 -4.25
C THR A 87 7.74 10.81 -2.81
N ILE A 88 7.78 12.06 -2.36
CA ILE A 88 7.37 12.46 -1.01
C ILE A 88 6.17 13.43 -1.13
N PRO A 89 4.92 12.93 -1.13
CA PRO A 89 3.74 13.78 -1.21
C PRO A 89 3.50 14.51 0.12
N PRO A 90 2.71 15.60 0.13
CA PRO A 90 2.41 16.32 1.36
C PRO A 90 1.45 15.53 2.23
N THR A 91 1.45 15.82 3.53
CA THR A 91 0.59 15.13 4.50
C THR A 91 -0.90 15.36 4.23
N SER A 92 -1.24 16.44 3.52
CA SER A 92 -2.60 16.79 3.15
C SER A 92 -3.07 16.03 1.90
N ALA A 93 -2.19 15.30 1.19
CA ALA A 93 -2.61 14.55 0.01
C ALA A 93 -3.57 13.41 0.42
N THR A 94 -4.16 12.75 -0.55
CA THR A 94 -5.09 11.64 -0.35
C THR A 94 -4.58 10.42 -1.10
N MET A 95 -5.11 9.25 -0.76
CA MET A 95 -4.74 8.01 -1.43
C MET A 95 -5.13 8.11 -2.91
N GLY A 96 -6.17 8.90 -3.22
CA GLY A 96 -6.66 9.14 -4.56
C GLY A 96 -5.69 10.02 -5.34
N GLN A 97 -5.15 11.10 -4.74
CA GLN A 97 -4.23 12.01 -5.41
C GLN A 97 -2.99 11.24 -5.88
N LEU A 98 -2.35 10.48 -4.99
CA LEU A 98 -1.16 9.71 -5.35
C LEU A 98 -1.51 8.58 -6.32
N TYR A 99 -2.65 7.90 -6.14
CA TYR A 99 -3.02 6.82 -7.06
C TYR A 99 -3.25 7.34 -8.47
N GLU A 100 -3.87 8.50 -8.59
CA GLU A 100 -4.18 9.15 -9.85
C GLU A 100 -2.92 9.66 -10.54
N ASP A 101 -2.03 10.34 -9.82
CA ASP A 101 -0.81 10.88 -10.43
C ASP A 101 0.25 9.83 -10.73
N ASN A 102 0.38 8.80 -9.90
CA ASN A 102 1.36 7.70 -10.03
C ASN A 102 0.77 6.50 -10.79
N HIS A 103 -0.48 6.59 -11.24
CA HIS A 103 -1.24 5.57 -11.95
C HIS A 103 -0.48 4.78 -13.02
N GLU A 104 -0.68 3.47 -13.02
CA GLU A 104 -0.10 2.52 -13.95
C GLU A 104 -1.21 1.70 -14.61
N GLU A 105 -0.85 0.87 -15.59
CA GLU A 105 -1.80 0.02 -16.33
C GLU A 105 -2.27 -1.18 -15.51
N ASP A 106 -1.54 -1.46 -14.43
CA ASP A 106 -1.75 -2.55 -13.48
C ASP A 106 -2.82 -2.29 -12.43
N TYR A 107 -3.28 -1.04 -12.31
CA TYR A 107 -4.29 -0.60 -11.34
C TYR A 107 -3.88 -0.83 -9.88
N PHE A 108 -2.58 -1.01 -9.58
CA PHE A 108 -1.98 -1.26 -8.26
C PHE A 108 -1.11 -0.10 -7.78
N LEU A 109 -0.93 0.06 -6.46
CA LEU A 109 -0.10 1.13 -5.89
C LEU A 109 0.86 0.56 -4.83
N TYR A 110 2.14 0.94 -4.85
CA TYR A 110 3.20 0.52 -3.93
C TYR A 110 3.55 1.67 -2.97
N VAL A 111 3.59 1.43 -1.66
CA VAL A 111 3.96 2.46 -0.68
C VAL A 111 4.91 1.83 0.35
N ALA A 112 6.09 2.45 0.56
CA ALA A 112 7.09 1.93 1.49
C ALA A 112 7.29 2.88 2.68
N TYR A 113 7.46 2.34 3.89
CA TYR A 113 7.67 3.13 5.11
C TYR A 113 9.01 2.80 5.79
N SER A 114 9.56 3.79 6.51
CA SER A 114 10.81 3.72 7.23
C SER A 114 10.70 4.54 8.52
N ASP A 115 11.61 4.29 9.47
CA ASP A 115 11.66 5.03 10.73
C ASP A 115 12.28 6.38 10.38
N GLU A 116 13.49 6.35 9.80
CA GLU A 116 14.24 7.51 9.39
C GLU A 116 14.46 7.44 7.88
N SER A 117 14.67 8.57 7.21
CA SER A 117 14.91 8.59 5.78
C SER A 117 16.34 8.14 5.47
N VAL A 118 16.53 6.88 5.10
CA VAL A 118 17.78 6.25 4.73
C VAL A 118 17.50 5.30 3.58
N TYR A 119 18.47 5.17 2.67
CA TYR A 119 18.44 4.28 1.53
C TYR A 119 19.27 3.06 1.87
N GLY B 1 -6.07 -20.77 -18.03
CA GLY B 1 -7.18 -21.36 -18.79
C GLY B 1 -8.44 -20.57 -18.54
N ALA B 2 -9.60 -21.20 -18.75
CA ALA B 2 -10.89 -20.57 -18.55
C ALA B 2 -11.17 -20.38 -17.05
N MET B 3 -11.91 -19.31 -16.75
CA MET B 3 -12.34 -18.95 -15.41
C MET B 3 -13.86 -18.83 -15.48
N GLY B 4 -14.59 -19.84 -15.02
CA GLY B 4 -16.05 -19.80 -15.05
C GLY B 4 -16.55 -18.84 -13.97
N SER B 5 -15.82 -18.75 -12.86
CA SER B 5 -16.15 -17.87 -11.76
C SER B 5 -15.63 -16.46 -12.04
N ALA B 6 -16.34 -15.48 -11.50
CA ALA B 6 -16.05 -14.06 -11.59
C ALA B 6 -15.37 -13.58 -10.28
N SER B 7 -14.96 -14.51 -9.41
CA SER B 7 -14.35 -14.25 -8.12
C SER B 7 -13.18 -13.27 -8.18
N SER B 8 -13.24 -12.26 -7.32
CA SER B 8 -12.24 -11.22 -7.15
C SER B 8 -11.18 -11.73 -6.17
N GLU B 9 -10.02 -11.05 -6.12
CA GLU B 9 -8.92 -11.41 -5.23
C GLU B 9 -9.25 -10.92 -3.81
N ASP B 10 -8.52 -11.31 -2.75
CA ASP B 10 -8.79 -10.89 -1.37
C ASP B 10 -7.58 -10.23 -0.72
N TYR B 11 -7.77 -8.97 -0.32
CA TYR B 11 -6.77 -8.12 0.32
C TYR B 11 -7.33 -7.59 1.65
N ILE B 12 -6.51 -6.87 2.42
CA ILE B 12 -6.91 -6.33 3.71
C ILE B 12 -7.59 -4.99 3.43
N ILE B 13 -8.91 -5.03 3.32
CA ILE B 13 -9.74 -3.86 3.06
C ILE B 13 -9.80 -3.09 4.37
N ILE B 14 -9.48 -1.80 4.33
CA ILE B 14 -9.52 -0.90 5.48
C ILE B 14 -9.92 0.47 4.93
N LEU B 15 -10.73 1.21 5.68
CA LEU B 15 -11.23 2.52 5.28
C LEU B 15 -11.47 3.37 6.53
N PRO B 16 -11.46 4.71 6.44
CA PRO B 16 -11.69 5.58 7.58
C PRO B 16 -13.15 5.42 8.02
N GLU B 17 -13.40 5.18 9.31
CA GLU B 17 -14.76 5.04 9.81
C GLU B 17 -15.31 6.37 10.34
N SER B 18 -14.49 7.42 10.35
CA SER B 18 -14.81 8.75 10.83
C SER B 18 -14.16 9.76 9.92
N GLY A 1 -6.94 -16.51 5.35
CA GLY A 1 -5.80 -15.74 5.86
C GLY A 1 -4.73 -15.68 4.80
N SER A 2 -3.74 -16.56 4.94
CA SER A 2 -2.58 -16.79 4.08
C SER A 2 -2.20 -15.60 3.18
N PRO A 3 -1.67 -14.50 3.76
CA PRO A 3 -1.28 -13.33 2.98
C PRO A 3 -0.07 -13.64 2.08
N GLU A 4 0.23 -12.71 1.19
CA GLU A 4 1.34 -12.82 0.25
C GLU A 4 2.67 -12.44 0.93
N PHE A 5 3.78 -12.81 0.29
CA PHE A 5 5.16 -12.57 0.72
C PHE A 5 5.97 -12.05 -0.49
N LYS A 6 7.30 -12.04 -0.36
CA LYS A 6 8.28 -11.60 -1.37
C LYS A 6 8.31 -10.06 -1.39
N PHE A 7 9.02 -9.45 -2.33
CA PHE A 7 9.14 -8.00 -2.51
C PHE A 7 8.83 -7.66 -3.97
N GLN A 8 8.75 -6.37 -4.30
CA GLN A 8 8.48 -5.95 -5.67
C GLN A 8 9.62 -6.39 -6.60
N TYR A 9 10.85 -6.54 -6.07
CA TYR A 9 12.07 -6.96 -6.77
C TYR A 9 11.88 -8.26 -7.56
N LYS A 10 10.96 -9.14 -7.15
CA LYS A 10 10.69 -10.40 -7.87
C LYS A 10 9.39 -10.26 -8.65
N GLU A 11 8.36 -9.72 -8.01
CA GLU A 11 7.03 -9.54 -8.57
C GLU A 11 6.97 -8.71 -9.87
N ASP A 12 7.99 -7.89 -10.14
CA ASP A 12 8.10 -7.07 -11.34
C ASP A 12 8.28 -7.92 -12.60
N HIS A 13 8.86 -9.12 -12.49
CA HIS A 13 9.07 -10.03 -13.62
C HIS A 13 7.71 -10.52 -14.16
N PRO A 14 6.84 -11.21 -13.39
CA PRO A 14 5.53 -11.67 -13.86
C PRO A 14 4.52 -10.50 -13.97
N PHE A 15 4.81 -9.53 -14.84
CA PHE A 15 4.03 -8.34 -15.14
C PHE A 15 2.63 -8.75 -15.59
N GLU A 16 2.51 -9.79 -16.42
CA GLU A 16 1.23 -10.28 -16.92
C GLU A 16 0.28 -10.56 -15.75
N TYR A 17 0.77 -11.23 -14.71
CA TYR A 17 0.01 -11.58 -13.52
C TYR A 17 -0.31 -10.32 -12.71
N ARG A 18 0.64 -9.37 -12.61
CA ARG A 18 0.44 -8.12 -11.88
C ARG A 18 -0.68 -7.31 -12.52
N LYS A 19 -0.70 -7.22 -13.84
CA LYS A 19 -1.72 -6.49 -14.59
C LYS A 19 -3.06 -7.17 -14.45
N LYS A 20 -3.13 -8.49 -14.70
CA LYS A 20 -4.39 -9.24 -14.62
C LYS A 20 -5.05 -9.01 -13.27
N GLU A 21 -4.33 -9.17 -12.16
CA GLU A 21 -4.92 -8.97 -10.85
C GLU A 21 -5.25 -7.49 -10.62
N GLY A 22 -4.41 -6.57 -11.11
CA GLY A 22 -4.65 -5.14 -10.96
C GLY A 22 -5.95 -4.77 -11.62
N GLU A 23 -6.19 -5.27 -12.82
CA GLU A 23 -7.41 -5.03 -13.56
C GLU A 23 -8.57 -5.70 -12.82
N LYS A 24 -8.33 -6.86 -12.18
CA LYS A 24 -9.38 -7.56 -11.48
C LYS A 24 -9.82 -6.73 -10.27
N ILE A 25 -8.90 -6.21 -9.46
CA ILE A 25 -9.31 -5.42 -8.30
C ILE A 25 -9.79 -4.03 -8.73
N ARG A 26 -9.26 -3.46 -9.82
CA ARG A 26 -9.64 -2.16 -10.34
C ARG A 26 -11.10 -2.22 -10.77
N LYS A 27 -11.45 -3.23 -11.55
CA LYS A 27 -12.83 -3.36 -12.01
C LYS A 27 -13.75 -3.76 -10.88
N LYS A 28 -13.33 -4.62 -9.93
CA LYS A 28 -14.22 -5.03 -8.84
C LYS A 28 -14.53 -3.89 -7.87
N TYR A 29 -13.51 -3.14 -7.45
CA TYR A 29 -13.65 -2.02 -6.53
C TYR A 29 -12.83 -0.82 -7.02
N PRO A 30 -13.27 -0.07 -8.05
CA PRO A 30 -12.53 1.10 -8.53
C PRO A 30 -12.49 2.20 -7.46
N ASP A 31 -13.38 2.13 -6.47
CA ASP A 31 -13.43 3.09 -5.37
C ASP A 31 -12.28 2.86 -4.37
N ARG A 32 -11.53 1.76 -4.52
CA ARG A 32 -10.39 1.39 -3.69
C ARG A 32 -9.17 1.23 -4.58
N VAL A 33 -7.98 1.37 -4.00
CA VAL A 33 -6.71 1.24 -4.68
C VAL A 33 -5.85 0.25 -3.89
N PRO A 34 -5.25 -0.75 -4.57
CA PRO A 34 -4.39 -1.74 -3.94
C PRO A 34 -3.02 -1.08 -3.68
N VAL A 35 -2.53 -1.21 -2.45
CA VAL A 35 -1.27 -0.64 -1.99
C VAL A 35 -0.32 -1.77 -1.58
N ILE A 36 0.95 -1.64 -1.95
CA ILE A 36 2.04 -2.57 -1.67
C ILE A 36 2.94 -1.86 -0.67
N VAL A 37 3.13 -2.45 0.51
CA VAL A 37 3.93 -1.89 1.60
C VAL A 37 5.37 -2.38 1.65
N GLU A 38 6.32 -1.49 1.97
CA GLU A 38 7.73 -1.83 2.11
C GLU A 38 8.39 -0.99 3.21
N LYS A 39 9.48 -1.48 3.80
CA LYS A 39 10.24 -0.76 4.82
C LYS A 39 11.43 -0.19 4.04
N ALA A 40 11.66 1.11 4.15
CA ALA A 40 12.76 1.77 3.46
C ALA A 40 13.96 1.73 4.41
N PRO A 41 15.20 1.86 3.89
CA PRO A 41 16.40 1.81 4.71
C PRO A 41 16.41 2.86 5.83
N LYS A 42 17.32 2.68 6.78
CA LYS A 42 17.51 3.55 7.96
C LYS A 42 16.24 3.63 8.81
N ALA A 43 15.58 2.48 9.02
CA ALA A 43 14.38 2.40 9.83
C ALA A 43 14.70 1.62 11.10
N ARG A 44 13.83 1.77 12.09
CA ARG A 44 13.87 1.13 13.39
C ARG A 44 12.41 0.81 13.70
N VAL A 45 11.74 0.14 12.76
CA VAL A 45 10.33 -0.20 12.89
C VAL A 45 10.13 -1.71 12.76
N PRO A 46 9.12 -2.28 13.45
CA PRO A 46 8.84 -3.70 13.37
C PRO A 46 8.31 -4.04 11.97
N ASP A 47 8.44 -5.31 11.62
CA ASP A 47 8.01 -5.87 10.35
C ASP A 47 6.53 -6.25 10.42
N LEU A 48 5.92 -6.51 9.26
CA LEU A 48 4.51 -6.86 9.16
C LEU A 48 4.34 -8.19 8.45
N ASP A 49 3.33 -8.93 8.89
CA ASP A 49 2.89 -10.24 8.43
C ASP A 49 2.36 -10.27 7.00
N LYS A 50 1.74 -9.17 6.56
CA LYS A 50 1.16 -8.99 5.24
C LYS A 50 1.76 -7.78 4.56
N ARG A 51 1.66 -7.75 3.23
CA ARG A 51 2.18 -6.67 2.39
C ARG A 51 1.17 -6.01 1.47
N LYS A 52 0.07 -6.71 1.17
CA LYS A 52 -0.98 -6.26 0.28
C LYS A 52 -2.10 -5.62 1.08
N TYR A 53 -2.47 -4.38 0.77
CA TYR A 53 -3.54 -3.64 1.46
C TYR A 53 -4.44 -2.95 0.45
N LEU A 54 -5.68 -2.62 0.80
CA LEU A 54 -6.65 -1.96 -0.06
C LEU A 54 -7.25 -0.80 0.71
N VAL A 55 -7.24 0.40 0.14
CA VAL A 55 -7.78 1.60 0.79
C VAL A 55 -8.63 2.41 -0.19
N PRO A 56 -9.69 3.12 0.25
CA PRO A 56 -10.53 3.92 -0.63
C PRO A 56 -9.77 5.16 -1.11
N SER A 57 -10.13 5.71 -2.28
CA SER A 57 -9.47 6.90 -2.83
C SER A 57 -9.61 8.11 -1.90
N ASP A 58 -10.78 8.28 -1.29
CA ASP A 58 -11.10 9.40 -0.41
C ASP A 58 -10.33 9.36 0.94
N LEU A 59 -9.56 8.30 1.20
CA LEU A 59 -8.81 8.18 2.45
C LEU A 59 -7.70 9.22 2.49
N THR A 60 -7.79 10.14 3.44
CA THR A 60 -6.77 11.18 3.64
C THR A 60 -5.49 10.44 4.06
N VAL A 61 -4.33 10.84 3.56
CA VAL A 61 -3.08 10.15 3.89
C VAL A 61 -2.80 10.19 5.40
N GLY A 62 -3.21 11.26 6.08
CA GLY A 62 -3.00 11.43 7.51
C GLY A 62 -3.59 10.27 8.33
N GLN A 63 -4.80 9.83 7.99
CA GLN A 63 -5.51 8.73 8.65
C GLN A 63 -4.74 7.43 8.42
N PHE A 64 -4.23 7.23 7.19
CA PHE A 64 -3.45 6.04 6.85
C PHE A 64 -2.23 6.01 7.78
N TYR A 65 -1.52 7.15 7.95
CA TYR A 65 -0.33 7.21 8.81
C TYR A 65 -0.68 6.78 10.23
N PHE A 66 -1.78 7.29 10.80
CA PHE A 66 -2.17 6.93 12.16
C PHE A 66 -2.45 5.44 12.32
N LEU A 67 -3.13 4.83 11.34
CA LEU A 67 -3.47 3.41 11.38
C LEU A 67 -2.23 2.52 11.42
N ILE A 68 -1.30 2.71 10.48
CA ILE A 68 -0.09 1.91 10.45
C ILE A 68 0.66 2.16 11.76
N ARG A 69 0.90 3.43 12.12
CA ARG A 69 1.61 3.80 13.35
C ARG A 69 1.01 3.09 14.55
N LYS A 70 -0.31 3.01 14.65
CA LYS A 70 -1.01 2.35 15.74
C LYS A 70 -0.59 0.89 15.77
N ARG A 71 -0.64 0.18 14.64
CA ARG A 71 -0.26 -1.23 14.61
C ARG A 71 1.21 -1.47 14.97
N ILE A 72 2.15 -0.65 14.46
CA ILE A 72 3.58 -0.81 14.76
C ILE A 72 3.98 -0.22 16.12
N HIS A 73 3.03 0.40 16.85
CA HIS A 73 3.10 1.03 18.17
C HIS A 73 4.51 1.48 18.57
N LEU A 74 5.09 2.36 17.75
CA LEU A 74 6.44 2.88 17.96
C LEU A 74 6.56 3.67 19.25
N ARG A 75 7.79 3.73 19.77
CA ARG A 75 8.14 4.44 21.00
C ARG A 75 7.90 5.94 20.81
N PRO A 76 7.79 6.74 21.88
CA PRO A 76 7.55 8.18 21.72
C PRO A 76 8.73 8.85 21.02
N GLU A 77 9.95 8.43 21.36
CA GLU A 77 11.17 9.00 20.78
C GLU A 77 11.50 8.42 19.40
N ASP A 78 10.75 7.41 18.92
CA ASP A 78 11.00 6.83 17.60
C ASP A 78 10.42 7.82 16.58
N ALA A 79 11.05 7.93 15.42
CA ALA A 79 10.58 8.83 14.36
C ALA A 79 9.62 8.06 13.43
N LEU A 80 9.03 8.72 12.43
CA LEU A 80 8.10 8.08 11.49
C LEU A 80 7.94 8.97 10.27
N PHE A 81 8.21 8.44 9.08
CA PHE A 81 8.09 9.12 7.79
C PHE A 81 7.61 8.08 6.76
N PHE A 82 6.89 8.54 5.74
CA PHE A 82 6.36 7.73 4.65
C PHE A 82 6.66 8.42 3.32
N PHE A 83 6.95 7.62 2.30
CA PHE A 83 7.27 8.10 0.96
C PHE A 83 6.51 7.25 -0.06
N VAL A 84 6.25 7.84 -1.23
CA VAL A 84 5.57 7.24 -2.37
C VAL A 84 6.27 7.82 -3.59
N ASN A 85 6.64 7.01 -4.59
CA ASN A 85 7.32 7.43 -5.82
C ASN A 85 8.47 8.40 -5.53
N ASN A 86 9.22 8.16 -4.44
CA ASN A 86 10.34 8.98 -3.96
C ASN A 86 9.93 10.45 -3.88
N THR A 87 8.67 10.70 -3.51
CA THR A 87 8.00 11.98 -3.37
C THR A 87 7.40 12.06 -1.95
N ILE A 88 7.21 13.28 -1.43
CA ILE A 88 6.68 13.56 -0.10
C ILE A 88 5.34 14.29 -0.21
N PRO A 89 4.20 13.59 -0.29
CA PRO A 89 2.89 14.24 -0.40
C PRO A 89 2.49 14.94 0.91
N PRO A 90 1.60 15.94 0.86
CA PRO A 90 1.15 16.64 2.06
C PRO A 90 0.21 15.74 2.86
N THR A 91 0.08 15.99 4.16
CA THR A 91 -0.80 15.25 5.05
C THR A 91 -2.26 15.40 4.60
N SER A 92 -2.59 16.51 3.93
CA SER A 92 -3.89 16.84 3.40
C SER A 92 -4.17 16.09 2.09
N ALA A 93 -3.23 15.30 1.57
CA ALA A 93 -3.44 14.55 0.33
C ALA A 93 -4.46 13.43 0.60
N THR A 94 -4.86 12.76 -0.46
CA THR A 94 -5.80 11.65 -0.44
C THR A 94 -5.19 10.51 -1.24
N MET A 95 -5.69 9.30 -1.01
CA MET A 95 -5.23 8.13 -1.73
C MET A 95 -5.54 8.32 -3.21
N GLY A 96 -6.65 8.99 -3.51
CA GLY A 96 -7.12 9.30 -4.84
C GLY A 96 -6.15 10.21 -5.54
N GLN A 97 -5.70 11.30 -4.90
CA GLN A 97 -4.78 12.25 -5.49
C GLN A 97 -3.46 11.60 -5.92
N LEU A 98 -2.81 10.86 -5.02
CA LEU A 98 -1.55 10.21 -5.35
C LEU A 98 -1.78 9.11 -6.37
N TYR A 99 -2.83 8.31 -6.24
CA TYR A 99 -3.12 7.24 -7.20
C TYR A 99 -3.42 7.81 -8.58
N GLU A 100 -4.06 8.98 -8.66
CA GLU A 100 -4.40 9.64 -9.92
C GLU A 100 -3.13 10.10 -10.59
N ASP A 101 -2.22 10.71 -9.82
CA ASP A 101 -0.95 11.25 -10.26
C ASP A 101 0.12 10.19 -10.59
N ASN A 102 0.08 9.05 -9.90
CA ASN A 102 0.99 7.90 -10.02
C ASN A 102 0.40 6.74 -10.84
N HIS A 103 -0.80 6.90 -11.39
CA HIS A 103 -1.53 5.92 -12.18
C HIS A 103 -0.68 5.04 -13.11
N GLU A 104 -0.63 3.73 -12.83
CA GLU A 104 0.09 2.74 -13.60
C GLU A 104 -0.94 1.91 -14.36
N GLU A 105 -0.49 1.20 -15.39
CA GLU A 105 -1.32 0.35 -16.21
C GLU A 105 -1.69 -0.97 -15.52
N ASP A 106 -1.00 -1.27 -14.42
CA ASP A 106 -1.17 -2.47 -13.58
C ASP A 106 -2.02 -2.10 -12.34
N TYR A 107 -2.49 -0.86 -12.26
CA TYR A 107 -3.33 -0.28 -11.22
C TYR A 107 -2.90 -0.59 -9.79
N PHE A 108 -1.66 -0.27 -9.38
CA PHE A 108 -1.14 -0.52 -8.03
C PHE A 108 -0.30 0.66 -7.57
N LEU A 109 -0.20 0.88 -6.24
CA LEU A 109 0.59 1.97 -5.68
C LEU A 109 1.51 1.42 -4.58
N TYR A 110 2.79 1.73 -4.67
CA TYR A 110 3.81 1.32 -3.72
C TYR A 110 3.97 2.39 -2.63
N VAL A 111 4.18 1.98 -1.38
CA VAL A 111 4.39 2.87 -0.24
C VAL A 111 5.53 2.32 0.59
N ALA A 112 6.44 3.18 1.05
CA ALA A 112 7.55 2.78 1.89
C ALA A 112 7.56 3.63 3.15
N TYR A 113 7.99 3.05 4.28
CA TYR A 113 8.05 3.74 5.57
C TYR A 113 9.44 3.58 6.20
N SER A 114 9.92 4.60 6.89
CA SER A 114 11.24 4.63 7.53
C SER A 114 11.24 5.48 8.81
N ASP A 115 12.26 5.28 9.66
CA ASP A 115 12.44 6.03 10.92
C ASP A 115 13.06 7.37 10.53
N GLU A 116 14.14 7.33 9.77
CA GLU A 116 14.82 8.51 9.29
C GLU A 116 14.18 8.83 7.93
N SER A 117 14.22 10.10 7.49
CA SER A 117 13.60 10.46 6.22
C SER A 117 14.41 9.84 5.07
N VAL A 118 13.96 8.71 4.52
CA VAL A 118 14.60 8.00 3.42
C VAL A 118 13.56 7.74 2.33
N TYR A 119 13.85 8.30 1.16
CA TYR A 119 13.10 8.28 -0.09
C TYR A 119 12.54 6.91 -0.46
N GLY B 1 -5.69 -16.95 -10.44
CA GLY B 1 -5.88 -17.91 -11.53
C GLY B 1 -7.34 -17.98 -11.95
N ALA B 2 -8.12 -18.88 -11.34
CA ALA B 2 -9.54 -19.05 -11.62
C ALA B 2 -10.27 -19.07 -10.28
N MET B 3 -10.90 -17.94 -9.94
CA MET B 3 -11.66 -17.75 -8.72
C MET B 3 -13.13 -17.74 -9.11
N GLY B 4 -13.82 -18.86 -8.91
CA GLY B 4 -15.23 -19.00 -9.23
C GLY B 4 -16.11 -18.24 -8.24
N SER B 5 -15.54 -17.77 -7.12
CA SER B 5 -16.23 -17.01 -6.07
C SER B 5 -16.35 -15.55 -6.50
N ALA B 6 -17.17 -14.77 -5.80
CA ALA B 6 -17.36 -13.36 -6.10
C ALA B 6 -16.17 -12.48 -5.65
N SER B 7 -15.27 -13.00 -4.79
CA SER B 7 -14.11 -12.32 -4.23
C SER B 7 -13.01 -11.89 -5.22
N SER B 8 -12.03 -11.15 -4.69
CA SER B 8 -10.86 -10.58 -5.37
C SER B 8 -9.55 -11.12 -4.75
N GLU B 9 -8.40 -10.74 -5.34
CA GLU B 9 -7.06 -11.14 -4.92
C GLU B 9 -6.85 -10.84 -3.42
N ASP B 10 -5.98 -11.59 -2.76
CA ASP B 10 -5.67 -11.49 -1.34
C ASP B 10 -4.97 -10.16 -1.05
N TYR B 11 -5.72 -9.26 -0.44
CA TYR B 11 -5.33 -7.92 -0.05
C TYR B 11 -6.17 -7.57 1.18
N ILE B 12 -5.59 -6.88 2.16
CA ILE B 12 -6.27 -6.50 3.38
C ILE B 12 -7.00 -5.16 3.20
N ILE B 13 -8.32 -5.17 3.11
CA ILE B 13 -9.14 -3.97 2.97
C ILE B 13 -9.16 -3.37 4.38
N ILE B 14 -8.75 -2.11 4.51
CA ILE B 14 -8.69 -1.40 5.79
C ILE B 14 -9.14 0.03 5.52
N LEU B 15 -10.10 0.55 6.28
CA LEU B 15 -10.63 1.90 6.10
C LEU B 15 -11.31 2.38 7.38
N PRO B 16 -11.42 3.71 7.61
CA PRO B 16 -12.03 4.30 8.80
C PRO B 16 -13.52 3.94 8.98
N GLU B 17 -14.08 4.37 10.11
CA GLU B 17 -15.47 4.15 10.48
C GLU B 17 -16.23 5.48 10.61
N SER B 18 -15.55 6.63 10.73
CA SER B 18 -16.09 7.98 10.86
C SER B 18 -14.99 8.98 10.50
#